data_2DKT
#
_entry.id   2DKT
#
loop_
_entity.id
_entity.type
_entity.pdbx_description
1 polymer 'RING finger and CHY zinc finger domain-containing protein 1'
2 non-polymer 'ZINC ION'
#
_entity_poly.entity_id   1
_entity_poly.type   'polypeptide(L)'
_entity_poly.pdbx_seq_one_letter_code
;GSSGSSGGVRNLAQGPRGCEHYDRACLLKAPCCDKLYTCRLCHDTNEDHQLDRFKVKEVQCINCEKLQHAQQTCEDCSTL
FGEYYCSICHLFDKDKRQYHCESCGICRIGPKEDFFHCLKCNLCLTTNLRGKHKCIESGPSSG
;
_entity_poly.pdbx_strand_id   A
#
# COMPACT_ATOMS: atom_id res chain seq x y z
N GLY A 1 -51.60 19.74 -20.11
CA GLY A 1 -52.09 20.36 -18.90
C GLY A 1 -51.77 19.56 -17.66
N SER A 2 -50.47 19.34 -17.42
CA SER A 2 -50.03 18.58 -16.26
C SER A 2 -48.58 18.93 -15.90
N SER A 3 -48.36 19.21 -14.62
CA SER A 3 -47.03 19.56 -14.15
C SER A 3 -46.34 18.36 -13.51
N GLY A 4 -45.15 18.04 -14.00
CA GLY A 4 -44.41 16.91 -13.46
C GLY A 4 -43.38 17.32 -12.43
N SER A 5 -42.46 16.42 -12.11
CA SER A 5 -41.43 16.70 -11.12
C SER A 5 -40.09 16.11 -11.56
N SER A 6 -39.01 16.81 -11.21
CA SER A 6 -37.67 16.36 -11.58
C SER A 6 -37.18 15.28 -10.62
N GLY A 7 -36.49 14.29 -11.16
CA GLY A 7 -35.97 13.20 -10.34
C GLY A 7 -34.56 12.80 -10.73
N GLY A 8 -34.15 11.62 -10.29
CA GLY A 8 -32.81 11.16 -10.60
C GLY A 8 -31.77 11.69 -9.63
N VAL A 9 -31.91 11.35 -8.35
CA VAL A 9 -30.98 11.80 -7.33
C VAL A 9 -29.61 11.17 -7.53
N ARG A 10 -28.64 11.63 -6.75
CA ARG A 10 -27.28 11.12 -6.84
C ARG A 10 -26.61 11.10 -5.47
N ASN A 11 -25.47 10.43 -5.37
CA ASN A 11 -24.73 10.33 -4.12
C ASN A 11 -23.26 10.66 -4.31
N LEU A 12 -22.52 10.72 -3.22
CA LEU A 12 -21.09 11.02 -3.26
C LEU A 12 -20.26 9.86 -2.73
N ALA A 13 -18.96 9.90 -2.98
CA ALA A 13 -18.06 8.85 -2.52
C ALA A 13 -16.74 9.44 -2.04
N GLN A 14 -15.97 8.63 -1.30
CA GLN A 14 -14.69 9.07 -0.79
C GLN A 14 -13.54 8.32 -1.46
N GLY A 15 -12.51 9.06 -1.87
CA GLY A 15 -11.37 8.45 -2.52
C GLY A 15 -10.05 8.96 -1.97
N PRO A 16 -9.66 10.17 -2.40
CA PRO A 16 -8.41 10.80 -1.97
C PRO A 16 -8.45 11.22 -0.51
N ARG A 17 -7.40 11.91 -0.06
CA ARG A 17 -7.33 12.37 1.32
C ARG A 17 -7.28 11.19 2.29
N GLY A 18 -6.80 10.04 1.79
CA GLY A 18 -6.72 8.86 2.62
C GLY A 18 -7.91 7.93 2.42
N CYS A 19 -7.65 6.78 1.82
CA CYS A 19 -8.70 5.80 1.57
C CYS A 19 -8.68 4.68 2.61
N GLU A 20 -9.70 3.84 2.59
CA GLU A 20 -9.79 2.73 3.54
C GLU A 20 -8.49 1.93 3.56
N HIS A 21 -7.77 1.94 2.44
CA HIS A 21 -6.51 1.22 2.33
C HIS A 21 -5.42 1.90 3.16
N TYR A 22 -5.10 3.14 2.82
CA TYR A 22 -4.08 3.89 3.52
C TYR A 22 -4.48 5.36 3.67
N ASP A 23 -3.80 6.06 4.56
CA ASP A 23 -4.08 7.48 4.79
C ASP A 23 -2.96 8.35 4.24
N ARG A 24 -3.12 8.79 3.00
CA ARG A 24 -2.12 9.64 2.35
C ARG A 24 -2.76 10.87 1.74
N ALA A 25 -1.92 11.85 1.36
CA ALA A 25 -2.42 13.08 0.77
C ALA A 25 -1.76 13.32 -0.59
N CYS A 26 -1.43 12.25 -1.28
CA CYS A 26 -0.80 12.35 -2.60
C CYS A 26 -1.07 11.09 -3.42
N LEU A 27 -1.56 11.27 -4.64
CA LEU A 27 -1.86 10.15 -5.53
C LEU A 27 -0.60 9.71 -6.27
N LEU A 28 -0.45 8.40 -6.42
CA LEU A 28 0.71 7.84 -7.12
C LEU A 28 0.41 7.64 -8.60
N LYS A 29 1.24 8.23 -9.45
CA LYS A 29 1.07 8.12 -10.89
C LYS A 29 1.10 6.66 -11.33
N ALA A 30 0.39 6.36 -12.41
CA ALA A 30 0.35 5.00 -12.95
C ALA A 30 1.04 4.91 -14.30
N PRO A 31 2.28 4.40 -14.30
CA PRO A 31 3.07 4.25 -15.53
C PRO A 31 2.52 3.17 -16.45
N CYS A 32 1.37 2.62 -16.07
CA CYS A 32 0.73 1.57 -16.87
C CYS A 32 -0.35 2.15 -17.78
N CYS A 33 -1.12 3.09 -17.26
CA CYS A 33 -2.18 3.74 -18.02
C CYS A 33 -2.07 5.26 -17.94
N ASP A 34 -1.01 5.74 -17.29
CA ASP A 34 -0.80 7.17 -17.14
C ASP A 34 -1.93 7.81 -16.35
N LYS A 35 -2.46 7.08 -15.37
CA LYS A 35 -3.54 7.57 -14.54
C LYS A 35 -3.08 7.80 -13.10
N LEU A 36 -3.94 8.38 -12.28
CA LEU A 36 -3.61 8.65 -10.89
C LEU A 36 -4.72 8.15 -9.97
N TYR A 37 -4.33 7.41 -8.94
CA TYR A 37 -5.30 6.86 -7.98
C TYR A 37 -4.75 6.95 -6.55
N THR A 38 -5.64 7.22 -5.61
CA THR A 38 -5.26 7.33 -4.20
C THR A 38 -4.08 6.44 -3.88
N CYS A 39 -4.29 5.13 -3.96
CA CYS A 39 -3.25 4.16 -3.68
C CYS A 39 -3.14 3.13 -4.80
N ARG A 40 -2.17 2.23 -4.68
CA ARG A 40 -1.97 1.19 -5.67
C ARG A 40 -3.16 0.24 -5.73
N LEU A 41 -3.76 -0.01 -4.57
CA LEU A 41 -4.91 -0.91 -4.49
C LEU A 41 -6.12 -0.31 -5.21
N CYS A 42 -6.26 1.00 -5.12
CA CYS A 42 -7.36 1.70 -5.77
C CYS A 42 -7.32 1.51 -7.29
N HIS A 43 -6.13 1.71 -7.86
CA HIS A 43 -5.95 1.55 -9.31
C HIS A 43 -6.62 0.28 -9.80
N ASP A 44 -6.14 -0.86 -9.33
CA ASP A 44 -6.70 -2.15 -9.73
C ASP A 44 -8.20 -2.19 -9.49
N THR A 45 -8.64 -1.60 -8.37
CA THR A 45 -10.05 -1.57 -8.02
C THR A 45 -10.87 -0.85 -9.10
N ASN A 46 -10.29 0.19 -9.68
CA ASN A 46 -10.96 0.96 -10.73
C ASN A 46 -10.33 0.69 -12.09
N GLU A 47 -9.70 -0.46 -12.22
CA GLU A 47 -9.05 -0.84 -13.48
C GLU A 47 -9.10 -2.35 -13.69
N ASP A 48 -8.87 -2.77 -14.93
CA ASP A 48 -8.89 -4.19 -15.26
C ASP A 48 -7.51 -4.81 -15.09
N HIS A 49 -6.49 -3.96 -15.04
CA HIS A 49 -5.12 -4.41 -14.87
C HIS A 49 -4.56 -3.98 -13.51
N GLN A 50 -3.50 -4.66 -13.08
CA GLN A 50 -2.88 -4.35 -11.79
C GLN A 50 -1.68 -3.42 -11.98
N LEU A 51 -1.56 -2.44 -11.09
CA LEU A 51 -0.47 -1.48 -11.15
C LEU A 51 0.66 -1.87 -10.20
N ASP A 52 1.87 -1.45 -10.52
CA ASP A 52 3.03 -1.75 -9.67
C ASP A 52 3.19 -0.72 -8.57
N ARG A 53 3.84 -1.11 -7.49
CA ARG A 53 4.05 -0.22 -6.35
C ARG A 53 5.52 0.17 -6.22
N PHE A 54 6.37 -0.52 -6.99
CA PHE A 54 7.80 -0.25 -6.96
C PHE A 54 8.23 0.58 -8.18
N LYS A 55 7.69 0.22 -9.34
CA LYS A 55 8.02 0.93 -10.57
C LYS A 55 7.77 2.43 -10.42
N VAL A 56 6.50 2.80 -10.20
CA VAL A 56 6.14 4.20 -10.04
C VAL A 56 6.96 4.85 -8.94
N LYS A 57 7.41 6.08 -9.20
CA LYS A 57 8.21 6.82 -8.23
C LYS A 57 7.64 8.22 -8.01
N GLU A 58 7.15 8.83 -9.09
CA GLU A 58 6.57 10.16 -9.00
C GLU A 58 5.25 10.15 -8.23
N VAL A 59 4.87 11.29 -7.70
CA VAL A 59 3.62 11.41 -6.94
C VAL A 59 3.04 12.81 -7.05
N GLN A 60 1.73 12.91 -6.88
CA GLN A 60 1.03 14.20 -6.96
C GLN A 60 0.35 14.53 -5.65
N CYS A 61 0.32 15.81 -5.30
CA CYS A 61 -0.30 16.27 -4.07
C CYS A 61 -1.80 16.47 -4.26
N ILE A 62 -2.57 16.27 -3.19
CA ILE A 62 -4.02 16.44 -3.25
C ILE A 62 -4.45 17.71 -2.53
N ASN A 63 -3.52 18.32 -1.79
CA ASN A 63 -3.81 19.53 -1.05
C ASN A 63 -3.68 20.76 -1.96
N CYS A 64 -2.59 20.83 -2.70
CA CYS A 64 -2.35 21.95 -3.61
C CYS A 64 -2.14 21.45 -5.04
N GLU A 65 -2.61 20.24 -5.31
CA GLU A 65 -2.48 19.65 -6.64
C GLU A 65 -1.15 20.05 -7.28
N LYS A 66 -0.09 20.00 -6.50
CA LYS A 66 1.24 20.35 -7.00
C LYS A 66 2.03 19.12 -7.39
N LEU A 67 2.78 19.21 -8.49
CA LEU A 67 3.58 18.10 -8.97
C LEU A 67 4.86 17.95 -8.16
N GLN A 68 5.34 16.71 -8.03
CA GLN A 68 6.56 16.45 -7.28
C GLN A 68 6.97 14.99 -7.42
N HIS A 69 8.09 14.63 -6.80
CA HIS A 69 8.60 13.26 -6.86
C HIS A 69 8.39 12.55 -5.53
N ALA A 70 8.91 11.32 -5.44
CA ALA A 70 8.78 10.53 -4.22
C ALA A 70 9.30 11.31 -3.00
N GLN A 71 8.40 11.57 -2.06
CA GLN A 71 8.77 12.30 -0.85
C GLN A 71 7.77 12.02 0.28
N GLN A 72 8.02 12.62 1.43
CA GLN A 72 7.14 12.45 2.59
C GLN A 72 6.26 13.66 2.79
N THR A 73 6.76 14.83 2.39
CA THR A 73 6.00 16.07 2.52
C THR A 73 6.01 16.87 1.23
N CYS A 74 5.01 17.73 1.06
CA CYS A 74 4.91 18.55 -0.13
C CYS A 74 5.96 19.65 -0.13
N GLU A 75 6.20 20.25 -1.30
CA GLU A 75 7.18 21.31 -1.43
C GLU A 75 6.50 22.66 -1.67
N ASP A 76 5.17 22.66 -1.59
CA ASP A 76 4.40 23.89 -1.79
C ASP A 76 3.51 24.17 -0.59
N CYS A 77 2.97 23.11 0.02
CA CYS A 77 2.11 23.25 1.17
C CYS A 77 2.71 22.55 2.39
N SER A 78 3.76 21.75 2.15
CA SER A 78 4.42 21.03 3.22
C SER A 78 3.43 20.14 3.98
N THR A 79 2.49 19.56 3.24
CA THR A 79 1.48 18.69 3.84
C THR A 79 2.01 17.27 4.00
N LEU A 80 2.04 16.80 5.25
CA LEU A 80 2.52 15.46 5.54
C LEU A 80 1.74 14.42 4.75
N PHE A 81 2.39 13.79 3.79
CA PHE A 81 1.77 12.77 2.95
C PHE A 81 1.67 11.44 3.70
N GLY A 82 2.05 11.46 4.98
CA GLY A 82 2.00 10.25 5.78
C GLY A 82 3.15 10.17 6.77
N GLU A 83 2.81 9.98 8.05
CA GLU A 83 3.82 9.89 9.09
C GLU A 83 4.95 8.97 8.67
N TYR A 84 4.61 7.88 8.00
CA TYR A 84 5.59 6.91 7.54
C TYR A 84 5.72 6.93 6.02
N TYR A 85 6.93 7.12 5.53
CA TYR A 85 7.18 7.17 4.10
C TYR A 85 8.25 6.16 3.70
N CYS A 86 7.87 5.21 2.86
CA CYS A 86 8.80 4.17 2.39
C CYS A 86 9.42 4.57 1.06
N SER A 87 10.70 4.22 0.89
CA SER A 87 11.41 4.54 -0.34
C SER A 87 11.45 3.34 -1.28
N ILE A 88 11.52 2.15 -0.69
CA ILE A 88 11.57 0.92 -1.48
C ILE A 88 10.21 0.61 -2.10
N CYS A 89 9.18 0.57 -1.26
CA CYS A 89 7.82 0.28 -1.72
C CYS A 89 7.15 1.56 -2.23
N HIS A 90 7.73 2.71 -1.88
CA HIS A 90 7.18 3.99 -2.31
C HIS A 90 5.74 4.15 -1.84
N LEU A 91 5.48 3.79 -0.59
CA LEU A 91 4.14 3.89 -0.03
C LEU A 91 4.10 4.92 1.11
N PHE A 92 2.97 5.59 1.24
CA PHE A 92 2.80 6.60 2.29
C PHE A 92 1.51 6.35 3.07
N ASP A 93 1.66 5.93 4.33
CA ASP A 93 0.51 5.66 5.19
C ASP A 93 0.70 6.30 6.56
N LYS A 94 -0.39 6.79 7.13
CA LYS A 94 -0.35 7.42 8.44
C LYS A 94 0.19 6.46 9.50
N ASP A 95 0.30 6.95 10.73
CA ASP A 95 0.80 6.13 11.83
C ASP A 95 -0.18 5.03 12.18
N LYS A 96 0.00 3.86 11.59
CA LYS A 96 -0.87 2.72 11.84
C LYS A 96 -0.08 1.53 12.38
N ARG A 97 0.76 1.79 13.37
CA ARG A 97 1.57 0.75 13.98
C ARG A 97 2.06 -0.24 12.93
N GLN A 98 2.73 0.27 11.90
CA GLN A 98 3.23 -0.57 10.83
C GLN A 98 4.75 -0.42 10.69
N TYR A 99 5.42 -1.50 10.33
CA TYR A 99 6.86 -1.50 10.17
C TYR A 99 7.27 -2.15 8.85
N HIS A 100 8.36 -1.65 8.26
CA HIS A 100 8.85 -2.19 7.00
C HIS A 100 9.93 -3.25 7.24
N CYS A 101 9.68 -4.45 6.73
CA CYS A 101 10.62 -5.56 6.89
C CYS A 101 11.70 -5.51 5.82
N GLU A 102 12.96 -5.61 6.26
CA GLU A 102 14.10 -5.57 5.35
C GLU A 102 14.27 -6.91 4.65
N SER A 103 14.11 -7.99 5.41
CA SER A 103 14.26 -9.34 4.86
C SER A 103 13.29 -9.57 3.70
N CYS A 104 12.11 -8.96 3.80
CA CYS A 104 11.09 -9.11 2.77
C CYS A 104 11.10 -7.89 1.84
N GLY A 105 11.56 -6.75 2.37
CA GLY A 105 11.60 -5.54 1.57
C GLY A 105 10.23 -4.96 1.32
N ILE A 106 9.26 -5.35 2.15
CA ILE A 106 7.90 -4.85 2.02
C ILE A 106 7.37 -4.31 3.34
N CYS A 107 6.38 -3.43 3.26
CA CYS A 107 5.79 -2.83 4.46
C CYS A 107 4.83 -3.82 5.13
N ARG A 108 4.86 -3.86 6.46
CA ARG A 108 4.00 -4.75 7.22
C ARG A 108 3.38 -4.02 8.41
N ILE A 109 2.33 -4.60 8.97
CA ILE A 109 1.65 -4.01 10.12
C ILE A 109 2.07 -4.69 11.42
N GLY A 110 2.47 -3.89 12.39
CA GLY A 110 2.89 -4.43 13.67
C GLY A 110 1.71 -4.74 14.59
N PRO A 111 1.89 -4.47 15.90
CA PRO A 111 3.13 -3.92 16.43
C PRO A 111 4.29 -4.92 16.38
N LYS A 112 5.39 -4.51 15.77
CA LYS A 112 6.57 -5.37 15.65
C LYS A 112 6.77 -6.18 16.93
N GLU A 113 6.53 -5.55 18.08
CA GLU A 113 6.69 -6.22 19.36
C GLU A 113 6.01 -7.59 19.35
N ASP A 114 4.76 -7.61 18.93
CA ASP A 114 3.99 -8.85 18.87
C ASP A 114 4.14 -9.53 17.52
N PHE A 115 5.34 -9.41 16.94
CA PHE A 115 5.62 -10.01 15.64
C PHE A 115 7.11 -10.25 15.47
N PHE A 116 7.47 -10.98 14.41
CA PHE A 116 8.87 -11.30 14.14
C PHE A 116 9.03 -11.81 12.71
N HIS A 117 10.28 -12.01 12.30
CA HIS A 117 10.57 -12.50 10.96
C HIS A 117 11.51 -13.71 11.01
N CYS A 118 11.07 -14.81 10.43
CA CYS A 118 11.86 -16.04 10.41
C CYS A 118 12.74 -16.10 9.18
N LEU A 119 13.93 -16.66 9.33
CA LEU A 119 14.88 -16.79 8.23
C LEU A 119 14.58 -18.03 7.38
N LYS A 120 14.80 -19.20 7.97
CA LYS A 120 14.55 -20.46 7.28
C LYS A 120 13.32 -20.35 6.39
N CYS A 121 12.24 -19.77 6.93
CA CYS A 121 11.00 -19.61 6.19
C CYS A 121 11.12 -18.48 5.17
N ASN A 122 11.83 -17.43 5.54
CA ASN A 122 12.03 -16.28 4.66
C ASN A 122 10.74 -15.48 4.53
N LEU A 123 10.09 -15.21 5.66
CA LEU A 123 8.85 -14.46 5.66
C LEU A 123 8.53 -13.94 7.06
N CYS A 124 7.56 -13.04 7.15
CA CYS A 124 7.16 -12.46 8.43
C CYS A 124 6.14 -13.36 9.13
N LEU A 125 6.22 -13.41 10.46
CA LEU A 125 5.31 -14.23 11.25
C LEU A 125 5.08 -13.62 12.62
N THR A 126 3.83 -13.70 13.09
CA THR A 126 3.48 -13.15 14.40
C THR A 126 4.07 -13.99 15.53
N THR A 127 4.37 -13.34 16.65
CA THR A 127 4.93 -14.03 17.80
C THR A 127 4.10 -15.25 18.17
N ASN A 128 2.78 -15.11 18.10
CA ASN A 128 1.87 -16.20 18.43
C ASN A 128 2.35 -17.51 17.79
N LEU A 129 3.05 -17.39 16.67
CA LEU A 129 3.56 -18.56 15.96
C LEU A 129 5.08 -18.63 16.05
N ARG A 130 5.60 -18.53 17.27
CA ARG A 130 7.04 -18.57 17.49
C ARG A 130 7.49 -20.00 17.81
N GLY A 131 7.63 -20.82 16.77
CA GLY A 131 8.06 -22.19 16.96
C GLY A 131 7.06 -23.19 16.40
N LYS A 132 5.78 -22.94 16.64
CA LYS A 132 4.73 -23.82 16.17
C LYS A 132 4.83 -24.02 14.66
N HIS A 133 5.08 -22.93 13.94
CA HIS A 133 5.21 -22.99 12.48
C HIS A 133 6.48 -23.73 12.08
N LYS A 134 6.41 -24.44 10.96
CA LYS A 134 7.56 -25.20 10.46
C LYS A 134 8.29 -24.41 9.37
N CYS A 135 9.58 -24.68 9.22
CA CYS A 135 10.39 -24.01 8.23
C CYS A 135 10.90 -24.99 7.17
N ILE A 136 11.56 -26.05 7.63
CA ILE A 136 12.10 -27.07 6.74
C ILE A 136 11.16 -28.27 6.65
N GLU A 137 11.11 -28.89 5.48
CA GLU A 137 10.25 -30.06 5.27
C GLU A 137 11.03 -31.35 5.50
N SER A 138 10.33 -32.37 5.99
CA SER A 138 10.96 -33.66 6.26
C SER A 138 9.91 -34.70 6.66
N GLY A 139 10.10 -35.93 6.18
CA GLY A 139 9.16 -37.00 6.51
C GLY A 139 8.73 -37.78 5.29
N PRO A 140 9.08 -39.08 5.27
CA PRO A 140 8.74 -39.97 4.17
C PRO A 140 7.25 -40.27 4.09
N SER A 141 6.68 -40.66 5.23
CA SER A 141 5.26 -40.97 5.29
C SER A 141 4.41 -39.73 5.05
N SER A 142 3.52 -39.81 4.06
CA SER A 142 2.66 -38.68 3.73
C SER A 142 1.23 -38.93 4.22
N GLY A 143 0.38 -37.92 4.08
CA GLY A 143 -1.00 -38.04 4.52
C GLY A 143 -1.51 -36.80 5.21
N GLY A 1 -55.03 4.59 7.57
CA GLY A 1 -55.43 4.00 6.30
C GLY A 1 -54.31 4.01 5.28
N SER A 2 -53.14 3.54 5.67
CA SER A 2 -51.99 3.49 4.78
C SER A 2 -50.97 2.45 5.25
N SER A 3 -49.90 2.29 4.49
CA SER A 3 -48.86 1.32 4.82
C SER A 3 -47.49 1.98 4.82
N GLY A 4 -46.62 1.52 5.71
CA GLY A 4 -45.28 2.08 5.81
C GLY A 4 -44.32 1.45 4.81
N SER A 5 -43.61 2.30 4.07
CA SER A 5 -42.66 1.82 3.07
C SER A 5 -41.34 2.58 3.17
N SER A 6 -40.25 1.83 3.40
CA SER A 6 -38.93 2.44 3.52
C SER A 6 -38.18 2.37 2.20
N GLY A 7 -37.17 3.22 2.06
CA GLY A 7 -36.38 3.23 0.84
C GLY A 7 -35.45 4.44 0.75
N GLY A 8 -34.20 4.19 0.38
CA GLY A 8 -33.24 5.27 0.28
C GLY A 8 -32.03 5.05 1.16
N VAL A 9 -31.04 4.32 0.65
CA VAL A 9 -29.83 4.03 1.39
C VAL A 9 -28.72 5.02 1.03
N ARG A 10 -27.94 5.42 2.04
CA ARG A 10 -26.85 6.36 1.83
C ARG A 10 -25.65 6.00 2.71
N ASN A 11 -24.45 6.24 2.18
CA ASN A 11 -23.23 5.94 2.92
C ASN A 11 -22.18 7.03 2.68
N LEU A 12 -21.03 6.87 3.32
CA LEU A 12 -19.94 7.83 3.18
C LEU A 12 -18.61 7.13 2.94
N ALA A 13 -18.19 7.07 1.68
CA ALA A 13 -16.94 6.42 1.33
C ALA A 13 -16.00 7.40 0.63
N GLN A 14 -14.76 7.50 1.13
CA GLN A 14 -13.77 8.40 0.55
C GLN A 14 -12.57 7.62 0.04
N GLY A 15 -12.18 7.87 -1.20
CA GLY A 15 -11.04 7.19 -1.79
C GLY A 15 -9.72 7.83 -1.41
N PRO A 16 -9.47 9.05 -1.92
CA PRO A 16 -8.25 9.79 -1.64
C PRO A 16 -8.17 10.28 -0.19
N ARG A 17 -7.17 11.11 0.10
CA ARG A 17 -7.00 11.64 1.44
C ARG A 17 -6.84 10.52 2.47
N GLY A 18 -6.21 9.42 2.04
CA GLY A 18 -6.02 8.29 2.93
C GLY A 18 -7.17 7.30 2.88
N CYS A 19 -6.87 6.08 2.46
CA CYS A 19 -7.89 5.04 2.36
C CYS A 19 -7.71 4.01 3.47
N GLU A 20 -8.65 3.05 3.54
CA GLU A 20 -8.59 2.02 4.56
C GLU A 20 -7.25 1.29 4.54
N HIS A 21 -6.52 1.46 3.44
CA HIS A 21 -5.21 0.82 3.29
C HIS A 21 -4.13 1.65 3.98
N TYR A 22 -3.96 2.89 3.54
CA TYR A 22 -2.96 3.79 4.09
C TYR A 22 -3.46 5.23 4.12
N ASP A 23 -2.83 6.04 4.95
CA ASP A 23 -3.22 7.45 5.07
C ASP A 23 -2.19 8.35 4.39
N ARG A 24 -2.49 8.76 3.17
CA ARG A 24 -1.58 9.62 2.41
C ARG A 24 -2.35 10.77 1.75
N ALA A 25 -1.69 11.90 1.56
CA ALA A 25 -2.30 13.05 0.94
C ALA A 25 -1.74 13.29 -0.47
N CYS A 26 -1.49 12.21 -1.19
CA CYS A 26 -0.95 12.29 -2.54
C CYS A 26 -1.15 10.98 -3.28
N LEU A 27 -1.74 11.07 -4.48
CA LEU A 27 -2.00 9.89 -5.29
C LEU A 27 -0.77 9.54 -6.13
N LEU A 28 -0.45 8.25 -6.19
CA LEU A 28 0.70 7.79 -6.97
C LEU A 28 0.30 7.50 -8.41
N LYS A 29 0.92 8.21 -9.35
CA LYS A 29 0.64 8.04 -10.77
C LYS A 29 0.83 6.59 -11.18
N ALA A 30 0.03 6.14 -12.14
CA ALA A 30 0.12 4.77 -12.64
C ALA A 30 0.73 4.72 -14.03
N PRO A 31 2.01 4.35 -14.10
CA PRO A 31 2.74 4.26 -15.37
C PRO A 31 2.25 3.09 -16.24
N CYS A 32 1.18 2.45 -15.79
CA CYS A 32 0.62 1.32 -16.53
C CYS A 32 -0.55 1.78 -17.40
N CYS A 33 -1.40 2.63 -16.85
CA CYS A 33 -2.56 3.14 -17.57
C CYS A 33 -2.61 4.66 -17.52
N ASP A 34 -1.59 5.26 -16.93
CA ASP A 34 -1.52 6.72 -16.80
C ASP A 34 -2.65 7.25 -15.94
N LYS A 35 -3.05 6.47 -14.94
CA LYS A 35 -4.13 6.86 -14.04
C LYS A 35 -3.59 7.17 -12.65
N LEU A 36 -4.45 7.72 -11.79
CA LEU A 36 -4.06 8.06 -10.43
C LEU A 36 -5.05 7.47 -9.42
N TYR A 37 -4.53 6.74 -8.46
CA TYR A 37 -5.36 6.11 -7.43
C TYR A 37 -4.73 6.27 -6.05
N THR A 38 -5.57 6.51 -5.05
CA THR A 38 -5.10 6.68 -3.68
C THR A 38 -3.83 5.87 -3.43
N CYS A 39 -3.96 4.54 -3.49
CA CYS A 39 -2.82 3.65 -3.26
C CYS A 39 -2.74 2.59 -4.36
N ARG A 40 -1.67 1.81 -4.34
CA ARG A 40 -1.48 0.76 -5.33
C ARG A 40 -2.57 -0.30 -5.23
N LEU A 41 -2.99 -0.60 -4.01
CA LEU A 41 -4.03 -1.59 -3.77
C LEU A 41 -5.35 -1.15 -4.40
N CYS A 42 -5.62 0.16 -4.36
CA CYS A 42 -6.84 0.71 -4.92
C CYS A 42 -6.87 0.53 -6.43
N HIS A 43 -5.74 0.79 -7.08
CA HIS A 43 -5.63 0.66 -8.53
C HIS A 43 -6.19 -0.69 -8.99
N ASP A 44 -5.55 -1.77 -8.55
CA ASP A 44 -5.97 -3.12 -8.91
C ASP A 44 -7.44 -3.34 -8.57
N THR A 45 -7.88 -2.72 -7.48
CA THR A 45 -9.28 -2.85 -7.04
C THR A 45 -10.23 -2.25 -8.08
N ASN A 46 -9.84 -1.12 -8.67
CA ASN A 46 -10.66 -0.45 -9.66
C ASN A 46 -10.11 -0.70 -11.07
N GLU A 47 -9.38 -1.80 -11.23
CA GLU A 47 -8.80 -2.14 -12.52
C GLU A 47 -8.73 -3.65 -12.69
N ASP A 48 -8.27 -4.09 -13.87
CA ASP A 48 -8.16 -5.51 -14.17
C ASP A 48 -6.70 -5.95 -14.15
N HIS A 49 -5.79 -4.99 -14.31
CA HIS A 49 -4.37 -5.28 -14.31
C HIS A 49 -3.71 -4.83 -13.00
N GLN A 50 -2.50 -5.31 -12.75
CA GLN A 50 -1.77 -4.96 -11.54
C GLN A 50 -0.82 -3.80 -11.79
N LEU A 51 -0.76 -2.87 -10.84
CA LEU A 51 0.11 -1.71 -10.96
C LEU A 51 1.37 -1.88 -10.13
N ASP A 52 2.47 -1.29 -10.59
CA ASP A 52 3.74 -1.37 -9.88
C ASP A 52 3.78 -0.39 -8.71
N ARG A 53 4.44 -0.79 -7.63
CA ARG A 53 4.54 0.05 -6.44
C ARG A 53 5.98 0.52 -6.24
N PHE A 54 6.93 -0.24 -6.79
CA PHE A 54 8.34 0.11 -6.67
C PHE A 54 8.81 0.91 -7.87
N LYS A 55 8.36 0.52 -9.06
CA LYS A 55 8.73 1.22 -10.28
C LYS A 55 8.35 2.69 -10.21
N VAL A 56 7.04 2.96 -10.08
CA VAL A 56 6.55 4.31 -9.99
C VAL A 56 7.30 5.12 -8.94
N LYS A 57 7.64 6.36 -9.26
CA LYS A 57 8.36 7.22 -8.35
C LYS A 57 7.65 8.57 -8.21
N GLU A 58 7.03 9.02 -9.29
CA GLU A 58 6.32 10.30 -9.29
C GLU A 58 5.04 10.20 -8.47
N VAL A 59 4.58 11.35 -7.98
CA VAL A 59 3.36 11.41 -7.18
C VAL A 59 2.66 12.75 -7.32
N GLN A 60 1.38 12.79 -7.00
CA GLN A 60 0.60 14.02 -7.10
C GLN A 60 -0.05 14.35 -5.76
N CYS A 61 -0.17 15.64 -5.47
CA CYS A 61 -0.78 16.09 -4.23
C CYS A 61 -2.31 16.14 -4.34
N ILE A 62 -2.98 15.92 -3.23
CA ILE A 62 -4.44 15.94 -3.21
C ILE A 62 -4.97 17.21 -2.55
N ASN A 63 -4.06 18.00 -1.98
CA ASN A 63 -4.43 19.25 -1.33
C ASN A 63 -4.35 20.42 -2.30
N CYS A 64 -3.23 20.52 -3.00
CA CYS A 64 -3.02 21.60 -3.97
C CYS A 64 -2.81 21.04 -5.37
N GLU A 65 -3.25 19.80 -5.58
CA GLU A 65 -3.10 19.14 -6.88
C GLU A 65 -1.80 19.58 -7.56
N LYS A 66 -0.75 19.72 -6.76
CA LYS A 66 0.55 20.12 -7.29
C LYS A 66 1.37 18.91 -7.73
N LEU A 67 2.13 19.08 -8.80
CA LEU A 67 2.97 17.99 -9.33
C LEU A 67 4.30 17.93 -8.58
N GLN A 68 4.83 16.71 -8.45
CA GLN A 68 6.10 16.52 -7.76
C GLN A 68 6.57 15.07 -7.89
N HIS A 69 7.70 14.76 -7.25
CA HIS A 69 8.25 13.41 -7.29
C HIS A 69 8.13 12.74 -5.92
N ALA A 70 8.68 11.53 -5.82
CA ALA A 70 8.63 10.78 -4.57
C ALA A 70 9.18 11.61 -3.42
N GLN A 71 8.33 11.88 -2.43
CA GLN A 71 8.73 12.67 -1.27
C GLN A 71 7.78 12.42 -0.09
N GLN A 72 8.01 13.13 1.01
CA GLN A 72 7.19 12.99 2.20
C GLN A 72 6.26 14.18 2.37
N THR A 73 6.71 15.35 1.92
CA THR A 73 5.93 16.57 2.03
C THR A 73 5.83 17.28 0.68
N CYS A 74 4.82 18.13 0.54
CA CYS A 74 4.62 18.87 -0.70
C CYS A 74 5.61 20.03 -0.80
N GLU A 75 5.84 20.48 -2.03
CA GLU A 75 6.77 21.59 -2.26
C GLU A 75 6.01 22.88 -2.59
N ASP A 76 4.70 22.84 -2.40
CA ASP A 76 3.86 24.01 -2.67
C ASP A 76 2.99 24.34 -1.47
N CYS A 77 2.52 23.31 -0.77
CA CYS A 77 1.67 23.49 0.39
C CYS A 77 2.34 22.92 1.65
N SER A 78 3.43 22.19 1.44
CA SER A 78 4.16 21.59 2.56
C SER A 78 3.25 20.72 3.41
N THR A 79 2.37 19.97 2.75
CA THR A 79 1.44 19.09 3.44
C THR A 79 2.04 17.71 3.66
N LEU A 80 2.12 17.30 4.91
CA LEU A 80 2.68 15.99 5.26
C LEU A 80 1.91 14.87 4.56
N PHE A 81 2.56 14.21 3.61
CA PHE A 81 1.93 13.12 2.87
C PHE A 81 1.94 11.84 3.69
N GLY A 82 2.25 11.96 4.98
CA GLY A 82 2.28 10.80 5.85
C GLY A 82 3.51 10.79 6.75
N GLU A 83 3.28 10.75 8.06
CA GLU A 83 4.37 10.74 9.03
C GLU A 83 5.45 9.75 8.60
N TYR A 84 5.03 8.57 8.14
CA TYR A 84 5.97 7.54 7.71
C TYR A 84 6.14 7.56 6.19
N TYR A 85 7.38 7.69 5.75
CA TYR A 85 7.68 7.72 4.32
C TYR A 85 8.73 6.68 3.96
N CYS A 86 8.37 5.78 3.05
CA CYS A 86 9.29 4.73 2.62
C CYS A 86 9.90 5.07 1.27
N SER A 87 11.23 5.00 1.20
CA SER A 87 11.95 5.31 -0.04
C SER A 87 12.04 4.07 -0.93
N ILE A 88 12.13 2.89 -0.30
CA ILE A 88 12.22 1.64 -1.03
C ILE A 88 10.91 1.31 -1.73
N CYS A 89 9.85 1.20 -0.95
CA CYS A 89 8.53 0.87 -1.48
C CYS A 89 7.86 2.13 -2.05
N HIS A 90 8.36 3.29 -1.67
CA HIS A 90 7.82 4.55 -2.14
C HIS A 90 6.39 4.75 -1.65
N LEU A 91 6.13 4.31 -0.42
CA LEU A 91 4.79 4.43 0.17
C LEU A 91 4.80 5.42 1.33
N PHE A 92 3.64 6.00 1.60
CA PHE A 92 3.51 6.97 2.69
C PHE A 92 2.31 6.62 3.58
N ASP A 93 2.59 6.37 4.86
CA ASP A 93 1.54 6.02 5.81
C ASP A 93 1.62 6.91 7.04
N LYS A 94 0.46 7.13 7.68
CA LYS A 94 0.41 7.97 8.87
C LYS A 94 0.96 7.23 10.08
N ASP A 95 0.97 7.91 11.23
CA ASP A 95 1.48 7.32 12.46
C ASP A 95 0.63 6.12 12.89
N LYS A 96 0.84 4.99 12.23
CA LYS A 96 0.09 3.78 12.54
C LYS A 96 1.03 2.65 12.96
N ARG A 97 2.10 3.01 13.66
CA ARG A 97 3.07 2.03 14.14
C ARG A 97 3.37 1.00 13.05
N GLN A 98 3.72 1.49 11.86
CA GLN A 98 4.03 0.61 10.74
C GLN A 98 5.55 0.42 10.60
N TYR A 99 5.99 -0.83 10.69
CA TYR A 99 7.41 -1.14 10.58
C TYR A 99 7.72 -1.75 9.21
N HIS A 100 8.86 -1.37 8.65
CA HIS A 100 9.28 -1.87 7.35
C HIS A 100 10.28 -3.02 7.51
N CYS A 101 9.88 -4.20 7.06
CA CYS A 101 10.72 -5.39 7.15
C CYS A 101 11.88 -5.30 6.15
N GLU A 102 13.09 -5.57 6.64
CA GLU A 102 14.28 -5.52 5.79
C GLU A 102 14.44 -6.82 5.01
N SER A 103 14.25 -7.94 5.69
CA SER A 103 14.38 -9.25 5.06
C SER A 103 13.45 -9.37 3.85
N CYS A 104 12.28 -8.75 3.97
CA CYS A 104 11.30 -8.79 2.89
C CYS A 104 11.40 -7.53 2.02
N GLY A 105 11.88 -6.45 2.61
CA GLY A 105 12.02 -5.20 1.88
C GLY A 105 10.69 -4.54 1.58
N ILE A 106 9.69 -4.83 2.43
CA ILE A 106 8.36 -4.26 2.26
C ILE A 106 7.79 -3.78 3.60
N CYS A 107 6.85 -2.86 3.53
CA CYS A 107 6.22 -2.32 4.73
C CYS A 107 5.24 -3.33 5.33
N ARG A 108 5.20 -3.39 6.66
CA ARG A 108 4.31 -4.31 7.35
C ARG A 108 3.74 -3.65 8.61
N ILE A 109 2.47 -3.94 8.90
CA ILE A 109 1.81 -3.39 10.07
C ILE A 109 2.00 -4.29 11.29
N GLY A 110 2.46 -3.70 12.39
CA GLY A 110 2.67 -4.47 13.60
C GLY A 110 1.42 -4.63 14.41
N PRO A 111 1.51 -4.35 15.73
CA PRO A 111 2.76 -3.92 16.36
C PRO A 111 3.81 -5.04 16.41
N LYS A 112 4.98 -4.77 15.87
CA LYS A 112 6.06 -5.74 15.85
C LYS A 112 6.06 -6.58 17.13
N GLU A 113 5.69 -5.95 18.25
CA GLU A 113 5.64 -6.63 19.54
C GLU A 113 4.94 -7.98 19.40
N ASP A 114 3.73 -7.96 18.84
CA ASP A 114 2.94 -9.17 18.66
C ASP A 114 3.17 -9.77 17.28
N PHE A 115 4.41 -9.69 16.80
CA PHE A 115 4.76 -10.22 15.49
C PHE A 115 6.26 -10.51 15.39
N PHE A 116 6.64 -11.25 14.36
CA PHE A 116 8.04 -11.61 14.15
C PHE A 116 8.31 -11.97 12.69
N HIS A 117 9.57 -12.20 12.36
CA HIS A 117 9.95 -12.57 11.00
C HIS A 117 10.86 -13.79 11.01
N CYS A 118 10.41 -14.86 10.37
CA CYS A 118 11.18 -16.10 10.30
C CYS A 118 12.16 -16.05 9.13
N LEU A 119 13.37 -16.54 9.37
CA LEU A 119 14.41 -16.56 8.33
C LEU A 119 14.13 -17.65 7.31
N LYS A 120 14.20 -18.90 7.76
CA LYS A 120 13.95 -20.03 6.88
C LYS A 120 12.79 -19.75 5.93
N CYS A 121 11.67 -19.31 6.48
CA CYS A 121 10.49 -19.00 5.68
C CYS A 121 10.72 -17.75 4.84
N ASN A 122 11.61 -16.88 5.31
CA ASN A 122 11.92 -15.65 4.60
C ASN A 122 10.68 -14.79 4.43
N LEU A 123 9.94 -14.60 5.52
CA LEU A 123 8.72 -13.80 5.49
C LEU A 123 8.29 -13.41 6.90
N CYS A 124 7.32 -12.50 6.99
CA CYS A 124 6.82 -12.05 8.28
C CYS A 124 5.67 -12.93 8.76
N LEU A 125 5.65 -13.21 10.06
CA LEU A 125 4.60 -14.05 10.64
C LEU A 125 4.23 -13.56 12.04
N THR A 126 2.96 -13.75 12.41
CA THR A 126 2.49 -13.32 13.72
C THR A 126 2.94 -14.27 14.81
N THR A 127 3.27 -13.73 15.98
CA THR A 127 3.72 -14.53 17.10
C THR A 127 2.90 -15.81 17.23
N ASN A 128 1.59 -15.69 17.03
CA ASN A 128 0.69 -16.83 17.13
C ASN A 128 1.30 -18.06 16.45
N LEU A 129 1.90 -17.85 15.28
CA LEU A 129 2.53 -18.94 14.55
C LEU A 129 4.02 -19.02 14.85
N ARG A 130 4.37 -18.89 16.13
CA ARG A 130 5.76 -18.95 16.55
C ARG A 130 6.38 -20.29 16.18
N GLY A 131 5.89 -21.37 16.79
CA GLY A 131 6.42 -22.69 16.51
C GLY A 131 5.36 -23.62 15.96
N LYS A 132 4.54 -23.11 15.04
CA LYS A 132 3.48 -23.91 14.43
C LYS A 132 3.68 -24.00 12.93
N HIS A 133 4.01 -22.88 12.30
CA HIS A 133 4.22 -22.84 10.86
C HIS A 133 5.37 -23.75 10.45
N LYS A 134 5.47 -24.04 9.15
CA LYS A 134 6.51 -24.91 8.63
C LYS A 134 7.37 -24.17 7.60
N CYS A 135 8.68 -24.28 7.74
CA CYS A 135 9.61 -23.63 6.82
C CYS A 135 9.85 -24.49 5.59
N ILE A 136 10.37 -25.69 5.81
CA ILE A 136 10.65 -26.62 4.72
C ILE A 136 9.43 -27.49 4.42
N GLU A 137 9.29 -27.87 3.15
CA GLU A 137 8.17 -28.71 2.73
C GLU A 137 8.48 -30.19 2.97
N SER A 138 7.64 -30.84 3.76
CA SER A 138 7.81 -32.24 4.08
C SER A 138 6.59 -33.05 3.67
N GLY A 139 5.41 -32.55 4.03
CA GLY A 139 4.18 -33.24 3.69
C GLY A 139 2.94 -32.51 4.20
N PRO A 140 2.57 -31.42 3.50
CA PRO A 140 1.40 -30.61 3.87
C PRO A 140 0.09 -31.34 3.62
N SER A 141 -1.02 -30.62 3.76
CA SER A 141 -2.34 -31.20 3.56
C SER A 141 -3.34 -30.13 3.13
N SER A 142 -4.03 -30.38 2.02
CA SER A 142 -5.01 -29.44 1.50
C SER A 142 -6.42 -29.82 1.96
N GLY A 143 -7.40 -28.98 1.63
CA GLY A 143 -8.76 -29.24 2.01
C GLY A 143 -9.76 -28.60 1.07
N GLY A 1 -34.57 -7.63 -18.70
CA GLY A 1 -33.99 -8.59 -17.79
C GLY A 1 -34.20 -8.24 -16.33
N SER A 2 -33.67 -7.09 -15.93
CA SER A 2 -33.81 -6.63 -14.55
C SER A 2 -34.62 -5.35 -14.48
N SER A 3 -35.23 -5.11 -13.32
CA SER A 3 -36.04 -3.91 -13.12
C SER A 3 -35.59 -3.14 -11.88
N GLY A 4 -35.61 -1.82 -11.97
CA GLY A 4 -35.21 -0.99 -10.85
C GLY A 4 -33.86 -0.34 -11.07
N SER A 5 -33.87 0.93 -11.45
CA SER A 5 -32.64 1.68 -11.70
C SER A 5 -32.58 2.94 -10.84
N SER A 6 -31.49 3.08 -10.09
CA SER A 6 -31.31 4.24 -9.22
C SER A 6 -29.83 4.61 -9.11
N GLY A 7 -29.57 5.88 -8.84
CA GLY A 7 -28.19 6.35 -8.71
C GLY A 7 -27.69 6.28 -7.29
N GLY A 8 -27.25 7.42 -6.77
CA GLY A 8 -26.74 7.47 -5.41
C GLY A 8 -27.44 8.51 -4.56
N VAL A 9 -28.13 8.07 -3.52
CA VAL A 9 -28.85 8.96 -2.62
C VAL A 9 -27.94 9.48 -1.52
N ARG A 10 -26.64 9.33 -1.71
CA ARG A 10 -25.67 9.79 -0.73
C ARG A 10 -24.35 10.20 -1.40
N ASN A 11 -23.71 11.23 -0.86
CA ASN A 11 -22.46 11.73 -1.41
C ASN A 11 -21.27 11.10 -0.70
N LEU A 12 -20.06 11.45 -1.16
CA LEU A 12 -18.84 10.92 -0.55
C LEU A 12 -17.62 11.70 -1.04
N ALA A 13 -17.01 12.46 -0.14
CA ALA A 13 -15.84 13.24 -0.47
C ALA A 13 -14.58 12.66 0.17
N GLN A 14 -14.55 11.34 0.29
CA GLN A 14 -13.40 10.66 0.88
C GLN A 14 -12.76 9.69 -0.10
N GLY A 15 -11.58 10.07 -0.60
CA GLY A 15 -10.87 9.23 -1.55
C GLY A 15 -9.39 9.50 -1.58
N PRO A 16 -9.00 10.63 -2.18
CA PRO A 16 -7.60 11.03 -2.29
C PRO A 16 -7.00 11.44 -0.94
N ARG A 17 -7.87 11.68 0.03
CA ARG A 17 -7.44 12.08 1.37
C ARG A 17 -7.08 10.85 2.20
N GLY A 18 -6.75 9.75 1.52
CA GLY A 18 -6.39 8.53 2.22
C GLY A 18 -7.54 7.55 2.29
N CYS A 19 -7.32 6.36 1.75
CA CYS A 19 -8.35 5.31 1.74
C CYS A 19 -8.13 4.33 2.88
N GLU A 20 -9.07 3.41 3.05
CA GLU A 20 -8.98 2.40 4.11
C GLU A 20 -7.63 1.70 4.06
N HIS A 21 -7.00 1.69 2.89
CA HIS A 21 -5.71 1.05 2.72
C HIS A 21 -4.62 1.79 3.50
N TYR A 22 -4.43 3.06 3.17
CA TYR A 22 -3.42 3.87 3.85
C TYR A 22 -3.84 5.34 3.87
N ASP A 23 -3.32 6.07 4.85
CA ASP A 23 -3.64 7.50 4.98
C ASP A 23 -2.57 8.35 4.30
N ARG A 24 -2.84 8.75 3.06
CA ARG A 24 -1.91 9.56 2.29
C ARG A 24 -2.65 10.68 1.55
N ALA A 25 -1.99 11.82 1.41
CA ALA A 25 -2.58 12.96 0.73
C ALA A 25 -1.90 13.20 -0.61
N CYS A 26 -1.52 12.11 -1.28
CA CYS A 26 -0.86 12.21 -2.58
C CYS A 26 -1.08 10.93 -3.39
N LEU A 27 -1.62 11.09 -4.59
CA LEU A 27 -1.88 9.95 -5.47
C LEU A 27 -0.62 9.53 -6.21
N LEU A 28 -0.41 8.23 -6.32
CA LEU A 28 0.76 7.69 -7.01
C LEU A 28 0.47 7.47 -8.48
N LYS A 29 1.21 8.16 -9.34
CA LYS A 29 1.04 8.04 -10.78
C LYS A 29 1.16 6.58 -11.22
N ALA A 30 0.47 6.24 -12.31
CA ALA A 30 0.50 4.88 -12.84
C ALA A 30 1.22 4.83 -14.18
N PRO A 31 2.47 4.35 -14.16
CA PRO A 31 3.29 4.24 -15.37
C PRO A 31 2.78 3.15 -16.31
N CYS A 32 1.66 2.52 -15.95
CA CYS A 32 1.07 1.47 -16.77
C CYS A 32 -0.02 2.04 -17.67
N CYS A 33 -0.92 2.82 -17.08
CA CYS A 33 -2.02 3.42 -17.82
C CYS A 33 -1.97 4.95 -17.74
N ASP A 34 -0.90 5.46 -17.15
CA ASP A 34 -0.72 6.90 -17.00
C ASP A 34 -1.88 7.51 -16.21
N LYS A 35 -2.36 6.77 -15.22
CA LYS A 35 -3.46 7.24 -14.38
C LYS A 35 -2.99 7.47 -12.95
N LEU A 36 -3.90 8.00 -12.13
CA LEU A 36 -3.58 8.27 -10.72
C LEU A 36 -4.68 7.74 -9.81
N TYR A 37 -4.28 6.96 -8.81
CA TYR A 37 -5.23 6.39 -7.86
C TYR A 37 -4.72 6.53 -6.42
N THR A 38 -5.65 6.66 -5.49
CA THR A 38 -5.31 6.82 -4.08
C THR A 38 -4.07 5.99 -3.73
N CYS A 39 -4.20 4.67 -3.83
CA CYS A 39 -3.10 3.78 -3.52
C CYS A 39 -2.95 2.70 -4.60
N ARG A 40 -1.80 2.02 -4.60
CA ARG A 40 -1.54 0.97 -5.57
C ARG A 40 -2.64 -0.09 -5.54
N LEU A 41 -3.12 -0.41 -4.34
CA LEU A 41 -4.16 -1.40 -4.17
C LEU A 41 -5.46 -0.96 -4.86
N CYS A 42 -5.72 0.34 -4.84
CA CYS A 42 -6.91 0.89 -5.47
C CYS A 42 -6.85 0.73 -6.99
N HIS A 43 -5.71 1.09 -7.58
CA HIS A 43 -5.53 0.98 -9.02
C HIS A 43 -6.09 -0.34 -9.54
N ASP A 44 -5.53 -1.44 -9.07
CA ASP A 44 -5.96 -2.77 -9.49
C ASP A 44 -7.46 -2.94 -9.25
N THR A 45 -7.95 -2.40 -8.14
CA THR A 45 -9.36 -2.50 -7.79
C THR A 45 -10.23 -1.85 -8.85
N ASN A 46 -9.76 -0.73 -9.38
CA ASN A 46 -10.50 0.01 -10.41
C ASN A 46 -9.83 -0.15 -11.77
N GLU A 47 -9.13 -1.26 -11.96
CA GLU A 47 -8.43 -1.52 -13.22
C GLU A 47 -8.36 -3.02 -13.49
N ASP A 48 -8.31 -3.39 -14.77
CA ASP A 48 -8.24 -4.79 -15.16
C ASP A 48 -6.82 -5.32 -15.02
N HIS A 49 -5.86 -4.40 -14.89
CA HIS A 49 -4.46 -4.78 -14.76
C HIS A 49 -3.93 -4.36 -13.38
N GLN A 50 -2.82 -4.98 -12.97
CA GLN A 50 -2.21 -4.69 -11.68
C GLN A 50 -1.06 -3.71 -11.84
N LEU A 51 -1.00 -2.72 -10.96
CA LEU A 51 0.07 -1.71 -11.01
C LEU A 51 1.16 -2.04 -9.99
N ASP A 52 2.37 -1.58 -10.29
CA ASP A 52 3.51 -1.82 -9.40
C ASP A 52 3.61 -0.74 -8.33
N ARG A 53 4.20 -1.09 -7.20
CA ARG A 53 4.35 -0.14 -6.09
C ARG A 53 5.80 0.31 -5.96
N PHE A 54 6.68 -0.33 -6.73
CA PHE A 54 8.11 0.01 -6.69
C PHE A 54 8.50 0.83 -7.91
N LYS A 55 8.01 0.42 -9.08
CA LYS A 55 8.32 1.12 -10.32
C LYS A 55 8.07 2.62 -10.17
N VAL A 56 6.81 2.99 -9.99
CA VAL A 56 6.45 4.40 -9.83
C VAL A 56 7.31 5.07 -8.77
N LYS A 57 7.76 6.29 -9.06
CA LYS A 57 8.58 7.05 -8.13
C LYS A 57 7.99 8.43 -7.86
N GLU A 58 7.39 9.01 -8.89
CA GLU A 58 6.78 10.34 -8.76
C GLU A 58 5.42 10.24 -8.08
N VAL A 59 4.95 11.36 -7.55
CA VAL A 59 3.67 11.41 -6.86
C VAL A 59 2.99 12.77 -7.05
N GLN A 60 1.68 12.80 -6.85
CA GLN A 60 0.92 14.03 -7.00
C GLN A 60 0.16 14.36 -5.72
N CYS A 61 0.14 15.64 -5.37
CA CYS A 61 -0.55 16.09 -4.17
C CYS A 61 -2.06 16.16 -4.39
N ILE A 62 -2.82 15.92 -3.33
CA ILE A 62 -4.28 15.95 -3.41
C ILE A 62 -4.84 17.22 -2.76
N ASN A 63 -3.96 17.99 -2.13
CA ASN A 63 -4.37 19.23 -1.46
C ASN A 63 -4.27 20.41 -2.42
N CYS A 64 -3.11 20.54 -3.07
CA CYS A 64 -2.88 21.63 -4.02
C CYS A 64 -2.65 21.09 -5.43
N GLU A 65 -3.03 19.83 -5.65
CA GLU A 65 -2.86 19.20 -6.95
C GLU A 65 -1.56 19.63 -7.60
N LYS A 66 -0.49 19.65 -6.81
CA LYS A 66 0.82 20.05 -7.31
C LYS A 66 1.67 18.82 -7.65
N LEU A 67 2.48 18.95 -8.69
CA LEU A 67 3.35 17.85 -9.11
C LEU A 67 4.62 17.80 -8.28
N GLN A 68 5.16 16.59 -8.10
CA GLN A 68 6.38 16.42 -7.31
C GLN A 68 6.87 14.97 -7.40
N HIS A 69 8.00 14.70 -6.76
CA HIS A 69 8.58 13.36 -6.76
C HIS A 69 8.39 12.69 -5.40
N ALA A 70 8.89 11.46 -5.28
CA ALA A 70 8.79 10.72 -4.03
C ALA A 70 9.26 11.55 -2.85
N GLN A 71 8.36 11.78 -1.89
CA GLN A 71 8.68 12.56 -0.71
C GLN A 71 7.71 12.27 0.42
N GLN A 72 7.84 13.01 1.51
CA GLN A 72 6.97 12.84 2.67
C GLN A 72 6.01 14.01 2.81
N THR A 73 6.46 15.20 2.42
CA THR A 73 5.64 16.40 2.51
C THR A 73 5.63 17.14 1.18
N CYS A 74 4.59 17.95 0.97
CA CYS A 74 4.45 18.72 -0.26
C CYS A 74 5.42 19.90 -0.27
N GLU A 75 5.76 20.37 -1.46
CA GLU A 75 6.67 21.49 -1.62
C GLU A 75 5.91 22.77 -1.99
N ASP A 76 4.59 22.71 -1.86
CA ASP A 76 3.75 23.87 -2.18
C ASP A 76 2.82 24.19 -1.01
N CYS A 77 2.34 23.16 -0.33
CA CYS A 77 1.43 23.34 0.80
C CYS A 77 2.03 22.74 2.07
N SER A 78 3.12 21.97 1.91
CA SER A 78 3.78 21.34 3.04
C SER A 78 2.80 20.43 3.80
N THR A 79 1.95 19.75 3.06
CA THR A 79 0.96 18.86 3.66
C THR A 79 1.54 17.46 3.86
N LEU A 80 1.65 17.04 5.12
CA LEU A 80 2.20 15.73 5.43
C LEU A 80 1.44 14.62 4.69
N PHE A 81 2.13 13.97 3.75
CA PHE A 81 1.53 12.90 2.97
C PHE A 81 1.49 11.60 3.77
N GLY A 82 1.87 11.68 5.04
CA GLY A 82 1.87 10.50 5.88
C GLY A 82 3.03 10.49 6.87
N GLU A 83 2.71 10.37 8.15
CA GLU A 83 3.73 10.35 9.20
C GLU A 83 4.92 9.48 8.76
N TYR A 84 4.62 8.29 8.25
CA TYR A 84 5.67 7.37 7.81
C TYR A 84 5.73 7.31 6.29
N TYR A 85 6.91 7.54 5.75
CA TYR A 85 7.12 7.51 4.31
C TYR A 85 8.23 6.54 3.93
N CYS A 86 7.88 5.50 3.18
CA CYS A 86 8.85 4.50 2.75
C CYS A 86 9.51 4.90 1.43
N SER A 87 10.81 4.63 1.32
CA SER A 87 11.55 4.98 0.12
C SER A 87 11.61 3.80 -0.84
N ILE A 88 11.67 2.59 -0.29
CA ILE A 88 11.72 1.37 -1.10
C ILE A 88 10.37 1.07 -1.73
N CYS A 89 9.32 1.05 -0.91
CA CYS A 89 7.98 0.77 -1.39
C CYS A 89 7.32 2.05 -1.91
N HIS A 90 7.88 3.20 -1.53
CA HIS A 90 7.34 4.48 -1.96
C HIS A 90 5.91 4.67 -1.48
N LEU A 91 5.61 4.09 -0.32
CA LEU A 91 4.27 4.19 0.25
C LEU A 91 4.24 5.17 1.41
N PHE A 92 3.06 5.74 1.66
CA PHE A 92 2.90 6.70 2.76
C PHE A 92 1.72 6.33 3.64
N ASP A 93 2.01 6.10 4.93
CA ASP A 93 0.97 5.73 5.88
C ASP A 93 1.00 6.64 7.10
N LYS A 94 -0.07 6.63 7.88
CA LYS A 94 -0.17 7.45 9.08
C LYS A 94 0.32 6.68 10.30
N ASP A 95 0.32 7.35 11.45
CA ASP A 95 0.75 6.73 12.70
C ASP A 95 -0.14 5.55 13.06
N LYS A 96 0.05 4.43 12.38
CA LYS A 96 -0.73 3.23 12.62
C LYS A 96 0.16 2.05 12.96
N ARG A 97 1.24 2.32 13.70
CA ARG A 97 2.17 1.28 14.10
C ARG A 97 2.52 0.38 12.91
N GLN A 98 2.98 0.99 11.83
CA GLN A 98 3.33 0.25 10.62
C GLN A 98 4.84 0.28 10.39
N TYR A 99 5.48 -0.88 10.46
CA TYR A 99 6.92 -0.97 10.26
C TYR A 99 7.24 -1.47 8.85
N HIS A 100 8.53 -1.69 8.59
CA HIS A 100 8.97 -2.16 7.28
C HIS A 100 9.94 -3.33 7.43
N CYS A 101 9.54 -4.49 6.91
CA CYS A 101 10.37 -5.69 6.99
C CYS A 101 11.52 -5.61 5.99
N GLU A 102 12.75 -5.74 6.49
CA GLU A 102 13.93 -5.69 5.65
C GLU A 102 14.06 -6.96 4.82
N SER A 103 13.88 -8.11 5.47
CA SER A 103 13.98 -9.40 4.79
C SER A 103 13.07 -9.44 3.56
N CYS A 104 11.87 -8.89 3.72
CA CYS A 104 10.89 -8.86 2.63
C CYS A 104 11.00 -7.56 1.84
N GLY A 105 11.56 -6.53 2.47
CA GLY A 105 11.70 -5.25 1.82
C GLY A 105 10.37 -4.56 1.59
N ILE A 106 9.34 -5.03 2.29
CA ILE A 106 8.01 -4.45 2.16
C ILE A 106 7.51 -3.93 3.50
N CYS A 107 6.46 -3.11 3.47
CA CYS A 107 5.88 -2.55 4.68
C CYS A 107 4.93 -3.54 5.34
N ARG A 108 4.98 -3.62 6.67
CA ARG A 108 4.13 -4.53 7.42
C ARG A 108 3.58 -3.85 8.67
N ILE A 109 2.45 -4.35 9.16
CA ILE A 109 1.82 -3.79 10.35
C ILE A 109 2.44 -4.36 11.62
N GLY A 110 2.62 -3.51 12.62
CA GLY A 110 3.20 -3.94 13.87
C GLY A 110 2.16 -4.21 14.94
N PRO A 111 2.54 -3.99 16.21
CA PRO A 111 3.88 -3.52 16.57
C PRO A 111 4.94 -4.58 16.33
N LYS A 112 5.94 -4.24 15.52
CA LYS A 112 7.03 -5.17 15.21
C LYS A 112 7.43 -5.97 16.44
N GLU A 113 7.42 -5.32 17.60
CA GLU A 113 7.79 -5.97 18.85
C GLU A 113 7.10 -7.34 18.97
N ASP A 114 5.78 -7.34 18.82
CA ASP A 114 5.00 -8.57 18.91
C ASP A 114 4.94 -9.27 17.56
N PHE A 115 6.03 -9.18 16.80
CA PHE A 115 6.10 -9.80 15.48
C PHE A 115 7.54 -10.12 15.11
N PHE A 116 7.70 -10.93 14.06
CA PHE A 116 9.03 -11.33 13.60
C PHE A 116 8.98 -11.83 12.17
N HIS A 117 10.15 -12.17 11.62
CA HIS A 117 10.24 -12.68 10.26
C HIS A 117 10.98 -14.00 10.21
N CYS A 118 10.33 -15.02 9.66
CA CYS A 118 10.94 -16.34 9.57
C CYS A 118 11.65 -16.52 8.23
N LEU A 119 12.98 -16.41 8.25
CA LEU A 119 13.78 -16.55 7.04
C LEU A 119 13.51 -17.89 6.36
N LYS A 120 13.26 -18.92 7.17
CA LYS A 120 12.98 -20.25 6.64
C LYS A 120 11.88 -20.20 5.58
N CYS A 121 10.78 -19.52 5.90
CA CYS A 121 9.66 -19.39 4.98
C CYS A 121 9.82 -18.15 4.10
N ASN A 122 10.82 -17.34 4.43
CA ASN A 122 11.08 -16.12 3.67
C ASN A 122 9.88 -15.17 3.75
N LEU A 123 9.16 -15.23 4.87
CA LEU A 123 7.99 -14.38 5.07
C LEU A 123 7.96 -13.84 6.51
N CYS A 124 6.90 -13.11 6.82
CA CYS A 124 6.74 -12.54 8.16
C CYS A 124 5.75 -13.36 8.99
N LEU A 125 5.97 -13.38 10.29
CA LEU A 125 5.09 -14.13 11.20
C LEU A 125 5.02 -13.45 12.56
N THR A 126 3.89 -13.63 13.24
CA THR A 126 3.70 -13.04 14.57
C THR A 126 4.29 -13.93 15.66
N THR A 127 4.92 -13.31 16.64
CA THR A 127 5.53 -14.03 17.75
C THR A 127 4.69 -15.25 18.12
N ASN A 128 3.38 -15.11 18.03
CA ASN A 128 2.46 -16.20 18.37
C ASN A 128 2.92 -17.51 17.74
N LEU A 129 3.25 -17.46 16.44
CA LEU A 129 3.71 -18.64 15.73
C LEU A 129 5.23 -18.66 15.64
N ARG A 130 5.89 -18.30 16.73
CA ARG A 130 7.35 -18.29 16.78
C ARG A 130 7.91 -19.70 16.92
N GLY A 131 7.41 -20.61 16.08
CA GLY A 131 7.87 -21.99 16.13
C GLY A 131 6.78 -22.98 15.82
N LYS A 132 5.57 -22.69 16.30
CA LYS A 132 4.43 -23.57 16.08
C LYS A 132 4.30 -23.93 14.60
N HIS A 133 4.30 -22.92 13.74
CA HIS A 133 4.20 -23.14 12.30
C HIS A 133 5.37 -23.95 11.79
N LYS A 134 5.11 -24.80 10.79
CA LYS A 134 6.15 -25.63 10.21
C LYS A 134 6.58 -25.10 8.85
N CYS A 135 7.86 -24.75 8.74
CA CYS A 135 8.40 -24.23 7.49
C CYS A 135 8.47 -25.32 6.42
N ILE A 136 9.30 -26.32 6.67
CA ILE A 136 9.47 -27.43 5.73
C ILE A 136 8.18 -28.23 5.60
N GLU A 137 7.90 -28.70 4.39
CA GLU A 137 6.70 -29.48 4.13
C GLU A 137 7.05 -30.87 3.61
N SER A 138 6.21 -31.84 3.93
CA SER A 138 6.43 -33.22 3.50
C SER A 138 5.35 -33.67 2.52
N GLY A 139 5.55 -34.83 1.91
CA GLY A 139 4.59 -35.35 0.96
C GLY A 139 4.60 -34.59 -0.35
N PRO A 140 4.03 -35.20 -1.40
CA PRO A 140 3.97 -34.59 -2.73
C PRO A 140 3.01 -33.41 -2.78
N SER A 141 2.17 -33.29 -1.77
CA SER A 141 1.21 -32.19 -1.69
C SER A 141 0.34 -32.15 -2.95
N SER A 142 -0.09 -33.32 -3.41
CA SER A 142 -0.92 -33.42 -4.60
C SER A 142 -1.78 -34.68 -4.56
N GLY A 143 -2.98 -34.57 -5.10
CA GLY A 143 -3.90 -35.71 -5.12
C GLY A 143 -5.26 -35.37 -4.56
N GLY A 1 -34.27 21.16 -7.37
CA GLY A 1 -34.77 19.91 -7.95
C GLY A 1 -33.65 19.07 -8.56
N SER A 2 -33.51 17.85 -8.06
CA SER A 2 -32.48 16.95 -8.55
C SER A 2 -33.04 15.53 -8.73
N SER A 3 -32.24 14.66 -9.32
CA SER A 3 -32.64 13.28 -9.55
C SER A 3 -31.43 12.36 -9.67
N GLY A 4 -31.58 11.13 -9.19
CA GLY A 4 -30.50 10.17 -9.24
C GLY A 4 -30.83 8.95 -10.07
N SER A 5 -29.83 8.10 -10.31
CA SER A 5 -30.03 6.90 -11.11
C SER A 5 -29.93 5.65 -10.22
N SER A 6 -31.02 4.90 -10.15
CA SER A 6 -31.05 3.69 -9.33
C SER A 6 -30.98 2.45 -10.21
N GLY A 7 -30.71 1.31 -9.60
CA GLY A 7 -30.60 0.06 -10.33
C GLY A 7 -29.33 -0.02 -11.15
N GLY A 8 -28.65 -1.16 -11.06
CA GLY A 8 -27.41 -1.34 -11.81
C GLY A 8 -26.21 -1.49 -10.90
N VAL A 9 -25.34 -0.48 -10.90
CA VAL A 9 -24.14 -0.49 -10.07
C VAL A 9 -23.67 0.92 -9.76
N ARG A 10 -23.05 1.09 -8.59
CA ARG A 10 -22.55 2.39 -8.18
C ARG A 10 -21.05 2.49 -8.41
N ASN A 11 -20.55 3.72 -8.50
CA ASN A 11 -19.13 3.96 -8.73
C ASN A 11 -18.38 4.11 -7.40
N LEU A 12 -17.18 3.56 -7.33
CA LEU A 12 -16.37 3.63 -6.12
C LEU A 12 -16.23 5.08 -5.65
N ALA A 13 -16.80 5.37 -4.49
CA ALA A 13 -16.73 6.72 -3.92
C ALA A 13 -15.32 7.28 -4.01
N GLN A 14 -15.21 8.61 -4.08
CA GLN A 14 -13.90 9.25 -4.16
C GLN A 14 -13.26 9.35 -2.78
N GLY A 15 -11.93 9.24 -2.76
CA GLY A 15 -11.22 9.31 -1.49
C GLY A 15 -9.74 9.62 -1.68
N PRO A 16 -9.44 10.77 -2.31
CA PRO A 16 -8.07 11.19 -2.56
C PRO A 16 -7.33 11.59 -1.29
N ARG A 17 -8.09 11.83 -0.22
CA ARG A 17 -7.51 12.21 1.05
C ARG A 17 -7.27 10.99 1.93
N GLY A 18 -6.78 9.91 1.32
CA GLY A 18 -6.51 8.69 2.05
C GLY A 18 -7.66 7.70 1.96
N CYS A 19 -7.36 6.50 1.47
CA CYS A 19 -8.37 5.46 1.33
C CYS A 19 -8.25 4.44 2.46
N GLU A 20 -9.33 3.68 2.67
CA GLU A 20 -9.35 2.67 3.72
C GLU A 20 -8.03 1.90 3.77
N HIS A 21 -7.39 1.77 2.60
CA HIS A 21 -6.12 1.06 2.51
C HIS A 21 -5.05 1.75 3.34
N TYR A 22 -4.76 3.01 2.98
CA TYR A 22 -3.75 3.79 3.68
C TYR A 22 -4.15 5.26 3.77
N ASP A 23 -3.63 5.94 4.78
CA ASP A 23 -3.93 7.35 4.97
C ASP A 23 -2.84 8.24 4.38
N ARG A 24 -3.05 8.68 3.14
CA ARG A 24 -2.08 9.52 2.47
C ARG A 24 -2.76 10.73 1.82
N ALA A 25 -1.99 11.77 1.55
CA ALA A 25 -2.52 12.98 0.94
C ALA A 25 -1.88 13.24 -0.42
N CYS A 26 -1.49 12.17 -1.10
CA CYS A 26 -0.86 12.29 -2.41
C CYS A 26 -1.11 11.03 -3.25
N LEU A 27 -1.67 11.23 -4.43
CA LEU A 27 -1.97 10.12 -5.33
C LEU A 27 -0.74 9.75 -6.16
N LEU A 28 -0.46 8.46 -6.26
CA LEU A 28 0.68 7.97 -7.03
C LEU A 28 0.32 7.80 -8.50
N LYS A 29 1.13 8.37 -9.38
CA LYS A 29 0.89 8.27 -10.81
C LYS A 29 1.02 6.83 -11.29
N ALA A 30 0.31 6.50 -12.37
CA ALA A 30 0.35 5.16 -12.92
C ALA A 30 1.05 5.15 -14.28
N PRO A 31 2.30 4.68 -14.30
CA PRO A 31 3.10 4.60 -15.52
C PRO A 31 2.60 3.54 -16.49
N CYS A 32 1.44 2.95 -16.15
CA CYS A 32 0.85 1.93 -17.00
C CYS A 32 -0.30 2.51 -17.83
N CYS A 33 -1.14 3.31 -17.18
CA CYS A 33 -2.27 3.93 -17.86
C CYS A 33 -2.23 5.45 -17.72
N ASP A 34 -1.11 5.96 -17.22
CA ASP A 34 -0.94 7.39 -17.04
C ASP A 34 -2.08 7.98 -16.20
N LYS A 35 -2.63 7.16 -15.31
CA LYS A 35 -3.72 7.60 -14.45
C LYS A 35 -3.24 7.78 -13.01
N LEU A 36 -4.13 8.28 -12.15
CA LEU A 36 -3.80 8.51 -10.75
C LEU A 36 -4.88 7.95 -9.84
N TYR A 37 -4.44 7.24 -8.80
CA TYR A 37 -5.38 6.63 -7.85
C TYR A 37 -4.84 6.74 -6.42
N THR A 38 -5.75 6.92 -5.47
CA THR A 38 -5.37 7.04 -4.06
C THR A 38 -4.10 6.25 -3.77
N CYS A 39 -4.18 4.93 -3.91
CA CYS A 39 -3.03 4.06 -3.67
C CYS A 39 -2.83 3.09 -4.82
N ARG A 40 -1.87 2.18 -4.66
CA ARG A 40 -1.58 1.19 -5.69
C ARG A 40 -2.73 0.21 -5.84
N LEU A 41 -3.36 -0.15 -4.72
CA LEU A 41 -4.47 -1.08 -4.73
C LEU A 41 -5.66 -0.50 -5.49
N CYS A 42 -6.02 0.74 -5.17
CA CYS A 42 -7.13 1.40 -5.82
C CYS A 42 -7.06 1.23 -7.34
N HIS A 43 -5.88 1.44 -7.90
CA HIS A 43 -5.68 1.31 -9.34
C HIS A 43 -6.32 0.02 -9.85
N ASP A 44 -5.80 -1.12 -9.40
CA ASP A 44 -6.32 -2.42 -9.81
C ASP A 44 -7.83 -2.50 -9.56
N THR A 45 -8.27 -1.92 -8.45
CA THR A 45 -9.68 -1.95 -8.09
C THR A 45 -10.52 -1.22 -9.14
N ASN A 46 -10.00 -0.12 -9.66
CA ASN A 46 -10.70 0.66 -10.68
C ASN A 46 -10.07 0.45 -12.05
N GLU A 47 -9.43 -0.70 -12.24
CA GLU A 47 -8.78 -1.01 -13.51
C GLU A 47 -8.82 -2.52 -13.77
N ASP A 48 -8.42 -2.91 -14.98
CA ASP A 48 -8.40 -4.32 -15.36
C ASP A 48 -6.99 -4.89 -15.25
N HIS A 49 -5.99 -4.02 -15.31
CA HIS A 49 -4.61 -4.43 -15.23
C HIS A 49 -4.01 -4.09 -13.86
N GLN A 50 -2.90 -4.72 -13.52
CA GLN A 50 -2.24 -4.48 -12.25
C GLN A 50 -1.18 -3.39 -12.39
N LEU A 51 -1.14 -2.48 -11.41
CA LEU A 51 -0.18 -1.38 -11.42
C LEU A 51 1.01 -1.70 -10.54
N ASP A 52 2.17 -1.14 -10.88
CA ASP A 52 3.39 -1.36 -10.11
C ASP A 52 3.41 -0.50 -8.86
N ARG A 53 4.16 -0.93 -7.85
CA ARG A 53 4.26 -0.19 -6.60
C ARG A 53 5.70 0.22 -6.32
N PHE A 54 6.64 -0.51 -6.90
CA PHE A 54 8.06 -0.23 -6.72
C PHE A 54 8.60 0.60 -7.88
N LYS A 55 8.15 0.28 -9.08
CA LYS A 55 8.60 0.98 -10.29
C LYS A 55 8.26 2.47 -10.19
N VAL A 56 6.98 2.79 -10.09
CA VAL A 56 6.54 4.17 -9.98
C VAL A 56 7.26 4.89 -8.85
N LYS A 57 7.66 6.14 -9.10
CA LYS A 57 8.35 6.93 -8.11
C LYS A 57 7.69 8.30 -7.93
N GLU A 58 7.27 8.89 -9.04
CA GLU A 58 6.61 10.20 -9.02
C GLU A 58 5.29 10.12 -8.27
N VAL A 59 4.86 11.25 -7.71
CA VAL A 59 3.61 11.31 -6.98
C VAL A 59 2.93 12.67 -7.14
N GLN A 60 1.64 12.72 -6.87
CA GLN A 60 0.88 13.97 -6.98
C GLN A 60 0.21 14.32 -5.67
N CYS A 61 0.18 15.61 -5.33
CA CYS A 61 -0.45 16.06 -4.10
C CYS A 61 -1.96 16.19 -4.26
N ILE A 62 -2.69 16.01 -3.17
CA ILE A 62 -4.14 16.10 -3.20
C ILE A 62 -4.62 17.39 -2.54
N ASN A 63 -3.72 18.04 -1.82
CA ASN A 63 -4.05 19.30 -1.14
C ASN A 63 -3.98 20.47 -2.11
N CYS A 64 -2.83 20.61 -2.77
CA CYS A 64 -2.63 21.69 -3.73
C CYS A 64 -2.41 21.15 -5.14
N GLU A 65 -2.87 19.91 -5.37
CA GLU A 65 -2.71 19.28 -6.67
C GLU A 65 -1.40 19.68 -7.32
N LYS A 66 -0.35 19.78 -6.51
CA LYS A 66 0.97 20.14 -7.01
C LYS A 66 1.75 18.90 -7.43
N LEU A 67 2.57 19.05 -8.47
CA LEU A 67 3.38 17.96 -8.97
C LEU A 67 4.67 17.82 -8.17
N GLN A 68 5.15 16.59 -8.04
CA GLN A 68 6.38 16.32 -7.30
C GLN A 68 6.78 14.85 -7.43
N HIS A 69 7.88 14.48 -6.78
CA HIS A 69 8.37 13.12 -6.82
C HIS A 69 8.19 12.43 -5.47
N ALA A 70 8.69 11.20 -5.36
CA ALA A 70 8.58 10.44 -4.12
C ALA A 70 9.12 11.24 -2.94
N GLN A 71 8.25 11.50 -1.96
CA GLN A 71 8.64 12.25 -0.78
C GLN A 71 7.67 12.00 0.37
N GLN A 72 7.86 12.71 1.47
CA GLN A 72 7.01 12.56 2.64
C GLN A 72 6.08 13.77 2.80
N THR A 73 6.59 14.94 2.43
CA THR A 73 5.81 16.17 2.53
C THR A 73 5.80 16.92 1.20
N CYS A 74 4.78 17.74 1.01
CA CYS A 74 4.64 18.52 -0.21
C CYS A 74 5.65 19.67 -0.24
N GLU A 75 6.02 20.10 -1.45
CA GLU A 75 6.97 21.19 -1.61
C GLU A 75 6.27 22.49 -1.98
N ASP A 76 4.94 22.47 -1.89
CA ASP A 76 4.14 23.65 -2.20
C ASP A 76 3.27 24.05 -1.02
N CYS A 77 2.72 23.06 -0.33
CA CYS A 77 1.86 23.30 0.82
C CYS A 77 2.48 22.73 2.10
N SER A 78 3.44 21.82 1.91
CA SER A 78 4.10 21.19 3.05
C SER A 78 3.13 20.35 3.86
N THR A 79 2.27 19.62 3.15
CA THR A 79 1.27 18.76 3.80
C THR A 79 1.81 17.35 3.99
N LEU A 80 1.93 16.93 5.24
CA LEU A 80 2.43 15.60 5.55
C LEU A 80 1.62 14.53 4.82
N PHE A 81 2.27 13.86 3.87
CA PHE A 81 1.61 12.82 3.09
C PHE A 81 1.55 11.51 3.89
N GLY A 82 1.90 11.58 5.17
CA GLY A 82 1.88 10.40 6.01
C GLY A 82 3.09 10.31 6.91
N GLU A 83 2.85 10.28 8.22
CA GLU A 83 3.94 10.20 9.19
C GLU A 83 5.03 9.24 8.72
N TYR A 84 4.60 8.10 8.18
CA TYR A 84 5.53 7.08 7.69
C TYR A 84 5.64 7.13 6.17
N TYR A 85 6.86 7.19 5.68
CA TYR A 85 7.12 7.24 4.24
C TYR A 85 8.20 6.26 3.83
N CYS A 86 7.81 5.23 3.07
CA CYS A 86 8.76 4.23 2.61
C CYS A 86 9.42 4.65 1.31
N SER A 87 10.71 4.33 1.16
CA SER A 87 11.46 4.69 -0.03
C SER A 87 11.50 3.51 -1.01
N ILE A 88 11.54 2.30 -0.47
CA ILE A 88 11.58 1.10 -1.30
C ILE A 88 10.22 0.82 -1.93
N CYS A 89 9.19 0.77 -1.09
CA CYS A 89 7.83 0.51 -1.57
C CYS A 89 7.19 1.79 -2.10
N HIS A 90 7.73 2.93 -1.69
CA HIS A 90 7.22 4.22 -2.12
C HIS A 90 5.77 4.42 -1.64
N LEU A 91 5.49 3.92 -0.43
CA LEU A 91 4.15 4.04 0.13
C LEU A 91 4.14 5.05 1.29
N PHE A 92 2.97 5.63 1.55
CA PHE A 92 2.84 6.61 2.63
C PHE A 92 1.57 6.33 3.44
N ASP A 93 1.76 6.03 4.72
CA ASP A 93 0.65 5.75 5.62
C ASP A 93 0.77 6.56 6.91
N LYS A 94 -0.34 6.71 7.62
CA LYS A 94 -0.37 7.45 8.87
C LYS A 94 0.12 6.59 10.03
N ASP A 95 0.35 7.21 11.17
CA ASP A 95 0.81 6.51 12.36
C ASP A 95 -0.14 5.36 12.72
N LYS A 96 0.15 4.18 12.21
CA LYS A 96 -0.68 3.01 12.47
C LYS A 96 0.18 1.79 12.82
N ARG A 97 1.24 2.03 13.59
CA ARG A 97 2.14 0.96 13.98
C ARG A 97 2.49 0.06 12.80
N GLN A 98 2.97 0.68 11.72
CA GLN A 98 3.33 -0.06 10.52
C GLN A 98 4.83 0.04 10.26
N TYR A 99 5.52 -1.10 10.30
CA TYR A 99 6.96 -1.14 10.08
C TYR A 99 7.26 -1.62 8.67
N HIS A 100 8.56 -1.79 8.37
CA HIS A 100 8.99 -2.25 7.05
C HIS A 100 9.99 -3.39 7.19
N CYS A 101 9.63 -4.55 6.65
CA CYS A 101 10.49 -5.73 6.70
C CYS A 101 11.50 -5.70 5.56
N GLU A 102 12.78 -5.64 5.92
CA GLU A 102 13.85 -5.62 4.93
C GLU A 102 13.96 -6.97 4.21
N SER A 103 13.89 -8.05 4.98
CA SER A 103 13.98 -9.39 4.42
C SER A 103 12.95 -9.59 3.32
N CYS A 104 11.77 -9.03 3.52
CA CYS A 104 10.69 -9.15 2.54
C CYS A 104 10.67 -7.95 1.61
N GLY A 105 11.24 -6.84 2.06
CA GLY A 105 11.28 -5.63 1.25
C GLY A 105 9.91 -5.01 1.07
N ILE A 106 9.03 -5.22 2.05
CA ILE A 106 7.68 -4.68 2.01
C ILE A 106 7.24 -4.18 3.38
N CYS A 107 6.24 -3.30 3.38
CA CYS A 107 5.73 -2.74 4.63
C CYS A 107 4.75 -3.71 5.30
N ARG A 108 4.81 -3.78 6.62
CA ARG A 108 3.93 -4.66 7.38
C ARG A 108 3.36 -3.94 8.60
N ILE A 109 2.47 -4.62 9.31
CA ILE A 109 1.85 -4.05 10.50
C ILE A 109 2.49 -4.58 11.77
N GLY A 110 2.44 -3.79 12.83
CA GLY A 110 3.03 -4.20 14.09
C GLY A 110 1.98 -4.48 15.16
N PRO A 111 2.33 -4.21 16.42
CA PRO A 111 3.65 -3.66 16.78
C PRO A 111 4.76 -4.67 16.59
N LYS A 112 5.77 -4.31 15.80
CA LYS A 112 6.90 -5.19 15.53
C LYS A 112 7.26 -5.99 16.77
N GLU A 113 7.17 -5.36 17.93
CA GLU A 113 7.48 -6.02 19.19
C GLU A 113 6.80 -7.38 19.28
N ASP A 114 5.48 -7.38 19.07
CA ASP A 114 4.70 -8.62 19.13
C ASP A 114 4.71 -9.33 17.78
N PHE A 115 5.85 -9.28 17.10
CA PHE A 115 5.99 -9.92 15.80
C PHE A 115 7.45 -10.27 15.51
N PHE A 116 7.67 -11.06 14.47
CA PHE A 116 9.02 -11.48 14.10
C PHE A 116 9.06 -11.95 12.65
N HIS A 117 10.25 -12.27 12.17
CA HIS A 117 10.43 -12.75 10.80
C HIS A 117 11.36 -13.95 10.75
N CYS A 118 10.88 -15.05 10.20
CA CYS A 118 11.68 -16.27 10.09
C CYS A 118 12.48 -16.29 8.80
N LEU A 119 13.64 -16.93 8.84
CA LEU A 119 14.51 -17.02 7.67
C LEU A 119 14.10 -18.19 6.78
N LYS A 120 14.28 -19.40 7.29
CA LYS A 120 13.92 -20.60 6.54
C LYS A 120 12.60 -20.42 5.80
N CYS A 121 11.61 -19.88 6.50
CA CYS A 121 10.29 -19.65 5.91
C CYS A 121 10.35 -18.49 4.92
N ASN A 122 11.24 -17.53 5.17
CA ASN A 122 11.39 -16.37 4.31
C ASN A 122 10.10 -15.55 4.28
N LEU A 123 9.58 -15.25 5.47
CA LEU A 123 8.35 -14.47 5.58
C LEU A 123 8.15 -13.98 7.01
N CYS A 124 7.26 -13.00 7.18
CA CYS A 124 6.97 -12.45 8.50
C CYS A 124 5.95 -13.30 9.24
N LEU A 125 6.10 -13.39 10.56
CA LEU A 125 5.19 -14.18 11.37
C LEU A 125 5.02 -13.54 12.76
N THR A 126 3.83 -13.69 13.32
CA THR A 126 3.53 -13.13 14.63
C THR A 126 4.08 -14.02 15.75
N THR A 127 4.60 -13.40 16.79
CA THR A 127 5.16 -14.14 17.93
C THR A 127 4.32 -15.36 18.25
N ASN A 128 3.00 -15.18 18.30
CA ASN A 128 2.08 -16.27 18.59
C ASN A 128 2.58 -17.58 18.00
N LEU A 129 3.11 -17.52 16.79
CA LEU A 129 3.62 -18.70 16.11
C LEU A 129 5.15 -18.70 16.13
N ARG A 130 5.73 -18.42 17.28
CA ARG A 130 7.17 -18.39 17.43
C ARG A 130 7.78 -19.75 17.08
N GLY A 131 7.37 -20.78 17.82
CA GLY A 131 7.88 -22.12 17.58
C GLY A 131 6.78 -23.10 17.23
N LYS A 132 5.74 -22.62 16.56
CA LYS A 132 4.62 -23.47 16.17
C LYS A 132 4.66 -23.78 14.68
N HIS A 133 4.80 -22.74 13.87
CA HIS A 133 4.86 -22.89 12.42
C HIS A 133 6.03 -23.78 12.02
N LYS A 134 5.88 -24.47 10.89
CA LYS A 134 6.93 -25.36 10.39
C LYS A 134 7.60 -24.78 9.16
N CYS A 135 8.93 -24.67 9.20
CA CYS A 135 9.68 -24.12 8.08
C CYS A 135 9.93 -25.20 7.02
N ILE A 136 10.80 -26.15 7.34
CA ILE A 136 11.12 -27.23 6.42
C ILE A 136 9.86 -27.97 5.97
N GLU A 137 10.04 -28.98 5.13
CA GLU A 137 8.93 -29.76 4.62
C GLU A 137 9.12 -31.24 4.93
N SER A 138 8.01 -31.98 4.94
CA SER A 138 8.06 -33.41 5.23
C SER A 138 7.30 -34.20 4.17
N GLY A 139 6.07 -33.79 3.90
CA GLY A 139 5.25 -34.47 2.92
C GLY A 139 4.82 -35.85 3.36
N PRO A 140 3.89 -36.46 2.60
CA PRO A 140 3.38 -37.80 2.91
C PRO A 140 4.43 -38.89 2.69
N SER A 141 3.99 -40.14 2.76
CA SER A 141 4.89 -41.27 2.57
C SER A 141 5.78 -41.05 1.35
N SER A 142 5.16 -40.87 0.19
CA SER A 142 5.89 -40.66 -1.05
C SER A 142 5.00 -40.01 -2.10
N GLY A 143 5.32 -38.76 -2.45
CA GLY A 143 4.53 -38.05 -3.44
C GLY A 143 3.06 -37.97 -3.08
N GLY A 1 -31.73 -20.91 7.20
CA GLY A 1 -32.08 -20.65 5.81
C GLY A 1 -31.69 -19.26 5.36
N SER A 2 -30.38 -19.01 5.30
CA SER A 2 -29.87 -17.71 4.88
C SER A 2 -29.63 -17.67 3.38
N SER A 3 -29.64 -16.46 2.81
CA SER A 3 -29.43 -16.29 1.38
C SER A 3 -28.62 -15.03 1.09
N GLY A 4 -27.96 -15.01 -0.06
CA GLY A 4 -27.16 -13.85 -0.43
C GLY A 4 -25.94 -14.24 -1.25
N SER A 5 -25.15 -13.24 -1.64
CA SER A 5 -23.96 -13.48 -2.44
C SER A 5 -22.84 -12.53 -2.03
N SER A 6 -21.60 -12.95 -2.28
CA SER A 6 -20.44 -12.14 -1.92
C SER A 6 -20.61 -10.70 -2.39
N GLY A 7 -20.53 -9.76 -1.45
CA GLY A 7 -20.69 -8.36 -1.78
C GLY A 7 -21.55 -7.62 -0.78
N GLY A 8 -21.16 -6.40 -0.45
CA GLY A 8 -21.91 -5.60 0.50
C GLY A 8 -22.77 -4.54 -0.18
N VAL A 9 -22.88 -3.38 0.47
CA VAL A 9 -23.68 -2.28 -0.08
C VAL A 9 -22.81 -1.06 -0.33
N ARG A 10 -22.77 -0.62 -1.58
CA ARG A 10 -21.98 0.55 -1.96
C ARG A 10 -22.30 1.74 -1.05
N ASN A 11 -21.28 2.52 -0.74
CA ASN A 11 -21.45 3.69 0.12
C ASN A 11 -20.40 4.76 -0.19
N LEU A 12 -20.70 5.99 0.18
CA LEU A 12 -19.79 7.11 -0.07
C LEU A 12 -18.50 6.93 0.73
N ALA A 13 -17.46 6.44 0.06
CA ALA A 13 -16.16 6.23 0.71
C ALA A 13 -15.10 7.14 0.10
N GLN A 14 -14.50 7.97 0.94
CA GLN A 14 -13.46 8.90 0.48
C GLN A 14 -12.38 8.15 -0.29
N GLY A 15 -12.03 8.67 -1.47
CA GLY A 15 -11.02 8.04 -2.29
C GLY A 15 -9.64 8.62 -2.06
N PRO A 16 -9.41 9.84 -2.55
CA PRO A 16 -8.12 10.53 -2.41
C PRO A 16 -7.87 10.97 -0.97
N ARG A 17 -6.90 11.86 -0.80
CA ARG A 17 -6.55 12.37 0.53
C ARG A 17 -6.84 11.32 1.60
N GLY A 18 -6.40 10.09 1.36
CA GLY A 18 -6.63 9.02 2.31
C GLY A 18 -7.80 8.14 1.92
N CYS A 19 -7.52 6.85 1.69
CA CYS A 19 -8.56 5.90 1.31
C CYS A 19 -8.74 4.84 2.39
N GLU A 20 -9.72 3.96 2.19
CA GLU A 20 -10.00 2.90 3.14
C GLU A 20 -8.77 2.04 3.37
N HIS A 21 -7.78 2.18 2.50
CA HIS A 21 -6.55 1.42 2.61
C HIS A 21 -5.54 2.12 3.52
N TYR A 22 -4.99 3.23 3.05
CA TYR A 22 -4.02 3.99 3.82
C TYR A 22 -4.39 5.47 3.85
N ASP A 23 -3.72 6.22 4.72
CA ASP A 23 -3.98 7.65 4.86
C ASP A 23 -2.85 8.47 4.25
N ARG A 24 -3.03 8.89 3.00
CA ARG A 24 -2.02 9.69 2.32
C ARG A 24 -2.67 10.83 1.54
N ALA A 25 -1.98 11.96 1.48
CA ALA A 25 -2.48 13.13 0.77
C ALA A 25 -1.76 13.31 -0.57
N CYS A 26 -1.56 12.21 -1.29
CA CYS A 26 -0.89 12.25 -2.58
C CYS A 26 -1.21 11.01 -3.40
N LEU A 27 -1.48 11.22 -4.69
CA LEU A 27 -1.81 10.11 -5.59
C LEU A 27 -0.59 9.66 -6.36
N LEU A 28 -0.42 8.34 -6.46
CA LEU A 28 0.73 7.77 -7.19
C LEU A 28 0.41 7.64 -8.67
N LYS A 29 1.33 8.09 -9.51
CA LYS A 29 1.16 8.02 -10.96
C LYS A 29 1.22 6.57 -11.44
N ALA A 30 0.37 6.24 -12.42
CA ALA A 30 0.33 4.90 -12.97
C ALA A 30 1.00 4.83 -14.33
N PRO A 31 2.23 4.30 -14.36
CA PRO A 31 3.01 4.18 -15.60
C PRO A 31 2.43 3.13 -16.54
N CYS A 32 1.30 2.56 -16.15
CA CYS A 32 0.64 1.53 -16.97
C CYS A 32 -0.43 2.16 -17.85
N CYS A 33 -1.23 3.04 -17.28
CA CYS A 33 -2.29 3.71 -18.01
C CYS A 33 -2.17 5.22 -17.91
N ASP A 34 -1.10 5.68 -17.26
CA ASP A 34 -0.86 7.11 -17.09
C ASP A 34 -1.96 7.74 -16.24
N LYS A 35 -2.55 6.96 -15.35
CA LYS A 35 -3.62 7.44 -14.48
C LYS A 35 -3.10 7.67 -13.07
N LEU A 36 -3.94 8.29 -12.24
CA LEU A 36 -3.56 8.57 -10.85
C LEU A 36 -4.65 8.09 -9.89
N TYR A 37 -4.24 7.33 -8.88
CA TYR A 37 -5.17 6.81 -7.89
C TYR A 37 -4.59 6.90 -6.49
N THR A 38 -5.46 7.14 -5.51
CA THR A 38 -5.03 7.25 -4.11
C THR A 38 -3.82 6.38 -3.84
N CYS A 39 -4.02 5.06 -3.92
CA CYS A 39 -2.94 4.12 -3.68
C CYS A 39 -2.85 3.08 -4.80
N ARG A 40 -1.99 2.09 -4.62
CA ARG A 40 -1.81 1.05 -5.62
C ARG A 40 -3.07 0.19 -5.73
N LEU A 41 -3.69 -0.10 -4.60
CA LEU A 41 -4.90 -0.92 -4.57
C LEU A 41 -6.04 -0.23 -5.33
N CYS A 42 -6.26 1.04 -5.02
CA CYS A 42 -7.32 1.81 -5.68
C CYS A 42 -7.29 1.58 -7.19
N HIS A 43 -6.11 1.73 -7.79
CA HIS A 43 -5.95 1.54 -9.22
C HIS A 43 -6.58 0.24 -9.68
N ASP A 44 -6.05 -0.88 -9.20
CA ASP A 44 -6.58 -2.20 -9.56
C ASP A 44 -8.08 -2.28 -9.28
N THR A 45 -8.50 -1.65 -8.19
CA THR A 45 -9.91 -1.65 -7.81
C THR A 45 -10.77 -0.96 -8.86
N ASN A 46 -10.22 0.10 -9.45
CA ASN A 46 -10.93 0.85 -10.48
C ASN A 46 -10.28 0.67 -11.85
N GLU A 47 -9.66 -0.49 -12.05
CA GLU A 47 -9.01 -0.80 -13.31
C GLU A 47 -9.04 -2.29 -13.60
N ASP A 48 -9.06 -2.64 -14.88
CA ASP A 48 -9.10 -4.04 -15.30
C ASP A 48 -7.75 -4.70 -15.08
N HIS A 49 -6.70 -3.88 -14.97
CA HIS A 49 -5.35 -4.40 -14.76
C HIS A 49 -4.82 -3.97 -13.39
N GLN A 50 -3.77 -4.66 -12.93
CA GLN A 50 -3.17 -4.35 -11.64
C GLN A 50 -1.92 -3.48 -11.82
N LEU A 51 -1.74 -2.52 -10.92
CA LEU A 51 -0.59 -1.62 -10.98
C LEU A 51 0.44 -2.01 -9.92
N ASP A 52 1.70 -1.69 -10.20
CA ASP A 52 2.78 -2.00 -9.27
C ASP A 52 3.06 -0.82 -8.35
N ARG A 53 3.64 -1.11 -7.18
CA ARG A 53 3.96 -0.08 -6.21
C ARG A 53 5.44 0.28 -6.25
N PHE A 54 6.22 -0.53 -6.95
CA PHE A 54 7.66 -0.31 -7.07
C PHE A 54 7.99 0.40 -8.39
N LYS A 55 7.32 -0.01 -9.45
CA LYS A 55 7.54 0.59 -10.77
C LYS A 55 7.44 2.10 -10.70
N VAL A 56 6.37 2.61 -10.10
CA VAL A 56 6.17 4.04 -9.97
C VAL A 56 7.06 4.63 -8.89
N LYS A 57 7.48 5.87 -9.07
CA LYS A 57 8.34 6.55 -8.11
C LYS A 57 7.80 7.95 -7.80
N GLU A 58 7.32 8.63 -8.83
CA GLU A 58 6.79 9.99 -8.66
C GLU A 58 5.45 9.95 -7.94
N VAL A 59 4.98 11.14 -7.53
CA VAL A 59 3.71 11.24 -6.82
C VAL A 59 3.11 12.64 -6.98
N GLN A 60 1.79 12.73 -6.83
CA GLN A 60 1.10 14.01 -6.95
C GLN A 60 0.39 14.37 -5.66
N CYS A 61 0.35 15.67 -5.34
CA CYS A 61 -0.29 16.15 -4.13
C CYS A 61 -1.79 16.35 -4.36
N ILE A 62 -2.57 16.19 -3.29
CA ILE A 62 -4.01 16.35 -3.36
C ILE A 62 -4.45 17.66 -2.70
N ASN A 63 -3.54 18.27 -1.96
CA ASN A 63 -3.83 19.52 -1.27
C ASN A 63 -3.67 20.71 -2.21
N CYS A 64 -2.52 20.76 -2.89
CA CYS A 64 -2.24 21.84 -3.84
C CYS A 64 -1.99 21.30 -5.23
N GLU A 65 -2.50 20.10 -5.50
CA GLU A 65 -2.33 19.47 -6.80
C GLU A 65 -0.97 19.80 -7.40
N LYS A 66 0.05 19.82 -6.54
CA LYS A 66 1.41 20.13 -6.98
C LYS A 66 2.15 18.86 -7.37
N LEU A 67 3.11 18.99 -8.28
CA LEU A 67 3.89 17.85 -8.75
C LEU A 67 5.18 17.71 -7.93
N GLN A 68 5.56 16.47 -7.65
CA GLN A 68 6.78 16.21 -6.88
C GLN A 68 7.20 14.75 -7.02
N HIS A 69 8.35 14.41 -6.44
CA HIS A 69 8.85 13.05 -6.51
C HIS A 69 8.69 12.34 -5.16
N ALA A 70 8.89 11.04 -5.15
CA ALA A 70 8.77 10.25 -3.93
C ALA A 70 9.29 11.03 -2.72
N GLN A 71 8.40 11.28 -1.77
CA GLN A 71 8.76 12.02 -0.56
C GLN A 71 7.75 11.79 0.55
N GLN A 72 7.94 12.47 1.67
CA GLN A 72 7.03 12.34 2.81
C GLN A 72 6.14 13.57 2.94
N THR A 73 6.65 14.72 2.50
CA THR A 73 5.90 15.96 2.58
C THR A 73 5.93 16.71 1.25
N CYS A 74 4.94 17.58 1.03
CA CYS A 74 4.86 18.35 -0.19
C CYS A 74 5.93 19.43 -0.23
N GLU A 75 6.21 19.94 -1.43
CA GLU A 75 7.22 20.99 -1.61
C GLU A 75 6.56 22.32 -1.94
N ASP A 76 5.25 22.39 -1.76
CA ASP A 76 4.50 23.62 -2.05
C ASP A 76 3.59 23.98 -0.88
N CYS A 77 3.01 22.96 -0.26
CA CYS A 77 2.10 23.17 0.86
C CYS A 77 2.67 22.55 2.14
N SER A 78 3.68 21.71 1.97
CA SER A 78 4.32 21.04 3.11
C SER A 78 3.29 20.19 3.87
N THR A 79 2.40 19.54 3.13
CA THR A 79 1.38 18.69 3.73
C THR A 79 1.89 17.28 3.93
N LEU A 80 1.97 16.85 5.18
CA LEU A 80 2.44 15.50 5.51
C LEU A 80 1.62 14.45 4.77
N PHE A 81 2.26 13.79 3.80
CA PHE A 81 1.59 12.75 3.02
C PHE A 81 1.47 11.46 3.82
N GLY A 82 1.87 11.52 5.09
CA GLY A 82 1.79 10.35 5.94
C GLY A 82 3.00 10.22 6.85
N GLU A 83 2.75 10.13 8.15
CA GLU A 83 3.83 10.00 9.13
C GLU A 83 4.85 8.96 8.67
N TYR A 84 4.36 7.85 8.15
CA TYR A 84 5.24 6.77 7.68
C TYR A 84 5.41 6.85 6.16
N TYR A 85 6.66 6.97 5.72
CA TYR A 85 6.97 7.05 4.29
C TYR A 85 8.05 6.04 3.92
N CYS A 86 7.68 5.10 3.05
CA CYS A 86 8.61 4.08 2.59
C CYS A 86 9.27 4.47 1.27
N SER A 87 10.53 4.12 1.12
CA SER A 87 11.28 4.44 -0.10
C SER A 87 11.30 3.25 -1.05
N ILE A 88 11.33 2.05 -0.48
CA ILE A 88 11.36 0.82 -1.28
C ILE A 88 9.99 0.55 -1.90
N CYS A 89 8.96 0.51 -1.07
CA CYS A 89 7.61 0.24 -1.54
C CYS A 89 6.95 1.54 -2.04
N HIS A 90 7.51 2.67 -1.64
CA HIS A 90 6.98 3.97 -2.05
C HIS A 90 5.55 4.16 -1.57
N LEU A 91 5.28 3.70 -0.35
CA LEU A 91 3.95 3.81 0.23
C LEU A 91 3.93 4.81 1.38
N PHE A 92 2.78 5.43 1.62
CA PHE A 92 2.64 6.39 2.69
C PHE A 92 1.37 6.13 3.51
N ASP A 93 1.56 5.71 4.76
CA ASP A 93 0.43 5.42 5.64
C ASP A 93 0.58 6.15 6.97
N LYS A 94 -0.50 6.80 7.40
CA LYS A 94 -0.48 7.54 8.66
C LYS A 94 0.03 6.67 9.80
N ASP A 95 0.19 7.28 10.97
CA ASP A 95 0.67 6.55 12.14
C ASP A 95 -0.31 5.45 12.55
N LYS A 96 -0.11 4.26 12.01
CA LYS A 96 -0.98 3.12 12.33
C LYS A 96 -0.15 1.88 12.67
N ARG A 97 0.90 2.08 13.47
CA ARG A 97 1.76 0.98 13.87
C ARG A 97 2.15 0.13 12.67
N GLN A 98 2.69 0.77 11.64
CA GLN A 98 3.10 0.07 10.43
C GLN A 98 4.62 0.08 10.30
N TYR A 99 5.23 -1.11 10.38
CA TYR A 99 6.68 -1.23 10.27
C TYR A 99 7.07 -1.92 8.97
N HIS A 100 8.23 -1.57 8.44
CA HIS A 100 8.73 -2.16 7.20
C HIS A 100 9.84 -3.16 7.47
N CYS A 101 9.79 -4.29 6.79
CA CYS A 101 10.80 -5.34 6.95
C CYS A 101 11.88 -5.24 5.87
N GLU A 102 13.13 -5.35 6.28
CA GLU A 102 14.26 -5.27 5.35
C GLU A 102 14.50 -6.62 4.68
N SER A 103 14.37 -7.69 5.46
CA SER A 103 14.59 -9.04 4.94
C SER A 103 13.62 -9.35 3.81
N CYS A 104 12.41 -8.80 3.91
CA CYS A 104 11.39 -9.02 2.90
C CYS A 104 11.31 -7.84 1.94
N GLY A 105 11.71 -6.67 2.42
CA GLY A 105 11.68 -5.48 1.59
C GLY A 105 10.27 -4.97 1.36
N ILE A 106 9.35 -5.33 2.25
CA ILE A 106 7.97 -4.90 2.13
C ILE A 106 7.44 -4.38 3.46
N CYS A 107 6.37 -3.58 3.40
CA CYS A 107 5.78 -3.00 4.59
C CYS A 107 4.78 -3.98 5.22
N ARG A 108 4.65 -3.91 6.55
CA ARG A 108 3.73 -4.78 7.27
C ARG A 108 3.26 -4.13 8.56
N ILE A 109 2.03 -4.45 8.96
CA ILE A 109 1.45 -3.89 10.17
C ILE A 109 1.96 -4.62 11.41
N GLY A 110 2.31 -3.85 12.45
CA GLY A 110 2.80 -4.44 13.68
C GLY A 110 1.70 -4.69 14.69
N PRO A 111 1.98 -4.37 15.96
CA PRO A 111 3.26 -3.81 16.37
C PRO A 111 4.40 -4.83 16.28
N LYS A 112 5.48 -4.45 15.61
CA LYS A 112 6.63 -5.33 15.45
C LYS A 112 6.87 -6.14 16.72
N GLU A 113 6.67 -5.50 17.88
CA GLU A 113 6.86 -6.17 19.15
C GLU A 113 6.18 -7.54 19.17
N ASP A 114 4.88 -7.55 18.88
CA ASP A 114 4.11 -8.79 18.85
C ASP A 114 4.26 -9.49 17.51
N PHE A 115 5.45 -9.38 16.92
CA PHE A 115 5.72 -10.00 15.62
C PHE A 115 7.21 -10.28 15.46
N PHE A 116 7.55 -11.06 14.43
CA PHE A 116 8.94 -11.41 14.15
C PHE A 116 9.10 -11.88 12.72
N HIS A 117 10.35 -12.13 12.33
CA HIS A 117 10.65 -12.61 10.98
C HIS A 117 11.55 -13.84 11.02
N CYS A 118 11.12 -14.90 10.35
CA CYS A 118 11.89 -16.14 10.31
C CYS A 118 12.88 -16.12 9.15
N LEU A 119 14.14 -16.41 9.45
CA LEU A 119 15.19 -16.43 8.44
C LEU A 119 14.94 -17.54 7.42
N LYS A 120 14.92 -18.78 7.90
CA LYS A 120 14.69 -19.93 7.04
C LYS A 120 13.50 -19.69 6.11
N CYS A 121 12.31 -19.62 6.69
CA CYS A 121 11.10 -19.39 5.92
C CYS A 121 11.28 -18.22 4.96
N ASN A 122 12.00 -17.20 5.40
CA ASN A 122 12.25 -16.02 4.57
C ASN A 122 10.99 -15.16 4.46
N LEU A 123 10.29 -15.00 5.57
CA LEU A 123 9.08 -14.20 5.60
C LEU A 123 8.76 -13.73 7.02
N CYS A 124 7.78 -12.84 7.14
CA CYS A 124 7.38 -12.31 8.44
C CYS A 124 6.27 -13.15 9.05
N LEU A 125 6.33 -13.34 10.36
CA LEU A 125 5.32 -14.11 11.08
C LEU A 125 5.06 -13.53 12.46
N THR A 126 3.80 -13.57 12.89
CA THR A 126 3.41 -13.06 14.19
C THR A 126 3.95 -13.93 15.32
N THR A 127 4.31 -13.30 16.42
CA THR A 127 4.85 -14.02 17.57
C THR A 127 4.04 -15.27 17.86
N ASN A 128 2.72 -15.15 17.77
CA ASN A 128 1.83 -16.28 18.02
C ASN A 128 2.38 -17.56 17.40
N LEU A 129 2.94 -17.44 16.21
CA LEU A 129 3.51 -18.59 15.51
C LEU A 129 5.01 -18.71 15.79
N ARG A 130 5.39 -18.43 17.04
CA ARG A 130 6.80 -18.51 17.43
C ARG A 130 7.20 -19.95 17.74
N GLY A 131 7.50 -20.72 16.69
CA GLY A 131 7.89 -22.10 16.86
C GLY A 131 6.93 -23.06 16.19
N LYS A 132 5.64 -22.92 16.50
CA LYS A 132 4.62 -23.77 15.91
C LYS A 132 4.86 -23.99 14.42
N HIS A 133 5.22 -22.91 13.72
CA HIS A 133 5.49 -22.96 12.29
C HIS A 133 6.72 -23.82 12.01
N LYS A 134 6.65 -24.62 10.94
CA LYS A 134 7.76 -25.48 10.55
C LYS A 134 8.37 -25.02 9.24
N CYS A 135 9.61 -24.55 9.30
CA CYS A 135 10.31 -24.08 8.10
C CYS A 135 10.23 -25.12 6.99
N ILE A 136 10.84 -24.79 5.85
CA ILE A 136 10.84 -25.69 4.71
C ILE A 136 11.19 -27.12 5.12
N GLU A 137 11.14 -28.04 4.17
CA GLU A 137 11.45 -29.44 4.44
C GLU A 137 12.95 -29.70 4.26
N SER A 138 13.46 -29.42 3.07
CA SER A 138 14.86 -29.64 2.76
C SER A 138 15.37 -28.60 1.78
N GLY A 139 16.59 -28.12 2.00
CA GLY A 139 17.17 -27.12 1.12
C GLY A 139 16.28 -25.91 0.95
N PRO A 140 16.37 -25.27 -0.22
CA PRO A 140 15.58 -24.07 -0.53
C PRO A 140 14.10 -24.39 -0.70
N SER A 141 13.33 -23.40 -1.16
CA SER A 141 11.90 -23.58 -1.36
C SER A 141 11.62 -24.84 -2.16
N SER A 142 11.09 -25.86 -1.49
CA SER A 142 10.78 -27.13 -2.14
C SER A 142 9.74 -27.91 -1.34
N GLY A 143 8.67 -28.33 -2.01
CA GLY A 143 7.62 -29.08 -1.34
C GLY A 143 6.95 -28.28 -0.25
N GLY A 1 -33.81 -22.55 -3.91
CA GLY A 1 -34.85 -22.30 -4.88
C GLY A 1 -35.27 -20.84 -4.92
N SER A 2 -35.84 -20.42 -6.04
CA SER A 2 -36.27 -19.04 -6.21
C SER A 2 -35.09 -18.09 -6.07
N SER A 3 -33.97 -18.45 -6.67
CA SER A 3 -32.76 -17.63 -6.62
C SER A 3 -32.35 -17.17 -8.01
N GLY A 4 -31.42 -16.22 -8.06
CA GLY A 4 -30.96 -15.71 -9.34
C GLY A 4 -31.02 -14.19 -9.42
N SER A 5 -30.46 -13.53 -8.41
CA SER A 5 -30.45 -12.07 -8.37
C SER A 5 -29.31 -11.57 -7.48
N SER A 6 -28.61 -10.54 -7.96
CA SER A 6 -27.50 -9.96 -7.23
C SER A 6 -27.22 -8.53 -7.68
N GLY A 7 -26.75 -7.70 -6.76
CA GLY A 7 -26.46 -6.32 -7.09
C GLY A 7 -26.44 -5.42 -5.86
N GLY A 8 -27.51 -4.68 -5.66
CA GLY A 8 -27.58 -3.78 -4.52
C GLY A 8 -27.46 -2.32 -4.91
N VAL A 9 -27.23 -1.47 -3.92
CA VAL A 9 -27.09 -0.04 -4.17
C VAL A 9 -25.62 0.37 -4.19
N ARG A 10 -25.22 1.06 -5.25
CA ARG A 10 -23.83 1.51 -5.39
C ARG A 10 -23.74 3.02 -5.27
N ASN A 11 -22.73 3.49 -4.54
CA ASN A 11 -22.54 4.93 -4.35
C ASN A 11 -21.19 5.38 -4.93
N LEU A 12 -20.90 6.66 -4.78
CA LEU A 12 -19.64 7.21 -5.29
C LEU A 12 -18.51 7.01 -4.29
N ALA A 13 -17.42 6.40 -4.75
CA ALA A 13 -16.27 6.14 -3.89
C ALA A 13 -15.19 7.21 -4.10
N GLN A 14 -15.06 8.11 -3.12
CA GLN A 14 -14.08 9.18 -3.20
C GLN A 14 -13.28 9.27 -1.90
N GLY A 15 -11.96 9.18 -2.01
CA GLY A 15 -11.11 9.27 -0.84
C GLY A 15 -9.65 9.37 -1.20
N PRO A 16 -9.27 10.48 -1.86
CA PRO A 16 -7.89 10.72 -2.28
C PRO A 16 -6.97 11.01 -1.10
N ARG A 17 -7.54 11.59 -0.04
CA ARG A 17 -6.77 11.93 1.15
C ARG A 17 -6.56 10.69 2.02
N GLY A 18 -6.34 9.55 1.38
CA GLY A 18 -6.13 8.32 2.11
C GLY A 18 -7.35 7.43 2.12
N CYS A 19 -7.16 6.15 1.77
CA CYS A 19 -8.26 5.20 1.73
C CYS A 19 -8.11 4.15 2.82
N GLU A 20 -9.10 3.27 2.94
CA GLU A 20 -9.07 2.23 3.95
C GLU A 20 -7.73 1.50 3.95
N HIS A 21 -7.00 1.62 2.84
CA HIS A 21 -5.70 0.97 2.72
C HIS A 21 -4.63 1.74 3.51
N TYR A 22 -4.42 3.00 3.13
CA TYR A 22 -3.43 3.84 3.80
C TYR A 22 -3.89 5.29 3.82
N ASP A 23 -3.34 6.06 4.76
CA ASP A 23 -3.68 7.47 4.89
C ASP A 23 -2.62 8.35 4.23
N ARG A 24 -2.91 8.80 3.01
CA ARG A 24 -1.99 9.65 2.28
C ARG A 24 -2.73 10.78 1.58
N ALA A 25 -2.09 11.94 1.49
CA ALA A 25 -2.68 13.10 0.84
C ALA A 25 -2.07 13.35 -0.52
N CYS A 26 -1.71 12.27 -1.22
CA CYS A 26 -1.10 12.37 -2.54
C CYS A 26 -1.29 11.08 -3.32
N LEU A 27 -1.78 11.21 -4.55
CA LEU A 27 -2.02 10.04 -5.40
C LEU A 27 -0.77 9.72 -6.23
N LEU A 28 -0.48 8.43 -6.36
CA LEU A 28 0.69 7.99 -7.12
C LEU A 28 0.31 7.74 -8.58
N LYS A 29 1.04 8.41 -9.49
CA LYS A 29 0.78 8.26 -10.92
C LYS A 29 1.00 6.81 -11.36
N ALA A 30 0.29 6.41 -12.42
CA ALA A 30 0.40 5.06 -12.95
C ALA A 30 1.07 5.06 -14.32
N PRO A 31 2.34 4.64 -14.36
CA PRO A 31 3.11 4.57 -15.60
C PRO A 31 2.61 3.48 -16.54
N CYS A 32 1.53 2.83 -16.16
CA CYS A 32 0.94 1.77 -16.97
C CYS A 32 -0.23 2.29 -17.80
N CYS A 33 -1.08 3.08 -17.17
CA CYS A 33 -2.24 3.65 -17.84
C CYS A 33 -2.24 5.17 -17.75
N ASP A 34 -1.18 5.72 -17.15
CA ASP A 34 -1.06 7.15 -16.99
C ASP A 34 -2.21 7.72 -16.17
N LYS A 35 -2.63 6.96 -15.16
CA LYS A 35 -3.74 7.38 -14.30
C LYS A 35 -3.25 7.62 -12.88
N LEU A 36 -4.16 8.05 -12.01
CA LEU A 36 -3.82 8.32 -10.61
C LEU A 36 -4.88 7.73 -9.68
N TYR A 37 -4.43 6.92 -8.72
CA TYR A 37 -5.33 6.30 -7.77
C TYR A 37 -4.78 6.42 -6.34
N THR A 38 -5.69 6.57 -5.38
CA THR A 38 -5.30 6.69 -3.98
C THR A 38 -4.04 5.90 -3.69
N CYS A 39 -4.14 4.58 -3.77
CA CYS A 39 -3.01 3.71 -3.51
C CYS A 39 -2.85 2.67 -4.63
N ARG A 40 -1.73 1.94 -4.59
CA ARG A 40 -1.46 0.92 -5.59
C ARG A 40 -2.58 -0.12 -5.64
N LEU A 41 -3.11 -0.46 -4.47
CA LEU A 41 -4.17 -1.44 -4.36
C LEU A 41 -5.42 -0.98 -5.12
N CYS A 42 -5.81 0.27 -4.89
CA CYS A 42 -6.97 0.85 -5.55
C CYS A 42 -6.89 0.67 -7.06
N HIS A 43 -5.75 1.05 -7.63
CA HIS A 43 -5.54 0.93 -9.07
C HIS A 43 -6.02 -0.42 -9.59
N ASP A 44 -5.37 -1.49 -9.13
CA ASP A 44 -5.73 -2.83 -9.54
C ASP A 44 -7.20 -3.12 -9.25
N THR A 45 -7.70 -2.55 -8.16
CA THR A 45 -9.10 -2.74 -7.77
C THR A 45 -10.05 -2.15 -8.80
N ASN A 46 -9.65 -1.00 -9.36
CA ASN A 46 -10.47 -0.32 -10.36
C ASN A 46 -9.82 -0.40 -11.74
N GLU A 47 -9.05 -1.46 -11.96
CA GLU A 47 -8.36 -1.66 -13.24
C GLU A 47 -8.18 -3.14 -13.54
N ASP A 48 -8.37 -3.51 -14.80
CA ASP A 48 -8.22 -4.89 -15.23
C ASP A 48 -6.77 -5.36 -15.08
N HIS A 49 -5.86 -4.39 -14.95
CA HIS A 49 -4.44 -4.71 -14.80
C HIS A 49 -3.93 -4.27 -13.43
N GLN A 50 -2.75 -4.76 -13.06
CA GLN A 50 -2.15 -4.41 -11.78
C GLN A 50 -1.01 -3.41 -11.96
N LEU A 51 -0.99 -2.39 -11.11
CA LEU A 51 0.04 -1.36 -11.18
C LEU A 51 1.18 -1.68 -10.22
N ASP A 52 2.38 -1.20 -10.55
CA ASP A 52 3.54 -1.43 -9.72
C ASP A 52 3.63 -0.39 -8.59
N ARG A 53 4.33 -0.74 -7.52
CA ARG A 53 4.48 0.16 -6.38
C ARG A 53 5.94 0.53 -6.18
N PHE A 54 6.84 -0.22 -6.82
CA PHE A 54 8.27 0.04 -6.70
C PHE A 54 8.77 0.84 -7.90
N LYS A 55 8.26 0.52 -9.08
CA LYS A 55 8.66 1.22 -10.29
C LYS A 55 8.34 2.70 -10.21
N VAL A 56 7.05 3.03 -10.10
CA VAL A 56 6.62 4.41 -10.00
C VAL A 56 7.37 5.15 -8.89
N LYS A 57 7.68 6.41 -9.14
CA LYS A 57 8.40 7.23 -8.17
C LYS A 57 7.72 8.59 -7.99
N GLU A 58 7.22 9.13 -9.10
CA GLU A 58 6.54 10.42 -9.06
C GLU A 58 5.21 10.33 -8.32
N VAL A 59 4.76 11.44 -7.77
CA VAL A 59 3.49 11.48 -7.04
C VAL A 59 2.81 12.84 -7.21
N GLN A 60 1.50 12.88 -6.92
CA GLN A 60 0.73 14.10 -7.04
C GLN A 60 0.04 14.43 -5.72
N CYS A 61 -0.01 15.71 -5.39
CA CYS A 61 -0.65 16.17 -4.16
C CYS A 61 -2.16 16.27 -4.34
N ILE A 62 -2.89 16.05 -3.24
CA ILE A 62 -4.35 16.12 -3.28
C ILE A 62 -4.85 17.38 -2.57
N ASN A 63 -3.95 18.07 -1.89
CA ASN A 63 -4.31 19.29 -1.17
C ASN A 63 -4.26 20.50 -2.09
N CYS A 64 -3.19 20.60 -2.87
CA CYS A 64 -3.03 21.72 -3.80
C CYS A 64 -2.77 21.21 -5.21
N GLU A 65 -3.15 19.96 -5.48
CA GLU A 65 -2.97 19.36 -6.79
C GLU A 65 -1.64 19.79 -7.40
N LYS A 66 -0.61 19.89 -6.55
CA LYS A 66 0.72 20.30 -7.02
C LYS A 66 1.55 19.08 -7.41
N LEU A 67 2.33 19.23 -8.47
CA LEU A 67 3.18 18.13 -8.95
C LEU A 67 4.49 18.07 -8.17
N GLN A 68 5.04 16.87 -8.03
CA GLN A 68 6.28 16.68 -7.30
C GLN A 68 6.76 15.24 -7.43
N HIS A 69 7.87 14.93 -6.76
CA HIS A 69 8.44 13.59 -6.79
C HIS A 69 8.19 12.86 -5.47
N ALA A 70 8.72 11.64 -5.37
CA ALA A 70 8.57 10.85 -4.16
C ALA A 70 9.07 11.59 -2.93
N GLN A 71 8.15 11.93 -2.03
CA GLN A 71 8.50 12.65 -0.83
C GLN A 71 7.50 12.36 0.29
N GLN A 72 7.70 12.99 1.45
CA GLN A 72 6.81 12.80 2.59
C GLN A 72 5.87 14.00 2.75
N THR A 73 6.34 15.17 2.34
CA THR A 73 5.56 16.39 2.45
C THR A 73 5.52 17.14 1.12
N CYS A 74 4.51 17.99 0.95
CA CYS A 74 4.37 18.77 -0.28
C CYS A 74 5.39 19.91 -0.31
N GLU A 75 5.62 20.44 -1.52
CA GLU A 75 6.57 21.53 -1.69
C GLU A 75 5.85 22.83 -2.00
N ASP A 76 4.52 22.81 -1.93
CA ASP A 76 3.71 23.99 -2.19
C ASP A 76 2.81 24.31 -1.01
N CYS A 77 2.33 23.27 -0.34
CA CYS A 77 1.45 23.44 0.82
C CYS A 77 2.06 22.81 2.07
N SER A 78 3.14 22.05 1.88
CA SER A 78 3.82 21.39 2.98
C SER A 78 2.85 20.54 3.78
N THR A 79 2.02 19.78 3.07
CA THR A 79 1.03 18.91 3.71
C THR A 79 1.60 17.51 3.91
N LEU A 80 1.63 17.06 5.17
CA LEU A 80 2.14 15.74 5.49
C LEU A 80 1.38 14.66 4.73
N PHE A 81 2.09 13.98 3.84
CA PHE A 81 1.48 12.91 3.04
C PHE A 81 1.46 11.60 3.81
N GLY A 82 1.76 11.68 5.10
CA GLY A 82 1.77 10.48 5.93
C GLY A 82 2.95 10.46 6.90
N GLU A 83 2.63 10.38 8.19
CA GLU A 83 3.67 10.35 9.22
C GLU A 83 4.86 9.48 8.78
N TYR A 84 4.55 8.29 8.27
CA TYR A 84 5.59 7.38 7.81
C TYR A 84 5.71 7.41 6.29
N TYR A 85 6.95 7.50 5.80
CA TYR A 85 7.21 7.54 4.37
C TYR A 85 8.32 6.57 3.99
N CYS A 86 7.99 5.59 3.16
CA CYS A 86 8.97 4.60 2.72
C CYS A 86 9.60 5.01 1.40
N SER A 87 10.91 4.76 1.27
CA SER A 87 11.63 5.12 0.06
C SER A 87 11.71 3.92 -0.90
N ILE A 88 11.79 2.72 -0.32
CA ILE A 88 11.87 1.50 -1.12
C ILE A 88 10.53 1.19 -1.77
N CYS A 89 9.48 1.14 -0.95
CA CYS A 89 8.14 0.84 -1.44
C CYS A 89 7.46 2.09 -1.97
N HIS A 90 7.97 3.26 -1.54
CA HIS A 90 7.41 4.53 -1.98
C HIS A 90 5.98 4.70 -1.47
N LEU A 91 5.70 4.12 -0.31
CA LEU A 91 4.36 4.20 0.28
C LEU A 91 4.34 5.21 1.42
N PHE A 92 3.16 5.76 1.69
CA PHE A 92 3.00 6.74 2.75
C PHE A 92 1.72 6.48 3.55
N ASP A 93 1.90 6.04 4.80
CA ASP A 93 0.76 5.75 5.68
C ASP A 93 0.90 6.49 7.00
N LYS A 94 -0.24 6.85 7.58
CA LYS A 94 -0.26 7.56 8.85
C LYS A 94 0.23 6.66 9.99
N ASP A 95 0.48 7.26 11.14
CA ASP A 95 0.95 6.51 12.31
C ASP A 95 0.02 5.33 12.60
N LYS A 96 0.31 4.19 11.98
CA LYS A 96 -0.49 2.99 12.16
C LYS A 96 0.39 1.81 12.57
N ARG A 97 1.40 2.08 13.39
CA ARG A 97 2.31 1.04 13.84
C ARG A 97 2.70 0.11 12.70
N GLN A 98 3.21 0.69 11.62
CA GLN A 98 3.62 -0.08 10.46
C GLN A 98 5.11 0.11 10.18
N TYR A 99 5.87 -0.98 10.33
CA TYR A 99 7.31 -0.93 10.09
C TYR A 99 7.65 -1.48 8.71
N HIS A 100 8.95 -1.62 8.44
CA HIS A 100 9.41 -2.13 7.16
C HIS A 100 10.39 -3.28 7.36
N CYS A 101 10.02 -4.47 6.87
CA CYS A 101 10.87 -5.64 6.99
C CYS A 101 11.90 -5.69 5.87
N GLU A 102 13.18 -5.82 6.26
CA GLU A 102 14.26 -5.87 5.29
C GLU A 102 14.27 -7.20 4.56
N SER A 103 13.98 -8.28 5.29
CA SER A 103 13.95 -9.62 4.70
C SER A 103 12.94 -9.69 3.55
N CYS A 104 11.89 -8.88 3.65
CA CYS A 104 10.86 -8.86 2.62
C CYS A 104 10.93 -7.57 1.81
N GLY A 105 11.92 -6.74 2.11
CA GLY A 105 12.08 -5.48 1.40
C GLY A 105 10.76 -4.77 1.18
N ILE A 106 9.79 -5.05 2.05
CA ILE A 106 8.47 -4.42 1.95
C ILE A 106 7.99 -3.94 3.31
N CYS A 107 6.89 -3.19 3.31
CA CYS A 107 6.32 -2.68 4.55
C CYS A 107 5.42 -3.71 5.22
N ARG A 108 5.46 -3.77 6.55
CA ARG A 108 4.66 -4.71 7.30
C ARG A 108 4.06 -4.05 8.53
N ILE A 109 2.89 -4.53 8.95
CA ILE A 109 2.20 -3.99 10.11
C ILE A 109 2.74 -4.61 11.39
N GLY A 110 2.97 -3.76 12.39
CA GLY A 110 3.49 -4.24 13.67
C GLY A 110 2.39 -4.43 14.70
N PRO A 111 2.70 -4.14 15.96
CA PRO A 111 4.02 -3.66 16.36
C PRO A 111 5.09 -4.74 16.25
N LYS A 112 6.14 -4.45 15.48
CA LYS A 112 7.23 -5.40 15.28
C LYS A 112 7.50 -6.18 16.56
N GLU A 113 7.41 -5.49 17.69
CA GLU A 113 7.65 -6.12 18.99
C GLU A 113 6.90 -7.44 19.10
N ASP A 114 5.59 -7.39 18.88
CA ASP A 114 4.75 -8.59 18.96
C ASP A 114 4.74 -9.33 17.63
N PHE A 115 5.87 -9.28 16.93
CA PHE A 115 5.98 -9.94 15.64
C PHE A 115 7.43 -10.31 15.34
N PHE A 116 7.64 -11.11 14.30
CA PHE A 116 8.98 -11.54 13.92
C PHE A 116 9.01 -12.00 12.47
N HIS A 117 10.20 -12.38 11.98
CA HIS A 117 10.36 -12.84 10.61
C HIS A 117 11.09 -14.18 10.58
N CYS A 118 10.39 -15.21 10.14
CA CYS A 118 10.97 -16.55 10.04
C CYS A 118 11.76 -16.72 8.76
N LEU A 119 12.89 -17.41 8.85
CA LEU A 119 13.74 -17.65 7.68
C LEU A 119 13.25 -18.84 6.88
N LYS A 120 13.23 -20.02 7.50
CA LYS A 120 12.77 -21.22 6.84
C LYS A 120 11.57 -20.94 5.94
N CYS A 121 10.71 -20.03 6.39
CA CYS A 121 9.52 -19.66 5.63
C CYS A 121 9.83 -18.55 4.64
N ASN A 122 10.75 -17.66 5.03
CA ASN A 122 11.13 -16.54 4.17
C ASN A 122 10.02 -15.50 4.11
N LEU A 123 9.37 -15.25 5.25
CA LEU A 123 8.29 -14.28 5.32
C LEU A 123 8.07 -13.82 6.76
N CYS A 124 7.27 -12.78 6.92
CA CYS A 124 6.97 -12.25 8.25
C CYS A 124 5.90 -13.09 8.94
N LEU A 125 5.97 -13.15 10.27
CA LEU A 125 5.01 -13.92 11.05
C LEU A 125 4.78 -13.27 12.41
N THR A 126 3.65 -13.60 13.02
CA THR A 126 3.31 -13.06 14.34
C THR A 126 3.90 -13.91 15.46
N THR A 127 4.36 -13.26 16.52
CA THR A 127 4.95 -13.96 17.65
C THR A 127 4.11 -15.17 18.04
N ASN A 128 2.79 -15.00 18.04
CA ASN A 128 1.88 -16.08 18.39
C ASN A 128 2.38 -17.41 17.84
N LEU A 129 2.99 -17.37 16.65
CA LEU A 129 3.51 -18.57 16.01
C LEU A 129 5.02 -18.68 16.20
N ARG A 130 5.48 -18.46 17.43
CA ARG A 130 6.90 -18.54 17.74
C ARG A 130 7.39 -19.98 17.68
N GLY A 131 8.15 -20.30 16.64
CA GLY A 131 8.67 -21.65 16.49
C GLY A 131 7.60 -22.71 16.66
N LYS A 132 6.40 -22.41 16.20
CA LYS A 132 5.28 -23.34 16.30
C LYS A 132 4.72 -23.68 14.92
N HIS A 133 4.66 -22.68 14.05
CA HIS A 133 4.15 -22.88 12.70
C HIS A 133 4.99 -23.91 11.95
N LYS A 134 4.46 -24.39 10.83
CA LYS A 134 5.15 -25.39 10.02
C LYS A 134 5.79 -24.74 8.80
N CYS A 135 7.12 -24.82 8.72
CA CYS A 135 7.85 -24.24 7.60
C CYS A 135 7.95 -25.23 6.44
N ILE A 136 8.67 -26.32 6.68
CA ILE A 136 8.84 -27.35 5.66
C ILE A 136 8.63 -28.74 6.24
N GLU A 137 8.27 -29.69 5.39
CA GLU A 137 8.05 -31.08 5.82
C GLU A 137 8.65 -32.06 4.82
N SER A 138 9.40 -33.03 5.34
CA SER A 138 10.05 -34.03 4.49
C SER A 138 9.62 -35.43 4.91
N GLY A 139 9.81 -35.74 6.19
CA GLY A 139 9.45 -37.06 6.70
C GLY A 139 10.52 -37.66 7.58
N PRO A 140 10.60 -37.18 8.83
CA PRO A 140 11.60 -37.66 9.80
C PRO A 140 11.31 -39.09 10.26
N SER A 141 10.25 -39.68 9.73
CA SER A 141 9.86 -41.04 10.08
C SER A 141 10.23 -42.02 8.97
N SER A 142 9.88 -41.65 7.74
CA SER A 142 10.16 -42.50 6.59
C SER A 142 11.27 -41.89 5.73
N GLY A 143 12.29 -42.68 5.41
CA GLY A 143 13.38 -42.20 4.60
C GLY A 143 13.25 -42.62 3.14
N GLY A 1 -13.31 -18.03 -32.23
CA GLY A 1 -13.71 -18.47 -30.90
C GLY A 1 -13.94 -17.31 -29.96
N SER A 2 -14.76 -16.35 -30.40
CA SER A 2 -15.05 -15.18 -29.58
C SER A 2 -15.57 -15.59 -28.21
N SER A 3 -15.81 -14.60 -27.35
CA SER A 3 -16.30 -14.85 -26.01
C SER A 3 -17.76 -14.44 -25.87
N GLY A 4 -18.06 -13.21 -26.25
CA GLY A 4 -19.42 -12.70 -26.16
C GLY A 4 -19.72 -12.07 -24.82
N SER A 5 -18.82 -11.20 -24.36
CA SER A 5 -18.99 -10.53 -23.08
C SER A 5 -19.02 -9.02 -23.26
N SER A 6 -19.65 -8.32 -22.31
CA SER A 6 -19.74 -6.86 -22.37
C SER A 6 -19.40 -6.25 -21.02
N GLY A 7 -19.20 -4.94 -21.02
CA GLY A 7 -18.86 -4.24 -19.79
C GLY A 7 -18.61 -2.76 -20.00
N GLY A 8 -19.01 -1.95 -19.03
CA GLY A 8 -18.82 -0.51 -19.14
C GLY A 8 -19.15 0.22 -17.85
N VAL A 9 -18.27 1.13 -17.45
CA VAL A 9 -18.46 1.89 -16.23
C VAL A 9 -19.44 3.05 -16.45
N ARG A 10 -20.12 3.45 -15.38
CA ARG A 10 -21.08 4.54 -15.45
C ARG A 10 -20.37 5.88 -15.58
N ASN A 11 -19.41 6.11 -14.70
CA ASN A 11 -18.66 7.36 -14.71
C ASN A 11 -17.46 7.29 -13.77
N LEU A 12 -16.32 7.79 -14.22
CA LEU A 12 -15.10 7.77 -13.42
C LEU A 12 -15.35 8.39 -12.04
N ALA A 13 -14.90 7.69 -11.00
CA ALA A 13 -15.07 8.17 -9.63
C ALA A 13 -13.73 8.56 -9.02
N GLN A 14 -13.78 9.01 -7.78
CA GLN A 14 -12.57 9.43 -7.07
C GLN A 14 -12.71 9.21 -5.57
N GLY A 15 -11.57 9.20 -4.88
CA GLY A 15 -11.60 9.01 -3.43
C GLY A 15 -10.27 9.35 -2.79
N PRO A 16 -9.73 10.53 -3.12
CA PRO A 16 -8.45 10.99 -2.57
C PRO A 16 -8.53 11.33 -1.08
N ARG A 17 -7.55 12.08 -0.59
CA ARG A 17 -7.52 12.47 0.81
C ARG A 17 -7.38 11.25 1.72
N GLY A 18 -6.75 10.20 1.19
CA GLY A 18 -6.56 8.99 1.96
C GLY A 18 -7.77 8.07 1.90
N CYS A 19 -7.56 6.84 1.46
CA CYS A 19 -8.63 5.87 1.36
C CYS A 19 -8.53 4.82 2.47
N GLU A 20 -9.58 4.01 2.62
CA GLU A 20 -9.61 2.97 3.65
C GLU A 20 -8.31 2.16 3.64
N HIS A 21 -7.66 2.13 2.48
CA HIS A 21 -6.40 1.39 2.33
C HIS A 21 -5.28 2.05 3.12
N TYR A 22 -4.92 3.27 2.73
CA TYR A 22 -3.86 4.00 3.40
C TYR A 22 -4.19 5.48 3.48
N ASP A 23 -3.88 6.10 4.62
CA ASP A 23 -4.14 7.51 4.83
C ASP A 23 -3.02 8.37 4.27
N ARG A 24 -3.15 8.77 3.00
CA ARG A 24 -2.14 9.59 2.35
C ARG A 24 -2.79 10.80 1.66
N ALA A 25 -2.02 11.87 1.52
CA ALA A 25 -2.51 13.08 0.88
C ALA A 25 -1.80 13.33 -0.45
N CYS A 26 -1.53 12.27 -1.18
CA CYS A 26 -0.84 12.37 -2.46
C CYS A 26 -1.11 11.13 -3.32
N LEU A 27 -1.54 11.37 -4.56
CA LEU A 27 -1.84 10.28 -5.48
C LEU A 27 -0.59 9.83 -6.22
N LEU A 28 -0.42 8.52 -6.35
CA LEU A 28 0.74 7.96 -7.04
C LEU A 28 0.47 7.80 -8.52
N LYS A 29 1.27 8.47 -9.35
CA LYS A 29 1.12 8.40 -10.79
C LYS A 29 1.18 6.95 -11.28
N ALA A 30 0.41 6.63 -12.31
CA ALA A 30 0.38 5.29 -12.87
C ALA A 30 1.14 5.23 -14.19
N PRO A 31 2.37 4.70 -14.15
CA PRO A 31 3.21 4.57 -15.33
C PRO A 31 2.68 3.53 -16.32
N CYS A 32 1.51 2.98 -16.01
CA CYS A 32 0.89 1.97 -16.88
C CYS A 32 -0.14 2.60 -17.80
N CYS A 33 -0.96 3.48 -17.24
CA CYS A 33 -2.00 4.16 -18.01
C CYS A 33 -1.86 5.68 -17.91
N ASP A 34 -0.84 6.11 -17.18
CA ASP A 34 -0.59 7.54 -17.00
C ASP A 34 -1.74 8.21 -16.25
N LYS A 35 -2.30 7.49 -15.29
CA LYS A 35 -3.41 8.01 -14.50
C LYS A 35 -3.00 8.19 -13.04
N LEU A 36 -3.88 8.80 -12.25
CA LEU A 36 -3.61 9.03 -10.84
C LEU A 36 -4.74 8.50 -9.97
N TYR A 37 -4.40 7.60 -9.05
CA TYR A 37 -5.38 7.02 -8.16
C TYR A 37 -4.91 7.07 -6.71
N THR A 38 -5.86 7.27 -5.79
CA THR A 38 -5.54 7.35 -4.37
C THR A 38 -4.34 6.47 -4.02
N CYS A 39 -4.53 5.15 -4.16
CA CYS A 39 -3.46 4.20 -3.86
C CYS A 39 -3.34 3.15 -4.97
N ARG A 40 -2.37 2.26 -4.83
CA ARG A 40 -2.15 1.22 -5.82
C ARG A 40 -3.34 0.27 -5.88
N LEU A 41 -3.93 -0.01 -4.71
CA LEU A 41 -5.07 -0.91 -4.63
C LEU A 41 -6.27 -0.33 -5.36
N CYS A 42 -6.41 0.99 -5.31
CA CYS A 42 -7.52 1.67 -5.97
C CYS A 42 -7.43 1.52 -7.48
N HIS A 43 -6.23 1.72 -8.02
CA HIS A 43 -6.02 1.60 -9.46
C HIS A 43 -6.67 0.34 -10.02
N ASP A 44 -6.21 -0.82 -9.55
CA ASP A 44 -6.76 -2.09 -9.99
C ASP A 44 -8.27 -2.14 -9.77
N THR A 45 -8.71 -1.58 -8.65
CA THR A 45 -10.13 -1.56 -8.31
C THR A 45 -10.93 -0.79 -9.35
N ASN A 46 -10.34 0.28 -9.87
CA ASN A 46 -11.01 1.11 -10.88
C ASN A 46 -10.38 0.89 -12.25
N GLU A 47 -9.79 -0.28 -12.45
CA GLU A 47 -9.16 -0.62 -13.72
C GLU A 47 -9.22 -2.12 -13.99
N ASP A 48 -8.78 -2.53 -15.17
CA ASP A 48 -8.79 -3.93 -15.54
C ASP A 48 -7.39 -4.54 -15.44
N HIS A 49 -6.38 -3.67 -15.44
CA HIS A 49 -5.00 -4.12 -15.35
C HIS A 49 -4.42 -3.78 -13.98
N GLN A 50 -3.35 -4.48 -13.62
CA GLN A 50 -2.69 -4.25 -12.33
C GLN A 50 -1.58 -3.21 -12.45
N LEU A 51 -1.48 -2.34 -11.46
CA LEU A 51 -0.48 -1.29 -11.46
C LEU A 51 0.68 -1.64 -10.51
N ASP A 52 1.86 -1.15 -10.82
CA ASP A 52 3.04 -1.40 -9.99
C ASP A 52 3.03 -0.53 -8.74
N ARG A 53 3.68 -1.01 -7.69
CA ARG A 53 3.74 -0.27 -6.43
C ARG A 53 5.18 0.05 -6.06
N PHE A 54 6.12 -0.64 -6.69
CA PHE A 54 7.54 -0.43 -6.42
C PHE A 54 8.18 0.38 -7.54
N LYS A 55 7.75 0.12 -8.77
CA LYS A 55 8.28 0.83 -9.94
C LYS A 55 8.02 2.33 -9.83
N VAL A 56 6.74 2.70 -9.81
CA VAL A 56 6.35 4.10 -9.71
C VAL A 56 7.07 4.79 -8.55
N LYS A 57 7.66 5.94 -8.83
CA LYS A 57 8.37 6.71 -7.81
C LYS A 57 7.79 8.11 -7.66
N GLU A 58 7.32 8.67 -8.77
CA GLU A 58 6.74 10.00 -8.77
C GLU A 58 5.39 10.01 -8.04
N VAL A 59 5.04 11.15 -7.46
CA VAL A 59 3.78 11.29 -6.74
C VAL A 59 3.24 12.71 -6.86
N GLN A 60 1.92 12.84 -6.74
CA GLN A 60 1.27 14.14 -6.82
C GLN A 60 0.53 14.47 -5.54
N CYS A 61 0.42 15.76 -5.22
CA CYS A 61 -0.26 16.20 -4.02
C CYS A 61 -1.77 16.32 -4.27
N ILE A 62 -2.55 16.12 -3.22
CA ILE A 62 -4.00 16.21 -3.31
C ILE A 62 -4.52 17.50 -2.70
N ASN A 63 -3.63 18.23 -2.04
CA ASN A 63 -4.00 19.50 -1.42
C ASN A 63 -3.78 20.67 -2.37
N CYS A 64 -2.63 20.68 -3.03
CA CYS A 64 -2.29 21.74 -3.97
C CYS A 64 -1.98 21.16 -5.35
N GLU A 65 -2.50 19.97 -5.61
CA GLU A 65 -2.27 19.30 -6.89
C GLU A 65 -0.92 19.68 -7.47
N LYS A 66 0.09 19.76 -6.60
CA LYS A 66 1.44 20.11 -7.02
C LYS A 66 2.23 18.86 -7.40
N LEU A 67 3.06 18.99 -8.43
CA LEU A 67 3.87 17.86 -8.90
C LEU A 67 5.15 17.74 -8.07
N GLN A 68 5.66 16.52 -7.95
CA GLN A 68 6.88 16.27 -7.19
C GLN A 68 7.31 14.82 -7.33
N HIS A 69 8.36 14.45 -6.60
CA HIS A 69 8.88 13.09 -6.65
C HIS A 69 8.60 12.36 -5.33
N ALA A 70 9.12 11.14 -5.21
CA ALA A 70 8.94 10.35 -4.01
C ALA A 70 9.40 11.11 -2.76
N GLN A 71 8.45 11.41 -1.88
CA GLN A 71 8.76 12.13 -0.65
C GLN A 71 7.70 11.88 0.42
N GLN A 72 7.88 12.49 1.58
CA GLN A 72 6.94 12.33 2.68
C GLN A 72 6.06 13.57 2.83
N THR A 73 6.62 14.73 2.50
CA THR A 73 5.89 15.99 2.60
C THR A 73 5.92 16.75 1.28
N CYS A 74 4.96 17.65 1.10
CA CYS A 74 4.88 18.44 -0.13
C CYS A 74 5.93 19.53 -0.13
N GLU A 75 6.22 20.07 -1.32
CA GLU A 75 7.21 21.14 -1.46
C GLU A 75 6.53 22.47 -1.77
N ASP A 76 5.21 22.49 -1.73
CA ASP A 76 4.45 23.69 -2.01
C ASP A 76 3.51 24.03 -0.84
N CYS A 77 3.02 23.00 -0.18
CA CYS A 77 2.11 23.19 0.96
C CYS A 77 2.67 22.51 2.21
N SER A 78 3.71 21.71 2.03
CA SER A 78 4.33 21.01 3.15
C SER A 78 3.30 20.17 3.90
N THR A 79 2.44 19.49 3.15
CA THR A 79 1.40 18.66 3.74
C THR A 79 1.89 17.23 3.95
N LEU A 80 1.96 16.80 5.21
CA LEU A 80 2.42 15.46 5.53
C LEU A 80 1.61 14.41 4.77
N PHE A 81 2.28 13.73 3.84
CA PHE A 81 1.63 12.70 3.03
C PHE A 81 1.51 11.39 3.82
N GLY A 82 1.80 11.45 5.11
CA GLY A 82 1.73 10.28 5.95
C GLY A 82 2.93 10.14 6.86
N GLU A 83 2.67 10.05 8.17
CA GLU A 83 3.74 9.92 9.15
C GLU A 83 4.78 8.89 8.70
N TYR A 84 4.30 7.77 8.17
CA TYR A 84 5.18 6.71 7.69
C TYR A 84 5.39 6.81 6.19
N TYR A 85 6.65 6.97 5.79
CA TYR A 85 6.99 7.07 4.38
C TYR A 85 8.04 6.03 3.98
N CYS A 86 7.60 5.01 3.24
CA CYS A 86 8.49 3.96 2.80
C CYS A 86 9.22 4.35 1.52
N SER A 87 10.44 3.84 1.35
CA SER A 87 11.23 4.15 0.18
C SER A 87 11.24 2.99 -0.80
N ILE A 88 11.21 1.77 -0.26
CA ILE A 88 11.20 0.57 -1.09
C ILE A 88 9.84 0.38 -1.76
N CYS A 89 8.78 0.35 -0.96
CA CYS A 89 7.44 0.17 -1.49
C CYS A 89 6.85 1.50 -1.95
N HIS A 90 7.48 2.59 -1.53
CA HIS A 90 7.03 3.93 -1.90
C HIS A 90 5.57 4.15 -1.48
N LEU A 91 5.23 3.68 -0.28
CA LEU A 91 3.88 3.82 0.23
C LEU A 91 3.84 4.80 1.40
N PHE A 92 2.68 5.41 1.62
CA PHE A 92 2.51 6.36 2.71
C PHE A 92 1.24 6.09 3.49
N ASP A 93 1.39 5.72 4.76
CA ASP A 93 0.25 5.43 5.61
C ASP A 93 0.38 6.13 6.97
N LYS A 94 -0.65 6.87 7.35
CA LYS A 94 -0.66 7.58 8.62
C LYS A 94 -0.21 6.67 9.76
N ASP A 95 0.04 7.26 10.92
CA ASP A 95 0.47 6.51 12.09
C ASP A 95 -0.53 5.38 12.40
N LYS A 96 -0.22 4.18 11.93
CA LYS A 96 -1.08 3.02 12.16
C LYS A 96 -0.27 1.81 12.57
N ARG A 97 0.62 2.01 13.54
CA ARG A 97 1.46 0.93 14.04
C ARG A 97 1.83 -0.04 12.91
N GLN A 98 2.38 0.51 11.83
CA GLN A 98 2.77 -0.29 10.68
C GLN A 98 4.25 -0.09 10.35
N TYR A 99 5.00 -1.18 10.31
CA TYR A 99 6.43 -1.13 10.01
C TYR A 99 6.73 -1.79 8.67
N HIS A 100 8.02 -1.90 8.34
CA HIS A 100 8.44 -2.51 7.09
C HIS A 100 9.53 -3.55 7.34
N CYS A 101 9.52 -4.62 6.55
CA CYS A 101 10.50 -5.69 6.69
C CYS A 101 11.41 -5.74 5.45
N GLU A 102 12.71 -5.67 5.68
CA GLU A 102 13.68 -5.71 4.59
C GLU A 102 13.73 -7.11 3.98
N SER A 103 13.73 -8.14 4.83
CA SER A 103 13.79 -9.51 4.36
C SER A 103 12.70 -9.78 3.33
N CYS A 104 11.55 -9.14 3.50
CA CYS A 104 10.43 -9.30 2.59
C CYS A 104 10.30 -8.09 1.67
N GLY A 105 11.23 -7.15 1.79
CA GLY A 105 11.20 -5.96 0.97
C GLY A 105 9.81 -5.39 0.82
N ILE A 106 8.96 -5.65 1.80
CA ILE A 106 7.59 -5.15 1.78
C ILE A 106 7.18 -4.59 3.15
N CYS A 107 6.04 -3.92 3.19
CA CYS A 107 5.55 -3.35 4.43
C CYS A 107 4.58 -4.30 5.13
N ARG A 108 4.49 -4.18 6.45
CA ARG A 108 3.61 -5.04 7.25
C ARG A 108 3.15 -4.32 8.51
N ILE A 109 2.01 -4.73 9.03
CA ILE A 109 1.47 -4.13 10.25
C ILE A 109 2.10 -4.75 11.50
N GLY A 110 2.33 -3.91 12.51
CA GLY A 110 2.93 -4.39 13.75
C GLY A 110 1.89 -4.70 14.80
N PRO A 111 2.22 -4.39 16.07
CA PRO A 111 3.51 -3.79 16.42
C PRO A 111 4.67 -4.77 16.25
N LYS A 112 5.67 -4.35 15.49
CA LYS A 112 6.84 -5.19 15.25
C LYS A 112 7.22 -5.97 16.50
N GLU A 113 7.09 -5.32 17.66
CA GLU A 113 7.42 -5.95 18.92
C GLU A 113 6.75 -7.33 19.04
N ASP A 114 5.45 -7.36 18.80
CA ASP A 114 4.69 -8.61 18.87
C ASP A 114 4.77 -9.37 17.55
N PHE A 115 5.91 -9.25 16.88
CA PHE A 115 6.11 -9.92 15.60
C PHE A 115 7.59 -10.18 15.35
N PHE A 116 7.88 -10.99 14.33
CA PHE A 116 9.26 -11.32 13.99
C PHE A 116 9.35 -11.85 12.56
N HIS A 117 10.57 -12.13 12.12
CA HIS A 117 10.79 -12.65 10.77
C HIS A 117 11.73 -13.86 10.81
N CYS A 118 11.29 -14.96 10.19
CA CYS A 118 12.09 -16.17 10.15
C CYS A 118 12.91 -16.25 8.87
N LEU A 119 14.11 -16.81 8.98
CA LEU A 119 15.00 -16.94 7.83
C LEU A 119 14.64 -18.16 6.99
N LYS A 120 14.79 -19.34 7.58
CA LYS A 120 14.47 -20.58 6.89
C LYS A 120 13.16 -20.45 6.11
N CYS A 121 12.15 -19.86 6.74
CA CYS A 121 10.86 -19.68 6.09
C CYS A 121 10.90 -18.49 5.12
N ASN A 122 11.81 -17.56 5.37
CA ASN A 122 11.95 -16.39 4.51
C ASN A 122 10.64 -15.60 4.45
N LEU A 123 10.10 -15.26 5.60
CA LEU A 123 8.85 -14.51 5.67
C LEU A 123 8.65 -13.92 7.07
N CYS A 124 7.53 -13.22 7.25
CA CYS A 124 7.22 -12.61 8.53
C CYS A 124 6.22 -13.47 9.32
N LEU A 125 6.46 -13.60 10.62
CA LEU A 125 5.59 -14.39 11.47
C LEU A 125 5.42 -13.72 12.84
N THR A 126 4.19 -13.76 13.35
CA THR A 126 3.89 -13.15 14.64
C THR A 126 4.50 -13.97 15.78
N THR A 127 4.93 -13.27 16.83
CA THR A 127 5.54 -13.92 17.98
C THR A 127 4.74 -15.15 18.40
N ASN A 128 3.43 -15.02 18.40
CA ASN A 128 2.54 -16.12 18.78
C ASN A 128 3.04 -17.44 18.20
N LEU A 129 3.55 -17.40 16.98
CA LEU A 129 4.06 -18.58 16.31
C LEU A 129 5.59 -18.59 16.30
N ARG A 130 6.18 -18.28 17.45
CA ARG A 130 7.63 -18.25 17.59
C ARG A 130 8.23 -19.64 17.38
N GLY A 131 7.84 -20.58 18.26
CA GLY A 131 8.35 -21.93 18.16
C GLY A 131 7.25 -22.94 17.87
N LYS A 132 6.38 -22.59 16.94
CA LYS A 132 5.27 -23.47 16.56
C LYS A 132 5.31 -23.79 15.07
N HIS A 133 5.41 -22.74 14.25
CA HIS A 133 5.46 -22.92 12.80
C HIS A 133 6.65 -23.80 12.40
N LYS A 134 6.63 -24.28 11.16
CA LYS A 134 7.70 -25.11 10.65
C LYS A 134 8.40 -24.46 9.47
N CYS A 135 9.68 -24.77 9.29
CA CYS A 135 10.45 -24.22 8.19
C CYS A 135 10.86 -25.30 7.20
N ILE A 136 11.29 -26.44 7.71
CA ILE A 136 11.70 -27.56 6.88
C ILE A 136 10.50 -28.38 6.43
N GLU A 137 10.60 -28.98 5.24
CA GLU A 137 9.51 -29.79 4.69
C GLU A 137 9.45 -31.14 5.39
N SER A 138 8.59 -31.24 6.40
CA SER A 138 8.43 -32.49 7.14
C SER A 138 7.23 -33.28 6.65
N GLY A 139 7.48 -34.47 6.11
CA GLY A 139 6.40 -35.30 5.60
C GLY A 139 5.88 -34.81 4.26
N PRO A 140 5.41 -35.76 3.43
CA PRO A 140 4.88 -35.45 2.11
C PRO A 140 3.54 -34.72 2.18
N SER A 141 2.99 -34.64 3.39
CA SER A 141 1.71 -33.98 3.60
C SER A 141 1.82 -32.49 3.33
N SER A 142 2.87 -31.87 3.86
CA SER A 142 3.09 -30.44 3.69
C SER A 142 3.65 -30.14 2.29
N GLY A 143 3.07 -29.15 1.64
CA GLY A 143 3.52 -28.78 0.31
C GLY A 143 3.71 -27.28 0.15
N GLY A 1 -47.83 -1.15 7.19
CA GLY A 1 -48.38 0.14 7.52
C GLY A 1 -48.89 0.88 6.30
N SER A 2 -48.20 1.95 5.92
CA SER A 2 -48.59 2.76 4.77
C SER A 2 -47.60 2.57 3.62
N SER A 3 -48.01 3.00 2.43
CA SER A 3 -47.16 2.88 1.24
C SER A 3 -46.59 4.23 0.85
N GLY A 4 -45.50 4.20 0.09
CA GLY A 4 -44.86 5.44 -0.34
C GLY A 4 -43.73 5.18 -1.32
N SER A 5 -43.27 6.25 -1.97
CA SER A 5 -42.18 6.14 -2.94
C SER A 5 -41.08 7.16 -2.64
N SER A 6 -39.84 6.70 -2.61
CA SER A 6 -38.70 7.57 -2.33
C SER A 6 -37.41 6.96 -2.88
N GLY A 7 -36.35 7.76 -2.90
CA GLY A 7 -35.07 7.29 -3.40
C GLY A 7 -34.24 8.40 -4.01
N GLY A 8 -33.40 9.02 -3.18
CA GLY A 8 -32.55 10.09 -3.66
C GLY A 8 -31.35 9.59 -4.46
N VAL A 9 -30.23 9.43 -3.78
CA VAL A 9 -29.01 8.94 -4.43
C VAL A 9 -27.91 8.68 -3.41
N ARG A 10 -27.12 7.65 -3.66
CA ARG A 10 -26.02 7.29 -2.76
C ARG A 10 -24.71 7.88 -3.25
N ASN A 11 -24.21 8.88 -2.53
CA ASN A 11 -22.96 9.53 -2.89
C ASN A 11 -21.88 8.50 -3.23
N LEU A 12 -20.87 8.93 -3.96
CA LEU A 12 -19.77 8.04 -4.36
C LEU A 12 -18.61 8.13 -3.38
N ALA A 13 -18.27 7.01 -2.75
CA ALA A 13 -17.18 6.97 -1.79
C ALA A 13 -15.93 7.63 -2.36
N GLN A 14 -15.64 8.83 -1.90
CA GLN A 14 -14.47 9.57 -2.36
C GLN A 14 -13.51 9.85 -1.21
N GLY A 15 -12.30 9.28 -1.30
CA GLY A 15 -11.31 9.47 -0.26
C GLY A 15 -9.91 9.62 -0.83
N PRO A 16 -9.70 10.67 -1.64
CA PRO A 16 -8.40 10.94 -2.25
C PRO A 16 -7.36 11.41 -1.24
N ARG A 17 -7.83 11.81 -0.06
CA ARG A 17 -6.94 12.28 1.00
C ARG A 17 -6.75 11.19 2.06
N GLY A 18 -6.72 9.94 1.63
CA GLY A 18 -6.54 8.84 2.55
C GLY A 18 -7.65 7.82 2.44
N CYS A 19 -7.33 6.66 1.86
CA CYS A 19 -8.32 5.59 1.69
C CYS A 19 -8.23 4.60 2.85
N GLU A 20 -9.24 3.75 2.96
CA GLU A 20 -9.28 2.75 4.02
C GLU A 20 -7.97 1.97 4.08
N HIS A 21 -7.26 1.91 2.96
CA HIS A 21 -5.99 1.21 2.88
C HIS A 21 -4.92 1.95 3.68
N TYR A 22 -4.56 3.14 3.22
CA TYR A 22 -3.55 3.94 3.89
C TYR A 22 -3.98 5.40 3.99
N ASP A 23 -3.32 6.14 4.87
CA ASP A 23 -3.64 7.56 5.06
C ASP A 23 -2.59 8.45 4.41
N ARG A 24 -2.84 8.83 3.15
CA ARG A 24 -1.93 9.68 2.41
C ARG A 24 -2.68 10.80 1.70
N ALA A 25 -1.97 11.90 1.45
CA ALA A 25 -2.58 13.05 0.78
C ALA A 25 -1.92 13.30 -0.57
N CYS A 26 -1.60 12.22 -1.27
CA CYS A 26 -0.96 12.31 -2.58
C CYS A 26 -1.19 11.05 -3.40
N LEU A 27 -1.64 11.22 -4.64
CA LEU A 27 -1.91 10.09 -5.51
C LEU A 27 -0.65 9.65 -6.24
N LEU A 28 -0.45 8.34 -6.33
CA LEU A 28 0.72 7.79 -7.01
C LEU A 28 0.45 7.56 -8.49
N LYS A 29 1.28 8.18 -9.33
CA LYS A 29 1.14 8.05 -10.78
C LYS A 29 1.20 6.59 -11.21
N ALA A 30 0.41 6.23 -12.21
CA ALA A 30 0.38 4.87 -12.71
C ALA A 30 1.11 4.76 -14.04
N PRO A 31 2.34 4.22 -14.00
CA PRO A 31 3.16 4.05 -15.19
C PRO A 31 2.63 2.97 -16.12
N CYS A 32 1.48 2.40 -15.77
CA CYS A 32 0.85 1.36 -16.57
C CYS A 32 -0.18 1.95 -17.52
N CYS A 33 -1.00 2.87 -17.01
CA CYS A 33 -2.04 3.51 -17.81
C CYS A 33 -1.95 5.02 -17.69
N ASP A 34 -0.84 5.51 -17.14
CA ASP A 34 -0.63 6.94 -16.97
C ASP A 34 -1.76 7.57 -16.17
N LYS A 35 -2.41 6.76 -15.34
CA LYS A 35 -3.51 7.24 -14.52
C LYS A 35 -3.06 7.49 -13.09
N LEU A 36 -3.91 8.13 -12.30
CA LEU A 36 -3.60 8.43 -10.91
C LEU A 36 -4.71 7.93 -9.98
N TYR A 37 -4.32 7.14 -8.98
CA TYR A 37 -5.28 6.60 -8.02
C TYR A 37 -4.76 6.75 -6.59
N THR A 38 -5.68 6.98 -5.66
CA THR A 38 -5.32 7.15 -4.25
C THR A 38 -4.11 6.29 -3.89
N CYS A 39 -4.28 4.98 -3.96
CA CYS A 39 -3.19 4.05 -3.64
C CYS A 39 -3.07 2.97 -4.71
N ARG A 40 -2.14 2.05 -4.49
CA ARG A 40 -1.91 0.96 -5.44
C ARG A 40 -3.08 -0.04 -5.41
N LEU A 41 -3.63 -0.25 -4.22
CA LEU A 41 -4.74 -1.19 -4.05
C LEU A 41 -6.01 -0.63 -4.68
N CYS A 42 -6.05 0.69 -4.84
CA CYS A 42 -7.21 1.35 -5.44
C CYS A 42 -7.21 1.20 -6.95
N HIS A 43 -6.02 1.33 -7.55
CA HIS A 43 -5.89 1.21 -9.00
C HIS A 43 -6.54 -0.07 -9.50
N ASP A 44 -6.02 -1.21 -9.06
CA ASP A 44 -6.56 -2.50 -9.47
C ASP A 44 -8.06 -2.58 -9.20
N THR A 45 -8.47 -2.08 -8.03
CA THR A 45 -9.88 -2.10 -7.65
C THR A 45 -10.74 -1.42 -8.71
N ASN A 46 -10.23 -0.32 -9.28
CA ASN A 46 -10.95 0.41 -10.30
C ASN A 46 -10.35 0.18 -11.67
N GLU A 47 -9.63 -0.94 -11.82
CA GLU A 47 -9.00 -1.28 -13.09
C GLU A 47 -9.04 -2.78 -13.33
N ASP A 48 -8.54 -3.21 -14.48
CA ASP A 48 -8.53 -4.62 -14.84
C ASP A 48 -7.12 -5.20 -14.74
N HIS A 49 -6.12 -4.32 -14.81
CA HIS A 49 -4.73 -4.75 -14.72
C HIS A 49 -4.12 -4.36 -13.39
N GLN A 50 -3.06 -5.05 -12.99
CA GLN A 50 -2.38 -4.77 -11.73
C GLN A 50 -1.30 -3.70 -11.90
N LEU A 51 -1.30 -2.72 -11.02
CA LEU A 51 -0.33 -1.63 -11.08
C LEU A 51 0.88 -1.95 -10.19
N ASP A 52 2.03 -1.36 -10.54
CA ASP A 52 3.25 -1.57 -9.78
C ASP A 52 3.32 -0.61 -8.60
N ARG A 53 4.06 -1.00 -7.57
CA ARG A 53 4.22 -0.18 -6.38
C ARG A 53 5.67 0.23 -6.18
N PHE A 54 6.58 -0.46 -6.87
CA PHE A 54 8.01 -0.17 -6.77
C PHE A 54 8.48 0.67 -7.94
N LYS A 55 7.99 0.34 -9.13
CA LYS A 55 8.36 1.07 -10.35
C LYS A 55 8.09 2.56 -10.18
N VAL A 56 6.81 2.92 -10.03
CA VAL A 56 6.43 4.32 -9.85
C VAL A 56 7.28 5.00 -8.79
N LYS A 57 7.65 6.25 -9.05
CA LYS A 57 8.47 7.02 -8.12
C LYS A 57 7.87 8.40 -7.88
N GLU A 58 7.27 8.97 -8.92
CA GLU A 58 6.65 10.29 -8.81
C GLU A 58 5.35 10.22 -8.03
N VAL A 59 4.87 11.38 -7.58
CA VAL A 59 3.63 11.44 -6.82
C VAL A 59 2.93 12.78 -7.02
N GLN A 60 1.61 12.79 -6.86
CA GLN A 60 0.83 14.02 -7.02
C GLN A 60 0.10 14.38 -5.73
N CYS A 61 0.07 15.66 -5.41
CA CYS A 61 -0.60 16.14 -4.20
C CYS A 61 -2.11 16.21 -4.40
N ILE A 62 -2.85 16.02 -3.32
CA ILE A 62 -4.31 16.08 -3.38
C ILE A 62 -4.83 17.39 -2.81
N ASN A 63 -3.95 18.15 -2.19
CA ASN A 63 -4.32 19.43 -1.59
C ASN A 63 -4.16 20.57 -2.60
N CYS A 64 -2.98 20.68 -3.18
CA CYS A 64 -2.70 21.73 -4.16
C CYS A 64 -2.44 21.12 -5.53
N GLU A 65 -2.93 19.91 -5.74
CA GLU A 65 -2.76 19.22 -7.02
C GLU A 65 -1.45 19.63 -7.68
N LYS A 66 -0.38 19.66 -6.91
CA LYS A 66 0.93 20.04 -7.41
C LYS A 66 1.78 18.80 -7.71
N LEU A 67 2.55 18.87 -8.79
CA LEU A 67 3.41 17.75 -9.18
C LEU A 67 4.70 17.74 -8.34
N GLN A 68 5.27 16.55 -8.17
CA GLN A 68 6.50 16.40 -7.40
C GLN A 68 7.03 14.98 -7.48
N HIS A 69 8.10 14.70 -6.76
CA HIS A 69 8.71 13.37 -6.75
C HIS A 69 8.53 12.71 -5.39
N ALA A 70 8.95 11.45 -5.30
CA ALA A 70 8.84 10.70 -4.05
C ALA A 70 9.32 11.53 -2.87
N GLN A 71 8.41 11.81 -1.93
CA GLN A 71 8.74 12.59 -0.75
C GLN A 71 7.74 12.33 0.37
N GLN A 72 7.92 13.03 1.49
CA GLN A 72 7.04 12.88 2.63
C GLN A 72 6.09 14.07 2.75
N THR A 73 6.58 15.25 2.40
CA THR A 73 5.78 16.46 2.47
C THR A 73 5.78 17.20 1.14
N CYS A 74 4.71 17.94 0.87
CA CYS A 74 4.59 18.70 -0.37
C CYS A 74 5.63 19.82 -0.43
N GLU A 75 5.82 20.38 -1.61
CA GLU A 75 6.77 21.46 -1.80
C GLU A 75 6.06 22.78 -2.11
N ASP A 76 4.74 22.76 -2.04
CA ASP A 76 3.94 23.95 -2.31
C ASP A 76 3.01 24.25 -1.14
N CYS A 77 2.52 23.21 -0.50
CA CYS A 77 1.61 23.36 0.64
C CYS A 77 2.20 22.72 1.89
N SER A 78 3.29 21.99 1.73
CA SER A 78 3.94 21.33 2.84
C SER A 78 2.96 20.48 3.63
N THR A 79 2.17 19.68 2.91
CA THR A 79 1.17 18.82 3.54
C THR A 79 1.73 17.41 3.76
N LEU A 80 1.86 17.03 5.03
CA LEU A 80 2.38 15.72 5.38
C LEU A 80 1.61 14.62 4.66
N PHE A 81 2.27 13.97 3.70
CA PHE A 81 1.64 12.90 2.93
C PHE A 81 1.62 11.61 3.73
N GLY A 82 1.95 11.70 5.02
CA GLY A 82 1.97 10.53 5.86
C GLY A 82 3.14 10.53 6.83
N GLU A 83 2.85 10.40 8.11
CA GLU A 83 3.89 10.38 9.13
C GLU A 83 5.04 9.46 8.72
N TYR A 84 4.70 8.30 8.17
CA TYR A 84 5.69 7.33 7.73
C TYR A 84 5.83 7.34 6.22
N TYR A 85 7.07 7.48 5.75
CA TYR A 85 7.34 7.51 4.31
C TYR A 85 8.44 6.51 3.95
N CYS A 86 8.10 5.55 3.09
CA CYS A 86 9.04 4.54 2.66
C CYS A 86 9.71 4.94 1.35
N SER A 87 10.98 4.55 1.18
CA SER A 87 11.72 4.87 -0.02
C SER A 87 11.75 3.69 -0.98
N ILE A 88 11.77 2.48 -0.41
CA ILE A 88 11.80 1.26 -1.22
C ILE A 88 10.45 1.02 -1.89
N CYS A 89 9.39 0.99 -1.07
CA CYS A 89 8.05 0.76 -1.58
C CYS A 89 7.40 2.07 -2.03
N HIS A 90 7.96 3.18 -1.56
CA HIS A 90 7.44 4.50 -1.92
C HIS A 90 6.01 4.67 -1.44
N LEU A 91 5.73 4.17 -0.23
CA LEU A 91 4.40 4.27 0.34
C LEU A 91 4.38 5.26 1.50
N PHE A 92 3.19 5.82 1.77
CA PHE A 92 3.05 6.78 2.86
C PHE A 92 1.77 6.52 3.64
N ASP A 93 1.91 6.11 4.90
CA ASP A 93 0.76 5.82 5.74
C ASP A 93 0.91 6.52 7.10
N LYS A 94 -0.22 6.86 7.70
CA LYS A 94 -0.23 7.54 9.00
C LYS A 94 0.29 6.61 10.09
N ASP A 95 0.44 7.15 11.30
CA ASP A 95 0.92 6.37 12.43
C ASP A 95 -0.02 5.21 12.74
N LYS A 96 0.10 4.14 11.96
CA LYS A 96 -0.74 2.96 12.16
C LYS A 96 0.10 1.73 12.51
N ARG A 97 1.11 1.95 13.35
CA ARG A 97 1.99 0.86 13.77
C ARG A 97 2.39 0.00 12.58
N GLN A 98 2.95 0.64 11.56
CA GLN A 98 3.37 -0.07 10.35
C GLN A 98 4.90 -0.06 10.24
N TYR A 99 5.50 -1.24 10.32
CA TYR A 99 6.96 -1.37 10.22
C TYR A 99 7.35 -2.06 8.93
N HIS A 100 8.47 -1.62 8.36
CA HIS A 100 8.97 -2.20 7.10
C HIS A 100 10.01 -3.28 7.38
N CYS A 101 9.77 -4.48 6.84
CA CYS A 101 10.67 -5.59 7.02
C CYS A 101 11.76 -5.60 5.95
N GLU A 102 13.02 -5.60 6.38
CA GLU A 102 14.15 -5.61 5.46
C GLU A 102 14.23 -6.93 4.71
N SER A 103 14.14 -8.03 5.45
CA SER A 103 14.20 -9.36 4.86
C SER A 103 13.23 -9.49 3.70
N CYS A 104 12.09 -8.82 3.81
CA CYS A 104 11.06 -8.86 2.78
C CYS A 104 11.11 -7.59 1.92
N GLY A 105 12.04 -6.70 2.25
CA GLY A 105 12.16 -5.45 1.51
C GLY A 105 10.82 -4.82 1.19
N ILE A 106 9.85 -5.03 2.08
CA ILE A 106 8.52 -4.46 1.91
C ILE A 106 7.96 -3.94 3.23
N CYS A 107 6.82 -3.27 3.15
CA CYS A 107 6.18 -2.70 4.33
C CYS A 107 5.29 -3.74 5.01
N ARG A 108 5.15 -3.64 6.32
CA ARG A 108 4.33 -4.57 7.08
C ARG A 108 3.69 -3.87 8.28
N ILE A 109 2.74 -4.56 8.92
CA ILE A 109 2.05 -4.01 10.08
C ILE A 109 2.55 -4.65 11.37
N GLY A 110 2.46 -3.91 12.47
CA GLY A 110 2.91 -4.42 13.75
C GLY A 110 1.76 -4.68 14.70
N PRO A 111 1.99 -4.42 16.00
CA PRO A 111 3.27 -3.92 16.48
C PRO A 111 4.37 -4.98 16.40
N LYS A 112 5.43 -4.65 15.68
CA LYS A 112 6.56 -5.56 15.51
C LYS A 112 6.80 -6.37 16.78
N GLU A 113 6.65 -5.72 17.93
CA GLU A 113 6.84 -6.37 19.21
C GLU A 113 6.20 -7.76 19.22
N ASP A 114 4.89 -7.80 18.97
CA ASP A 114 4.16 -9.06 18.94
C ASP A 114 4.26 -9.72 17.57
N PHE A 115 5.45 -9.64 16.97
CA PHE A 115 5.67 -10.22 15.66
C PHE A 115 7.16 -10.49 15.43
N PHE A 116 7.46 -11.23 14.37
CA PHE A 116 8.86 -11.57 14.05
C PHE A 116 8.97 -12.03 12.60
N HIS A 117 10.20 -12.35 12.19
CA HIS A 117 10.45 -12.81 10.83
C HIS A 117 11.33 -14.06 10.84
N CYS A 118 10.85 -15.12 10.19
CA CYS A 118 11.59 -16.37 10.12
C CYS A 118 12.42 -16.44 8.83
N LEU A 119 13.64 -16.97 8.95
CA LEU A 119 14.53 -17.09 7.80
C LEU A 119 14.10 -18.25 6.91
N LYS A 120 14.27 -19.48 7.42
CA LYS A 120 13.91 -20.67 6.66
C LYS A 120 12.65 -20.42 5.84
N CYS A 121 11.68 -19.74 6.43
CA CYS A 121 10.42 -19.44 5.75
C CYS A 121 10.60 -18.27 4.78
N ASN A 122 11.39 -17.29 5.18
CA ASN A 122 11.65 -16.12 4.35
C ASN A 122 10.42 -15.22 4.29
N LEU A 123 9.74 -15.08 5.43
CA LEU A 123 8.55 -14.24 5.51
C LEU A 123 8.31 -13.77 6.95
N CYS A 124 7.34 -12.89 7.12
CA CYS A 124 7.00 -12.37 8.44
C CYS A 124 5.94 -13.23 9.12
N LEU A 125 6.09 -13.44 10.42
CA LEU A 125 5.13 -14.23 11.18
C LEU A 125 4.84 -13.61 12.53
N THR A 126 3.68 -13.90 13.08
CA THR A 126 3.27 -13.36 14.38
C THR A 126 3.87 -14.17 15.52
N THR A 127 4.25 -13.49 16.60
CA THR A 127 4.83 -14.16 17.76
C THR A 127 3.98 -15.34 18.19
N ASN A 128 2.67 -15.24 18.00
CA ASN A 128 1.76 -16.30 18.37
C ASN A 128 2.19 -17.64 17.77
N LEU A 129 2.71 -17.58 16.55
CA LEU A 129 3.17 -18.78 15.85
C LEU A 129 4.67 -18.99 16.06
N ARG A 130 5.13 -18.76 17.28
CA ARG A 130 6.54 -18.93 17.61
C ARG A 130 6.98 -20.37 17.40
N GLY A 131 7.59 -20.64 16.25
CA GLY A 131 8.06 -21.98 15.94
C GLY A 131 6.93 -22.88 15.47
N LYS A 132 5.78 -22.79 16.13
CA LYS A 132 4.62 -23.60 15.78
C LYS A 132 4.52 -23.78 14.27
N HIS A 133 4.74 -22.69 13.53
CA HIS A 133 4.67 -22.74 12.08
C HIS A 133 5.71 -23.68 11.51
N LYS A 134 5.57 -24.03 10.24
CA LYS A 134 6.51 -24.93 9.58
C LYS A 134 7.38 -24.18 8.59
N CYS A 135 8.67 -24.52 8.56
CA CYS A 135 9.61 -23.88 7.66
C CYS A 135 10.02 -24.83 6.54
N ILE A 136 10.27 -26.07 6.88
CA ILE A 136 10.67 -27.08 5.91
C ILE A 136 9.68 -28.25 5.89
N GLU A 137 9.55 -28.88 4.73
CA GLU A 137 8.64 -30.02 4.57
C GLU A 137 9.37 -31.32 4.87
N SER A 138 8.59 -32.35 5.22
CA SER A 138 9.15 -33.66 5.53
C SER A 138 8.36 -34.76 4.86
N GLY A 139 7.07 -34.85 5.19
CA GLY A 139 6.22 -35.87 4.61
C GLY A 139 5.18 -35.29 3.65
N PRO A 140 5.48 -35.36 2.34
CA PRO A 140 4.58 -34.83 1.31
C PRO A 140 3.31 -35.67 1.16
N SER A 141 3.43 -36.96 1.43
CA SER A 141 2.30 -37.87 1.33
C SER A 141 2.67 -39.27 1.81
N SER A 142 2.02 -39.72 2.88
CA SER A 142 2.29 -41.03 3.44
C SER A 142 1.15 -41.48 4.35
N GLY A 143 0.74 -42.74 4.20
CA GLY A 143 -0.35 -43.27 5.01
C GLY A 143 -1.56 -43.63 4.19
N GLY A 1 -41.62 4.15 -31.45
CA GLY A 1 -41.54 5.40 -30.72
C GLY A 1 -40.79 5.25 -29.41
N SER A 2 -39.96 6.25 -29.09
CA SER A 2 -39.19 6.23 -27.86
C SER A 2 -38.89 7.64 -27.38
N SER A 3 -38.49 7.77 -26.12
CA SER A 3 -38.18 9.06 -25.54
C SER A 3 -37.48 8.90 -24.18
N GLY A 4 -37.05 10.01 -23.62
CA GLY A 4 -36.37 9.98 -22.33
C GLY A 4 -34.87 10.13 -22.47
N SER A 5 -34.21 10.48 -21.36
CA SER A 5 -32.76 10.67 -21.36
C SER A 5 -32.09 9.73 -20.37
N SER A 6 -31.03 9.07 -20.82
CA SER A 6 -30.30 8.13 -19.98
C SER A 6 -29.27 8.86 -19.11
N GLY A 7 -28.43 9.66 -19.75
CA GLY A 7 -27.41 10.41 -19.03
C GLY A 7 -26.02 10.17 -19.58
N GLY A 8 -25.01 10.54 -18.79
CA GLY A 8 -23.63 10.37 -19.23
C GLY A 8 -23.05 9.04 -18.79
N VAL A 9 -21.90 9.09 -18.14
CA VAL A 9 -21.23 7.88 -17.66
C VAL A 9 -20.33 8.19 -16.46
N ARG A 10 -20.77 7.77 -15.28
CA ARG A 10 -20.00 8.00 -14.06
C ARG A 10 -19.93 6.72 -13.22
N ASN A 11 -18.71 6.21 -13.04
CA ASN A 11 -18.52 5.00 -12.25
C ASN A 11 -17.33 5.16 -11.30
N LEU A 12 -17.28 6.30 -10.63
CA LEU A 12 -16.20 6.57 -9.68
C LEU A 12 -16.45 7.89 -8.95
N ALA A 13 -15.70 8.11 -7.87
CA ALA A 13 -15.83 9.33 -7.08
C ALA A 13 -14.49 9.75 -6.49
N GLN A 14 -14.10 11.01 -6.73
CA GLN A 14 -12.85 11.52 -6.22
C GLN A 14 -12.93 11.78 -4.71
N GLY A 15 -11.87 11.41 -4.00
CA GLY A 15 -11.85 11.61 -2.56
C GLY A 15 -10.94 10.63 -1.85
N PRO A 16 -9.63 10.71 -2.16
CA PRO A 16 -8.63 9.83 -1.56
C PRO A 16 -8.39 10.14 -0.08
N ARG A 17 -8.01 11.37 0.21
CA ARG A 17 -7.76 11.79 1.58
C ARG A 17 -7.28 10.62 2.43
N GLY A 18 -6.44 9.76 1.84
CA GLY A 18 -5.93 8.61 2.55
C GLY A 18 -6.98 7.54 2.75
N CYS A 19 -6.81 6.40 2.07
CA CYS A 19 -7.75 5.30 2.17
C CYS A 19 -7.32 4.32 3.26
N GLU A 20 -8.26 3.52 3.75
CA GLU A 20 -7.98 2.55 4.79
C GLU A 20 -6.64 1.85 4.53
N HIS A 21 -6.29 1.72 3.25
CA HIS A 21 -5.04 1.08 2.87
C HIS A 21 -3.84 1.81 3.47
N TYR A 22 -3.77 3.11 3.23
CA TYR A 22 -2.67 3.92 3.75
C TYR A 22 -3.11 5.38 3.93
N ASP A 23 -2.84 5.92 5.12
CA ASP A 23 -3.20 7.30 5.43
C ASP A 23 -2.25 8.28 4.75
N ARG A 24 -2.54 8.61 3.50
CA ARG A 24 -1.71 9.53 2.74
C ARG A 24 -2.56 10.62 2.08
N ALA A 25 -1.91 11.71 1.67
CA ALA A 25 -2.61 12.81 1.02
C ALA A 25 -2.10 13.02 -0.40
N CYS A 26 -1.63 11.94 -1.02
CA CYS A 26 -1.12 12.00 -2.38
C CYS A 26 -1.30 10.67 -3.10
N LEU A 27 -1.58 10.73 -4.40
CA LEU A 27 -1.78 9.51 -5.18
C LEU A 27 -0.51 9.16 -5.95
N LEU A 28 -0.28 7.86 -6.14
CA LEU A 28 0.90 7.38 -6.85
C LEU A 28 0.57 7.12 -8.32
N LYS A 29 1.39 7.68 -9.20
CA LYS A 29 1.20 7.53 -10.64
C LYS A 29 1.42 6.07 -11.06
N ALA A 30 0.63 5.60 -12.01
CA ALA A 30 0.74 4.24 -12.50
C ALA A 30 1.40 4.20 -13.87
N PRO A 31 2.67 3.77 -13.91
CA PRO A 31 3.44 3.68 -15.15
C PRO A 31 2.95 2.56 -16.06
N CYS A 32 1.87 1.90 -15.64
CA CYS A 32 1.30 0.81 -16.42
C CYS A 32 0.13 1.31 -17.26
N CYS A 33 -0.70 2.17 -16.68
CA CYS A 33 -1.86 2.72 -17.37
C CYS A 33 -1.89 4.24 -17.27
N ASP A 34 -0.80 4.81 -16.76
CA ASP A 34 -0.70 6.26 -16.60
C ASP A 34 -1.87 6.79 -15.78
N LYS A 35 -2.34 6.00 -14.82
CA LYS A 35 -3.45 6.40 -13.97
C LYS A 35 -2.96 6.76 -12.57
N LEU A 36 -3.84 7.37 -11.78
CA LEU A 36 -3.50 7.76 -10.42
C LEU A 36 -4.55 7.26 -9.43
N TYR A 37 -4.13 6.40 -8.52
CA TYR A 37 -5.04 5.85 -7.51
C TYR A 37 -4.51 6.10 -6.10
N THR A 38 -5.42 6.32 -5.17
CA THR A 38 -5.04 6.57 -3.78
C THR A 38 -3.77 5.83 -3.41
N CYS A 39 -3.78 4.51 -3.56
CA CYS A 39 -2.62 3.69 -3.25
C CYS A 39 -2.39 2.64 -4.33
N ARG A 40 -1.42 1.76 -4.10
CA ARG A 40 -1.10 0.71 -5.05
C ARG A 40 -2.21 -0.33 -5.13
N LEU A 41 -2.85 -0.59 -3.99
CA LEU A 41 -3.94 -1.56 -3.93
C LEU A 41 -5.13 -1.10 -4.76
N CYS A 42 -5.70 0.05 -4.39
CA CYS A 42 -6.84 0.59 -5.11
C CYS A 42 -6.72 0.34 -6.61
N HIS A 43 -5.52 0.56 -7.14
CA HIS A 43 -5.26 0.36 -8.56
C HIS A 43 -5.77 -1.02 -9.01
N ASP A 44 -5.18 -2.07 -8.47
CA ASP A 44 -5.57 -3.43 -8.82
C ASP A 44 -7.05 -3.65 -8.56
N THR A 45 -7.57 -3.04 -7.50
CA THR A 45 -8.97 -3.18 -7.14
C THR A 45 -9.87 -2.62 -8.23
N ASN A 46 -9.43 -1.54 -8.88
CA ASN A 46 -10.20 -0.91 -9.94
C ASN A 46 -9.54 -1.15 -11.29
N GLU A 47 -8.77 -2.23 -11.39
CA GLU A 47 -8.07 -2.57 -12.62
C GLU A 47 -7.90 -4.08 -12.75
N ASP A 48 -7.69 -4.55 -13.99
CA ASP A 48 -7.52 -5.97 -14.24
C ASP A 48 -6.05 -6.36 -14.10
N HIS A 49 -5.16 -5.37 -14.10
CA HIS A 49 -3.74 -5.61 -13.97
C HIS A 49 -3.21 -5.09 -12.63
N GLN A 50 -2.07 -5.62 -12.19
CA GLN A 50 -1.47 -5.20 -10.93
C GLN A 50 -0.40 -4.14 -11.17
N LEU A 51 -0.42 -3.10 -10.33
CA LEU A 51 0.55 -2.02 -10.43
C LEU A 51 1.70 -2.22 -9.45
N ASP A 52 2.88 -1.77 -9.84
CA ASP A 52 4.07 -1.88 -8.99
C ASP A 52 4.12 -0.76 -7.96
N ARG A 53 4.71 -1.04 -6.80
CA ARG A 53 4.82 -0.06 -5.74
C ARG A 53 6.23 0.49 -5.66
N PHE A 54 7.14 -0.11 -6.42
CA PHE A 54 8.54 0.33 -6.43
C PHE A 54 8.85 1.12 -7.70
N LYS A 55 8.36 0.63 -8.83
CA LYS A 55 8.57 1.30 -10.10
C LYS A 55 8.25 2.78 -10.02
N VAL A 56 6.97 3.09 -9.79
CA VAL A 56 6.53 4.47 -9.68
C VAL A 56 7.41 5.26 -8.72
N LYS A 57 7.69 6.51 -9.07
CA LYS A 57 8.52 7.37 -8.25
C LYS A 57 7.85 8.72 -8.01
N GLU A 58 7.09 9.17 -9.00
CA GLU A 58 6.38 10.45 -8.89
C GLU A 58 5.12 10.31 -8.04
N VAL A 59 4.56 11.45 -7.63
CA VAL A 59 3.36 11.46 -6.81
C VAL A 59 2.60 12.77 -6.97
N GLN A 60 1.29 12.71 -6.75
CA GLN A 60 0.44 13.90 -6.87
C GLN A 60 -0.28 14.19 -5.56
N CYS A 61 -0.46 15.47 -5.26
CA CYS A 61 -1.14 15.87 -4.03
C CYS A 61 -2.65 15.78 -4.19
N ILE A 62 -3.35 15.53 -3.09
CA ILE A 62 -4.80 15.42 -3.11
C ILE A 62 -5.46 16.66 -2.52
N ASN A 63 -4.64 17.52 -1.92
CA ASN A 63 -5.13 18.75 -1.33
C ASN A 63 -5.17 19.89 -2.35
N CYS A 64 -4.05 20.09 -3.04
CA CYS A 64 -3.95 21.14 -4.04
C CYS A 64 -3.70 20.55 -5.43
N GLU A 65 -4.03 19.26 -5.58
CA GLU A 65 -3.83 18.58 -6.85
C GLU A 65 -2.61 19.12 -7.59
N LYS A 66 -1.51 19.26 -6.85
CA LYS A 66 -0.27 19.76 -7.44
C LYS A 66 0.68 18.61 -7.77
N LEU A 67 1.44 18.78 -8.86
CA LEU A 67 2.39 17.76 -9.28
C LEU A 67 3.67 17.84 -8.49
N GLN A 68 4.37 16.71 -8.35
CA GLN A 68 5.61 16.66 -7.60
C GLN A 68 6.24 15.28 -7.70
N HIS A 69 7.43 15.12 -7.10
CA HIS A 69 8.13 13.84 -7.11
C HIS A 69 8.12 13.21 -5.73
N ALA A 70 8.72 12.03 -5.63
CA ALA A 70 8.78 11.31 -4.36
C ALA A 70 9.21 12.23 -3.22
N GLN A 71 8.33 12.42 -2.25
CA GLN A 71 8.62 13.29 -1.11
C GLN A 71 7.71 12.96 0.07
N GLN A 72 7.85 13.72 1.15
CA GLN A 72 7.04 13.51 2.34
C GLN A 72 6.00 14.62 2.50
N THR A 73 6.36 15.82 2.06
CA THR A 73 5.46 16.96 2.15
C THR A 73 5.29 17.64 0.79
N CYS A 74 4.12 18.24 0.58
CA CYS A 74 3.83 18.92 -0.67
C CYS A 74 4.70 20.16 -0.85
N GLU A 75 5.10 20.44 -2.08
CA GLU A 75 5.94 21.59 -2.38
C GLU A 75 5.10 22.78 -2.81
N ASP A 76 3.81 22.75 -2.46
CA ASP A 76 2.90 23.83 -2.82
C ASP A 76 2.07 24.26 -1.62
N CYS A 77 1.55 23.28 -0.89
CA CYS A 77 0.73 23.56 0.29
C CYS A 77 1.43 23.09 1.56
N SER A 78 2.43 22.23 1.39
CA SER A 78 3.18 21.70 2.52
C SER A 78 2.30 20.80 3.39
N THR A 79 1.58 19.89 2.74
CA THR A 79 0.70 18.97 3.45
C THR A 79 1.37 17.62 3.67
N LEU A 80 1.64 17.30 4.92
CA LEU A 80 2.28 16.03 5.27
C LEU A 80 1.56 14.86 4.60
N PHE A 81 2.25 14.19 3.68
CA PHE A 81 1.68 13.05 2.97
C PHE A 81 1.78 11.79 3.81
N GLY A 82 2.28 11.93 5.04
CA GLY A 82 2.42 10.78 5.91
C GLY A 82 3.65 10.87 6.79
N GLU A 83 3.45 10.92 8.11
CA GLU A 83 4.56 11.01 9.05
C GLU A 83 5.71 10.10 8.63
N TYR A 84 5.38 8.90 8.19
CA TYR A 84 6.38 7.93 7.76
C TYR A 84 6.52 7.94 6.24
N TYR A 85 7.76 7.98 5.76
CA TYR A 85 8.04 7.99 4.33
C TYR A 85 9.09 6.96 3.97
N CYS A 86 8.68 5.92 3.25
CA CYS A 86 9.59 4.86 2.84
C CYS A 86 10.19 5.16 1.47
N SER A 87 11.52 5.16 1.40
CA SER A 87 12.21 5.45 0.15
C SER A 87 12.30 4.20 -0.72
N ILE A 88 12.43 3.04 -0.08
CA ILE A 88 12.52 1.77 -0.79
C ILE A 88 11.20 1.46 -1.51
N CYS A 89 10.11 1.49 -0.76
CA CYS A 89 8.80 1.20 -1.33
C CYS A 89 8.17 2.47 -1.88
N HIS A 90 8.72 3.62 -1.51
CA HIS A 90 8.21 4.90 -1.98
C HIS A 90 6.78 5.14 -1.49
N LEU A 91 6.45 4.55 -0.34
CA LEU A 91 5.12 4.70 0.24
C LEU A 91 5.14 5.66 1.43
N PHE A 92 4.01 6.31 1.67
CA PHE A 92 3.90 7.26 2.77
C PHE A 92 2.67 6.95 3.63
N ASP A 93 2.91 6.52 4.86
CA ASP A 93 1.83 6.19 5.78
C ASP A 93 1.95 7.00 7.07
N LYS A 94 0.81 7.33 7.66
CA LYS A 94 0.78 8.10 8.90
C LYS A 94 1.51 7.36 10.02
N ASP A 95 1.48 7.92 11.22
CA ASP A 95 2.13 7.31 12.37
C ASP A 95 1.19 6.36 13.10
N LYS A 96 1.21 5.10 12.71
CA LYS A 96 0.37 4.09 13.32
C LYS A 96 1.19 2.90 13.80
N ARG A 97 2.38 3.18 14.31
CA ARG A 97 3.27 2.14 14.81
C ARG A 97 3.55 1.10 13.73
N GLN A 98 4.05 1.58 12.58
CA GLN A 98 4.36 0.70 11.46
C GLN A 98 5.86 0.52 11.32
N TYR A 99 6.28 -0.64 10.82
CA TYR A 99 7.69 -0.94 10.63
C TYR A 99 7.95 -1.53 9.25
N HIS A 100 9.17 -1.32 8.75
CA HIS A 100 9.54 -1.84 7.43
C HIS A 100 10.48 -3.04 7.56
N CYS A 101 10.12 -4.13 6.90
CA CYS A 101 10.92 -5.35 6.93
C CYS A 101 12.00 -5.32 5.86
N GLU A 102 13.22 -5.70 6.22
CA GLU A 102 14.34 -5.73 5.29
C GLU A 102 14.32 -7.02 4.46
N SER A 103 14.05 -8.13 5.13
CA SER A 103 14.02 -9.43 4.46
C SER A 103 12.99 -9.43 3.34
N CYS A 104 11.88 -8.74 3.55
CA CYS A 104 10.81 -8.67 2.56
C CYS A 104 10.94 -7.39 1.73
N GLY A 105 11.55 -6.37 2.32
CA GLY A 105 11.73 -5.10 1.63
C GLY A 105 10.41 -4.36 1.45
N ILE A 106 9.46 -4.61 2.35
CA ILE A 106 8.17 -3.96 2.29
C ILE A 106 7.72 -3.49 3.67
N CYS A 107 6.85 -2.50 3.70
CA CYS A 107 6.33 -1.96 4.95
C CYS A 107 5.25 -2.86 5.54
N ARG A 108 5.19 -2.92 6.86
CA ARG A 108 4.20 -3.75 7.54
C ARG A 108 3.84 -3.16 8.90
N ILE A 109 2.55 -3.15 9.22
CA ILE A 109 2.08 -2.62 10.49
C ILE A 109 2.52 -3.49 11.65
N GLY A 110 2.86 -2.86 12.78
CA GLY A 110 3.30 -3.61 13.94
C GLY A 110 2.17 -3.82 14.94
N PRO A 111 2.52 -3.76 16.23
CA PRO A 111 3.89 -3.52 16.69
C PRO A 111 4.82 -4.69 16.38
N LYS A 112 5.94 -4.40 15.75
CA LYS A 112 6.92 -5.43 15.40
C LYS A 112 7.09 -6.42 16.54
N GLU A 113 7.07 -5.92 17.76
CA GLU A 113 7.23 -6.77 18.94
C GLU A 113 6.28 -7.97 18.87
N ASP A 114 5.05 -7.72 18.48
CA ASP A 114 4.05 -8.78 18.36
C ASP A 114 4.12 -9.45 16.99
N PHE A 115 5.29 -9.36 16.35
CA PHE A 115 5.48 -9.96 15.04
C PHE A 115 6.92 -10.42 14.85
N PHE A 116 7.17 -11.16 13.77
CA PHE A 116 8.51 -11.65 13.48
C PHE A 116 8.64 -12.02 12.01
N HIS A 117 9.84 -12.46 11.62
CA HIS A 117 10.10 -12.85 10.24
C HIS A 117 10.87 -14.16 10.18
N CYS A 118 10.24 -15.17 9.58
CA CYS A 118 10.87 -16.49 9.46
C CYS A 118 11.75 -16.56 8.21
N LEU A 119 12.93 -17.15 8.36
CA LEU A 119 13.87 -17.28 7.25
C LEU A 119 13.38 -18.33 6.24
N LYS A 120 13.41 -19.59 6.65
CA LYS A 120 12.96 -20.68 5.79
C LYS A 120 11.74 -20.27 4.98
N CYS A 121 10.77 -19.66 5.65
CA CYS A 121 9.55 -19.22 5.00
C CYS A 121 9.83 -18.03 4.08
N ASN A 122 10.67 -17.11 4.53
CA ASN A 122 11.01 -15.93 3.75
C ASN A 122 9.86 -14.93 3.73
N LEU A 123 9.23 -14.75 4.88
CA LEU A 123 8.11 -13.82 4.99
C LEU A 123 7.90 -13.40 6.44
N CYS A 124 6.94 -12.51 6.66
CA CYS A 124 6.64 -12.02 7.99
C CYS A 124 5.46 -12.79 8.60
N LEU A 125 5.62 -13.21 9.85
CA LEU A 125 4.57 -13.95 10.55
C LEU A 125 4.37 -13.43 11.96
N THR A 126 3.13 -13.44 12.43
CA THR A 126 2.82 -12.97 13.77
C THR A 126 3.30 -13.95 14.83
N THR A 127 3.76 -13.42 15.96
CA THR A 127 4.25 -14.25 17.05
C THR A 127 3.28 -15.37 17.37
N ASN A 128 1.98 -15.07 17.34
CA ASN A 128 0.95 -16.05 17.63
C ASN A 128 1.23 -17.36 16.88
N LEU A 129 1.89 -17.25 15.74
CA LEU A 129 2.22 -18.42 14.93
C LEU A 129 3.69 -18.80 15.09
N ARG A 130 4.17 -18.77 16.33
CA ARG A 130 5.56 -19.11 16.61
C ARG A 130 5.75 -20.62 16.69
N GLY A 131 5.91 -21.25 15.53
CA GLY A 131 6.10 -22.69 15.49
C GLY A 131 4.98 -23.40 14.74
N LYS A 132 3.74 -23.04 15.08
CA LYS A 132 2.57 -23.65 14.44
C LYS A 132 2.75 -23.70 12.93
N HIS A 133 3.18 -22.59 12.35
CA HIS A 133 3.39 -22.52 10.91
C HIS A 133 4.46 -23.51 10.46
N LYS A 134 4.30 -24.07 9.27
CA LYS A 134 5.25 -25.03 8.72
C LYS A 134 5.88 -24.50 7.44
N CYS A 135 7.18 -24.26 7.49
CA CYS A 135 7.91 -23.75 6.33
C CYS A 135 7.73 -24.68 5.12
N ILE A 136 8.07 -25.96 5.32
CA ILE A 136 7.96 -26.95 4.26
C ILE A 136 6.63 -27.70 4.35
N GLU A 137 6.21 -28.28 3.23
CA GLU A 137 4.95 -29.03 3.19
C GLU A 137 5.18 -30.44 2.64
N SER A 138 4.13 -31.24 2.66
CA SER A 138 4.21 -32.61 2.16
C SER A 138 4.14 -32.64 0.64
N GLY A 139 5.00 -33.47 0.03
CA GLY A 139 5.03 -33.58 -1.41
C GLY A 139 6.43 -33.51 -1.97
N PRO A 140 6.55 -33.09 -3.24
CA PRO A 140 7.84 -32.98 -3.92
C PRO A 140 8.70 -31.85 -3.35
N SER A 141 9.81 -31.56 -4.02
CA SER A 141 10.72 -30.51 -3.58
C SER A 141 10.07 -29.13 -3.73
N SER A 142 9.35 -28.94 -4.83
CA SER A 142 8.69 -27.67 -5.09
C SER A 142 9.55 -26.50 -4.63
N GLY A 143 10.85 -26.57 -4.92
CA GLY A 143 11.75 -25.51 -4.52
C GLY A 143 12.94 -25.39 -5.46
N GLY A 1 -24.61 -11.76 -26.49
CA GLY A 1 -24.57 -10.79 -25.41
C GLY A 1 -23.83 -9.52 -25.80
N SER A 2 -24.00 -8.47 -24.99
CA SER A 2 -23.35 -7.20 -25.24
C SER A 2 -23.41 -6.30 -24.01
N SER A 3 -22.65 -5.21 -24.05
CA SER A 3 -22.61 -4.27 -22.93
C SER A 3 -23.09 -2.89 -23.37
N GLY A 4 -24.30 -2.53 -22.95
CA GLY A 4 -24.85 -1.24 -23.30
C GLY A 4 -24.25 -0.10 -22.49
N SER A 5 -23.74 0.91 -23.17
CA SER A 5 -23.14 2.06 -22.50
C SER A 5 -23.88 3.35 -22.88
N SER A 6 -23.72 4.37 -22.02
CA SER A 6 -24.38 5.65 -22.26
C SER A 6 -23.46 6.80 -21.84
N GLY A 7 -23.67 7.97 -22.45
CA GLY A 7 -22.86 9.12 -22.13
C GLY A 7 -23.30 9.80 -20.84
N GLY A 8 -22.56 10.82 -20.43
CA GLY A 8 -22.89 11.54 -19.21
C GLY A 8 -21.67 11.78 -18.33
N VAL A 9 -20.63 12.34 -18.92
CA VAL A 9 -19.40 12.63 -18.19
C VAL A 9 -19.61 13.74 -17.17
N ARG A 10 -18.87 13.68 -16.06
CA ARG A 10 -18.98 14.68 -15.01
C ARG A 10 -17.80 15.64 -15.06
N ASN A 11 -17.97 16.81 -14.46
CA ASN A 11 -16.92 17.82 -14.42
C ASN A 11 -16.65 18.29 -12.99
N LEU A 12 -16.65 17.34 -12.06
CA LEU A 12 -16.40 17.65 -10.66
C LEU A 12 -15.71 16.49 -9.95
N ALA A 13 -14.53 16.77 -9.39
CA ALA A 13 -13.76 15.74 -8.68
C ALA A 13 -13.46 16.17 -7.25
N GLN A 14 -12.81 15.28 -6.50
CA GLN A 14 -12.47 15.58 -5.12
C GLN A 14 -11.07 15.05 -4.78
N GLY A 15 -10.49 15.58 -3.71
CA GLY A 15 -9.16 15.15 -3.30
C GLY A 15 -9.20 14.22 -2.11
N PRO A 16 -8.84 12.95 -2.34
CA PRO A 16 -8.81 11.93 -1.29
C PRO A 16 -7.71 12.16 -0.28
N ARG A 17 -7.96 11.81 0.98
CA ARG A 17 -6.99 11.98 2.04
C ARG A 17 -6.70 10.66 2.75
N GLY A 18 -6.34 9.65 1.97
CA GLY A 18 -6.04 8.35 2.53
C GLY A 18 -7.25 7.42 2.50
N CYS A 19 -7.05 6.23 1.93
CA CYS A 19 -8.13 5.25 1.83
C CYS A 19 -8.05 4.24 2.98
N GLU A 20 -9.03 3.35 3.04
CA GLU A 20 -9.08 2.33 4.08
C GLU A 20 -7.78 1.53 4.12
N HIS A 21 -7.05 1.56 3.02
CA HIS A 21 -5.78 0.85 2.91
C HIS A 21 -4.69 1.55 3.70
N TYR A 22 -4.36 2.78 3.27
CA TYR A 22 -3.32 3.56 3.94
C TYR A 22 -3.76 5.02 4.07
N ASP A 23 -3.08 5.75 4.95
CA ASP A 23 -3.39 7.16 5.17
C ASP A 23 -2.35 8.06 4.49
N ARG A 24 -2.67 8.49 3.28
CA ARG A 24 -1.76 9.35 2.52
C ARG A 24 -2.52 10.52 1.90
N ALA A 25 -1.79 11.56 1.53
CA ALA A 25 -2.39 12.75 0.92
C ALA A 25 -1.82 13.00 -0.46
N CYS A 26 -1.48 11.93 -1.16
CA CYS A 26 -0.91 12.04 -2.51
C CYS A 26 -1.12 10.74 -3.29
N LEU A 27 -1.67 10.87 -4.50
CA LEU A 27 -1.93 9.71 -5.35
C LEU A 27 -0.68 9.34 -6.14
N LEU A 28 -0.45 8.04 -6.30
CA LEU A 28 0.70 7.55 -7.04
C LEU A 28 0.34 7.31 -8.51
N LYS A 29 1.04 8.00 -9.39
CA LYS A 29 0.80 7.86 -10.83
C LYS A 29 0.96 6.41 -11.27
N ALA A 30 0.27 6.04 -12.35
CA ALA A 30 0.33 4.69 -12.87
C ALA A 30 1.02 4.66 -14.24
N PRO A 31 2.29 4.23 -14.25
CA PRO A 31 3.08 4.14 -15.49
C PRO A 31 2.59 3.04 -16.41
N CYS A 32 1.49 2.40 -16.04
CA CYS A 32 0.92 1.32 -16.83
C CYS A 32 -0.25 1.83 -17.67
N CYS A 33 -1.07 2.68 -17.08
CA CYS A 33 -2.23 3.24 -17.77
C CYS A 33 -2.27 4.76 -17.62
N ASP A 34 -1.21 5.32 -17.06
CA ASP A 34 -1.12 6.77 -16.86
C ASP A 34 -2.31 7.27 -16.05
N LYS A 35 -2.70 6.50 -15.04
CA LYS A 35 -3.82 6.87 -14.18
C LYS A 35 -3.34 7.21 -12.77
N LEU A 36 -4.24 7.73 -11.95
CA LEU A 36 -3.91 8.11 -10.58
C LEU A 36 -4.92 7.54 -9.61
N TYR A 37 -4.45 6.69 -8.71
CA TYR A 37 -5.32 6.06 -7.71
C TYR A 37 -4.76 6.25 -6.31
N THR A 38 -5.66 6.42 -5.33
CA THR A 38 -5.26 6.61 -3.94
C THR A 38 -3.96 5.85 -3.64
N CYS A 39 -4.03 4.52 -3.70
CA CYS A 39 -2.87 3.69 -3.43
C CYS A 39 -2.69 2.63 -4.52
N ARG A 40 -1.63 1.83 -4.40
CA ARG A 40 -1.36 0.78 -5.37
C ARG A 40 -2.52 -0.19 -5.47
N LEU A 41 -3.15 -0.47 -4.34
CA LEU A 41 -4.28 -1.39 -4.30
C LEU A 41 -5.48 -0.81 -5.06
N CYS A 42 -5.88 0.40 -4.67
CA CYS A 42 -7.01 1.07 -5.31
C CYS A 42 -6.95 0.90 -6.83
N HIS A 43 -5.74 0.91 -7.38
CA HIS A 43 -5.55 0.75 -8.82
C HIS A 43 -6.05 -0.60 -9.29
N ASP A 44 -5.39 -1.66 -8.82
CA ASP A 44 -5.77 -3.02 -9.20
C ASP A 44 -7.23 -3.30 -8.85
N THR A 45 -7.69 -2.72 -7.74
CA THR A 45 -9.07 -2.90 -7.31
C THR A 45 -10.04 -2.26 -8.29
N ASN A 46 -9.64 -1.14 -8.87
CA ASN A 46 -10.48 -0.43 -9.83
C ASN A 46 -9.94 -0.58 -11.25
N GLU A 47 -9.21 -1.67 -11.48
CA GLU A 47 -8.64 -1.93 -12.80
C GLU A 47 -8.55 -3.43 -13.07
N ASP A 48 -8.25 -3.79 -14.31
CA ASP A 48 -8.13 -5.20 -14.70
C ASP A 48 -6.70 -5.69 -14.56
N HIS A 49 -5.75 -4.75 -14.66
CA HIS A 49 -4.34 -5.09 -14.55
C HIS A 49 -3.78 -4.66 -13.19
N GLN A 50 -2.59 -5.15 -12.86
CA GLN A 50 -1.96 -4.80 -11.60
C GLN A 50 -0.85 -3.76 -11.80
N LEU A 51 -0.70 -2.88 -10.82
CA LEU A 51 0.32 -1.83 -10.90
C LEU A 51 1.46 -2.11 -9.92
N ASP A 52 2.66 -1.67 -10.28
CA ASP A 52 3.83 -1.87 -9.42
C ASP A 52 3.92 -0.78 -8.37
N ARG A 53 4.74 -1.01 -7.35
CA ARG A 53 4.91 -0.05 -6.27
C ARG A 53 6.34 0.49 -6.25
N PHE A 54 7.24 -0.18 -6.96
CA PHE A 54 8.64 0.24 -7.02
C PHE A 54 8.90 1.06 -8.29
N LYS A 55 8.38 0.58 -9.41
CA LYS A 55 8.56 1.28 -10.68
C LYS A 55 8.22 2.76 -10.54
N VAL A 56 6.95 3.05 -10.24
CA VAL A 56 6.51 4.42 -10.09
C VAL A 56 7.32 5.16 -9.03
N LYS A 57 7.65 6.42 -9.31
CA LYS A 57 8.42 7.22 -8.39
C LYS A 57 7.76 8.58 -8.16
N GLU A 58 7.04 9.06 -9.16
CA GLU A 58 6.36 10.35 -9.07
C GLU A 58 5.07 10.22 -8.27
N VAL A 59 4.62 11.33 -7.72
CA VAL A 59 3.39 11.35 -6.92
C VAL A 59 2.69 12.70 -7.01
N GLN A 60 1.36 12.69 -6.95
CA GLN A 60 0.59 13.92 -7.03
C GLN A 60 -0.10 14.21 -5.70
N CYS A 61 -0.18 15.50 -5.36
CA CYS A 61 -0.81 15.91 -4.11
C CYS A 61 -2.33 15.94 -4.25
N ILE A 62 -3.03 15.73 -3.13
CA ILE A 62 -4.48 15.73 -3.13
C ILE A 62 -5.02 17.00 -2.49
N ASN A 63 -4.15 17.72 -1.78
CA ASN A 63 -4.55 18.95 -1.12
C ASN A 63 -4.54 20.13 -2.10
N CYS A 64 -3.41 20.33 -2.77
CA CYS A 64 -3.28 21.41 -3.74
C CYS A 64 -3.05 20.86 -5.14
N GLU A 65 -3.45 19.61 -5.35
CA GLU A 65 -3.29 18.96 -6.65
C GLU A 65 -2.02 19.45 -7.34
N LYS A 66 -0.95 19.60 -6.57
CA LYS A 66 0.32 20.06 -7.11
C LYS A 66 1.20 18.87 -7.51
N LEU A 67 1.97 19.05 -8.57
CA LEU A 67 2.86 18.00 -9.06
C LEU A 67 4.13 17.92 -8.22
N GLN A 68 4.69 16.73 -8.11
CA GLN A 68 5.91 16.52 -7.34
C GLN A 68 6.41 15.09 -7.47
N HIS A 69 7.58 14.82 -6.92
CA HIS A 69 8.17 13.48 -6.97
C HIS A 69 8.15 12.82 -5.60
N ALA A 70 8.58 11.56 -5.56
CA ALA A 70 8.61 10.81 -4.31
C ALA A 70 9.11 11.67 -3.15
N GLN A 71 8.28 11.85 -2.14
CA GLN A 71 8.64 12.66 -0.98
C GLN A 71 7.72 12.37 0.20
N GLN A 72 7.89 13.11 1.29
CA GLN A 72 7.08 12.93 2.48
C GLN A 72 6.11 14.09 2.66
N THR A 73 6.51 15.27 2.22
CA THR A 73 5.67 16.46 2.33
C THR A 73 5.59 17.20 1.00
N CYS A 74 4.50 17.93 0.80
CA CYS A 74 4.30 18.69 -0.43
C CYS A 74 5.25 19.87 -0.50
N GLU A 75 5.52 20.33 -1.72
CA GLU A 75 6.43 21.45 -1.93
C GLU A 75 5.64 22.72 -2.25
N ASP A 76 4.32 22.64 -2.15
CA ASP A 76 3.46 23.78 -2.44
C ASP A 76 2.61 24.13 -1.22
N CYS A 77 2.13 23.10 -0.53
CA CYS A 77 1.30 23.30 0.66
C CYS A 77 1.99 22.75 1.90
N SER A 78 3.04 21.96 1.69
CA SER A 78 3.78 21.36 2.79
C SER A 78 2.87 20.47 3.64
N THR A 79 2.04 19.67 2.98
CA THR A 79 1.12 18.78 3.66
C THR A 79 1.75 17.41 3.89
N LEU A 80 1.83 17.00 5.15
CA LEU A 80 2.41 15.71 5.50
C LEU A 80 1.68 14.57 4.79
N PHE A 81 2.33 14.01 3.77
CA PHE A 81 1.75 12.92 3.00
C PHE A 81 1.74 11.63 3.82
N GLY A 82 2.20 11.72 5.06
CA GLY A 82 2.24 10.56 5.92
C GLY A 82 3.45 10.54 6.83
N GLU A 83 3.21 10.54 8.14
CA GLU A 83 4.30 10.53 9.11
C GLU A 83 5.41 9.58 8.68
N TYR A 84 5.01 8.41 8.19
CA TYR A 84 5.98 7.40 7.74
C TYR A 84 6.03 7.34 6.22
N TYR A 85 7.22 7.59 5.67
CA TYR A 85 7.42 7.56 4.23
C TYR A 85 8.54 6.61 3.85
N CYS A 86 8.21 5.59 3.06
CA CYS A 86 9.18 4.60 2.62
C CYS A 86 9.84 5.03 1.31
N SER A 87 11.14 4.79 1.20
CA SER A 87 11.89 5.16 0.00
C SER A 87 11.99 3.98 -0.95
N ILE A 88 12.03 2.78 -0.39
CA ILE A 88 12.13 1.56 -1.20
C ILE A 88 10.80 1.24 -1.88
N CYS A 89 9.75 1.14 -1.08
CA CYS A 89 8.42 0.83 -1.59
C CYS A 89 7.74 2.09 -2.11
N HIS A 90 8.17 3.25 -1.61
CA HIS A 90 7.60 4.53 -2.02
C HIS A 90 6.16 4.66 -1.54
N LEU A 91 5.89 4.17 -0.34
CA LEU A 91 4.56 4.23 0.24
C LEU A 91 4.51 5.23 1.40
N PHE A 92 3.32 5.77 1.66
CA PHE A 92 3.14 6.74 2.74
C PHE A 92 1.97 6.34 3.63
N ASP A 93 2.25 6.10 4.90
CA ASP A 93 1.21 5.72 5.86
C ASP A 93 1.32 6.54 7.13
N LYS A 94 0.19 7.08 7.59
CA LYS A 94 0.15 7.89 8.80
C LYS A 94 0.86 7.18 9.95
N ASP A 95 0.87 7.83 11.11
CA ASP A 95 1.52 7.25 12.30
C ASP A 95 0.76 6.01 12.77
N LYS A 96 0.96 4.90 12.07
CA LYS A 96 0.30 3.65 12.43
C LYS A 96 1.32 2.60 12.85
N ARG A 97 2.33 3.04 13.61
CA ARG A 97 3.37 2.13 14.08
C ARG A 97 3.68 1.05 13.04
N GLN A 98 3.99 1.49 11.82
CA GLN A 98 4.29 0.56 10.74
C GLN A 98 5.80 0.43 10.55
N TYR A 99 6.28 -0.81 10.55
CA TYR A 99 7.71 -1.07 10.38
C TYR A 99 7.98 -1.71 9.02
N HIS A 100 9.13 -1.38 8.44
CA HIS A 100 9.52 -1.91 7.15
C HIS A 100 10.50 -3.08 7.31
N CYS A 101 10.07 -4.26 6.90
CA CYS A 101 10.92 -5.45 7.00
C CYS A 101 12.01 -5.43 5.94
N GLU A 102 13.25 -5.62 6.38
CA GLU A 102 14.40 -5.63 5.48
C GLU A 102 14.49 -6.95 4.72
N SER A 103 14.29 -8.05 5.44
CA SER A 103 14.35 -9.38 4.84
C SER A 103 13.42 -9.47 3.64
N CYS A 104 12.24 -8.90 3.77
CA CYS A 104 11.25 -8.91 2.69
C CYS A 104 11.36 -7.66 1.83
N GLY A 105 11.86 -6.58 2.43
CA GLY A 105 12.01 -5.34 1.70
C GLY A 105 10.68 -4.65 1.44
N ILE A 106 9.70 -4.92 2.31
CA ILE A 106 8.37 -4.31 2.17
C ILE A 106 7.87 -3.81 3.52
N CYS A 107 6.92 -2.87 3.47
CA CYS A 107 6.35 -2.30 4.68
C CYS A 107 5.39 -3.29 5.34
N ARG A 108 5.33 -3.26 6.66
CA ARG A 108 4.46 -4.15 7.41
C ARG A 108 3.91 -3.45 8.66
N ILE A 109 2.73 -3.87 9.09
CA ILE A 109 2.10 -3.29 10.27
C ILE A 109 2.38 -4.13 11.52
N GLY A 110 2.97 -3.49 12.52
CA GLY A 110 3.30 -4.18 13.75
C GLY A 110 2.08 -4.35 14.65
N PRO A 111 2.27 -4.09 15.96
CA PRO A 111 3.57 -3.69 16.50
C PRO A 111 4.60 -4.81 16.47
N LYS A 112 5.76 -4.53 15.88
CA LYS A 112 6.83 -5.52 15.79
C LYS A 112 6.84 -6.43 17.02
N GLU A 113 6.67 -5.83 18.18
CA GLU A 113 6.67 -6.57 19.44
C GLU A 113 5.86 -7.85 19.30
N ASP A 114 4.60 -7.71 18.88
CA ASP A 114 3.71 -8.86 18.71
C ASP A 114 3.87 -9.46 17.31
N PHE A 115 5.08 -9.40 16.78
CA PHE A 115 5.35 -9.93 15.45
C PHE A 115 6.83 -10.32 15.32
N PHE A 116 7.16 -11.01 14.23
CA PHE A 116 8.53 -11.44 13.98
C PHE A 116 8.70 -11.88 12.53
N HIS A 117 9.94 -12.18 12.17
CA HIS A 117 10.25 -12.61 10.80
C HIS A 117 11.10 -13.88 10.82
N CYS A 118 10.59 -14.94 10.20
CA CYS A 118 11.29 -16.21 10.13
C CYS A 118 12.20 -16.27 8.91
N LEU A 119 13.36 -16.89 9.07
CA LEU A 119 14.33 -17.01 7.97
C LEU A 119 13.93 -18.15 7.03
N LYS A 120 13.95 -19.37 7.55
CA LYS A 120 13.61 -20.55 6.75
C LYS A 120 12.41 -20.25 5.85
N CYS A 121 11.35 -19.70 6.44
CA CYS A 121 10.14 -19.37 5.69
C CYS A 121 10.41 -18.20 4.74
N ASN A 122 11.20 -17.25 5.18
CA ASN A 122 11.54 -16.08 4.36
C ASN A 122 10.34 -15.15 4.24
N LEU A 123 9.67 -14.91 5.37
CA LEU A 123 8.51 -14.03 5.39
C LEU A 123 8.21 -13.56 6.81
N CYS A 124 7.32 -12.59 6.93
CA CYS A 124 6.93 -12.05 8.23
C CYS A 124 5.77 -12.83 8.83
N LEU A 125 5.82 -13.07 10.14
CA LEU A 125 4.77 -13.81 10.82
C LEU A 125 4.54 -13.25 12.22
N THR A 126 3.29 -13.33 12.68
CA THR A 126 2.94 -12.83 14.01
C THR A 126 3.40 -13.78 15.10
N THR A 127 3.81 -13.22 16.24
CA THR A 127 4.27 -14.03 17.36
C THR A 127 3.37 -15.23 17.58
N ASN A 128 2.06 -15.01 17.51
CA ASN A 128 1.09 -16.08 17.70
C ASN A 128 1.54 -17.35 16.99
N LEU A 129 2.08 -17.19 15.79
CA LEU A 129 2.55 -18.32 15.00
C LEU A 129 4.06 -18.49 15.14
N ARG A 130 4.55 -18.42 16.37
CA ARG A 130 5.98 -18.56 16.64
C ARG A 130 6.35 -20.03 16.80
N GLY A 131 5.81 -20.87 15.92
CA GLY A 131 6.11 -22.29 15.99
C GLY A 131 5.17 -23.12 15.13
N LYS A 132 3.88 -23.06 15.43
CA LYS A 132 2.88 -23.81 14.68
C LYS A 132 3.22 -23.82 13.19
N HIS A 133 3.59 -22.66 12.66
CA HIS A 133 3.95 -22.53 11.25
C HIS A 133 5.10 -23.48 10.90
N LYS A 134 4.99 -24.11 9.74
CA LYS A 134 6.03 -25.04 9.28
C LYS A 134 6.85 -24.42 8.17
N CYS A 135 8.17 -24.47 8.32
CA CYS A 135 9.09 -23.92 7.31
C CYS A 135 9.16 -24.82 6.09
N ILE A 136 9.77 -25.99 6.26
CA ILE A 136 9.91 -26.94 5.17
C ILE A 136 8.58 -27.63 4.86
N GLU A 137 8.35 -27.90 3.58
CA GLU A 137 7.12 -28.55 3.15
C GLU A 137 7.43 -29.76 2.27
N SER A 138 7.26 -30.96 2.85
CA SER A 138 7.52 -32.19 2.13
C SER A 138 6.75 -32.22 0.80
N GLY A 139 5.43 -32.11 0.90
CA GLY A 139 4.61 -32.13 -0.30
C GLY A 139 4.89 -30.96 -1.22
N PRO A 140 4.08 -30.82 -2.28
CA PRO A 140 4.24 -29.74 -3.25
C PRO A 140 3.85 -28.38 -2.68
N SER A 141 3.80 -27.37 -3.55
CA SER A 141 3.45 -26.03 -3.11
C SER A 141 1.94 -25.82 -3.11
N SER A 142 1.47 -24.90 -2.28
CA SER A 142 0.05 -24.61 -2.16
C SER A 142 -0.19 -23.17 -1.72
N GLY A 143 -0.90 -22.41 -2.55
CA GLY A 143 -1.19 -21.03 -2.22
C GLY A 143 -0.12 -20.08 -2.73
N GLY A 1 -30.77 -24.86 -13.06
CA GLY A 1 -31.50 -23.62 -13.11
C GLY A 1 -31.14 -22.67 -11.97
N SER A 2 -29.99 -22.02 -12.11
CA SER A 2 -29.53 -21.08 -11.09
C SER A 2 -29.54 -19.65 -11.62
N SER A 3 -29.19 -18.70 -10.75
CA SER A 3 -29.16 -17.30 -11.12
C SER A 3 -27.81 -16.67 -10.79
N GLY A 4 -27.43 -15.67 -11.57
CA GLY A 4 -26.16 -15.00 -11.34
C GLY A 4 -26.32 -13.52 -11.04
N SER A 5 -25.65 -13.07 -9.99
CA SER A 5 -25.73 -11.66 -9.58
C SER A 5 -24.35 -11.12 -9.23
N SER A 6 -24.13 -9.85 -9.56
CA SER A 6 -22.84 -9.21 -9.29
C SER A 6 -22.91 -7.72 -9.58
N GLY A 7 -22.02 -6.96 -8.97
CA GLY A 7 -21.99 -5.52 -9.17
C GLY A 7 -22.71 -4.76 -8.09
N GLY A 8 -23.40 -3.68 -8.46
CA GLY A 8 -24.12 -2.89 -7.49
C GLY A 8 -23.53 -1.51 -7.32
N VAL A 9 -24.10 -0.71 -6.41
CA VAL A 9 -23.63 0.64 -6.15
C VAL A 9 -22.43 0.63 -5.22
N ARG A 10 -21.35 1.29 -5.63
CA ARG A 10 -20.14 1.36 -4.83
C ARG A 10 -20.41 2.05 -3.50
N ASN A 11 -19.54 1.79 -2.52
CA ASN A 11 -19.69 2.40 -1.20
C ASN A 11 -18.56 3.40 -0.92
N LEU A 12 -17.34 2.90 -0.93
CA LEU A 12 -16.16 3.75 -0.68
C LEU A 12 -15.59 4.26 -2.00
N ALA A 13 -15.54 5.59 -2.13
CA ALA A 13 -15.00 6.22 -3.33
C ALA A 13 -14.70 7.69 -3.09
N GLN A 14 -13.99 8.31 -4.03
CA GLN A 14 -13.63 9.72 -3.91
C GLN A 14 -12.98 10.01 -2.57
N GLY A 15 -12.11 9.10 -2.13
CA GLY A 15 -11.43 9.29 -0.86
C GLY A 15 -9.92 9.30 -1.01
N PRO A 16 -9.41 10.26 -1.81
CA PRO A 16 -7.98 10.41 -2.05
C PRO A 16 -7.23 10.90 -0.81
N ARG A 17 -7.97 11.43 0.15
CA ARG A 17 -7.37 11.95 1.37
C ARG A 17 -7.06 10.80 2.34
N GLY A 18 -6.51 9.72 1.82
CA GLY A 18 -6.18 8.58 2.65
C GLY A 18 -7.26 7.52 2.65
N CYS A 19 -6.96 6.35 2.11
CA CYS A 19 -7.92 5.26 2.05
C CYS A 19 -7.69 4.28 3.18
N GLU A 20 -8.70 3.46 3.47
CA GLU A 20 -8.62 2.47 4.54
C GLU A 20 -7.29 1.72 4.48
N HIS A 21 -6.70 1.67 3.28
CA HIS A 21 -5.43 0.98 3.09
C HIS A 21 -4.29 1.75 3.76
N TYR A 22 -4.06 2.99 3.32
CA TYR A 22 -3.01 3.82 3.88
C TYR A 22 -3.47 5.26 4.03
N ASP A 23 -2.83 6.00 4.93
CA ASP A 23 -3.17 7.40 5.17
C ASP A 23 -2.18 8.32 4.49
N ARG A 24 -2.50 8.73 3.27
CA ARG A 24 -1.63 9.62 2.51
C ARG A 24 -2.43 10.74 1.86
N ALA A 25 -1.74 11.82 1.49
CA ALA A 25 -2.38 12.97 0.87
C ALA A 25 -1.84 13.21 -0.53
N CYS A 26 -1.45 12.14 -1.21
CA CYS A 26 -0.90 12.24 -2.56
C CYS A 26 -1.13 10.94 -3.34
N LEU A 27 -1.59 11.09 -4.57
CA LEU A 27 -1.85 9.92 -5.42
C LEU A 27 -0.57 9.46 -6.12
N LEU A 28 -0.39 8.14 -6.19
CA LEU A 28 0.78 7.57 -6.83
C LEU A 28 0.53 7.33 -8.32
N LYS A 29 1.39 7.91 -9.15
CA LYS A 29 1.27 7.77 -10.59
C LYS A 29 1.34 6.31 -11.01
N ALA A 30 0.60 5.95 -12.05
CA ALA A 30 0.58 4.58 -12.55
C ALA A 30 1.26 4.48 -13.91
N PRO A 31 2.51 4.00 -13.91
CA PRO A 31 3.30 3.84 -15.13
C PRO A 31 2.78 2.72 -16.02
N CYS A 32 1.67 2.12 -15.60
CA CYS A 32 1.05 1.02 -16.36
C CYS A 32 -0.05 1.55 -17.27
N CYS A 33 -0.87 2.45 -16.74
CA CYS A 33 -1.96 3.03 -17.51
C CYS A 33 -1.89 4.55 -17.50
N ASP A 34 -0.82 5.08 -16.91
CA ASP A 34 -0.63 6.52 -16.84
C ASP A 34 -1.74 7.19 -16.04
N LYS A 35 -2.33 6.43 -15.12
CA LYS A 35 -3.41 6.95 -14.28
C LYS A 35 -2.93 7.21 -12.87
N LEU A 36 -3.78 7.81 -12.05
CA LEU A 36 -3.44 8.12 -10.67
C LEU A 36 -4.54 7.64 -9.72
N TYR A 37 -4.12 6.90 -8.69
CA TYR A 37 -5.07 6.38 -7.71
C TYR A 37 -4.52 6.53 -6.29
N THR A 38 -5.42 6.72 -5.33
CA THR A 38 -5.04 6.90 -3.94
C THR A 38 -3.80 6.07 -3.61
N CYS A 39 -3.95 4.75 -3.66
CA CYS A 39 -2.86 3.84 -3.36
C CYS A 39 -2.73 2.76 -4.44
N ARG A 40 -1.82 1.81 -4.23
CA ARG A 40 -1.60 0.73 -5.17
C ARG A 40 -2.76 -0.26 -5.13
N LEU A 41 -3.30 -0.50 -3.94
CA LEU A 41 -4.42 -1.42 -3.77
C LEU A 41 -5.67 -0.89 -4.44
N CYS A 42 -5.77 0.43 -4.55
CA CYS A 42 -6.92 1.08 -5.17
C CYS A 42 -6.90 0.88 -6.69
N HIS A 43 -5.72 1.09 -7.27
CA HIS A 43 -5.56 0.93 -8.72
C HIS A 43 -6.22 -0.35 -9.21
N ASP A 44 -5.71 -1.48 -8.72
CA ASP A 44 -6.24 -2.78 -9.11
C ASP A 44 -7.73 -2.86 -8.82
N THR A 45 -8.16 -2.26 -7.72
CA THR A 45 -9.56 -2.27 -7.33
C THR A 45 -10.43 -1.61 -8.38
N ASN A 46 -9.92 -0.53 -8.97
CA ASN A 46 -10.66 0.19 -10.00
C ASN A 46 -10.09 -0.09 -11.38
N GLU A 47 -9.42 -1.23 -11.51
CA GLU A 47 -8.82 -1.63 -12.78
C GLU A 47 -8.84 -3.14 -12.95
N ASP A 48 -8.45 -3.62 -14.12
CA ASP A 48 -8.41 -5.05 -14.41
C ASP A 48 -7.00 -5.59 -14.30
N HIS A 49 -6.02 -4.70 -14.31
CA HIS A 49 -4.62 -5.09 -14.22
C HIS A 49 -4.02 -4.64 -12.88
N GLN A 50 -2.91 -5.27 -12.50
CA GLN A 50 -2.25 -4.94 -11.25
C GLN A 50 -1.14 -3.92 -11.48
N LEU A 51 -0.95 -3.03 -10.51
CA LEU A 51 0.08 -2.00 -10.60
C LEU A 51 1.21 -2.26 -9.62
N ASP A 52 2.40 -1.76 -9.94
CA ASP A 52 3.56 -1.94 -9.07
C ASP A 52 3.69 -0.78 -8.08
N ARG A 53 4.04 -1.11 -6.84
CA ARG A 53 4.20 -0.10 -5.80
C ARG A 53 5.66 0.35 -5.69
N PHE A 54 6.54 -0.34 -6.41
CA PHE A 54 7.95 -0.01 -6.39
C PHE A 54 8.36 0.75 -7.66
N LYS A 55 7.85 0.28 -8.79
CA LYS A 55 8.15 0.92 -10.08
C LYS A 55 7.92 2.43 -10.01
N VAL A 56 6.68 2.83 -9.81
CA VAL A 56 6.33 4.24 -9.71
C VAL A 56 7.27 4.98 -8.77
N LYS A 57 7.71 6.17 -9.19
CA LYS A 57 8.61 6.98 -8.39
C LYS A 57 8.03 8.36 -8.14
N GLU A 58 7.28 8.87 -9.11
CA GLU A 58 6.67 10.18 -8.99
C GLU A 58 5.42 10.13 -8.12
N VAL A 59 4.93 11.30 -7.73
CA VAL A 59 3.74 11.39 -6.89
C VAL A 59 3.01 12.71 -7.11
N GLN A 60 1.70 12.69 -6.90
CA GLN A 60 0.88 13.88 -7.08
C GLN A 60 0.13 14.23 -5.79
N CYS A 61 0.09 15.52 -5.46
CA CYS A 61 -0.59 15.98 -4.26
C CYS A 61 -2.10 15.98 -4.46
N ILE A 62 -2.83 15.77 -3.36
CA ILE A 62 -4.29 15.75 -3.41
C ILE A 62 -4.87 17.04 -2.86
N ASN A 63 -4.02 17.89 -2.32
CA ASN A 63 -4.45 19.16 -1.75
C ASN A 63 -4.35 20.29 -2.78
N CYS A 64 -3.16 20.43 -3.37
CA CYS A 64 -2.92 21.46 -4.38
C CYS A 64 -2.66 20.84 -5.74
N GLU A 65 -3.07 19.58 -5.91
CA GLU A 65 -2.87 18.88 -7.16
C GLU A 65 -1.60 19.35 -7.86
N LYS A 66 -0.49 19.34 -7.13
CA LYS A 66 0.79 19.77 -7.68
C LYS A 66 1.68 18.56 -7.97
N LEU A 67 2.44 18.65 -9.06
CA LEU A 67 3.33 17.56 -9.46
C LEU A 67 4.63 17.62 -8.65
N GLN A 68 5.19 16.44 -8.38
CA GLN A 68 6.44 16.36 -7.62
C GLN A 68 6.98 14.94 -7.63
N HIS A 69 8.13 14.73 -6.98
CA HIS A 69 8.76 13.42 -6.92
C HIS A 69 8.53 12.78 -5.56
N ALA A 70 9.01 11.54 -5.41
CA ALA A 70 8.86 10.82 -4.16
C ALA A 70 9.35 11.64 -2.98
N GLN A 71 8.46 11.91 -2.04
CA GLN A 71 8.80 12.69 -0.86
C GLN A 71 7.82 12.43 0.28
N GLN A 72 7.98 13.16 1.38
CA GLN A 72 7.10 13.00 2.54
C GLN A 72 6.14 14.17 2.65
N THR A 73 6.58 15.35 2.20
CA THR A 73 5.74 16.54 2.26
C THR A 73 5.70 17.24 0.90
N CYS A 74 4.65 18.03 0.68
CA CYS A 74 4.49 18.75 -0.58
C CYS A 74 5.47 19.91 -0.67
N GLU A 75 5.67 20.43 -1.87
CA GLU A 75 6.58 21.54 -2.09
C GLU A 75 5.80 22.82 -2.47
N ASP A 76 4.49 22.75 -2.36
CA ASP A 76 3.64 23.89 -2.69
C ASP A 76 2.70 24.22 -1.53
N CYS A 77 2.33 23.20 -0.77
CA CYS A 77 1.44 23.37 0.37
C CYS A 77 2.04 22.79 1.64
N SER A 78 3.17 22.10 1.48
CA SER A 78 3.86 21.49 2.62
C SER A 78 2.91 20.60 3.42
N THR A 79 2.12 19.80 2.70
CA THR A 79 1.17 18.91 3.34
C THR A 79 1.79 17.54 3.61
N LEU A 80 1.77 17.13 4.87
CA LEU A 80 2.34 15.84 5.26
C LEU A 80 1.64 14.70 4.55
N PHE A 81 2.35 14.07 3.62
CA PHE A 81 1.80 12.95 2.86
C PHE A 81 1.81 11.67 3.69
N GLY A 82 2.10 11.81 4.98
CA GLY A 82 2.13 10.65 5.86
C GLY A 82 3.31 10.70 6.82
N GLU A 83 3.02 10.54 8.11
CA GLU A 83 4.06 10.56 9.13
C GLU A 83 5.22 9.64 8.75
N TYR A 84 4.90 8.51 8.11
CA TYR A 84 5.91 7.56 7.70
C TYR A 84 6.02 7.51 6.17
N TYR A 85 7.24 7.67 5.67
CA TYR A 85 7.49 7.66 4.24
C TYR A 85 8.52 6.60 3.87
N CYS A 86 8.06 5.51 3.27
CA CYS A 86 8.94 4.42 2.87
C CYS A 86 9.58 4.70 1.52
N SER A 87 10.91 4.67 1.47
CA SER A 87 11.64 4.93 0.25
C SER A 87 11.80 3.65 -0.57
N ILE A 88 11.92 2.52 0.11
CA ILE A 88 12.07 1.23 -0.55
C ILE A 88 10.81 0.86 -1.32
N CYS A 89 9.66 1.09 -0.70
CA CYS A 89 8.38 0.78 -1.33
C CYS A 89 7.73 2.04 -1.90
N HIS A 90 8.27 3.19 -1.54
CA HIS A 90 7.75 4.47 -2.02
C HIS A 90 6.32 4.68 -1.55
N LEU A 91 5.98 4.07 -0.41
CA LEU A 91 4.64 4.20 0.15
C LEU A 91 4.62 5.20 1.31
N PHE A 92 3.46 5.78 1.56
CA PHE A 92 3.30 6.75 2.64
C PHE A 92 2.06 6.47 3.46
N ASP A 93 2.26 6.02 4.70
CA ASP A 93 1.15 5.70 5.60
C ASP A 93 1.35 6.35 6.95
N LYS A 94 0.31 6.99 7.46
CA LYS A 94 0.37 7.66 8.76
C LYS A 94 0.92 6.72 9.82
N ASP A 95 0.97 7.20 11.06
CA ASP A 95 1.47 6.40 12.17
C ASP A 95 0.88 5.00 12.15
N LYS A 96 -0.38 4.89 12.53
CA LYS A 96 -1.08 3.61 12.56
C LYS A 96 -0.16 2.51 13.07
N ARG A 97 0.83 2.89 13.88
CA ARG A 97 1.77 1.94 14.45
C ARG A 97 2.16 0.88 13.41
N GLN A 98 2.64 1.32 12.26
CA GLN A 98 3.03 0.42 11.19
C GLN A 98 4.55 0.39 11.04
N TYR A 99 5.09 -0.78 10.73
CA TYR A 99 6.53 -0.94 10.56
C TYR A 99 6.85 -1.57 9.21
N HIS A 100 8.11 -1.44 8.78
CA HIS A 100 8.55 -1.99 7.51
C HIS A 100 9.66 -3.02 7.71
N CYS A 101 9.55 -4.15 7.03
CA CYS A 101 10.55 -5.21 7.13
C CYS A 101 11.49 -5.20 5.93
N GLU A 102 12.78 -5.18 6.19
CA GLU A 102 13.78 -5.16 5.13
C GLU A 102 13.85 -6.52 4.44
N SER A 103 13.83 -7.58 5.22
CA SER A 103 13.88 -8.94 4.68
C SER A 103 12.81 -9.15 3.62
N CYS A 104 11.71 -8.41 3.76
CA CYS A 104 10.60 -8.51 2.82
C CYS A 104 10.49 -7.25 1.96
N GLY A 105 11.41 -6.31 2.19
CA GLY A 105 11.39 -5.07 1.43
C GLY A 105 9.99 -4.50 1.27
N ILE A 106 9.09 -4.90 2.16
CA ILE A 106 7.71 -4.42 2.12
C ILE A 106 7.26 -3.91 3.49
N CYS A 107 6.15 -3.18 3.50
CA CYS A 107 5.61 -2.64 4.75
C CYS A 107 4.64 -3.62 5.38
N ARG A 108 4.55 -3.58 6.71
CA ARG A 108 3.66 -4.46 7.45
C ARG A 108 3.19 -3.81 8.74
N ILE A 109 2.03 -4.22 9.23
CA ILE A 109 1.47 -3.68 10.46
C ILE A 109 1.93 -4.50 11.67
N GLY A 110 2.40 -3.80 12.71
CA GLY A 110 2.85 -4.47 13.90
C GLY A 110 1.70 -4.97 14.76
N PRO A 111 1.83 -4.80 16.09
CA PRO A 111 3.01 -4.18 16.69
C PRO A 111 4.26 -5.06 16.58
N LYS A 112 5.27 -4.54 15.90
CA LYS A 112 6.53 -5.28 15.72
C LYS A 112 6.83 -6.15 16.94
N GLU A 113 6.56 -5.61 18.13
CA GLU A 113 6.80 -6.34 19.37
C GLU A 113 6.15 -7.71 19.33
N ASP A 114 4.85 -7.73 19.06
CA ASP A 114 4.09 -8.98 19.00
C ASP A 114 4.20 -9.60 17.61
N PHE A 115 5.38 -9.48 17.00
CA PHE A 115 5.61 -10.03 15.67
C PHE A 115 7.10 -10.32 15.45
N PHE A 116 7.40 -11.04 14.38
CA PHE A 116 8.78 -11.39 14.06
C PHE A 116 8.91 -11.76 12.58
N HIS A 117 10.14 -12.08 12.17
CA HIS A 117 10.41 -12.46 10.79
C HIS A 117 11.26 -13.72 10.72
N CYS A 118 10.79 -14.70 9.97
CA CYS A 118 11.51 -15.96 9.82
C CYS A 118 12.33 -15.97 8.54
N LEU A 119 13.56 -16.45 8.64
CA LEU A 119 14.46 -16.51 7.49
C LEU A 119 14.02 -17.62 6.52
N LYS A 120 14.17 -18.87 6.95
CA LYS A 120 13.80 -20.00 6.12
C LYS A 120 12.53 -19.70 5.31
N CYS A 121 11.50 -19.23 6.00
CA CYS A 121 10.24 -18.89 5.35
C CYS A 121 10.40 -17.68 4.44
N ASN A 122 11.24 -16.74 4.86
CA ASN A 122 11.49 -15.53 4.07
C ASN A 122 10.27 -14.61 4.10
N LEU A 123 9.62 -14.54 5.26
CA LEU A 123 8.44 -13.70 5.42
C LEU A 123 8.22 -13.34 6.89
N CYS A 124 7.32 -12.40 7.14
CA CYS A 124 7.03 -11.97 8.49
C CYS A 124 5.94 -12.86 9.12
N LEU A 125 6.15 -13.20 10.38
CA LEU A 125 5.19 -14.04 11.11
C LEU A 125 5.00 -13.54 12.54
N THR A 126 3.77 -13.64 13.02
CA THR A 126 3.44 -13.21 14.37
C THR A 126 4.00 -14.17 15.42
N THR A 127 4.36 -13.63 16.57
CA THR A 127 4.92 -14.44 17.65
C THR A 127 4.04 -15.66 17.91
N ASN A 128 2.73 -15.48 17.82
CA ASN A 128 1.79 -16.57 18.06
C ASN A 128 2.14 -17.78 17.19
N LEU A 129 2.73 -17.52 16.03
CA LEU A 129 3.11 -18.59 15.11
C LEU A 129 4.63 -18.77 15.11
N ARG A 130 5.23 -18.81 16.29
CA ARG A 130 6.67 -18.98 16.40
C ARG A 130 7.02 -20.45 16.59
N GLY A 131 6.39 -21.32 15.80
CA GLY A 131 6.66 -22.74 15.89
C GLY A 131 5.72 -23.57 15.02
N LYS A 132 4.45 -23.20 15.01
CA LYS A 132 3.46 -23.90 14.22
C LYS A 132 3.74 -23.76 12.73
N HIS A 133 4.15 -22.56 12.33
CA HIS A 133 4.47 -22.29 10.93
C HIS A 133 5.56 -23.24 10.42
N LYS A 134 5.43 -23.67 9.17
CA LYS A 134 6.40 -24.58 8.58
C LYS A 134 7.17 -23.89 7.46
N CYS A 135 8.49 -24.02 7.48
CA CYS A 135 9.35 -23.41 6.47
C CYS A 135 9.40 -24.27 5.21
N ILE A 136 9.93 -25.48 5.35
CA ILE A 136 10.03 -26.40 4.22
C ILE A 136 8.97 -27.49 4.31
N GLU A 137 8.50 -27.93 3.14
CA GLU A 137 7.48 -28.97 3.08
C GLU A 137 8.13 -30.35 2.89
N SER A 138 7.83 -31.26 3.81
CA SER A 138 8.37 -32.61 3.75
C SER A 138 7.30 -33.62 3.36
N GLY A 139 7.72 -34.86 3.11
CA GLY A 139 6.77 -35.90 2.73
C GLY A 139 7.41 -36.97 1.88
N PRO A 140 7.86 -38.05 2.54
CA PRO A 140 8.51 -39.18 1.85
C PRO A 140 7.53 -39.98 1.01
N SER A 141 6.30 -40.13 1.51
CA SER A 141 5.28 -40.88 0.80
C SER A 141 5.87 -42.12 0.14
N SER A 142 6.72 -42.82 0.87
CA SER A 142 7.35 -44.04 0.36
C SER A 142 6.32 -45.13 0.10
N GLY A 143 6.04 -45.38 -1.18
CA GLY A 143 5.07 -46.39 -1.54
C GLY A 143 5.37 -47.03 -2.88
N GLY A 1 -20.88 -13.96 -35.87
CA GLY A 1 -20.90 -12.64 -36.50
C GLY A 1 -21.93 -11.74 -35.86
N SER A 2 -22.11 -10.55 -36.44
CA SER A 2 -23.06 -9.57 -35.93
C SER A 2 -22.63 -9.07 -34.55
N SER A 3 -21.33 -8.81 -34.41
CA SER A 3 -20.79 -8.31 -33.15
C SER A 3 -20.68 -6.79 -33.16
N GLY A 4 -21.04 -6.17 -32.04
CA GLY A 4 -20.98 -4.73 -31.94
C GLY A 4 -21.94 -4.17 -30.90
N SER A 5 -21.48 -3.18 -30.14
CA SER A 5 -22.30 -2.57 -29.10
C SER A 5 -21.89 -1.12 -28.86
N SER A 6 -22.63 -0.44 -27.99
CA SER A 6 -22.34 0.95 -27.68
C SER A 6 -22.37 1.19 -26.17
N GLY A 7 -21.55 2.13 -25.71
CA GLY A 7 -21.49 2.43 -24.29
C GLY A 7 -20.56 3.59 -23.98
N GLY A 8 -20.26 3.78 -22.71
CA GLY A 8 -19.38 4.86 -22.30
C GLY A 8 -19.83 5.52 -21.01
N VAL A 9 -18.92 5.61 -20.05
CA VAL A 9 -19.23 6.22 -18.76
C VAL A 9 -18.57 7.59 -18.63
N ARG A 10 -19.18 8.47 -17.83
CA ARG A 10 -18.64 9.81 -17.63
C ARG A 10 -18.88 10.28 -16.19
N ASN A 11 -17.91 10.98 -15.64
CA ASN A 11 -18.00 11.48 -14.28
C ASN A 11 -16.80 12.34 -13.91
N LEU A 12 -16.97 13.22 -12.94
CA LEU A 12 -15.88 14.10 -12.50
C LEU A 12 -14.96 13.38 -11.52
N ALA A 13 -13.87 14.04 -11.15
CA ALA A 13 -12.91 13.47 -10.22
C ALA A 13 -12.87 14.25 -8.91
N GLN A 14 -12.32 13.63 -7.88
CA GLN A 14 -12.23 14.27 -6.57
C GLN A 14 -10.89 13.95 -5.89
N GLY A 15 -10.47 14.80 -4.98
CA GLY A 15 -9.22 14.59 -4.27
C GLY A 15 -9.40 13.89 -2.94
N PRO A 16 -9.05 12.60 -2.90
CA PRO A 16 -9.18 11.79 -1.68
C PRO A 16 -8.18 12.20 -0.60
N ARG A 17 -8.37 11.68 0.60
CA ARG A 17 -7.49 12.00 1.72
C ARG A 17 -7.03 10.72 2.42
N GLY A 18 -6.69 9.71 1.63
CA GLY A 18 -6.23 8.45 2.20
C GLY A 18 -7.34 7.41 2.28
N CYS A 19 -7.10 6.25 1.68
CA CYS A 19 -8.08 5.17 1.68
C CYS A 19 -7.86 4.23 2.87
N GLU A 20 -8.86 3.41 3.16
CA GLU A 20 -8.77 2.47 4.27
C GLU A 20 -7.45 1.70 4.23
N HIS A 21 -6.91 1.52 3.03
CA HIS A 21 -5.64 0.81 2.86
C HIS A 21 -4.51 1.55 3.56
N TYR A 22 -4.37 2.83 3.25
CA TYR A 22 -3.32 3.65 3.85
C TYR A 22 -3.76 5.11 3.96
N ASP A 23 -3.16 5.83 4.90
CA ASP A 23 -3.48 7.24 5.10
C ASP A 23 -2.46 8.14 4.42
N ARG A 24 -2.75 8.53 3.18
CA ARG A 24 -1.85 9.40 2.42
C ARG A 24 -2.61 10.52 1.75
N ALA A 25 -1.96 11.66 1.60
CA ALA A 25 -2.58 12.83 0.97
C ALA A 25 -1.98 13.10 -0.40
N CYS A 26 -1.66 12.03 -1.13
CA CYS A 26 -1.08 12.15 -2.45
C CYS A 26 -1.28 10.87 -3.25
N LEU A 27 -1.71 11.01 -4.50
CA LEU A 27 -1.94 9.87 -5.37
C LEU A 27 -0.69 9.53 -6.17
N LEU A 28 -0.42 8.24 -6.34
CA LEU A 28 0.74 7.79 -7.08
C LEU A 28 0.39 7.52 -8.54
N LYS A 29 1.18 8.06 -9.45
CA LYS A 29 0.96 7.89 -10.88
C LYS A 29 1.12 6.42 -11.28
N ALA A 30 0.42 6.02 -12.33
CA ALA A 30 0.49 4.64 -12.82
C ALA A 30 1.11 4.58 -14.21
N PRO A 31 2.40 4.21 -14.26
CA PRO A 31 3.14 4.10 -15.52
C PRO A 31 2.66 2.94 -16.38
N CYS A 32 1.62 2.26 -15.92
CA CYS A 32 1.06 1.12 -16.64
C CYS A 32 -0.11 1.55 -17.52
N CYS A 33 -0.95 2.43 -16.99
CA CYS A 33 -2.10 2.92 -17.73
C CYS A 33 -2.16 4.45 -17.70
N ASP A 34 -1.12 5.07 -17.15
CA ASP A 34 -1.06 6.52 -17.05
C ASP A 34 -2.22 7.07 -16.23
N LYS A 35 -2.63 6.31 -15.23
CA LYS A 35 -3.74 6.72 -14.36
C LYS A 35 -3.24 7.00 -12.95
N LEU A 36 -4.10 7.60 -12.13
CA LEU A 36 -3.75 7.93 -10.75
C LEU A 36 -4.81 7.38 -9.79
N TYR A 37 -4.34 6.71 -8.75
CA TYR A 37 -5.23 6.13 -7.74
C TYR A 37 -4.66 6.31 -6.34
N THR A 38 -5.55 6.48 -5.37
CA THR A 38 -5.14 6.66 -3.98
C THR A 38 -3.90 5.84 -3.67
N CYS A 39 -4.01 4.53 -3.78
CA CYS A 39 -2.89 3.63 -3.52
C CYS A 39 -2.76 2.58 -4.61
N ARG A 40 -1.81 1.67 -4.43
CA ARG A 40 -1.58 0.60 -5.41
C ARG A 40 -2.71 -0.42 -5.37
N LEU A 41 -3.29 -0.61 -4.20
CA LEU A 41 -4.39 -1.57 -4.03
C LEU A 41 -5.64 -1.10 -4.75
N CYS A 42 -5.84 0.21 -4.79
CA CYS A 42 -7.00 0.79 -5.45
C CYS A 42 -6.92 0.61 -6.96
N HIS A 43 -5.72 0.84 -7.51
CA HIS A 43 -5.49 0.70 -8.95
C HIS A 43 -6.10 -0.60 -9.46
N ASP A 44 -5.62 -1.72 -8.95
CA ASP A 44 -6.10 -3.03 -9.36
C ASP A 44 -7.62 -3.13 -9.16
N THR A 45 -8.11 -2.58 -8.06
CA THR A 45 -9.54 -2.61 -7.75
C THR A 45 -10.35 -2.03 -8.89
N ASN A 46 -9.83 -0.97 -9.50
CA ASN A 46 -10.52 -0.31 -10.61
C ASN A 46 -9.77 -0.55 -11.92
N GLU A 47 -9.01 -1.63 -11.97
CA GLU A 47 -8.24 -1.98 -13.17
C GLU A 47 -8.12 -3.49 -13.32
N ASP A 48 -8.09 -3.95 -14.56
CA ASP A 48 -7.97 -5.38 -14.85
C ASP A 48 -6.55 -5.87 -14.59
N HIS A 49 -5.62 -4.93 -14.46
CA HIS A 49 -4.22 -5.26 -14.22
C HIS A 49 -3.75 -4.71 -12.88
N GLN A 50 -2.54 -5.09 -12.47
CA GLN A 50 -1.99 -4.64 -11.22
C GLN A 50 -0.90 -3.58 -11.44
N LEU A 51 -0.61 -2.81 -10.41
CA LEU A 51 0.41 -1.76 -10.50
C LEU A 51 1.53 -2.00 -9.49
N ASP A 52 2.75 -1.66 -9.87
CA ASP A 52 3.91 -1.83 -9.00
C ASP A 52 4.13 -0.60 -8.14
N ARG A 53 4.81 -0.78 -7.01
CA ARG A 53 5.08 0.33 -6.10
C ARG A 53 6.58 0.60 -6.01
N PHE A 54 7.35 -0.05 -6.89
CA PHE A 54 8.79 0.11 -6.90
C PHE A 54 9.24 0.87 -8.16
N LYS A 55 8.44 0.76 -9.22
CA LYS A 55 8.75 1.43 -10.47
C LYS A 55 8.40 2.92 -10.39
N VAL A 56 7.14 3.21 -10.13
CA VAL A 56 6.67 4.59 -10.03
C VAL A 56 7.44 5.35 -8.94
N LYS A 57 7.69 6.63 -9.19
CA LYS A 57 8.41 7.46 -8.24
C LYS A 57 7.71 8.80 -8.04
N GLU A 58 7.08 9.30 -9.10
CA GLU A 58 6.37 10.56 -9.05
C GLU A 58 5.05 10.43 -8.29
N VAL A 59 4.60 11.52 -7.70
CA VAL A 59 3.35 11.52 -6.94
C VAL A 59 2.62 12.85 -7.09
N GLN A 60 1.32 12.84 -6.79
CA GLN A 60 0.50 14.04 -6.89
C GLN A 60 -0.18 14.35 -5.56
N CYS A 61 -0.33 15.63 -5.26
CA CYS A 61 -0.97 16.05 -4.02
C CYS A 61 -2.49 16.08 -4.17
N ILE A 62 -3.19 15.85 -3.06
CA ILE A 62 -4.65 15.85 -3.07
C ILE A 62 -5.21 17.13 -2.45
N ASN A 63 -4.32 17.92 -1.85
CA ASN A 63 -4.71 19.17 -1.22
C ASN A 63 -4.62 20.34 -2.20
N CYS A 64 -3.41 20.55 -2.72
CA CYS A 64 -3.18 21.63 -3.67
C CYS A 64 -2.95 21.08 -5.07
N GLU A 65 -3.32 19.82 -5.28
CA GLU A 65 -3.16 19.18 -6.58
C GLU A 65 -1.87 19.63 -7.26
N LYS A 66 -0.81 19.77 -6.46
CA LYS A 66 0.49 20.19 -6.98
C LYS A 66 1.32 18.99 -7.40
N LEU A 67 2.06 19.13 -8.50
CA LEU A 67 2.91 18.06 -9.00
C LEU A 67 4.23 18.01 -8.24
N GLN A 68 4.79 16.80 -8.12
CA GLN A 68 6.05 16.62 -7.42
C GLN A 68 6.56 15.19 -7.57
N HIS A 69 7.67 14.89 -6.92
CA HIS A 69 8.25 13.55 -6.98
C HIS A 69 8.10 12.82 -5.65
N ALA A 70 8.67 11.62 -5.57
CA ALA A 70 8.59 10.83 -4.35
C ALA A 70 9.13 11.61 -3.15
N GLN A 71 8.25 11.87 -2.19
CA GLN A 71 8.65 12.60 -0.99
C GLN A 71 7.69 12.31 0.16
N GLN A 72 7.89 13.00 1.28
CA GLN A 72 7.04 12.81 2.45
C GLN A 72 6.08 13.97 2.63
N THR A 73 6.51 15.16 2.23
CA THR A 73 5.69 16.36 2.34
C THR A 73 5.61 17.10 1.01
N CYS A 74 4.59 17.95 0.87
CA CYS A 74 4.41 18.71 -0.36
C CYS A 74 5.41 19.86 -0.44
N GLU A 75 5.54 20.44 -1.63
CA GLU A 75 6.45 21.55 -1.84
C GLU A 75 5.69 22.85 -2.12
N ASP A 76 4.38 22.81 -1.92
CA ASP A 76 3.54 23.97 -2.17
C ASP A 76 2.64 24.25 -0.97
N CYS A 77 2.21 23.18 -0.30
CA CYS A 77 1.33 23.31 0.87
C CYS A 77 1.99 22.70 2.10
N SER A 78 3.09 21.99 1.89
CA SER A 78 3.81 21.35 2.98
C SER A 78 2.89 20.44 3.79
N THR A 79 2.04 19.69 3.08
CA THR A 79 1.10 18.78 3.73
C THR A 79 1.72 17.41 3.92
N LEU A 80 1.88 16.99 5.17
CA LEU A 80 2.45 15.69 5.48
C LEU A 80 1.67 14.57 4.80
N PHE A 81 2.27 13.95 3.79
CA PHE A 81 1.62 12.87 3.06
C PHE A 81 1.63 11.58 3.88
N GLY A 82 2.09 11.68 5.12
CA GLY A 82 2.15 10.52 5.99
C GLY A 82 3.38 10.50 6.87
N GLU A 83 3.18 10.41 8.17
CA GLU A 83 4.29 10.38 9.12
C GLU A 83 5.38 9.42 8.65
N TYR A 84 4.98 8.24 8.20
CA TYR A 84 5.92 7.24 7.73
C TYR A 84 6.09 7.31 6.22
N TYR A 85 7.32 7.52 5.77
CA TYR A 85 7.62 7.62 4.35
C TYR A 85 8.69 6.61 3.95
N CYS A 86 8.31 5.65 3.12
CA CYS A 86 9.23 4.63 2.66
C CYS A 86 9.83 5.01 1.31
N SER A 87 11.14 4.78 1.17
CA SER A 87 11.84 5.10 -0.07
C SER A 87 11.85 3.91 -1.02
N ILE A 88 11.99 2.72 -0.44
CA ILE A 88 12.03 1.48 -1.22
C ILE A 88 10.67 1.18 -1.83
N CYS A 89 9.64 1.17 -0.99
CA CYS A 89 8.29 0.89 -1.44
C CYS A 89 7.60 2.17 -1.90
N HIS A 90 8.25 3.31 -1.67
CA HIS A 90 7.70 4.60 -2.07
C HIS A 90 6.27 4.75 -1.57
N LEU A 91 6.00 4.23 -0.38
CA LEU A 91 4.67 4.31 0.21
C LEU A 91 4.64 5.32 1.36
N PHE A 92 3.45 5.85 1.64
CA PHE A 92 3.29 6.82 2.71
C PHE A 92 2.05 6.51 3.53
N ASP A 93 2.24 6.16 4.80
CA ASP A 93 1.13 5.83 5.68
C ASP A 93 1.25 6.61 7.01
N LYS A 94 0.11 6.98 7.56
CA LYS A 94 0.09 7.73 8.81
C LYS A 94 0.76 6.93 9.94
N ASP A 95 0.90 7.56 11.10
CA ASP A 95 1.51 6.91 12.24
C ASP A 95 0.67 5.73 12.72
N LYS A 96 1.01 4.53 12.25
CA LYS A 96 0.28 3.33 12.64
C LYS A 96 1.21 2.31 13.27
N ARG A 97 2.24 2.80 13.95
CA ARG A 97 3.21 1.92 14.61
C ARG A 97 3.54 0.73 13.73
N GLN A 98 3.97 1.00 12.50
CA GLN A 98 4.32 -0.07 11.56
C GLN A 98 5.82 -0.10 11.32
N TYR A 99 6.31 -1.22 10.80
CA TYR A 99 7.73 -1.38 10.51
C TYR A 99 7.95 -1.93 9.11
N HIS A 100 9.11 -1.63 8.54
CA HIS A 100 9.44 -2.09 7.19
C HIS A 100 10.43 -3.26 7.25
N CYS A 101 9.97 -4.42 6.79
CA CYS A 101 10.81 -5.62 6.78
C CYS A 101 11.87 -5.52 5.70
N GLU A 102 13.11 -5.82 6.07
CA GLU A 102 14.23 -5.77 5.13
C GLU A 102 14.29 -7.05 4.29
N SER A 103 14.14 -8.18 4.97
CA SER A 103 14.18 -9.48 4.30
C SER A 103 13.17 -9.54 3.16
N CYS A 104 12.00 -8.96 3.39
CA CYS A 104 10.93 -8.95 2.41
C CYS A 104 11.00 -7.69 1.55
N GLY A 105 11.64 -6.65 2.09
CA GLY A 105 11.76 -5.40 1.37
C GLY A 105 10.44 -4.69 1.20
N ILE A 106 9.48 -5.02 2.07
CA ILE A 106 8.16 -4.42 2.01
C ILE A 106 7.73 -3.92 3.39
N CYS A 107 6.79 -2.99 3.41
CA CYS A 107 6.28 -2.43 4.66
C CYS A 107 5.31 -3.39 5.33
N ARG A 108 5.29 -3.40 6.65
CA ARG A 108 4.41 -4.27 7.41
C ARG A 108 3.91 -3.58 8.67
N ILE A 109 2.71 -3.96 9.12
CA ILE A 109 2.13 -3.38 10.32
C ILE A 109 2.51 -4.17 11.56
N GLY A 110 2.92 -3.45 12.61
CA GLY A 110 3.30 -4.09 13.85
C GLY A 110 2.13 -4.38 14.75
N PRO A 111 2.32 -4.21 16.07
CA PRO A 111 3.60 -3.75 16.62
C PRO A 111 4.69 -4.82 16.50
N LYS A 112 5.80 -4.45 15.88
CA LYS A 112 6.92 -5.37 15.70
C LYS A 112 7.06 -6.28 16.91
N GLU A 113 6.90 -5.73 18.10
CA GLU A 113 7.02 -6.49 19.33
C GLU A 113 6.20 -7.79 19.24
N ASP A 114 4.93 -7.65 18.87
CA ASP A 114 4.05 -8.81 18.74
C ASP A 114 4.12 -9.39 17.34
N PHE A 115 5.30 -9.33 16.73
CA PHE A 115 5.49 -9.84 15.38
C PHE A 115 6.95 -10.21 15.15
N PHE A 116 7.21 -10.92 14.05
CA PHE A 116 8.56 -11.34 13.72
C PHE A 116 8.65 -11.78 12.26
N HIS A 117 9.86 -12.14 11.82
CA HIS A 117 10.07 -12.58 10.45
C HIS A 117 10.92 -13.85 10.41
N CYS A 118 10.34 -14.94 9.89
CA CYS A 118 11.04 -16.21 9.80
C CYS A 118 11.95 -16.24 8.57
N LEU A 119 13.09 -16.91 8.72
CA LEU A 119 14.04 -17.02 7.62
C LEU A 119 13.67 -18.15 6.68
N LYS A 120 13.73 -19.38 7.19
CA LYS A 120 13.38 -20.56 6.39
C LYS A 120 12.12 -20.31 5.57
N CYS A 121 11.13 -19.69 6.20
CA CYS A 121 9.86 -19.39 5.53
C CYS A 121 10.03 -18.24 4.54
N ASN A 122 10.97 -17.35 4.83
CA ASN A 122 11.23 -16.21 3.97
C ASN A 122 10.00 -15.30 3.89
N LEU A 123 9.47 -14.94 5.05
CA LEU A 123 8.29 -14.08 5.12
C LEU A 123 8.07 -13.57 6.54
N CYS A 124 7.05 -12.74 6.71
CA CYS A 124 6.73 -12.18 8.01
C CYS A 124 5.64 -13.00 8.70
N LEU A 125 5.71 -13.06 10.04
CA LEU A 125 4.72 -13.81 10.81
C LEU A 125 4.56 -13.21 12.21
N THR A 126 3.34 -13.27 12.74
CA THR A 126 3.05 -12.74 14.06
C THR A 126 3.58 -13.67 15.15
N THR A 127 3.99 -13.08 16.27
CA THR A 127 4.52 -13.84 17.40
C THR A 127 3.59 -15.01 17.74
N ASN A 128 2.29 -14.74 17.71
CA ASN A 128 1.30 -15.78 18.02
C ASN A 128 1.64 -17.08 17.33
N LEU A 129 2.33 -16.99 16.19
CA LEU A 129 2.71 -18.17 15.44
C LEU A 129 4.20 -18.47 15.62
N ARG A 130 4.67 -18.37 16.86
CA ARG A 130 6.07 -18.63 17.17
C ARG A 130 6.34 -20.13 17.28
N GLY A 131 6.67 -20.73 16.14
CA GLY A 131 6.95 -22.16 16.12
C GLY A 131 5.81 -22.97 15.51
N LYS A 132 4.61 -22.79 16.04
CA LYS A 132 3.43 -23.50 15.55
C LYS A 132 3.49 -23.64 14.03
N HIS A 133 3.88 -22.57 13.34
CA HIS A 133 3.97 -22.58 11.89
C HIS A 133 5.11 -23.50 11.43
N LYS A 134 5.02 -23.97 10.20
CA LYS A 134 6.03 -24.85 9.64
C LYS A 134 6.70 -24.22 8.42
N CYS A 135 7.99 -24.47 8.25
CA CYS A 135 8.74 -23.93 7.13
C CYS A 135 8.84 -24.94 6.00
N ILE A 136 9.63 -25.99 6.22
CA ILE A 136 9.81 -27.03 5.22
C ILE A 136 8.48 -27.59 4.75
N GLU A 137 8.52 -28.57 3.85
CA GLU A 137 7.31 -29.18 3.32
C GLU A 137 7.22 -30.65 3.73
N SER A 138 6.03 -31.08 4.13
CA SER A 138 5.82 -32.47 4.54
C SER A 138 4.44 -32.96 4.11
N GLY A 139 4.21 -34.26 4.27
CA GLY A 139 2.93 -34.83 3.90
C GLY A 139 2.96 -35.47 2.53
N PRO A 140 2.13 -36.51 2.32
CA PRO A 140 2.05 -37.23 1.05
C PRO A 140 1.41 -36.38 -0.05
N SER A 141 0.62 -35.39 0.36
CA SER A 141 -0.05 -34.52 -0.59
C SER A 141 0.63 -33.14 -0.64
N SER A 142 0.72 -32.58 -1.85
CA SER A 142 1.34 -31.27 -2.03
C SER A 142 0.59 -30.19 -1.25
N GLY A 143 1.25 -29.05 -1.05
CA GLY A 143 0.64 -27.97 -0.32
C GLY A 143 1.59 -26.81 -0.09
N GLY A 1 -38.71 -9.48 -15.30
CA GLY A 1 -37.31 -9.10 -15.31
C GLY A 1 -36.85 -8.53 -13.99
N SER A 2 -35.74 -7.79 -14.02
CA SER A 2 -35.19 -7.20 -12.80
C SER A 2 -34.25 -6.04 -13.15
N SER A 3 -34.40 -4.94 -12.42
CA SER A 3 -33.57 -3.76 -12.65
C SER A 3 -33.47 -2.91 -11.39
N GLY A 4 -32.41 -2.12 -11.30
CA GLY A 4 -32.22 -1.26 -10.13
C GLY A 4 -30.87 -0.58 -10.13
N SER A 5 -30.88 0.75 -10.18
CA SER A 5 -29.64 1.53 -10.19
C SER A 5 -29.45 2.26 -8.88
N SER A 6 -28.21 2.62 -8.57
CA SER A 6 -27.89 3.32 -7.33
C SER A 6 -26.59 4.11 -7.48
N GLY A 7 -26.66 5.41 -7.18
CA GLY A 7 -25.49 6.25 -7.29
C GLY A 7 -25.81 7.72 -7.07
N GLY A 8 -24.99 8.39 -6.27
CA GLY A 8 -25.21 9.80 -5.98
C GLY A 8 -24.20 10.36 -5.01
N VAL A 9 -23.77 11.60 -5.24
CA VAL A 9 -22.80 12.25 -4.38
C VAL A 9 -23.47 12.83 -3.14
N ARG A 10 -22.66 13.20 -2.15
CA ARG A 10 -23.18 13.77 -0.91
C ARG A 10 -22.58 15.15 -0.65
N ASN A 11 -21.25 15.22 -0.68
CA ASN A 11 -20.54 16.48 -0.45
C ASN A 11 -19.28 16.56 -1.30
N LEU A 12 -18.99 17.75 -1.80
CA LEU A 12 -17.80 17.97 -2.63
C LEU A 12 -16.54 17.49 -1.92
N ALA A 13 -15.47 17.32 -2.67
CA ALA A 13 -14.20 16.88 -2.11
C ALA A 13 -13.02 17.38 -2.95
N GLN A 14 -12.02 17.94 -2.27
CA GLN A 14 -10.84 18.47 -2.95
C GLN A 14 -9.81 17.36 -3.17
N GLY A 15 -10.28 16.15 -3.42
CA GLY A 15 -9.39 15.03 -3.65
C GLY A 15 -9.32 14.10 -2.46
N PRO A 16 -8.90 12.84 -2.71
CA PRO A 16 -8.79 11.83 -1.66
C PRO A 16 -7.64 12.12 -0.69
N ARG A 17 -7.79 11.63 0.54
CA ARG A 17 -6.77 11.85 1.56
C ARG A 17 -6.47 10.54 2.30
N GLY A 18 -6.31 9.46 1.55
CA GLY A 18 -6.02 8.17 2.15
C GLY A 18 -7.25 7.29 2.26
N CYS A 19 -7.19 6.11 1.64
CA CYS A 19 -8.30 5.18 1.68
C CYS A 19 -8.13 4.16 2.80
N GLU A 20 -9.14 3.32 2.98
CA GLU A 20 -9.11 2.29 4.03
C GLU A 20 -7.80 1.51 3.97
N HIS A 21 -7.16 1.53 2.80
CA HIS A 21 -5.91 0.81 2.61
C HIS A 21 -4.77 1.50 3.35
N TYR A 22 -4.66 2.81 3.18
CA TYR A 22 -3.61 3.59 3.83
C TYR A 22 -4.00 5.06 3.93
N ASP A 23 -3.41 5.76 4.89
CA ASP A 23 -3.70 7.17 5.10
C ASP A 23 -2.62 8.05 4.45
N ARG A 24 -2.87 8.46 3.21
CA ARG A 24 -1.92 9.30 2.48
C ARG A 24 -2.64 10.46 1.80
N ALA A 25 -1.94 11.56 1.62
CA ALA A 25 -2.50 12.74 0.98
C ALA A 25 -1.85 12.99 -0.38
N CYS A 26 -1.51 11.90 -1.06
CA CYS A 26 -0.88 12.01 -2.38
C CYS A 26 -1.07 10.72 -3.17
N LEU A 27 -1.60 10.85 -4.39
CA LEU A 27 -1.84 9.70 -5.25
C LEU A 27 -0.58 9.33 -6.03
N LEU A 28 -0.32 8.03 -6.15
CA LEU A 28 0.85 7.56 -6.88
C LEU A 28 0.52 7.33 -8.35
N LYS A 29 1.17 8.08 -9.22
CA LYS A 29 0.95 7.97 -10.66
C LYS A 29 1.19 6.54 -11.14
N ALA A 30 0.42 6.11 -12.12
CA ALA A 30 0.55 4.77 -12.67
C ALA A 30 1.25 4.79 -14.02
N PRO A 31 2.52 4.35 -14.03
CA PRO A 31 3.33 4.32 -15.26
C PRO A 31 2.86 3.24 -16.23
N CYS A 32 1.76 2.57 -15.88
CA CYS A 32 1.20 1.52 -16.73
C CYS A 32 0.05 2.05 -17.56
N CYS A 33 -0.80 2.87 -16.95
CA CYS A 33 -1.95 3.45 -17.63
C CYS A 33 -1.96 4.97 -17.48
N ASP A 34 -0.90 5.51 -16.89
CA ASP A 34 -0.79 6.95 -16.69
C ASP A 34 -1.97 7.47 -15.87
N LYS A 35 -2.51 6.62 -15.01
CA LYS A 35 -3.64 6.99 -14.16
C LYS A 35 -3.18 7.23 -12.73
N LEU A 36 -4.08 7.75 -11.92
CA LEU A 36 -3.77 8.04 -10.51
C LEU A 36 -4.83 7.43 -9.59
N TYR A 37 -4.38 6.68 -8.59
CA TYR A 37 -5.29 6.05 -7.64
C TYR A 37 -4.76 6.19 -6.21
N THR A 38 -5.69 6.42 -5.27
CA THR A 38 -5.32 6.56 -3.87
C THR A 38 -4.10 5.72 -3.53
N CYS A 39 -4.19 4.42 -3.79
CA CYS A 39 -3.09 3.50 -3.51
C CYS A 39 -2.88 2.53 -4.67
N ARG A 40 -1.90 1.65 -4.53
CA ARG A 40 -1.60 0.66 -5.57
C ARG A 40 -2.76 -0.31 -5.75
N LEU A 41 -3.45 -0.62 -4.65
CA LEU A 41 -4.58 -1.53 -4.69
C LEU A 41 -5.74 -0.93 -5.49
N CYS A 42 -6.32 0.15 -4.98
CA CYS A 42 -7.42 0.81 -5.65
C CYS A 42 -7.25 0.77 -7.16
N HIS A 43 -6.01 0.85 -7.62
CA HIS A 43 -5.71 0.82 -9.04
C HIS A 43 -6.13 -0.51 -9.66
N ASP A 44 -5.48 -1.58 -9.24
CA ASP A 44 -5.79 -2.92 -9.74
C ASP A 44 -7.25 -3.27 -9.47
N THR A 45 -7.80 -2.72 -8.39
CA THR A 45 -9.18 -2.98 -8.01
C THR A 45 -10.16 -2.33 -8.99
N ASN A 46 -9.77 -1.17 -9.52
CA ASN A 46 -10.61 -0.45 -10.47
C ASN A 46 -10.05 -0.56 -11.88
N GLU A 47 -9.20 -1.56 -12.10
CA GLU A 47 -8.59 -1.77 -13.41
C GLU A 47 -8.49 -3.25 -13.73
N ASP A 48 -8.20 -3.57 -14.99
CA ASP A 48 -8.07 -4.95 -15.43
C ASP A 48 -6.64 -5.45 -15.23
N HIS A 49 -5.69 -4.52 -15.27
CA HIS A 49 -4.28 -4.86 -15.12
C HIS A 49 -3.79 -4.51 -13.71
N GLN A 50 -2.58 -4.95 -13.38
CA GLN A 50 -2.00 -4.68 -12.07
C GLN A 50 -0.87 -3.65 -12.17
N LEU A 51 -0.79 -2.77 -11.17
CA LEU A 51 0.24 -1.75 -11.15
C LEU A 51 1.35 -2.10 -10.16
N ASP A 52 2.55 -1.62 -10.42
CA ASP A 52 3.69 -1.87 -9.57
C ASP A 52 3.74 -0.88 -8.42
N ARG A 53 4.51 -1.20 -7.38
CA ARG A 53 4.64 -0.34 -6.21
C ARG A 53 6.04 0.23 -6.11
N PHE A 54 7.01 -0.49 -6.65
CA PHE A 54 8.40 -0.06 -6.62
C PHE A 54 8.78 0.69 -7.90
N LYS A 55 8.29 0.19 -9.03
CA LYS A 55 8.56 0.82 -10.31
C LYS A 55 8.25 2.32 -10.28
N VAL A 56 7.02 2.65 -9.91
CA VAL A 56 6.60 4.04 -9.82
C VAL A 56 7.39 4.79 -8.76
N LYS A 57 7.80 6.01 -9.09
CA LYS A 57 8.57 6.83 -8.16
C LYS A 57 7.92 8.19 -7.98
N GLU A 58 7.31 8.70 -9.04
CA GLU A 58 6.65 10.00 -9.00
C GLU A 58 5.34 9.92 -8.20
N VAL A 59 4.86 11.07 -7.75
CA VAL A 59 3.63 11.13 -6.96
C VAL A 59 2.95 12.48 -7.12
N GLN A 60 1.65 12.53 -6.82
CA GLN A 60 0.88 13.77 -6.92
C GLN A 60 0.19 14.08 -5.60
N CYS A 61 -0.03 15.37 -5.35
CA CYS A 61 -0.69 15.80 -4.12
C CYS A 61 -2.20 15.84 -4.30
N ILE A 62 -2.92 15.62 -3.21
CA ILE A 62 -4.38 15.63 -3.25
C ILE A 62 -4.95 16.92 -2.64
N ASN A 63 -4.09 17.64 -1.93
CA ASN A 63 -4.50 18.89 -1.29
C ASN A 63 -4.50 20.04 -2.30
N CYS A 64 -3.35 20.26 -2.93
CA CYS A 64 -3.21 21.33 -3.92
C CYS A 64 -2.97 20.76 -5.31
N GLU A 65 -3.35 19.49 -5.49
CA GLU A 65 -3.18 18.82 -6.78
C GLU A 65 -1.90 19.32 -7.48
N LYS A 66 -0.82 19.41 -6.71
CA LYS A 66 0.46 19.86 -7.25
C LYS A 66 1.35 18.68 -7.60
N LEU A 67 2.00 18.75 -8.76
CA LEU A 67 2.89 17.68 -9.19
C LEU A 67 4.17 17.67 -8.39
N GLN A 68 4.76 16.49 -8.23
CA GLN A 68 6.00 16.34 -7.48
C GLN A 68 6.53 14.91 -7.56
N HIS A 69 7.67 14.66 -6.93
CA HIS A 69 8.28 13.34 -6.93
C HIS A 69 8.18 12.69 -5.56
N ALA A 70 8.73 11.49 -5.42
CA ALA A 70 8.71 10.78 -4.16
C ALA A 70 9.19 11.66 -3.02
N GLN A 71 8.35 11.84 -2.01
CA GLN A 71 8.70 12.66 -0.86
C GLN A 71 7.75 12.38 0.31
N GLN A 72 7.95 13.11 1.40
CA GLN A 72 7.13 12.93 2.59
C GLN A 72 6.14 14.09 2.75
N THR A 73 6.53 15.26 2.27
CA THR A 73 5.69 16.45 2.37
C THR A 73 5.60 17.17 1.02
N CYS A 74 4.53 17.93 0.83
CA CYS A 74 4.32 18.67 -0.40
C CYS A 74 5.27 19.86 -0.49
N GLU A 75 5.55 20.30 -1.71
CA GLU A 75 6.44 21.44 -1.93
C GLU A 75 5.65 22.69 -2.28
N ASP A 76 4.34 22.63 -2.08
CA ASP A 76 3.47 23.77 -2.38
C ASP A 76 2.57 24.09 -1.18
N CYS A 77 2.08 23.05 -0.51
CA CYS A 77 1.21 23.22 0.65
C CYS A 77 1.87 22.66 1.90
N SER A 78 2.95 21.91 1.72
CA SER A 78 3.67 21.31 2.84
C SER A 78 2.75 20.43 3.66
N THR A 79 1.90 19.67 2.98
CA THR A 79 0.95 18.78 3.65
C THR A 79 1.58 17.40 3.89
N LEU A 80 1.71 17.04 5.16
CA LEU A 80 2.30 15.75 5.52
C LEU A 80 1.55 14.61 4.84
N PHE A 81 2.21 14.00 3.85
CA PHE A 81 1.61 12.89 3.11
C PHE A 81 1.60 11.62 3.95
N GLY A 82 2.12 11.72 5.18
CA GLY A 82 2.15 10.57 6.07
C GLY A 82 3.35 10.60 7.00
N GLU A 83 3.09 10.55 8.30
CA GLU A 83 4.15 10.58 9.30
C GLU A 83 5.29 9.67 8.89
N TYR A 84 4.97 8.55 8.26
CA TYR A 84 5.97 7.58 7.82
C TYR A 84 6.00 7.49 6.30
N TYR A 85 7.14 7.80 5.71
CA TYR A 85 7.31 7.75 4.26
C TYR A 85 8.41 6.77 3.87
N CYS A 86 8.03 5.70 3.20
CA CYS A 86 8.98 4.68 2.77
C CYS A 86 9.62 5.07 1.43
N SER A 87 10.92 4.85 1.32
CA SER A 87 11.65 5.19 0.10
C SER A 87 11.70 3.98 -0.85
N ILE A 88 11.79 2.80 -0.27
CA ILE A 88 11.85 1.57 -1.06
C ILE A 88 10.48 1.25 -1.67
N CYS A 89 9.46 1.19 -0.83
CA CYS A 89 8.11 0.91 -1.29
C CYS A 89 7.40 2.18 -1.76
N HIS A 90 8.05 3.32 -1.52
CA HIS A 90 7.48 4.61 -1.93
C HIS A 90 6.06 4.76 -1.41
N LEU A 91 5.76 4.09 -0.30
CA LEU A 91 4.43 4.15 0.30
C LEU A 91 4.40 5.17 1.45
N PHE A 92 3.24 5.76 1.66
CA PHE A 92 3.07 6.75 2.72
C PHE A 92 1.93 6.36 3.66
N ASP A 93 2.26 6.12 4.93
CA ASP A 93 1.27 5.75 5.91
C ASP A 93 1.28 6.71 7.11
N LYS A 94 0.19 6.73 7.86
CA LYS A 94 0.07 7.60 9.01
C LYS A 94 0.71 6.97 10.24
N ASP A 95 0.61 7.65 11.38
CA ASP A 95 1.18 7.16 12.63
C ASP A 95 0.40 5.96 13.13
N LYS A 96 0.85 4.76 12.76
CA LYS A 96 0.19 3.52 13.17
C LYS A 96 1.21 2.49 13.64
N ARG A 97 2.30 2.97 14.21
CA ARG A 97 3.36 2.09 14.70
C ARG A 97 3.68 1.01 13.68
N GLN A 98 3.88 1.42 12.43
CA GLN A 98 4.18 0.47 11.36
C GLN A 98 5.67 0.51 11.01
N TYR A 99 6.27 -0.67 10.85
CA TYR A 99 7.69 -0.77 10.52
C TYR A 99 7.88 -1.30 9.10
N HIS A 100 9.13 -1.47 8.70
CA HIS A 100 9.45 -1.97 7.37
C HIS A 100 10.46 -3.12 7.45
N CYS A 101 10.07 -4.27 6.92
CA CYS A 101 10.94 -5.45 6.93
C CYS A 101 11.93 -5.40 5.77
N GLU A 102 13.20 -5.69 6.08
CA GLU A 102 14.25 -5.68 5.05
C GLU A 102 14.25 -6.99 4.27
N SER A 103 14.09 -8.10 4.99
CA SER A 103 14.08 -9.42 4.34
C SER A 103 13.02 -9.48 3.26
N CYS A 104 11.92 -8.76 3.46
CA CYS A 104 10.83 -8.74 2.50
C CYS A 104 10.83 -7.45 1.69
N GLY A 105 11.55 -6.45 2.19
CA GLY A 105 11.63 -5.17 1.50
C GLY A 105 10.29 -4.48 1.42
N ILE A 106 9.34 -4.92 2.24
CA ILE A 106 8.01 -4.33 2.25
C ILE A 106 7.64 -3.84 3.64
N CYS A 107 6.65 -2.96 3.71
CA CYS A 107 6.20 -2.41 4.99
C CYS A 107 5.27 -3.39 5.69
N ARG A 108 5.38 -3.44 7.03
CA ARG A 108 4.55 -4.33 7.82
C ARG A 108 4.09 -3.65 9.10
N ILE A 109 2.90 -4.00 9.56
CA ILE A 109 2.33 -3.41 10.77
C ILE A 109 2.80 -4.18 12.01
N GLY A 110 3.16 -3.44 13.05
CA GLY A 110 3.61 -4.05 14.28
C GLY A 110 2.48 -4.35 15.24
N PRO A 111 2.73 -4.20 16.55
CA PRO A 111 4.04 -3.78 17.04
C PRO A 111 5.12 -4.84 16.84
N LYS A 112 6.20 -4.48 16.16
CA LYS A 112 7.29 -5.41 15.91
C LYS A 112 7.53 -6.32 17.10
N GLU A 113 7.43 -5.75 18.30
CA GLU A 113 7.63 -6.52 19.52
C GLU A 113 6.83 -7.82 19.49
N ASP A 114 5.53 -7.70 19.24
CA ASP A 114 4.66 -8.87 19.18
C ASP A 114 4.65 -9.46 17.78
N PHE A 115 5.81 -9.42 17.12
CA PHE A 115 5.93 -9.96 15.76
C PHE A 115 7.37 -10.34 15.47
N PHE A 116 7.59 -11.04 14.37
CA PHE A 116 8.92 -11.48 13.96
C PHE A 116 8.95 -11.86 12.49
N HIS A 117 10.14 -12.21 12.00
CA HIS A 117 10.30 -12.61 10.60
C HIS A 117 11.11 -13.89 10.49
N CYS A 118 10.49 -14.92 9.92
CA CYS A 118 11.15 -16.21 9.76
C CYS A 118 12.01 -16.23 8.49
N LEU A 119 13.10 -16.98 8.53
CA LEU A 119 13.99 -17.08 7.39
C LEU A 119 13.52 -18.14 6.41
N LYS A 120 13.53 -19.40 6.85
CA LYS A 120 13.10 -20.51 6.01
C LYS A 120 11.88 -20.12 5.20
N CYS A 121 10.93 -19.44 5.83
CA CYS A 121 9.71 -19.00 5.17
C CYS A 121 9.98 -17.81 4.25
N ASN A 122 10.90 -16.96 4.67
CA ASN A 122 11.24 -15.78 3.88
C ASN A 122 10.12 -14.75 3.91
N LEU A 123 9.47 -14.62 5.06
CA LEU A 123 8.37 -13.67 5.22
C LEU A 123 8.21 -13.27 6.68
N CYS A 124 7.25 -12.40 6.95
CA CYS A 124 6.98 -11.94 8.31
C CYS A 124 5.85 -12.73 8.93
N LEU A 125 5.94 -12.96 10.24
CA LEU A 125 4.93 -13.71 10.97
C LEU A 125 4.74 -13.15 12.38
N THR A 126 3.53 -13.29 12.91
CA THR A 126 3.23 -12.80 14.25
C THR A 126 3.71 -13.79 15.32
N THR A 127 4.19 -13.25 16.44
CA THR A 127 4.69 -14.07 17.52
C THR A 127 3.72 -15.21 17.85
N ASN A 128 2.44 -14.87 17.97
CA ASN A 128 1.41 -15.86 18.27
C ASN A 128 1.72 -17.19 17.59
N LEU A 129 2.35 -17.12 16.42
CA LEU A 129 2.70 -18.31 15.67
C LEU A 129 4.16 -18.67 15.88
N ARG A 130 4.63 -18.60 17.13
CA ARG A 130 6.01 -18.91 17.45
C ARG A 130 6.20 -20.42 17.62
N GLY A 131 6.75 -21.06 16.59
CA GLY A 131 6.98 -22.49 16.63
C GLY A 131 5.73 -23.29 16.28
N LYS A 132 4.93 -22.74 15.38
CA LYS A 132 3.69 -23.41 14.97
C LYS A 132 3.57 -23.43 13.44
N HIS A 133 3.87 -22.29 12.82
CA HIS A 133 3.80 -22.18 11.36
C HIS A 133 4.79 -23.14 10.70
N LYS A 134 4.50 -23.49 9.46
CA LYS A 134 5.35 -24.41 8.70
C LYS A 134 6.22 -23.64 7.70
N CYS A 135 7.48 -24.02 7.60
CA CYS A 135 8.41 -23.37 6.68
C CYS A 135 8.71 -24.28 5.50
N ILE A 136 9.03 -25.54 5.77
CA ILE A 136 9.34 -26.51 4.74
C ILE A 136 8.08 -26.93 3.99
N GLU A 137 8.26 -27.33 2.73
CA GLU A 137 7.14 -27.76 1.90
C GLU A 137 6.71 -29.17 2.27
N SER A 138 5.40 -29.41 2.27
CA SER A 138 4.87 -30.72 2.60
C SER A 138 5.27 -31.76 1.55
N GLY A 139 4.90 -31.50 0.30
CA GLY A 139 5.23 -32.42 -0.77
C GLY A 139 6.65 -32.23 -1.27
N PRO A 140 6.88 -32.55 -2.56
CA PRO A 140 8.19 -32.42 -3.19
C PRO A 140 8.60 -30.97 -3.39
N SER A 141 9.70 -30.75 -4.10
CA SER A 141 10.20 -29.41 -4.36
C SER A 141 9.99 -29.01 -5.82
N SER A 142 9.53 -27.79 -6.03
CA SER A 142 9.28 -27.29 -7.38
C SER A 142 10.53 -26.62 -7.95
N GLY A 143 10.63 -26.59 -9.27
CA GLY A 143 11.78 -25.98 -9.91
C GLY A 143 11.76 -24.47 -9.81
N GLY A 1 -44.95 -3.01 -30.15
CA GLY A 1 -44.58 -3.70 -28.92
C GLY A 1 -43.23 -3.23 -28.40
N SER A 2 -43.19 -2.02 -27.88
CA SER A 2 -41.94 -1.46 -27.34
C SER A 2 -42.11 -1.11 -25.86
N SER A 3 -40.98 -1.05 -25.16
CA SER A 3 -40.99 -0.73 -23.73
C SER A 3 -40.17 0.53 -23.45
N GLY A 4 -40.19 0.97 -22.20
CA GLY A 4 -39.44 2.16 -21.83
C GLY A 4 -38.47 1.89 -20.70
N SER A 5 -37.49 2.79 -20.54
CA SER A 5 -36.49 2.65 -19.50
C SER A 5 -35.70 3.95 -19.32
N SER A 6 -34.92 4.02 -18.26
CA SER A 6 -34.11 5.20 -17.97
C SER A 6 -32.62 4.90 -18.14
N GLY A 7 -31.85 5.93 -18.48
CA GLY A 7 -30.42 5.75 -18.67
C GLY A 7 -29.67 7.07 -18.60
N GLY A 8 -28.36 6.98 -18.36
CA GLY A 8 -27.55 8.18 -18.26
C GLY A 8 -27.20 8.53 -16.83
N VAL A 9 -26.01 8.11 -16.39
CA VAL A 9 -25.56 8.38 -15.03
C VAL A 9 -24.48 9.46 -15.01
N ARG A 10 -24.38 10.18 -13.90
CA ARG A 10 -23.39 11.23 -13.75
C ARG A 10 -22.66 11.11 -12.42
N ASN A 11 -21.62 11.92 -12.25
CA ASN A 11 -20.84 11.91 -11.02
C ASN A 11 -19.96 13.16 -10.92
N LEU A 12 -19.35 13.36 -9.76
CA LEU A 12 -18.48 14.50 -9.54
C LEU A 12 -17.17 14.08 -8.88
N ALA A 13 -16.06 14.34 -9.56
CA ALA A 13 -14.75 13.98 -9.04
C ALA A 13 -14.52 14.59 -7.67
N GLN A 14 -13.59 14.00 -6.91
CA GLN A 14 -13.28 14.48 -5.57
C GLN A 14 -11.81 14.24 -5.23
N GLY A 15 -11.27 15.07 -4.35
CA GLY A 15 -9.88 14.92 -3.95
C GLY A 15 -9.71 14.07 -2.71
N PRO A 16 -9.22 12.83 -2.89
CA PRO A 16 -9.01 11.89 -1.78
C PRO A 16 -7.87 12.33 -0.87
N ARG A 17 -7.97 11.98 0.41
CA ARG A 17 -6.96 12.33 1.39
C ARG A 17 -6.54 11.11 2.20
N GLY A 18 -6.56 9.94 1.56
CA GLY A 18 -6.18 8.72 2.23
C GLY A 18 -7.32 7.74 2.33
N CYS A 19 -7.13 6.55 1.76
CA CYS A 19 -8.15 5.51 1.79
C CYS A 19 -7.95 4.57 2.98
N GLU A 20 -8.88 3.63 3.15
CA GLU A 20 -8.79 2.67 4.24
C GLU A 20 -7.46 1.94 4.23
N HIS A 21 -6.86 1.84 3.04
CA HIS A 21 -5.58 1.17 2.88
C HIS A 21 -4.47 1.91 3.63
N TYR A 22 -4.22 3.14 3.21
CA TYR A 22 -3.19 3.96 3.84
C TYR A 22 -3.61 5.43 3.91
N ASP A 23 -3.20 6.11 4.97
CA ASP A 23 -3.54 7.51 5.15
C ASP A 23 -2.52 8.42 4.47
N ARG A 24 -2.80 8.79 3.22
CA ARG A 24 -1.90 9.64 2.46
C ARG A 24 -2.67 10.72 1.71
N ALA A 25 -2.04 11.86 1.49
CA ALA A 25 -2.68 12.97 0.78
C ALA A 25 -2.02 13.19 -0.58
N CYS A 26 -1.66 12.11 -1.24
CA CYS A 26 -1.02 12.18 -2.55
C CYS A 26 -1.25 10.90 -3.35
N LEU A 27 -1.67 11.05 -4.59
CA LEU A 27 -1.92 9.91 -5.46
C LEU A 27 -0.66 9.47 -6.19
N LEU A 28 -0.46 8.17 -6.31
CA LEU A 28 0.71 7.63 -6.98
C LEU A 28 0.43 7.42 -8.47
N LYS A 29 1.32 7.93 -9.31
CA LYS A 29 1.18 7.81 -10.76
C LYS A 29 1.36 6.35 -11.19
N ALA A 30 0.58 5.93 -12.19
CA ALA A 30 0.67 4.57 -12.69
C ALA A 30 1.34 4.54 -14.06
N PRO A 31 2.59 4.06 -14.10
CA PRO A 31 3.37 3.96 -15.34
C PRO A 31 2.83 2.89 -16.29
N CYS A 32 1.72 2.28 -15.89
CA CYS A 32 1.10 1.23 -16.70
C CYS A 32 -0.02 1.80 -17.56
N CYS A 33 -0.90 2.57 -16.94
CA CYS A 33 -2.02 3.17 -17.64
C CYS A 33 -1.95 4.69 -17.58
N ASP A 34 -0.89 5.20 -16.96
CA ASP A 34 -0.70 6.64 -16.83
C ASP A 34 -1.81 7.27 -16.01
N LYS A 35 -2.32 6.52 -15.04
CA LYS A 35 -3.39 7.00 -14.19
C LYS A 35 -2.89 7.21 -12.76
N LEU A 36 -3.69 7.93 -11.96
CA LEU A 36 -3.32 8.20 -10.57
C LEU A 36 -4.43 7.77 -9.62
N TYR A 37 -4.11 6.82 -8.74
CA TYR A 37 -5.08 6.31 -7.77
C TYR A 37 -4.56 6.47 -6.35
N THR A 38 -5.48 6.69 -5.42
CA THR A 38 -5.13 6.87 -4.02
C THR A 38 -3.87 6.06 -3.66
N CYS A 39 -3.99 4.74 -3.72
CA CYS A 39 -2.87 3.86 -3.41
C CYS A 39 -2.71 2.78 -4.48
N ARG A 40 -1.59 2.08 -4.44
CA ARG A 40 -1.31 1.03 -5.41
C ARG A 40 -2.38 -0.05 -5.36
N LEU A 41 -2.89 -0.32 -4.17
CA LEU A 41 -3.93 -1.34 -3.98
C LEU A 41 -5.22 -0.92 -4.68
N CYS A 42 -5.51 0.37 -4.69
CA CYS A 42 -6.71 0.89 -5.32
C CYS A 42 -6.67 0.67 -6.82
N HIS A 43 -5.56 1.06 -7.45
CA HIS A 43 -5.39 0.90 -8.89
C HIS A 43 -5.97 -0.44 -9.35
N ASP A 44 -5.40 -1.52 -8.86
CA ASP A 44 -5.85 -2.86 -9.22
C ASP A 44 -7.35 -3.01 -8.96
N THR A 45 -7.81 -2.47 -7.83
CA THR A 45 -9.21 -2.55 -7.46
C THR A 45 -10.10 -1.90 -8.53
N ASN A 46 -9.63 -0.79 -9.09
CA ASN A 46 -10.38 -0.08 -10.11
C ASN A 46 -9.76 -0.30 -11.49
N GLU A 47 -9.04 -1.41 -11.64
CA GLU A 47 -8.39 -1.73 -12.90
C GLU A 47 -8.33 -3.25 -13.11
N ASP A 48 -8.06 -3.65 -14.34
CA ASP A 48 -7.97 -5.08 -14.67
C ASP A 48 -6.54 -5.58 -14.51
N HIS A 49 -5.58 -4.67 -14.62
CA HIS A 49 -4.17 -5.03 -14.48
C HIS A 49 -3.63 -4.60 -13.11
N GLN A 50 -2.46 -5.12 -12.75
CA GLN A 50 -1.84 -4.79 -11.48
C GLN A 50 -0.74 -3.76 -11.66
N LEU A 51 -0.58 -2.88 -10.68
CA LEU A 51 0.44 -1.85 -10.73
C LEU A 51 1.55 -2.12 -9.71
N ASP A 52 2.76 -1.69 -10.05
CA ASP A 52 3.91 -1.89 -9.17
C ASP A 52 3.95 -0.82 -8.08
N ARG A 53 4.56 -1.17 -6.95
CA ARG A 53 4.66 -0.25 -5.82
C ARG A 53 6.09 0.27 -5.67
N PHE A 54 7.01 -0.34 -6.41
CA PHE A 54 8.41 0.06 -6.35
C PHE A 54 8.81 0.85 -7.60
N LYS A 55 8.31 0.41 -8.74
CA LYS A 55 8.60 1.08 -10.00
C LYS A 55 8.29 2.57 -9.92
N VAL A 56 7.00 2.89 -9.79
CA VAL A 56 6.56 4.27 -9.70
C VAL A 56 7.37 5.04 -8.66
N LYS A 57 7.78 6.25 -9.01
CA LYS A 57 8.56 7.09 -8.11
C LYS A 57 7.91 8.47 -7.94
N GLU A 58 7.24 8.92 -8.98
CA GLU A 58 6.58 10.22 -8.95
C GLU A 58 5.29 10.15 -8.15
N VAL A 59 4.76 11.32 -7.77
CA VAL A 59 3.54 11.38 -6.99
C VAL A 59 2.83 12.72 -7.20
N GLN A 60 1.57 12.79 -6.80
CA GLN A 60 0.77 14.01 -6.95
C GLN A 60 0.03 14.33 -5.66
N CYS A 61 -0.11 15.62 -5.37
CA CYS A 61 -0.80 16.07 -4.17
C CYS A 61 -2.32 16.12 -4.40
N ILE A 62 -3.08 15.88 -3.33
CA ILE A 62 -4.53 15.90 -3.42
C ILE A 62 -5.10 17.19 -2.83
N ASN A 63 -4.23 17.98 -2.21
CA ASN A 63 -4.65 19.24 -1.61
C ASN A 63 -4.55 20.39 -2.62
N CYS A 64 -3.39 20.49 -3.27
CA CYS A 64 -3.17 21.54 -4.25
C CYS A 64 -2.88 20.94 -5.62
N GLU A 65 -3.37 19.72 -5.84
CA GLU A 65 -3.17 19.03 -7.12
C GLU A 65 -1.85 19.46 -7.75
N LYS A 66 -0.77 19.42 -6.97
CA LYS A 66 0.55 19.79 -7.46
C LYS A 66 1.37 18.56 -7.82
N LEU A 67 2.09 18.63 -8.93
CA LEU A 67 2.92 17.53 -9.38
C LEU A 67 4.29 17.57 -8.73
N GLN A 68 4.74 16.42 -8.22
CA GLN A 68 6.04 16.34 -7.56
C GLN A 68 6.58 14.90 -7.61
N HIS A 69 7.74 14.70 -7.00
CA HIS A 69 8.36 13.38 -6.97
C HIS A 69 8.18 12.72 -5.61
N ALA A 70 8.80 11.56 -5.43
CA ALA A 70 8.71 10.83 -4.17
C ALA A 70 9.16 11.70 -3.01
N GLN A 71 8.25 11.92 -2.06
CA GLN A 71 8.55 12.74 -0.89
C GLN A 71 7.58 12.45 0.25
N GLN A 72 7.73 13.18 1.35
CA GLN A 72 6.86 13.00 2.50
C GLN A 72 5.90 14.18 2.66
N THR A 73 6.36 15.35 2.26
CA THR A 73 5.55 16.56 2.35
C THR A 73 5.50 17.30 1.01
N CYS A 74 4.42 18.03 0.78
CA CYS A 74 4.25 18.79 -0.45
C CYS A 74 5.24 19.94 -0.51
N GLU A 75 5.50 20.44 -1.72
CA GLU A 75 6.43 21.54 -1.92
C GLU A 75 5.67 22.82 -2.27
N ASP A 76 4.35 22.76 -2.20
CA ASP A 76 3.52 23.92 -2.51
C ASP A 76 2.62 24.27 -1.33
N CYS A 77 2.19 23.25 -0.58
CA CYS A 77 1.33 23.44 0.57
C CYS A 77 1.94 22.84 1.82
N SER A 78 3.04 22.11 1.64
CA SER A 78 3.73 21.48 2.76
C SER A 78 2.77 20.58 3.55
N THR A 79 1.93 19.85 2.82
CA THR A 79 0.96 18.96 3.46
C THR A 79 1.57 17.58 3.71
N LEU A 80 1.61 17.17 4.96
CA LEU A 80 2.15 15.88 5.34
C LEU A 80 1.41 14.74 4.64
N PHE A 81 2.09 14.07 3.71
CA PHE A 81 1.48 12.97 2.98
C PHE A 81 1.47 11.69 3.81
N GLY A 82 1.79 11.83 5.10
CA GLY A 82 1.81 10.69 5.99
C GLY A 82 3.01 10.69 6.92
N GLU A 83 2.76 10.77 8.22
CA GLU A 83 3.83 10.79 9.21
C GLU A 83 4.93 9.81 8.82
N TYR A 84 4.54 8.65 8.32
CA TYR A 84 5.50 7.62 7.92
C TYR A 84 5.68 7.61 6.41
N TYR A 85 6.93 7.80 5.97
CA TYR A 85 7.24 7.82 4.55
C TYR A 85 8.37 6.84 4.22
N CYS A 86 8.04 5.81 3.46
CA CYS A 86 9.02 4.79 3.07
C CYS A 86 9.71 5.18 1.77
N SER A 87 11.00 4.86 1.68
CA SER A 87 11.78 5.18 0.49
C SER A 87 11.86 3.97 -0.44
N ILE A 88 11.88 2.78 0.15
CA ILE A 88 11.94 1.55 -0.63
C ILE A 88 10.63 1.27 -1.33
N CYS A 89 9.55 1.21 -0.57
CA CYS A 89 8.23 0.96 -1.13
C CYS A 89 7.59 2.25 -1.65
N HIS A 90 8.10 3.38 -1.16
CA HIS A 90 7.58 4.68 -1.58
C HIS A 90 6.13 4.86 -1.15
N LEU A 91 5.81 4.33 0.03
CA LEU A 91 4.45 4.42 0.56
C LEU A 91 4.38 5.45 1.70
N PHE A 92 3.21 6.05 1.87
CA PHE A 92 3.02 7.05 2.92
C PHE A 92 1.81 6.69 3.78
N ASP A 93 2.06 6.38 5.05
CA ASP A 93 1.00 6.03 5.98
C ASP A 93 1.08 6.87 7.24
N LYS A 94 -0.07 7.25 7.77
CA LYS A 94 -0.14 8.06 8.99
C LYS A 94 0.39 7.27 10.19
N ASP A 95 0.46 7.95 11.34
CA ASP A 95 0.94 7.31 12.56
C ASP A 95 0.14 6.04 12.86
N LYS A 96 0.64 4.90 12.38
CA LYS A 96 -0.02 3.63 12.60
C LYS A 96 0.98 2.56 13.03
N ARG A 97 2.02 2.99 13.74
CA ARG A 97 3.05 2.08 14.21
C ARG A 97 3.34 1.00 13.16
N GLN A 98 3.43 1.41 11.91
CA GLN A 98 3.70 0.48 10.81
C GLN A 98 5.20 0.33 10.59
N TYR A 99 5.67 -0.91 10.59
CA TYR A 99 7.09 -1.19 10.40
C TYR A 99 7.35 -1.71 8.99
N HIS A 100 8.63 -1.77 8.62
CA HIS A 100 9.02 -2.24 7.30
C HIS A 100 9.99 -3.42 7.40
N CYS A 101 9.68 -4.50 6.70
CA CYS A 101 10.52 -5.69 6.71
C CYS A 101 11.44 -5.72 5.49
N GLU A 102 12.74 -5.62 5.73
CA GLU A 102 13.72 -5.64 4.65
C GLU A 102 13.71 -6.98 3.93
N SER A 103 13.60 -8.06 4.70
CA SER A 103 13.58 -9.41 4.13
C SER A 103 12.50 -9.53 3.07
N CYS A 104 11.40 -8.81 3.27
CA CYS A 104 10.29 -8.84 2.32
C CYS A 104 10.25 -7.57 1.48
N GLY A 105 11.27 -6.74 1.63
CA GLY A 105 11.34 -5.49 0.89
C GLY A 105 9.99 -4.80 0.80
N ILE A 106 9.15 -5.02 1.79
CA ILE A 106 7.82 -4.42 1.82
C ILE A 106 7.48 -3.91 3.22
N CYS A 107 6.38 -3.17 3.33
CA CYS A 107 5.94 -2.63 4.60
C CYS A 107 4.88 -3.52 5.24
N ARG A 108 4.85 -3.54 6.58
CA ARG A 108 3.89 -4.35 7.31
C ARG A 108 3.50 -3.67 8.62
N ILE A 109 2.34 -4.05 9.15
CA ILE A 109 1.86 -3.49 10.40
C ILE A 109 2.33 -4.31 11.60
N GLY A 110 2.75 -3.63 12.65
CA GLY A 110 3.21 -4.32 13.84
C GLY A 110 2.07 -4.66 14.80
N PRO A 111 2.33 -4.50 16.10
CA PRO A 111 3.63 -4.01 16.61
C PRO A 111 4.73 -5.04 16.42
N LYS A 112 5.78 -4.66 15.70
CA LYS A 112 6.90 -5.54 15.45
C LYS A 112 7.20 -6.42 16.67
N GLU A 113 7.09 -5.83 17.86
CA GLU A 113 7.33 -6.56 19.10
C GLU A 113 6.58 -7.88 19.11
N ASP A 114 5.29 -7.82 18.79
CA ASP A 114 4.45 -9.03 18.76
C ASP A 114 4.47 -9.67 17.38
N PHE A 115 5.61 -9.56 16.70
CA PHE A 115 5.75 -10.13 15.37
C PHE A 115 7.23 -10.43 15.07
N PHE A 116 7.47 -11.19 13.99
CA PHE A 116 8.82 -11.54 13.59
C PHE A 116 8.86 -11.98 12.14
N HIS A 117 10.05 -12.33 11.66
CA HIS A 117 10.22 -12.78 10.29
C HIS A 117 11.11 -14.02 10.23
N CYS A 118 10.57 -15.09 9.63
CA CYS A 118 11.30 -16.35 9.50
C CYS A 118 12.11 -16.38 8.21
N LEU A 119 13.31 -16.94 8.28
CA LEU A 119 14.18 -17.04 7.11
C LEU A 119 13.73 -18.16 6.18
N LYS A 120 13.82 -19.40 6.68
CA LYS A 120 13.41 -20.56 5.89
C LYS A 120 12.10 -20.29 5.16
N CYS A 121 11.08 -19.89 5.91
CA CYS A 121 9.77 -19.60 5.33
C CYS A 121 9.85 -18.42 4.36
N ASN A 122 10.84 -17.55 4.58
CA ASN A 122 11.02 -16.38 3.73
C ASN A 122 9.79 -15.49 3.75
N LEU A 123 9.30 -15.19 4.95
CA LEU A 123 8.12 -14.35 5.11
C LEU A 123 7.98 -13.88 6.55
N CYS A 124 6.96 -13.07 6.81
CA CYS A 124 6.71 -12.55 8.15
C CYS A 124 5.68 -13.40 8.88
N LEU A 125 5.86 -13.54 10.19
CA LEU A 125 4.95 -14.33 11.01
C LEU A 125 4.81 -13.72 12.41
N THR A 126 3.59 -13.78 12.95
CA THR A 126 3.33 -13.24 14.27
C THR A 126 3.93 -14.12 15.36
N THR A 127 4.46 -13.48 16.39
CA THR A 127 5.06 -14.21 17.51
C THR A 127 4.20 -15.39 17.93
N ASN A 128 2.89 -15.17 18.03
CA ASN A 128 1.95 -16.21 18.42
C ASN A 128 2.31 -17.54 17.75
N LEU A 129 2.79 -17.46 16.51
CA LEU A 129 3.17 -18.65 15.75
C LEU A 129 4.66 -18.91 15.87
N ARG A 130 5.21 -18.69 17.06
CA ARG A 130 6.63 -18.90 17.31
C ARG A 130 6.96 -20.39 17.37
N GLY A 131 7.28 -20.97 16.23
CA GLY A 131 7.61 -22.40 16.17
C GLY A 131 6.49 -23.23 15.60
N LYS A 132 5.28 -23.02 16.11
CA LYS A 132 4.11 -23.75 15.65
C LYS A 132 4.12 -23.90 14.13
N HIS A 133 4.44 -22.80 13.44
CA HIS A 133 4.49 -22.81 11.98
C HIS A 133 5.54 -23.80 11.48
N LYS A 134 5.30 -24.36 10.30
CA LYS A 134 6.22 -25.32 9.70
C LYS A 134 6.88 -24.74 8.45
N CYS A 135 8.21 -24.68 8.47
CA CYS A 135 8.96 -24.15 7.33
C CYS A 135 9.01 -25.17 6.19
N ILE A 136 9.46 -26.37 6.51
CA ILE A 136 9.56 -27.42 5.50
C ILE A 136 8.20 -27.73 4.89
N GLU A 137 8.19 -28.04 3.60
CA GLU A 137 6.94 -28.34 2.89
C GLU A 137 6.73 -29.86 2.81
N SER A 138 5.48 -30.28 2.92
CA SER A 138 5.13 -31.70 2.87
C SER A 138 4.06 -31.95 1.82
N GLY A 139 4.20 -31.31 0.67
CA GLY A 139 3.23 -31.48 -0.40
C GLY A 139 3.75 -31.00 -1.74
N PRO A 140 2.98 -31.27 -2.81
CA PRO A 140 3.36 -30.87 -4.17
C PRO A 140 3.29 -29.36 -4.37
N SER A 141 3.44 -28.92 -5.62
CA SER A 141 3.40 -27.51 -5.94
C SER A 141 2.12 -27.16 -6.71
N SER A 142 1.01 -27.72 -6.26
CA SER A 142 -0.28 -27.48 -6.88
C SER A 142 -0.63 -25.99 -6.85
N GLY A 143 -0.86 -25.41 -8.03
CA GLY A 143 -1.19 -24.01 -8.10
C GLY A 143 -0.22 -23.12 -7.34
N GLY A 1 -27.88 -22.41 1.12
CA GLY A 1 -29.00 -21.80 0.41
C GLY A 1 -28.93 -20.30 0.39
N SER A 2 -28.87 -19.69 1.56
CA SER A 2 -28.81 -18.23 1.67
C SER A 2 -27.67 -17.67 0.82
N SER A 3 -28.01 -16.74 -0.07
CA SER A 3 -27.02 -16.13 -0.94
C SER A 3 -27.28 -14.63 -1.09
N GLY A 4 -26.29 -13.92 -1.63
CA GLY A 4 -26.43 -12.49 -1.82
C GLY A 4 -25.20 -11.87 -2.45
N SER A 5 -25.33 -10.62 -2.89
CA SER A 5 -24.22 -9.91 -3.52
C SER A 5 -24.36 -8.41 -3.33
N SER A 6 -23.25 -7.77 -2.95
CA SER A 6 -23.24 -6.33 -2.72
C SER A 6 -22.53 -5.60 -3.86
N GLY A 7 -22.76 -4.29 -3.95
CA GLY A 7 -22.14 -3.50 -5.01
C GLY A 7 -23.10 -2.49 -5.61
N GLY A 8 -23.28 -1.37 -4.94
CA GLY A 8 -24.17 -0.34 -5.43
C GLY A 8 -23.64 0.34 -6.67
N VAL A 9 -23.03 1.51 -6.50
CA VAL A 9 -22.49 2.27 -7.61
C VAL A 9 -21.67 3.46 -7.13
N ARG A 10 -20.62 3.80 -7.86
CA ARG A 10 -19.76 4.92 -7.50
C ARG A 10 -19.78 6.00 -8.59
N ASN A 11 -20.26 7.17 -8.23
CA ASN A 11 -20.34 8.29 -9.18
C ASN A 11 -18.96 8.87 -9.44
N LEU A 12 -18.88 9.77 -10.42
CA LEU A 12 -17.61 10.40 -10.77
C LEU A 12 -17.32 11.60 -9.87
N ALA A 13 -16.24 11.51 -9.11
CA ALA A 13 -15.84 12.58 -8.21
C ALA A 13 -14.47 12.31 -7.61
N GLN A 14 -13.87 13.35 -7.02
CA GLN A 14 -12.55 13.22 -6.41
C GLN A 14 -12.64 13.37 -4.89
N GLY A 15 -11.70 12.76 -4.18
CA GLY A 15 -11.70 12.84 -2.74
C GLY A 15 -10.98 11.65 -2.10
N PRO A 16 -9.68 11.52 -2.38
CA PRO A 16 -8.86 10.42 -1.84
C PRO A 16 -8.63 10.57 -0.34
N ARG A 17 -8.13 11.73 0.07
CA ARG A 17 -7.86 11.99 1.48
C ARG A 17 -7.53 10.68 2.22
N GLY A 18 -6.76 9.83 1.57
CA GLY A 18 -6.37 8.56 2.17
C GLY A 18 -7.52 7.58 2.23
N CYS A 19 -7.33 6.41 1.63
CA CYS A 19 -8.36 5.38 1.61
C CYS A 19 -8.19 4.40 2.76
N GLU A 20 -9.20 3.58 3.01
CA GLU A 20 -9.16 2.61 4.09
C GLU A 20 -7.85 1.80 4.04
N HIS A 21 -7.32 1.64 2.84
CA HIS A 21 -6.08 0.89 2.65
C HIS A 21 -4.92 1.58 3.37
N TYR A 22 -4.57 2.77 2.89
CA TYR A 22 -3.48 3.54 3.48
C TYR A 22 -3.86 5.00 3.64
N ASP A 23 -3.48 5.57 4.78
CA ASP A 23 -3.79 6.97 5.08
C ASP A 23 -2.72 7.89 4.50
N ARG A 24 -2.95 8.36 3.28
CA ARG A 24 -2.01 9.25 2.60
C ARG A 24 -2.73 10.46 2.01
N ALA A 25 -1.97 11.49 1.69
CA ALA A 25 -2.53 12.72 1.11
C ALA A 25 -1.94 12.98 -0.28
N CYS A 26 -1.58 11.92 -0.98
CA CYS A 26 -1.01 12.05 -2.31
C CYS A 26 -1.21 10.77 -3.11
N LEU A 27 -1.67 10.91 -4.35
CA LEU A 27 -1.91 9.76 -5.21
C LEU A 27 -0.63 9.37 -5.96
N LEU A 28 -0.44 8.07 -6.15
CA LEU A 28 0.73 7.56 -6.85
C LEU A 28 0.44 7.37 -8.33
N LYS A 29 1.35 7.84 -9.18
CA LYS A 29 1.20 7.73 -10.62
C LYS A 29 1.33 6.27 -11.06
N ALA A 30 0.57 5.90 -12.09
CA ALA A 30 0.60 4.54 -12.60
C ALA A 30 1.31 4.49 -13.96
N PRO A 31 2.56 3.99 -13.96
CA PRO A 31 3.37 3.88 -15.17
C PRO A 31 2.84 2.79 -16.11
N CYS A 32 1.72 2.18 -15.74
CA CYS A 32 1.12 1.13 -16.54
C CYS A 32 0.01 1.70 -17.43
N CYS A 33 -0.84 2.53 -16.83
CA CYS A 33 -1.94 3.14 -17.58
C CYS A 33 -1.84 4.66 -17.54
N ASP A 34 -0.77 5.17 -16.94
CA ASP A 34 -0.55 6.61 -16.85
C ASP A 34 -1.68 7.28 -16.08
N LYS A 35 -2.28 6.54 -15.16
CA LYS A 35 -3.38 7.07 -14.35
C LYS A 35 -2.93 7.29 -12.91
N LEU A 36 -3.85 7.78 -12.08
CA LEU A 36 -3.55 8.04 -10.68
C LEU A 36 -4.65 7.47 -9.77
N TYR A 37 -4.24 6.82 -8.69
CA TYR A 37 -5.19 6.24 -7.75
C TYR A 37 -4.68 6.37 -6.32
N THR A 38 -5.60 6.60 -5.39
CA THR A 38 -5.25 6.74 -3.98
C THR A 38 -4.05 5.87 -3.62
N CYS A 39 -4.24 4.56 -3.70
CA CYS A 39 -3.17 3.62 -3.38
C CYS A 39 -3.00 2.60 -4.50
N ARG A 40 -2.13 1.61 -4.27
CA ARG A 40 -1.87 0.58 -5.26
C ARG A 40 -3.02 -0.43 -5.31
N LEU A 41 -3.70 -0.58 -4.17
CA LEU A 41 -4.82 -1.52 -4.09
C LEU A 41 -6.05 -0.96 -4.79
N CYS A 42 -6.14 0.36 -4.86
CA CYS A 42 -7.26 1.03 -5.52
C CYS A 42 -7.17 0.88 -7.03
N HIS A 43 -5.96 1.03 -7.56
CA HIS A 43 -5.73 0.92 -8.99
C HIS A 43 -6.32 -0.38 -9.54
N ASP A 44 -5.81 -1.50 -9.06
CA ASP A 44 -6.29 -2.81 -9.51
C ASP A 44 -7.80 -2.92 -9.34
N THR A 45 -8.32 -2.37 -8.24
CA THR A 45 -9.75 -2.40 -7.96
C THR A 45 -10.54 -1.69 -9.06
N ASN A 46 -9.95 -0.62 -9.59
CA ASN A 46 -10.60 0.15 -10.64
C ASN A 46 -9.95 -0.12 -11.99
N GLU A 47 -9.30 -1.27 -12.12
CA GLU A 47 -8.64 -1.65 -13.36
C GLU A 47 -8.62 -3.16 -13.52
N ASP A 48 -8.26 -3.61 -14.72
CA ASP A 48 -8.21 -5.05 -15.01
C ASP A 48 -6.80 -5.59 -14.78
N HIS A 49 -5.83 -4.67 -14.66
CA HIS A 49 -4.44 -5.06 -14.45
C HIS A 49 -3.96 -4.58 -13.08
N GLN A 50 -2.78 -5.06 -12.68
CA GLN A 50 -2.21 -4.68 -11.40
C GLN A 50 -1.12 -3.62 -11.57
N LEU A 51 -0.82 -2.90 -10.50
CA LEU A 51 0.20 -1.86 -10.54
C LEU A 51 1.33 -2.17 -9.55
N ASP A 52 2.54 -1.73 -9.89
CA ASP A 52 3.70 -1.95 -9.03
C ASP A 52 3.79 -0.87 -7.96
N ARG A 53 4.56 -1.16 -6.92
CA ARG A 53 4.73 -0.21 -5.81
C ARG A 53 6.15 0.35 -5.81
N PHE A 54 7.02 -0.25 -6.60
CA PHE A 54 8.41 0.19 -6.70
C PHE A 54 8.66 0.96 -7.98
N LYS A 55 8.14 0.43 -9.09
CA LYS A 55 8.31 1.07 -10.39
C LYS A 55 8.04 2.57 -10.31
N VAL A 56 6.79 2.93 -10.01
CA VAL A 56 6.40 4.33 -9.89
C VAL A 56 7.34 5.08 -8.96
N LYS A 57 7.63 6.34 -9.29
CA LYS A 57 8.51 7.17 -8.48
C LYS A 57 7.87 8.52 -8.20
N GLU A 58 7.15 9.05 -9.20
CA GLU A 58 6.49 10.34 -9.06
C GLU A 58 5.18 10.21 -8.29
N VAL A 59 4.76 11.29 -7.66
CA VAL A 59 3.51 11.30 -6.89
C VAL A 59 2.78 12.63 -7.06
N GLN A 60 1.48 12.61 -6.74
CA GLN A 60 0.65 13.80 -6.86
C GLN A 60 -0.05 14.12 -5.54
N CYS A 61 -0.17 15.40 -5.23
CA CYS A 61 -0.82 15.83 -4.00
C CYS A 61 -2.34 15.84 -4.16
N ILE A 62 -3.05 15.59 -3.06
CA ILE A 62 -4.50 15.57 -3.07
C ILE A 62 -5.08 16.85 -2.47
N ASN A 63 -4.21 17.65 -1.86
CA ASN A 63 -4.62 18.90 -1.24
C ASN A 63 -4.57 20.05 -2.24
N CYS A 64 -3.41 20.26 -2.83
CA CYS A 64 -3.22 21.32 -3.81
C CYS A 64 -2.96 20.76 -5.20
N GLU A 65 -3.37 19.51 -5.40
CA GLU A 65 -3.19 18.84 -6.69
C GLU A 65 -1.89 19.30 -7.36
N LYS A 66 -0.84 19.45 -6.55
CA LYS A 66 0.46 19.87 -7.06
C LYS A 66 1.29 18.68 -7.50
N LEU A 67 2.16 18.88 -8.48
CA LEU A 67 3.02 17.82 -8.98
C LEU A 67 4.35 17.80 -8.25
N GLN A 68 4.85 16.60 -7.97
CA GLN A 68 6.12 16.45 -7.27
C GLN A 68 6.63 15.01 -7.37
N HIS A 69 7.86 14.79 -6.92
CA HIS A 69 8.46 13.46 -6.96
C HIS A 69 8.39 12.79 -5.59
N ALA A 70 8.78 11.52 -5.53
CA ALA A 70 8.77 10.77 -4.28
C ALA A 70 9.30 11.61 -3.13
N GLN A 71 8.45 11.85 -2.14
CA GLN A 71 8.84 12.64 -0.97
C GLN A 71 7.92 12.35 0.21
N GLN A 72 8.12 13.09 1.31
CA GLN A 72 7.31 12.90 2.50
C GLN A 72 6.34 14.07 2.68
N THR A 73 6.71 15.22 2.14
CA THR A 73 5.86 16.41 2.23
C THR A 73 5.75 17.12 0.90
N CYS A 74 4.66 17.85 0.71
CA CYS A 74 4.42 18.58 -0.54
C CYS A 74 5.40 19.74 -0.68
N GLU A 75 5.54 20.24 -1.90
CA GLU A 75 6.45 21.35 -2.18
C GLU A 75 5.67 22.62 -2.49
N ASP A 76 4.36 22.57 -2.29
CA ASP A 76 3.50 23.71 -2.56
C ASP A 76 2.62 24.03 -1.35
N CYS A 77 2.19 22.97 -0.64
CA CYS A 77 1.34 23.13 0.52
C CYS A 77 2.02 22.56 1.77
N SER A 78 3.12 21.85 1.56
CA SER A 78 3.87 21.25 2.66
C SER A 78 2.95 20.40 3.54
N THR A 79 2.13 19.57 2.90
CA THR A 79 1.21 18.70 3.62
C THR A 79 1.82 17.32 3.83
N LEU A 80 2.00 16.95 5.10
CA LEU A 80 2.57 15.66 5.44
C LEU A 80 1.83 14.52 4.73
N PHE A 81 2.51 13.91 3.77
CA PHE A 81 1.91 12.81 3.00
C PHE A 81 1.88 11.53 3.83
N GLY A 82 2.26 11.64 5.10
CA GLY A 82 2.27 10.48 5.97
C GLY A 82 3.45 10.50 6.93
N GLU A 83 3.16 10.54 8.23
CA GLU A 83 4.20 10.55 9.25
C GLU A 83 5.37 9.66 8.84
N TYR A 84 5.05 8.50 8.27
CA TYR A 84 6.07 7.56 7.84
C TYR A 84 6.15 7.49 6.32
N TYR A 85 7.34 7.72 5.78
CA TYR A 85 7.54 7.69 4.34
C TYR A 85 8.68 6.73 3.97
N CYS A 86 8.33 5.66 3.27
CA CYS A 86 9.32 4.67 2.85
C CYS A 86 9.99 5.09 1.54
N SER A 87 11.30 4.86 1.46
CA SER A 87 12.06 5.22 0.26
C SER A 87 12.19 4.02 -0.68
N ILE A 88 12.22 2.83 -0.09
CA ILE A 88 12.35 1.60 -0.87
C ILE A 88 11.05 1.27 -1.58
N CYS A 89 9.95 1.30 -0.83
CA CYS A 89 8.64 1.00 -1.38
C CYS A 89 7.95 2.27 -1.90
N HIS A 90 8.43 3.42 -1.43
CA HIS A 90 7.87 4.70 -1.83
C HIS A 90 6.42 4.83 -1.39
N LEU A 91 6.11 4.26 -0.23
CA LEU A 91 4.76 4.31 0.31
C LEU A 91 4.68 5.25 1.51
N PHE A 92 3.49 5.82 1.73
CA PHE A 92 3.29 6.74 2.84
C PHE A 92 2.10 6.31 3.69
N ASP A 93 2.34 6.13 4.98
CA ASP A 93 1.29 5.70 5.91
C ASP A 93 1.30 6.58 7.16
N LYS A 94 0.11 6.84 7.69
CA LYS A 94 -0.03 7.66 8.89
C LYS A 94 0.53 6.93 10.11
N ASP A 95 0.57 7.62 11.25
CA ASP A 95 1.07 7.05 12.48
C ASP A 95 0.28 5.80 12.86
N LYS A 96 0.81 4.63 12.51
CA LYS A 96 0.15 3.37 12.81
C LYS A 96 1.15 2.36 13.37
N ARG A 97 2.12 2.86 14.15
CA ARG A 97 3.12 2.00 14.75
C ARG A 97 3.49 0.85 13.82
N GLN A 98 3.83 1.19 12.59
CA GLN A 98 4.20 0.19 11.59
C GLN A 98 5.73 0.13 11.41
N TYR A 99 6.21 -0.95 10.82
CA TYR A 99 7.64 -1.13 10.60
C TYR A 99 7.90 -1.73 9.22
N HIS A 100 9.07 -1.43 8.67
CA HIS A 100 9.45 -1.95 7.36
C HIS A 100 10.45 -3.09 7.48
N CYS A 101 10.10 -4.24 6.90
CA CYS A 101 10.96 -5.41 6.95
C CYS A 101 12.05 -5.32 5.88
N GLU A 102 13.29 -5.60 6.28
CA GLU A 102 14.42 -5.56 5.36
C GLU A 102 14.49 -6.84 4.54
N SER A 103 14.31 -7.98 5.21
CA SER A 103 14.36 -9.27 4.55
C SER A 103 13.37 -9.33 3.39
N CYS A 104 12.20 -8.74 3.59
CA CYS A 104 11.16 -8.73 2.58
C CYS A 104 11.24 -7.45 1.74
N GLY A 105 11.76 -6.40 2.34
CA GLY A 105 11.88 -5.12 1.64
C GLY A 105 10.55 -4.43 1.46
N ILE A 106 9.57 -4.81 2.29
CA ILE A 106 8.24 -4.23 2.22
C ILE A 106 7.79 -3.72 3.59
N CYS A 107 6.84 -2.79 3.58
CA CYS A 107 6.32 -2.23 4.82
C CYS A 107 5.23 -3.13 5.41
N ARG A 108 5.22 -3.23 6.74
CA ARG A 108 4.24 -4.05 7.43
C ARG A 108 3.84 -3.44 8.76
N ILE A 109 2.55 -3.53 9.09
CA ILE A 109 2.05 -2.97 10.34
C ILE A 109 2.43 -3.84 11.53
N GLY A 110 2.80 -3.20 12.64
CA GLY A 110 3.18 -3.94 13.83
C GLY A 110 1.98 -4.34 14.68
N PRO A 111 2.15 -4.25 16.01
CA PRO A 111 3.40 -3.81 16.62
C PRO A 111 4.52 -4.83 16.45
N LYS A 112 5.60 -4.41 15.80
CA LYS A 112 6.74 -5.29 15.57
C LYS A 112 6.97 -6.22 16.75
N GLU A 113 6.75 -5.69 17.95
CA GLU A 113 6.93 -6.48 19.17
C GLU A 113 6.18 -7.81 19.07
N ASP A 114 4.90 -7.73 18.72
CA ASP A 114 4.07 -8.93 18.60
C ASP A 114 4.16 -9.51 17.19
N PHE A 115 5.37 -9.45 16.63
CA PHE A 115 5.59 -9.98 15.27
C PHE A 115 7.07 -10.29 15.06
N PHE A 116 7.37 -10.99 13.97
CA PHE A 116 8.74 -11.36 13.64
C PHE A 116 8.85 -11.82 12.19
N HIS A 117 10.06 -12.16 11.78
CA HIS A 117 10.31 -12.61 10.42
C HIS A 117 11.13 -13.90 10.42
N CYS A 118 10.64 -14.91 9.70
CA CYS A 118 11.33 -16.19 9.63
C CYS A 118 12.20 -16.26 8.37
N LEU A 119 13.36 -16.90 8.50
CA LEU A 119 14.29 -17.04 7.39
C LEU A 119 13.85 -18.15 6.45
N LYS A 120 13.99 -19.39 6.91
CA LYS A 120 13.60 -20.56 6.11
C LYS A 120 12.38 -20.25 5.27
N CYS A 121 11.32 -19.76 5.91
CA CYS A 121 10.08 -19.43 5.22
C CYS A 121 10.28 -18.23 4.31
N ASN A 122 11.06 -17.26 4.78
CA ASN A 122 11.33 -16.05 4.01
C ASN A 122 10.10 -15.14 3.95
N LEU A 123 9.49 -14.91 5.11
CA LEU A 123 8.32 -14.07 5.21
C LEU A 123 8.10 -13.57 6.63
N CYS A 124 7.18 -12.63 6.80
CA CYS A 124 6.88 -12.08 8.12
C CYS A 124 5.73 -12.84 8.77
N LEU A 125 5.89 -13.14 10.06
CA LEU A 125 4.86 -13.86 10.81
C LEU A 125 4.67 -13.26 12.19
N THR A 126 3.47 -13.41 12.74
CA THR A 126 3.15 -12.88 14.06
C THR A 126 3.74 -13.75 15.16
N THR A 127 4.18 -13.11 16.24
CA THR A 127 4.77 -13.84 17.36
C THR A 127 3.91 -15.04 17.75
N ASN A 128 2.60 -14.83 17.82
CA ASN A 128 1.67 -15.90 18.18
C ASN A 128 2.07 -17.22 17.51
N LEU A 129 2.45 -17.12 16.24
CA LEU A 129 2.85 -18.31 15.49
C LEU A 129 4.37 -18.50 15.54
N ARG A 130 4.95 -18.23 16.70
CA ARG A 130 6.39 -18.36 16.88
C ARG A 130 6.77 -19.83 17.09
N GLY A 131 6.22 -20.70 16.24
CA GLY A 131 6.52 -22.11 16.34
C GLY A 131 5.52 -22.97 15.58
N LYS A 132 4.26 -22.57 15.62
CA LYS A 132 3.20 -23.31 14.93
C LYS A 132 3.51 -23.43 13.45
N HIS A 133 3.80 -22.30 12.80
CA HIS A 133 4.12 -22.29 11.38
C HIS A 133 5.32 -23.17 11.08
N LYS A 134 5.13 -24.13 10.19
CA LYS A 134 6.21 -25.05 9.82
C LYS A 134 6.87 -24.60 8.52
N CYS A 135 8.19 -24.46 8.56
CA CYS A 135 8.96 -24.04 7.39
C CYS A 135 9.27 -25.23 6.48
N ILE A 136 8.42 -25.44 5.48
CA ILE A 136 8.60 -26.53 4.54
C ILE A 136 7.82 -26.29 3.26
N GLU A 137 8.44 -26.61 2.12
CA GLU A 137 7.80 -26.44 0.83
C GLU A 137 7.45 -27.79 0.20
N SER A 138 6.50 -27.77 -0.74
CA SER A 138 6.08 -28.99 -1.41
C SER A 138 7.28 -29.77 -1.92
N GLY A 139 8.14 -29.11 -2.68
CA GLY A 139 9.32 -29.76 -3.23
C GLY A 139 9.95 -30.72 -2.24
N PRO A 140 10.24 -31.94 -2.70
CA PRO A 140 10.85 -32.99 -1.87
C PRO A 140 12.30 -32.67 -1.53
N SER A 141 13.06 -32.24 -2.53
CA SER A 141 14.47 -31.91 -2.34
C SER A 141 15.29 -33.17 -2.09
N SER A 142 15.00 -34.22 -2.84
CA SER A 142 15.70 -35.49 -2.70
C SER A 142 17.10 -35.40 -3.30
N GLY A 143 18.03 -36.17 -2.75
CA GLY A 143 19.40 -36.17 -3.24
C GLY A 143 20.34 -35.41 -2.33
N GLY A 1 -39.14 -11.60 -21.91
CA GLY A 1 -38.99 -10.55 -20.92
C GLY A 1 -38.64 -9.21 -21.54
N SER A 2 -37.62 -8.56 -20.99
CA SER A 2 -37.18 -7.26 -21.48
C SER A 2 -35.73 -6.99 -21.09
N SER A 3 -34.86 -6.95 -22.09
CA SER A 3 -33.44 -6.69 -21.85
C SER A 3 -33.15 -5.20 -21.78
N GLY A 4 -32.33 -4.80 -20.81
CA GLY A 4 -31.99 -3.40 -20.66
C GLY A 4 -30.60 -3.20 -20.10
N SER A 5 -30.26 -1.96 -19.77
CA SER A 5 -28.95 -1.63 -19.23
C SER A 5 -28.89 -1.95 -17.74
N SER A 6 -27.70 -1.81 -17.15
CA SER A 6 -27.51 -2.09 -15.74
C SER A 6 -26.51 -1.11 -15.13
N GLY A 7 -26.46 -1.08 -13.80
CA GLY A 7 -25.54 -0.19 -13.11
C GLY A 7 -26.04 0.19 -11.72
N GLY A 8 -26.36 1.46 -11.55
CA GLY A 8 -26.84 1.93 -10.26
C GLY A 8 -27.06 3.43 -10.23
N VAL A 9 -26.11 4.15 -9.61
CA VAL A 9 -26.21 5.60 -9.52
C VAL A 9 -24.95 6.19 -8.89
N ARG A 10 -24.53 7.35 -9.37
CA ARG A 10 -23.35 8.02 -8.86
C ARG A 10 -23.44 9.52 -9.06
N ASN A 11 -22.82 10.28 -8.16
CA ASN A 11 -22.84 11.74 -8.23
C ASN A 11 -21.44 12.27 -8.50
N LEU A 12 -20.53 12.08 -7.55
CA LEU A 12 -19.16 12.55 -7.71
C LEU A 12 -18.27 11.96 -6.61
N ALA A 13 -16.98 11.82 -6.92
CA ALA A 13 -16.03 11.28 -5.96
C ALA A 13 -16.03 12.08 -4.66
N GLN A 14 -15.42 11.52 -3.62
CA GLN A 14 -15.35 12.18 -2.32
C GLN A 14 -13.92 12.48 -1.94
N GLY A 15 -13.02 12.45 -2.92
CA GLY A 15 -11.62 12.72 -2.66
C GLY A 15 -10.91 11.54 -2.02
N PRO A 16 -9.62 11.39 -2.31
CA PRO A 16 -8.80 10.30 -1.76
C PRO A 16 -8.55 10.47 -0.26
N ARG A 17 -8.01 11.62 0.12
CA ARG A 17 -7.72 11.90 1.52
C ARG A 17 -7.33 10.63 2.26
N GLY A 18 -6.63 9.74 1.56
CA GLY A 18 -6.21 8.49 2.17
C GLY A 18 -7.34 7.48 2.27
N CYS A 19 -7.11 6.29 1.72
CA CYS A 19 -8.12 5.24 1.75
C CYS A 19 -7.87 4.29 2.92
N GLU A 20 -8.87 3.46 3.22
CA GLU A 20 -8.77 2.51 4.32
C GLU A 20 -7.44 1.76 4.26
N HIS A 21 -6.91 1.59 3.06
CA HIS A 21 -5.64 0.90 2.87
C HIS A 21 -4.51 1.62 3.60
N TYR A 22 -4.22 2.84 3.17
CA TYR A 22 -3.17 3.63 3.78
C TYR A 22 -3.56 5.10 3.86
N ASP A 23 -3.42 5.69 5.05
CA ASP A 23 -3.76 7.09 5.26
C ASP A 23 -2.73 8.00 4.62
N ARG A 24 -2.98 8.38 3.37
CA ARG A 24 -2.06 9.25 2.65
C ARG A 24 -2.82 10.41 1.99
N ALA A 25 -2.09 11.47 1.65
CA ALA A 25 -2.69 12.63 1.01
C ALA A 25 -2.07 12.89 -0.36
N CYS A 26 -1.65 11.83 -1.02
CA CYS A 26 -1.03 11.94 -2.34
C CYS A 26 -1.23 10.65 -3.15
N LEU A 27 -1.71 10.80 -4.37
CA LEU A 27 -1.96 9.66 -5.24
C LEU A 27 -0.69 9.28 -6.01
N LEU A 28 -0.48 7.98 -6.18
CA LEU A 28 0.69 7.49 -6.89
C LEU A 28 0.39 7.29 -8.37
N LYS A 29 1.18 7.92 -9.22
CA LYS A 29 1.00 7.80 -10.67
C LYS A 29 1.13 6.36 -11.12
N ALA A 30 0.42 6.01 -12.18
CA ALA A 30 0.46 4.65 -12.72
C ALA A 30 1.16 4.62 -14.07
N PRO A 31 2.41 4.14 -14.09
CA PRO A 31 3.21 4.04 -15.31
C PRO A 31 2.69 2.98 -16.27
N CYS A 32 1.56 2.38 -15.91
CA CYS A 32 0.96 1.34 -16.74
C CYS A 32 -0.19 1.90 -17.57
N CYS A 33 -1.04 2.70 -16.94
CA CYS A 33 -2.17 3.31 -17.62
C CYS A 33 -2.12 4.84 -17.51
N ASP A 34 -1.01 5.35 -16.98
CA ASP A 34 -0.84 6.79 -16.82
C ASP A 34 -2.00 7.39 -16.03
N LYS A 35 -2.47 6.66 -15.03
CA LYS A 35 -3.57 7.12 -14.19
C LYS A 35 -3.11 7.35 -12.76
N LEU A 36 -4.03 7.83 -11.92
CA LEU A 36 -3.71 8.09 -10.52
C LEU A 36 -4.78 7.50 -9.61
N TYR A 37 -4.35 6.73 -8.61
CA TYR A 37 -5.27 6.11 -7.66
C TYR A 37 -4.76 6.25 -6.24
N THR A 38 -5.69 6.43 -5.31
CA THR A 38 -5.34 6.59 -3.90
C THR A 38 -4.04 5.85 -3.57
N CYS A 39 -4.07 4.52 -3.72
CA CYS A 39 -2.89 3.70 -3.44
C CYS A 39 -2.67 2.69 -4.55
N ARG A 40 -1.69 1.80 -4.35
CA ARG A 40 -1.38 0.78 -5.34
C ARG A 40 -2.53 -0.21 -5.50
N LEU A 41 -3.19 -0.52 -4.39
CA LEU A 41 -4.30 -1.45 -4.40
C LEU A 41 -5.48 -0.88 -5.19
N CYS A 42 -5.97 0.28 -4.77
CA CYS A 42 -7.09 0.92 -5.44
C CYS A 42 -7.00 0.73 -6.95
N HIS A 43 -5.81 0.94 -7.51
CA HIS A 43 -5.58 0.79 -8.94
C HIS A 43 -6.18 -0.52 -9.44
N ASP A 44 -5.63 -1.63 -8.96
CA ASP A 44 -6.09 -2.95 -9.36
C ASP A 44 -7.60 -3.09 -9.11
N THR A 45 -8.07 -2.49 -8.03
CA THR A 45 -9.49 -2.55 -7.67
C THR A 45 -10.34 -1.89 -8.74
N ASN A 46 -9.85 -0.79 -9.29
CA ASN A 46 -10.58 -0.05 -10.32
C ASN A 46 -9.98 -0.32 -11.70
N GLU A 47 -9.30 -1.45 -11.84
CA GLU A 47 -8.68 -1.83 -13.11
C GLU A 47 -8.64 -3.34 -13.27
N ASP A 48 -8.17 -3.80 -14.42
CA ASP A 48 -8.08 -5.23 -14.70
C ASP A 48 -6.63 -5.71 -14.60
N HIS A 49 -5.70 -4.78 -14.76
CA HIS A 49 -4.28 -5.11 -14.69
C HIS A 49 -3.69 -4.71 -13.34
N GLN A 50 -2.60 -5.36 -12.96
CA GLN A 50 -1.95 -5.08 -11.69
C GLN A 50 -0.92 -3.97 -11.84
N LEU A 51 -0.81 -3.12 -10.83
CA LEU A 51 0.14 -2.01 -10.84
C LEU A 51 1.28 -2.26 -9.87
N ASP A 52 2.47 -1.79 -10.24
CA ASP A 52 3.65 -1.96 -9.39
C ASP A 52 3.72 -0.87 -8.32
N ARG A 53 4.34 -1.20 -7.19
CA ARG A 53 4.47 -0.25 -6.09
C ARG A 53 5.92 0.20 -5.94
N PHE A 54 6.82 -0.47 -6.65
CA PHE A 54 8.24 -0.13 -6.58
C PHE A 54 8.66 0.67 -7.81
N LYS A 55 8.12 0.31 -8.97
CA LYS A 55 8.43 1.00 -10.21
C LYS A 55 8.16 2.49 -10.09
N VAL A 56 6.90 2.85 -9.90
CA VAL A 56 6.50 4.25 -9.76
C VAL A 56 7.35 4.96 -8.71
N LYS A 57 7.76 6.19 -9.02
CA LYS A 57 8.57 6.98 -8.10
C LYS A 57 7.92 8.32 -7.81
N GLU A 58 7.32 8.92 -8.84
CA GLU A 58 6.66 10.21 -8.71
C GLU A 58 5.33 10.06 -7.95
N VAL A 59 4.79 11.19 -7.51
CA VAL A 59 3.52 11.19 -6.78
C VAL A 59 2.80 12.52 -6.94
N GLN A 60 1.48 12.49 -6.78
CA GLN A 60 0.67 13.70 -6.92
C GLN A 60 -0.07 14.00 -5.61
N CYS A 61 -0.16 15.29 -5.28
CA CYS A 61 -0.83 15.71 -4.06
C CYS A 61 -2.35 15.71 -4.25
N ILE A 62 -3.07 15.47 -3.16
CA ILE A 62 -4.53 15.46 -3.21
C ILE A 62 -5.13 16.73 -2.59
N ASN A 63 -4.27 17.52 -1.95
CA ASN A 63 -4.70 18.76 -1.33
C ASN A 63 -4.66 19.91 -2.32
N CYS A 64 -3.51 20.10 -2.95
CA CYS A 64 -3.34 21.18 -3.92
C CYS A 64 -3.06 20.60 -5.31
N GLU A 65 -3.45 19.35 -5.52
CA GLU A 65 -3.24 18.69 -6.81
C GLU A 65 -1.96 19.18 -7.47
N LYS A 66 -0.90 19.29 -6.69
CA LYS A 66 0.39 19.74 -7.20
C LYS A 66 1.29 18.56 -7.56
N LEU A 67 2.07 18.72 -8.62
CA LEU A 67 2.97 17.66 -9.06
C LEU A 67 4.26 17.67 -8.26
N GLN A 68 4.83 16.48 -8.06
CA GLN A 68 6.07 16.35 -7.30
C GLN A 68 6.60 14.92 -7.37
N HIS A 69 7.75 14.69 -6.75
CA HIS A 69 8.36 13.37 -6.74
C HIS A 69 8.21 12.71 -5.38
N ALA A 70 8.79 11.53 -5.23
CA ALA A 70 8.72 10.79 -3.97
C ALA A 70 9.19 11.65 -2.80
N GLN A 71 8.28 11.91 -1.88
CA GLN A 71 8.60 12.73 -0.70
C GLN A 71 7.64 12.43 0.45
N GLN A 72 7.86 13.09 1.57
CA GLN A 72 7.01 12.91 2.75
C GLN A 72 6.03 14.06 2.90
N THR A 73 6.41 15.23 2.40
CA THR A 73 5.56 16.42 2.48
C THR A 73 5.48 17.12 1.13
N CYS A 74 4.42 17.91 0.95
CA CYS A 74 4.22 18.65 -0.30
C CYS A 74 5.17 19.84 -0.38
N GLU A 75 5.32 20.39 -1.58
CA GLU A 75 6.19 21.54 -1.79
C GLU A 75 5.38 22.79 -2.08
N ASP A 76 4.06 22.66 -2.00
CA ASP A 76 3.17 23.79 -2.26
C ASP A 76 2.24 24.03 -1.07
N CYS A 77 1.84 22.96 -0.41
CA CYS A 77 0.96 23.05 0.75
C CYS A 77 1.63 22.46 1.99
N SER A 78 2.77 21.82 1.79
CA SER A 78 3.50 21.21 2.90
C SER A 78 2.59 20.29 3.71
N THR A 79 1.73 19.56 3.00
CA THR A 79 0.81 18.64 3.65
C THR A 79 1.46 17.28 3.90
N LEU A 80 1.59 16.90 5.16
CA LEU A 80 2.19 15.62 5.53
C LEU A 80 1.49 14.47 4.82
N PHE A 81 2.20 13.84 3.88
CA PHE A 81 1.64 12.72 3.13
C PHE A 81 1.71 11.43 3.95
N GLY A 82 2.02 11.58 5.23
CA GLY A 82 2.11 10.42 6.11
C GLY A 82 3.32 10.46 7.02
N GLU A 83 3.08 10.39 8.32
CA GLU A 83 4.16 10.43 9.29
C GLU A 83 5.32 9.54 8.86
N TYR A 84 4.99 8.39 8.29
CA TYR A 84 6.00 7.44 7.82
C TYR A 84 6.11 7.45 6.31
N TYR A 85 7.31 7.70 5.80
CA TYR A 85 7.55 7.75 4.36
C TYR A 85 8.64 6.76 3.96
N CYS A 86 8.28 5.78 3.14
CA CYS A 86 9.23 4.77 2.69
C CYS A 86 9.78 5.15 1.32
N SER A 87 11.09 4.93 1.13
CA SER A 87 11.75 5.24 -0.12
C SER A 87 11.84 4.00 -1.02
N ILE A 88 12.01 2.84 -0.39
CA ILE A 88 12.10 1.58 -1.13
C ILE A 88 10.77 1.23 -1.77
N CYS A 89 9.72 1.15 -0.96
CA CYS A 89 8.40 0.82 -1.45
C CYS A 89 7.68 2.05 -1.99
N HIS A 90 8.17 3.22 -1.60
CA HIS A 90 7.59 4.49 -2.04
C HIS A 90 6.16 4.64 -1.52
N LEU A 91 5.91 4.08 -0.34
CA LEU A 91 4.59 4.15 0.27
C LEU A 91 4.57 5.17 1.41
N PHE A 92 3.39 5.71 1.68
CA PHE A 92 3.23 6.71 2.74
C PHE A 92 1.98 6.43 3.57
N ASP A 93 2.18 6.09 4.84
CA ASP A 93 1.06 5.80 5.73
C ASP A 93 1.17 6.63 7.01
N LYS A 94 0.01 7.01 7.55
CA LYS A 94 -0.04 7.81 8.77
C LYS A 94 0.63 7.08 9.93
N ASP A 95 0.62 7.70 11.09
CA ASP A 95 1.23 7.10 12.28
C ASP A 95 0.55 5.80 12.64
N LYS A 96 1.09 4.69 12.15
CA LYS A 96 0.54 3.37 12.41
C LYS A 96 1.62 2.41 12.88
N ARG A 97 2.69 2.96 13.44
CA ARG A 97 3.80 2.15 13.94
C ARG A 97 4.13 1.03 12.96
N GLN A 98 4.37 1.41 11.71
CA GLN A 98 4.69 0.43 10.67
C GLN A 98 6.21 0.34 10.47
N TYR A 99 6.74 -0.88 10.58
CA TYR A 99 8.17 -1.10 10.42
C TYR A 99 8.47 -1.74 9.06
N HIS A 100 9.57 -1.32 8.44
CA HIS A 100 9.97 -1.85 7.15
C HIS A 100 10.98 -2.99 7.32
N CYS A 101 10.59 -4.19 6.91
CA CYS A 101 11.47 -5.35 7.02
C CYS A 101 12.48 -5.38 5.88
N GLU A 102 13.76 -5.49 6.24
CA GLU A 102 14.83 -5.52 5.25
C GLU A 102 14.84 -6.85 4.51
N SER A 103 14.74 -7.94 5.27
CA SER A 103 14.75 -9.28 4.69
C SER A 103 13.69 -9.41 3.60
N CYS A 104 12.61 -8.63 3.73
CA CYS A 104 11.53 -8.66 2.76
C CYS A 104 11.52 -7.38 1.92
N GLY A 105 12.48 -6.50 2.19
CA GLY A 105 12.56 -5.25 1.45
C GLY A 105 11.21 -4.59 1.27
N ILE A 106 10.27 -4.90 2.15
CA ILE A 106 8.93 -4.34 2.08
C ILE A 106 8.49 -3.80 3.43
N CYS A 107 7.38 -3.07 3.44
CA CYS A 107 6.85 -2.49 4.67
C CYS A 107 6.00 -3.51 5.42
N ARG A 108 6.00 -3.41 6.74
CA ARG A 108 5.23 -4.33 7.58
C ARG A 108 4.62 -3.59 8.77
N ILE A 109 3.47 -4.07 9.23
CA ILE A 109 2.78 -3.46 10.36
C ILE A 109 3.13 -4.17 11.66
N GLY A 110 3.44 -3.38 12.69
CA GLY A 110 3.79 -3.96 13.98
C GLY A 110 2.57 -4.16 14.87
N PRO A 111 2.77 -4.00 16.19
CA PRO A 111 4.07 -3.64 16.75
C PRO A 111 5.09 -4.78 16.65
N LYS A 112 6.24 -4.49 16.05
CA LYS A 112 7.28 -5.48 15.89
C LYS A 112 7.38 -6.39 17.11
N GLU A 113 7.22 -5.80 18.29
CA GLU A 113 7.29 -6.55 19.54
C GLU A 113 6.47 -7.84 19.44
N ASP A 114 5.19 -7.69 19.09
CA ASP A 114 4.31 -8.85 18.96
C ASP A 114 4.40 -9.43 17.55
N PHE A 115 5.55 -9.29 16.92
CA PHE A 115 5.77 -9.81 15.57
C PHE A 115 7.21 -10.25 15.39
N PHE A 116 7.47 -10.94 14.28
CA PHE A 116 8.81 -11.43 13.98
C PHE A 116 8.93 -11.84 12.52
N HIS A 117 10.13 -12.24 12.10
CA HIS A 117 10.37 -12.65 10.73
C HIS A 117 11.13 -13.98 10.69
N CYS A 118 10.59 -14.93 9.95
CA CYS A 118 11.20 -16.25 9.83
C CYS A 118 12.08 -16.32 8.58
N LEU A 119 13.27 -16.90 8.74
CA LEU A 119 14.21 -17.04 7.63
C LEU A 119 13.74 -18.09 6.64
N LYS A 120 13.71 -19.34 7.10
CA LYS A 120 13.27 -20.45 6.26
C LYS A 120 12.08 -20.05 5.40
N CYS A 121 11.03 -19.54 6.04
CA CYS A 121 9.83 -19.11 5.33
C CYS A 121 10.12 -17.91 4.46
N ASN A 122 11.11 -17.11 4.85
CA ASN A 122 11.49 -15.92 4.09
C ASN A 122 10.33 -14.93 4.03
N LEU A 123 9.77 -14.60 5.19
CA LEU A 123 8.66 -13.67 5.27
C LEU A 123 8.45 -13.18 6.70
N CYS A 124 7.42 -12.35 6.89
CA CYS A 124 7.12 -11.81 8.21
C CYS A 124 5.91 -12.52 8.82
N LEU A 125 5.98 -12.77 10.12
CA LEU A 125 4.89 -13.44 10.82
C LEU A 125 4.70 -12.85 12.23
N THR A 126 3.50 -13.01 12.77
CA THR A 126 3.20 -12.51 14.10
C THR A 126 3.61 -13.49 15.18
N THR A 127 4.08 -12.97 16.31
CA THR A 127 4.51 -13.81 17.42
C THR A 127 3.52 -14.93 17.68
N ASN A 128 2.23 -14.61 17.60
CA ASN A 128 1.17 -15.59 17.84
C ASN A 128 1.46 -16.88 17.08
N LEU A 129 1.88 -16.75 15.82
CA LEU A 129 2.19 -17.92 14.99
C LEU A 129 3.67 -18.27 15.10
N ARG A 130 4.20 -18.25 16.32
CA ARG A 130 5.60 -18.57 16.57
C ARG A 130 5.92 -19.97 16.04
N GLY A 131 5.03 -20.91 16.26
CA GLY A 131 5.23 -22.28 15.80
C GLY A 131 4.18 -22.72 14.80
N LYS A 132 2.94 -22.32 15.04
CA LYS A 132 1.84 -22.68 14.15
C LYS A 132 2.30 -22.72 12.70
N HIS A 133 2.92 -21.62 12.25
CA HIS A 133 3.41 -21.54 10.88
C HIS A 133 4.46 -22.62 10.61
N LYS A 134 4.29 -23.31 9.48
CA LYS A 134 5.21 -24.37 9.10
C LYS A 134 6.04 -23.96 7.88
N CYS A 135 7.36 -23.96 8.05
CA CYS A 135 8.26 -23.58 6.96
C CYS A 135 8.30 -24.66 5.89
N ILE A 136 8.89 -25.80 6.22
CA ILE A 136 8.99 -26.92 5.29
C ILE A 136 7.62 -27.50 4.98
N GLU A 137 7.41 -27.86 3.72
CA GLU A 137 6.14 -28.43 3.29
C GLU A 137 6.35 -29.78 2.61
N SER A 138 5.41 -30.69 2.81
CA SER A 138 5.49 -32.02 2.22
C SER A 138 5.07 -32.00 0.75
N GLY A 139 3.91 -31.38 0.49
CA GLY A 139 3.42 -31.30 -0.87
C GLY A 139 2.51 -32.46 -1.23
N PRO A 140 1.19 -32.25 -1.07
CA PRO A 140 0.19 -33.28 -1.38
C PRO A 140 0.07 -33.55 -2.88
N SER A 141 -0.95 -34.32 -3.25
CA SER A 141 -1.17 -34.66 -4.66
C SER A 141 -2.62 -35.06 -4.90
N SER A 142 -2.99 -35.18 -6.17
CA SER A 142 -4.35 -35.55 -6.53
C SER A 142 -4.35 -36.67 -7.56
N GLY A 143 -4.85 -37.84 -7.16
CA GLY A 143 -4.90 -38.98 -8.07
C GLY A 143 -3.54 -39.63 -8.25
N GLY A 1 -31.45 -17.72 8.04
CA GLY A 1 -32.66 -17.20 7.43
C GLY A 1 -32.93 -15.76 7.82
N SER A 2 -32.72 -14.85 6.87
CA SER A 2 -32.94 -13.44 7.12
C SER A 2 -33.70 -12.78 5.97
N SER A 3 -34.97 -12.46 6.21
CA SER A 3 -35.80 -11.84 5.18
C SER A 3 -36.17 -10.42 5.58
N GLY A 4 -35.35 -9.46 5.14
CA GLY A 4 -35.61 -8.07 5.45
C GLY A 4 -34.73 -7.13 4.65
N SER A 5 -35.10 -5.85 4.64
CA SER A 5 -34.35 -4.85 3.90
C SER A 5 -32.93 -4.72 4.46
N SER A 6 -31.96 -5.31 3.76
CA SER A 6 -30.57 -5.26 4.19
C SER A 6 -29.65 -5.07 2.99
N GLY A 7 -28.87 -3.99 3.01
CA GLY A 7 -27.96 -3.71 1.92
C GLY A 7 -28.67 -3.53 0.59
N GLY A 8 -28.01 -2.85 -0.34
CA GLY A 8 -28.60 -2.62 -1.64
C GLY A 8 -27.68 -3.03 -2.78
N VAL A 9 -27.36 -2.06 -3.65
CA VAL A 9 -26.48 -2.33 -4.78
C VAL A 9 -25.25 -1.43 -4.74
N ARG A 10 -25.44 -0.20 -4.28
CA ARG A 10 -24.34 0.76 -4.20
C ARG A 10 -24.50 1.65 -2.97
N ASN A 11 -23.38 2.18 -2.49
CA ASN A 11 -23.39 3.06 -1.32
C ASN A 11 -22.21 4.02 -1.34
N LEU A 12 -22.37 5.17 -0.70
CA LEU A 12 -21.32 6.18 -0.64
C LEU A 12 -19.97 5.53 -0.38
N ALA A 13 -18.89 6.25 -0.72
CA ALA A 13 -17.54 5.75 -0.53
C ALA A 13 -16.50 6.83 -0.81
N GLN A 14 -15.37 6.75 -0.12
CA GLN A 14 -14.30 7.72 -0.29
C GLN A 14 -13.05 7.07 -0.88
N GLY A 15 -12.48 7.70 -1.90
CA GLY A 15 -11.30 7.16 -2.53
C GLY A 15 -10.02 7.78 -2.00
N PRO A 16 -9.71 9.01 -2.44
CA PRO A 16 -8.52 9.72 -2.00
C PRO A 16 -8.60 10.17 -0.54
N ARG A 17 -7.68 11.04 -0.14
CA ARG A 17 -7.65 11.54 1.23
C ARG A 17 -7.45 10.40 2.22
N GLY A 18 -6.75 9.36 1.77
CA GLY A 18 -6.49 8.22 2.63
C GLY A 18 -7.60 7.19 2.59
N CYS A 19 -7.27 5.98 2.13
CA CYS A 19 -8.26 4.91 2.03
C CYS A 19 -7.98 3.82 3.06
N GLU A 20 -8.98 2.99 3.31
CA GLU A 20 -8.84 1.90 4.28
C GLU A 20 -7.51 1.18 4.10
N HIS A 21 -7.01 1.16 2.86
CA HIS A 21 -5.75 0.50 2.56
C HIS A 21 -4.60 1.19 3.28
N TYR A 22 -4.32 2.43 2.91
CA TYR A 22 -3.24 3.20 3.53
C TYR A 22 -3.67 4.63 3.79
N ASP A 23 -3.08 5.25 4.81
CA ASP A 23 -3.40 6.63 5.16
C ASP A 23 -2.36 7.59 4.57
N ARG A 24 -2.68 8.14 3.40
CA ARG A 24 -1.78 9.07 2.73
C ARG A 24 -2.57 10.24 2.14
N ALA A 25 -1.85 11.30 1.78
CA ALA A 25 -2.47 12.48 1.20
C ALA A 25 -1.89 12.80 -0.18
N CYS A 26 -1.51 11.75 -0.90
CA CYS A 26 -0.94 11.91 -2.24
C CYS A 26 -1.14 10.64 -3.06
N LEU A 27 -1.69 10.81 -4.26
CA LEU A 27 -1.94 9.68 -5.15
C LEU A 27 -0.67 9.31 -5.91
N LEU A 28 -0.46 8.00 -6.08
CA LEU A 28 0.72 7.50 -6.77
C LEU A 28 0.42 7.31 -8.26
N LYS A 29 1.29 7.87 -9.10
CA LYS A 29 1.12 7.77 -10.54
C LYS A 29 1.28 6.33 -11.02
N ALA A 30 0.52 5.95 -12.03
CA ALA A 30 0.58 4.60 -12.56
C ALA A 30 1.27 4.57 -13.93
N PRO A 31 2.52 4.09 -13.96
CA PRO A 31 3.31 4.01 -15.19
C PRO A 31 2.77 2.96 -16.15
N CYS A 32 1.66 2.32 -15.78
CA CYS A 32 1.05 1.30 -16.60
C CYS A 32 -0.07 1.88 -17.46
N CYS A 33 -0.90 2.72 -16.85
CA CYS A 33 -2.01 3.34 -17.55
C CYS A 33 -1.95 4.87 -17.43
N ASP A 34 -0.88 5.35 -16.80
CA ASP A 34 -0.69 6.79 -16.63
C ASP A 34 -1.84 7.40 -15.86
N LYS A 35 -2.32 6.67 -14.84
CA LYS A 35 -3.43 7.14 -14.02
C LYS A 35 -2.96 7.41 -12.59
N LEU A 36 -3.87 7.91 -11.77
CA LEU A 36 -3.56 8.21 -10.37
C LEU A 36 -4.64 7.67 -9.44
N TYR A 37 -4.24 6.78 -8.54
CA TYR A 37 -5.18 6.19 -7.58
C TYR A 37 -4.65 6.28 -6.16
N THR A 38 -5.56 6.42 -5.20
CA THR A 38 -5.19 6.52 -3.80
C THR A 38 -3.92 5.71 -3.50
N CYS A 39 -4.04 4.39 -3.64
CA CYS A 39 -2.91 3.50 -3.39
C CYS A 39 -2.74 2.50 -4.53
N ARG A 40 -1.80 1.58 -4.37
CA ARG A 40 -1.54 0.56 -5.38
C ARG A 40 -2.68 -0.44 -5.46
N LEU A 41 -3.34 -0.67 -4.32
CA LEU A 41 -4.46 -1.61 -4.26
C LEU A 41 -5.68 -1.05 -4.97
N CYS A 42 -5.88 0.26 -4.85
CA CYS A 42 -7.01 0.93 -5.49
C CYS A 42 -6.95 0.77 -7.01
N HIS A 43 -5.77 0.95 -7.58
CA HIS A 43 -5.58 0.83 -9.02
C HIS A 43 -6.13 -0.50 -9.52
N ASP A 44 -5.56 -1.59 -9.03
CA ASP A 44 -5.98 -2.93 -9.44
C ASP A 44 -7.48 -3.11 -9.22
N THR A 45 -7.98 -2.52 -8.13
CA THR A 45 -9.40 -2.62 -7.80
C THR A 45 -10.26 -1.96 -8.87
N ASN A 46 -9.75 -0.88 -9.46
CA ASN A 46 -10.46 -0.16 -10.50
C ASN A 46 -9.82 -0.38 -11.87
N GLU A 47 -9.08 -1.49 -12.00
CA GLU A 47 -8.41 -1.81 -13.25
C GLU A 47 -8.36 -3.31 -13.47
N ASP A 48 -8.15 -3.72 -14.72
CA ASP A 48 -8.09 -5.13 -15.06
C ASP A 48 -6.66 -5.66 -14.92
N HIS A 49 -5.71 -4.75 -14.82
CA HIS A 49 -4.30 -5.11 -14.68
C HIS A 49 -3.77 -4.70 -13.31
N GLN A 50 -2.68 -5.35 -12.89
CA GLN A 50 -2.07 -5.05 -11.60
C GLN A 50 -0.94 -4.04 -11.75
N LEU A 51 -0.87 -3.09 -10.82
CA LEU A 51 0.17 -2.07 -10.86
C LEU A 51 1.25 -2.35 -9.82
N ASP A 52 2.46 -1.87 -10.08
CA ASP A 52 3.58 -2.08 -9.17
C ASP A 52 3.66 -0.95 -8.14
N ARG A 53 4.44 -1.16 -7.09
CA ARG A 53 4.60 -0.16 -6.04
C ARG A 53 6.04 0.32 -5.95
N PHE A 54 6.92 -0.30 -6.74
CA PHE A 54 8.33 0.06 -6.75
C PHE A 54 8.67 0.89 -7.99
N LYS A 55 8.09 0.51 -9.11
CA LYS A 55 8.33 1.21 -10.37
C LYS A 55 8.02 2.70 -10.24
N VAL A 56 6.75 3.02 -10.01
CA VAL A 56 6.31 4.39 -9.86
C VAL A 56 7.24 5.16 -8.91
N LYS A 57 7.56 6.39 -9.27
CA LYS A 57 8.43 7.23 -8.46
C LYS A 57 7.79 8.59 -8.19
N GLU A 58 6.98 9.06 -9.14
CA GLU A 58 6.31 10.34 -9.00
C GLU A 58 5.02 10.20 -8.19
N VAL A 59 4.55 11.30 -7.64
CA VAL A 59 3.32 11.30 -6.84
C VAL A 59 2.58 12.62 -6.98
N GLN A 60 1.29 12.61 -6.64
CA GLN A 60 0.46 13.80 -6.73
C GLN A 60 -0.20 14.11 -5.39
N CYS A 61 -0.33 15.39 -5.08
CA CYS A 61 -0.94 15.83 -3.83
C CYS A 61 -2.45 15.90 -3.95
N ILE A 62 -3.16 15.66 -2.85
CA ILE A 62 -4.61 15.70 -2.85
C ILE A 62 -5.13 16.94 -2.12
N ASN A 63 -4.21 17.65 -1.46
CA ASN A 63 -4.58 18.87 -0.73
C ASN A 63 -4.58 20.07 -1.65
N CYS A 64 -3.56 20.15 -2.51
CA CYS A 64 -3.44 21.27 -3.45
C CYS A 64 -3.23 20.76 -4.87
N GLU A 65 -3.62 19.51 -5.11
CA GLU A 65 -3.48 18.91 -6.42
C GLU A 65 -2.20 19.39 -7.10
N LYS A 66 -1.13 19.47 -6.33
CA LYS A 66 0.16 19.92 -6.86
C LYS A 66 1.02 18.73 -7.28
N LEU A 67 1.87 18.94 -8.27
CA LEU A 67 2.74 17.88 -8.77
C LEU A 67 4.07 17.87 -8.01
N GLN A 68 4.63 16.68 -7.80
CA GLN A 68 5.89 16.54 -7.09
C GLN A 68 6.44 15.12 -7.23
N HIS A 69 7.66 14.91 -6.76
CA HIS A 69 8.29 13.60 -6.82
C HIS A 69 8.19 12.88 -5.49
N ALA A 70 8.71 11.66 -5.44
CA ALA A 70 8.68 10.86 -4.22
C ALA A 70 9.20 11.66 -3.03
N GLN A 71 8.33 11.91 -2.06
CA GLN A 71 8.69 12.66 -0.88
C GLN A 71 7.76 12.35 0.29
N GLN A 72 7.94 13.05 1.40
CA GLN A 72 7.11 12.84 2.58
C GLN A 72 6.12 13.99 2.76
N THR A 73 6.50 15.17 2.28
CA THR A 73 5.65 16.35 2.40
C THR A 73 5.54 17.07 1.06
N CYS A 74 4.46 17.82 0.89
CA CYS A 74 4.22 18.57 -0.34
C CYS A 74 5.19 19.75 -0.45
N GLU A 75 5.32 20.29 -1.66
CA GLU A 75 6.20 21.43 -1.89
C GLU A 75 5.40 22.70 -2.15
N ASP A 76 4.08 22.59 -2.06
CA ASP A 76 3.21 23.73 -2.28
C ASP A 76 2.35 24.01 -1.05
N CYS A 77 1.96 22.94 -0.36
CA CYS A 77 1.13 23.07 0.84
C CYS A 77 1.84 22.50 2.05
N SER A 78 2.93 21.76 1.82
CA SER A 78 3.71 21.17 2.89
C SER A 78 2.84 20.22 3.72
N THR A 79 1.97 19.47 3.04
CA THR A 79 1.09 18.53 3.71
C THR A 79 1.77 17.18 3.89
N LEU A 80 1.79 16.69 5.13
CA LEU A 80 2.40 15.40 5.43
C LEU A 80 1.67 14.27 4.72
N PHE A 81 2.36 13.64 3.76
CA PHE A 81 1.77 12.54 3.00
C PHE A 81 1.84 11.23 3.80
N GLY A 82 2.21 11.34 5.07
CA GLY A 82 2.31 10.17 5.92
C GLY A 82 3.55 10.20 6.79
N GLU A 83 3.34 10.27 8.10
CA GLU A 83 4.45 10.30 9.05
C GLU A 83 5.57 9.36 8.61
N TYR A 84 5.19 8.19 8.12
CA TYR A 84 6.17 7.20 7.66
C TYR A 84 6.25 7.20 6.13
N TYR A 85 7.46 7.42 5.62
CA TYR A 85 7.68 7.44 4.17
C TYR A 85 8.82 6.50 3.79
N CYS A 86 8.48 5.45 3.05
CA CYS A 86 9.47 4.47 2.61
C CYS A 86 10.12 4.92 1.30
N SER A 87 11.41 4.63 1.16
CA SER A 87 12.15 4.99 -0.05
C SER A 87 12.24 3.82 -1.01
N ILE A 88 12.30 2.61 -0.46
CA ILE A 88 12.39 1.40 -1.28
C ILE A 88 11.04 1.08 -1.90
N CYS A 89 10.00 1.01 -1.08
CA CYS A 89 8.66 0.71 -1.56
C CYS A 89 7.96 1.96 -2.05
N HIS A 90 8.46 3.12 -1.64
CA HIS A 90 7.89 4.40 -2.05
C HIS A 90 6.44 4.52 -1.57
N LEU A 91 6.18 4.02 -0.37
CA LEU A 91 4.85 4.08 0.21
C LEU A 91 4.79 5.04 1.39
N PHE A 92 3.61 5.57 1.67
CA PHE A 92 3.43 6.50 2.78
C PHE A 92 2.21 6.13 3.61
N ASP A 93 2.43 5.83 4.88
CA ASP A 93 1.35 5.46 5.79
C ASP A 93 1.35 6.34 7.03
N LYS A 94 0.17 6.86 7.39
CA LYS A 94 0.04 7.72 8.55
C LYS A 94 0.54 7.02 9.81
N ASP A 95 0.79 7.81 10.86
CA ASP A 95 1.27 7.26 12.11
C ASP A 95 0.52 5.99 12.49
N LYS A 96 1.13 4.84 12.21
CA LYS A 96 0.52 3.55 12.52
C LYS A 96 1.53 2.61 13.18
N ARG A 97 2.55 3.19 13.81
CA ARG A 97 3.57 2.41 14.47
C ARG A 97 3.95 1.18 13.65
N GLN A 98 4.33 1.42 12.40
CA GLN A 98 4.72 0.33 11.50
C GLN A 98 6.21 0.38 11.21
N TYR A 99 6.73 -0.71 10.62
CA TYR A 99 8.14 -0.80 10.29
C TYR A 99 8.33 -1.35 8.89
N HIS A 100 9.60 -1.51 8.49
CA HIS A 100 9.93 -2.03 7.17
C HIS A 100 10.92 -3.18 7.26
N CYS A 101 10.50 -4.36 6.81
CA CYS A 101 11.36 -5.53 6.86
C CYS A 101 12.39 -5.50 5.72
N GLU A 102 13.64 -5.81 6.05
CA GLU A 102 14.71 -5.81 5.07
C GLU A 102 14.76 -7.14 4.33
N SER A 103 14.58 -8.24 5.07
CA SER A 103 14.61 -9.57 4.48
C SER A 103 13.59 -9.68 3.35
N CYS A 104 12.47 -8.99 3.50
CA CYS A 104 11.41 -9.01 2.51
C CYS A 104 11.47 -7.77 1.61
N GLY A 105 12.02 -6.69 2.15
CA GLY A 105 12.14 -5.47 1.39
C GLY A 105 10.81 -4.74 1.26
N ILE A 106 9.85 -5.08 2.12
CA ILE A 106 8.54 -4.47 2.10
C ILE A 106 8.15 -3.93 3.46
N CYS A 107 7.16 -3.05 3.49
CA CYS A 107 6.69 -2.45 4.73
C CYS A 107 5.70 -3.38 5.44
N ARG A 108 5.70 -3.33 6.77
CA ARG A 108 4.81 -4.16 7.56
C ARG A 108 4.31 -3.41 8.79
N ILE A 109 3.06 -3.64 9.15
CA ILE A 109 2.45 -2.99 10.31
C ILE A 109 2.84 -3.69 11.60
N GLY A 110 3.22 -2.90 12.61
CA GLY A 110 3.60 -3.47 13.88
C GLY A 110 2.41 -3.78 14.77
N PRO A 111 2.59 -3.64 16.09
CA PRO A 111 3.87 -3.21 16.67
C PRO A 111 4.95 -4.27 16.53
N LYS A 112 6.05 -3.93 15.87
CA LYS A 112 7.16 -4.85 15.67
C LYS A 112 7.36 -5.73 16.89
N GLU A 113 7.01 -5.20 18.06
CA GLU A 113 7.16 -5.95 19.31
C GLU A 113 6.35 -7.23 19.26
N ASP A 114 5.08 -7.11 18.88
CA ASP A 114 4.19 -8.27 18.80
C ASP A 114 4.26 -8.91 17.42
N PHE A 115 5.44 -8.88 16.81
CA PHE A 115 5.64 -9.46 15.49
C PHE A 115 7.07 -9.96 15.32
N PHE A 116 7.31 -10.69 14.23
CA PHE A 116 8.63 -11.23 13.96
C PHE A 116 8.75 -11.65 12.50
N HIS A 117 9.96 -12.05 12.10
CA HIS A 117 10.21 -12.49 10.72
C HIS A 117 10.90 -13.84 10.70
N CYS A 118 10.35 -14.77 9.91
CA CYS A 118 10.91 -16.11 9.80
C CYS A 118 11.89 -16.19 8.64
N LEU A 119 13.00 -16.90 8.85
CA LEU A 119 14.01 -17.05 7.82
C LEU A 119 13.61 -18.13 6.82
N LYS A 120 13.58 -19.38 7.28
CA LYS A 120 13.21 -20.50 6.44
C LYS A 120 12.02 -20.15 5.54
N CYS A 121 11.02 -19.52 6.14
CA CYS A 121 9.82 -19.12 5.41
C CYS A 121 10.11 -17.93 4.50
N ASN A 122 11.11 -17.14 4.88
CA ASN A 122 11.49 -15.96 4.09
C ASN A 122 10.33 -14.97 4.00
N LEU A 123 9.70 -14.70 5.15
CA LEU A 123 8.58 -13.76 5.19
C LEU A 123 8.35 -13.27 6.62
N CYS A 124 7.41 -12.34 6.77
CA CYS A 124 7.09 -11.79 8.09
C CYS A 124 5.89 -12.51 8.69
N LEU A 125 5.86 -12.58 10.01
CA LEU A 125 4.77 -13.24 10.72
C LEU A 125 4.59 -12.65 12.12
N THR A 126 3.36 -12.74 12.64
CA THR A 126 3.07 -12.22 13.97
C THR A 126 3.44 -13.22 15.05
N THR A 127 3.81 -12.72 16.23
CA THR A 127 4.20 -13.57 17.34
C THR A 127 3.19 -14.69 17.55
N ASN A 128 1.90 -14.36 17.42
CA ASN A 128 0.83 -15.34 17.59
C ASN A 128 1.19 -16.66 16.92
N LEU A 129 1.83 -16.57 15.76
CA LEU A 129 2.23 -17.76 15.01
C LEU A 129 3.74 -17.99 15.11
N ARG A 130 4.26 -17.88 16.33
CA ARG A 130 5.69 -18.07 16.56
C ARG A 130 6.03 -19.55 16.70
N GLY A 131 5.41 -20.37 15.84
CA GLY A 131 5.66 -21.80 15.88
C GLY A 131 4.63 -22.59 15.09
N LYS A 132 3.37 -22.47 15.48
CA LYS A 132 2.29 -23.18 14.80
C LYS A 132 2.56 -23.27 13.30
N HIS A 133 2.93 -22.14 12.69
CA HIS A 133 3.22 -22.10 11.26
C HIS A 133 4.39 -23.02 10.92
N LYS A 134 4.31 -23.67 9.78
CA LYS A 134 5.35 -24.58 9.32
C LYS A 134 6.17 -23.96 8.19
N CYS A 135 7.49 -24.08 8.28
CA CYS A 135 8.37 -23.53 7.26
C CYS A 135 8.82 -24.61 6.29
N ILE A 136 8.19 -24.65 5.11
CA ILE A 136 8.52 -25.63 4.10
C ILE A 136 8.01 -25.20 2.73
N GLU A 137 8.74 -25.59 1.68
CA GLU A 137 8.36 -25.23 0.32
C GLU A 137 7.97 -26.48 -0.47
N SER A 138 7.35 -26.27 -1.63
CA SER A 138 6.93 -27.37 -2.48
C SER A 138 7.44 -27.19 -3.90
N GLY A 139 7.40 -28.26 -4.69
CA GLY A 139 7.86 -28.20 -6.06
C GLY A 139 7.11 -27.18 -6.89
N PRO A 140 7.02 -27.43 -8.20
CA PRO A 140 6.32 -26.53 -9.13
C PRO A 140 4.82 -26.55 -8.93
N SER A 141 4.36 -27.32 -7.94
CA SER A 141 2.94 -27.42 -7.65
C SER A 141 2.22 -26.10 -7.90
N SER A 142 1.31 -26.11 -8.87
CA SER A 142 0.57 -24.90 -9.21
C SER A 142 -0.21 -24.39 -8.00
N GLY A 143 -0.96 -25.28 -7.37
CA GLY A 143 -1.75 -24.90 -6.21
C GLY A 143 -2.37 -26.10 -5.51
N GLY A 1 -17.47 -5.97 -26.56
CA GLY A 1 -17.08 -4.57 -26.52
C GLY A 1 -17.21 -3.89 -27.87
N SER A 2 -18.29 -3.12 -28.04
CA SER A 2 -18.54 -2.43 -29.29
C SER A 2 -18.08 -0.97 -29.20
N SER A 3 -18.09 -0.28 -30.34
CA SER A 3 -17.67 1.11 -30.39
C SER A 3 -18.59 1.92 -31.30
N GLY A 4 -18.53 3.24 -31.17
CA GLY A 4 -19.36 4.10 -31.99
C GLY A 4 -18.99 5.57 -31.84
N SER A 5 -19.91 6.45 -32.23
CA SER A 5 -19.67 7.88 -32.15
C SER A 5 -19.79 8.37 -30.71
N SER A 6 -18.67 8.83 -30.16
CA SER A 6 -18.64 9.33 -28.78
C SER A 6 -17.28 9.92 -28.44
N GLY A 7 -17.27 11.18 -28.05
CA GLY A 7 -16.03 11.84 -27.70
C GLY A 7 -15.43 11.31 -26.41
N GLY A 8 -14.81 12.20 -25.64
CA GLY A 8 -14.20 11.80 -24.39
C GLY A 8 -14.97 12.31 -23.19
N VAL A 9 -14.33 13.15 -22.39
CA VAL A 9 -14.95 13.71 -21.20
C VAL A 9 -14.07 14.78 -20.57
N ARG A 10 -14.69 15.67 -19.79
CA ARG A 10 -13.96 16.73 -19.12
C ARG A 10 -14.63 17.12 -17.81
N ASN A 11 -13.99 16.79 -16.69
CA ASN A 11 -14.53 17.10 -15.38
C ASN A 11 -13.42 17.33 -14.37
N LEU A 12 -13.79 17.70 -13.16
CA LEU A 12 -12.82 17.95 -12.09
C LEU A 12 -12.94 16.91 -10.98
N ALA A 13 -11.94 16.06 -10.86
CA ALA A 13 -11.93 15.02 -9.84
C ALA A 13 -11.70 15.61 -8.45
N GLN A 14 -12.21 14.94 -7.42
CA GLN A 14 -12.05 15.41 -6.06
C GLN A 14 -10.72 14.94 -5.46
N GLY A 15 -10.17 15.76 -4.57
CA GLY A 15 -8.90 15.42 -3.95
C GLY A 15 -9.07 14.56 -2.71
N PRO A 16 -8.68 13.29 -2.81
CA PRO A 16 -8.78 12.35 -1.68
C PRO A 16 -7.81 12.66 -0.56
N ARG A 17 -8.09 12.13 0.62
CA ARG A 17 -7.23 12.36 1.79
C ARG A 17 -6.87 11.05 2.47
N GLY A 18 -6.69 10.00 1.68
CA GLY A 18 -6.34 8.70 2.23
C GLY A 18 -7.51 7.73 2.19
N CYS A 19 -7.29 6.57 1.59
CA CYS A 19 -8.34 5.55 1.49
C CYS A 19 -8.26 4.58 2.66
N GLU A 20 -9.26 3.71 2.76
CA GLU A 20 -9.31 2.73 3.85
C GLU A 20 -7.99 1.95 3.93
N HIS A 21 -7.27 1.90 2.81
CA HIS A 21 -6.00 1.20 2.76
C HIS A 21 -4.93 1.93 3.55
N TYR A 22 -4.67 3.18 3.18
CA TYR A 22 -3.67 3.99 3.86
C TYR A 22 -4.09 5.46 3.91
N ASP A 23 -3.56 6.19 4.89
CA ASP A 23 -3.88 7.60 5.04
C ASP A 23 -2.80 8.47 4.41
N ARG A 24 -3.00 8.81 3.14
CA ARG A 24 -2.04 9.65 2.43
C ARG A 24 -2.74 10.82 1.74
N ALA A 25 -1.98 11.86 1.45
CA ALA A 25 -2.53 13.05 0.79
C ALA A 25 -1.88 13.27 -0.58
N CYS A 26 -1.54 12.17 -1.24
CA CYS A 26 -0.90 12.25 -2.56
C CYS A 26 -1.15 10.96 -3.35
N LEU A 27 -1.59 11.12 -4.59
CA LEU A 27 -1.86 9.98 -5.46
C LEU A 27 -0.59 9.50 -6.15
N LEU A 28 -0.45 8.19 -6.28
CA LEU A 28 0.72 7.60 -6.91
C LEU A 28 0.48 7.40 -8.41
N LYS A 29 1.30 8.05 -9.23
CA LYS A 29 1.18 7.95 -10.67
C LYS A 29 1.25 6.49 -11.13
N ALA A 30 0.47 6.16 -12.15
CA ALA A 30 0.44 4.80 -12.68
C ALA A 30 1.16 4.71 -14.02
N PRO A 31 2.42 4.25 -14.00
CA PRO A 31 3.23 4.12 -15.20
C PRO A 31 2.74 3.00 -16.11
N CYS A 32 1.62 2.38 -15.73
CA CYS A 32 1.05 1.29 -16.52
C CYS A 32 -0.01 1.83 -17.48
N CYS A 33 -0.82 2.76 -17.00
CA CYS A 33 -1.88 3.35 -17.82
C CYS A 33 -1.82 4.88 -17.77
N ASP A 34 -0.78 5.40 -17.13
CA ASP A 34 -0.60 6.84 -17.01
C ASP A 34 -1.75 7.47 -16.25
N LYS A 35 -2.32 6.71 -15.31
CA LYS A 35 -3.43 7.19 -14.51
C LYS A 35 -2.99 7.45 -13.07
N LEU A 36 -3.86 8.08 -12.28
CA LEU A 36 -3.57 8.39 -10.90
C LEU A 36 -4.68 7.90 -9.98
N TYR A 37 -4.32 7.08 -9.00
CA TYR A 37 -5.30 6.55 -8.05
C TYR A 37 -4.81 6.71 -6.62
N THR A 38 -5.74 6.94 -5.70
CA THR A 38 -5.42 7.13 -4.30
C THR A 38 -4.19 6.31 -3.90
N CYS A 39 -4.31 4.99 -4.00
CA CYS A 39 -3.21 4.10 -3.66
C CYS A 39 -3.04 3.02 -4.72
N ARG A 40 -2.10 2.10 -4.48
CA ARG A 40 -1.84 1.01 -5.40
C ARG A 40 -2.98 0.01 -5.40
N LEU A 41 -3.56 -0.23 -4.22
CA LEU A 41 -4.66 -1.16 -4.08
C LEU A 41 -5.92 -0.64 -4.75
N CYS A 42 -5.99 0.68 -4.90
CA CYS A 42 -7.15 1.32 -5.53
C CYS A 42 -7.11 1.14 -7.05
N HIS A 43 -5.95 1.38 -7.64
CA HIS A 43 -5.79 1.24 -9.08
C HIS A 43 -6.36 -0.09 -9.56
N ASP A 44 -5.76 -1.19 -9.10
CA ASP A 44 -6.21 -2.53 -9.49
C ASP A 44 -7.71 -2.67 -9.26
N THR A 45 -8.19 -2.16 -8.14
CA THR A 45 -9.61 -2.23 -7.82
C THR A 45 -10.47 -1.60 -8.90
N ASN A 46 -9.98 -0.50 -9.47
CA ASN A 46 -10.70 0.21 -10.52
C ASN A 46 -10.03 0.00 -11.88
N GLU A 47 -9.33 -1.12 -12.01
CA GLU A 47 -8.62 -1.44 -13.25
C GLU A 47 -8.59 -2.94 -13.49
N ASP A 48 -8.50 -3.33 -14.76
CA ASP A 48 -8.47 -4.74 -15.12
C ASP A 48 -7.07 -5.32 -14.94
N HIS A 49 -6.08 -4.42 -14.87
CA HIS A 49 -4.69 -4.85 -14.69
C HIS A 49 -4.16 -4.42 -13.32
N GLN A 50 -3.05 -5.02 -12.91
CA GLN A 50 -2.44 -4.70 -11.62
C GLN A 50 -1.33 -3.69 -11.78
N LEU A 51 -1.20 -2.79 -10.81
CA LEU A 51 -0.16 -1.76 -10.85
C LEU A 51 0.94 -2.07 -9.85
N ASP A 52 2.16 -1.62 -10.16
CA ASP A 52 3.30 -1.85 -9.29
C ASP A 52 3.44 -0.74 -8.26
N ARG A 53 3.90 -1.09 -7.07
CA ARG A 53 4.08 -0.12 -6.00
C ARG A 53 5.53 0.33 -5.89
N PHE A 54 6.42 -0.41 -6.55
CA PHE A 54 7.84 -0.10 -6.53
C PHE A 54 8.25 0.65 -7.79
N LYS A 55 7.70 0.24 -8.93
CA LYS A 55 8.01 0.88 -10.20
C LYS A 55 7.86 2.40 -10.11
N VAL A 56 6.64 2.84 -9.81
CA VAL A 56 6.36 4.27 -9.68
C VAL A 56 7.28 4.92 -8.66
N LYS A 57 7.69 6.15 -8.95
CA LYS A 57 8.58 6.90 -8.05
C LYS A 57 8.01 8.28 -7.75
N GLU A 58 7.43 8.91 -8.77
CA GLU A 58 6.85 10.24 -8.60
C GLU A 58 5.53 10.17 -7.84
N VAL A 59 5.00 11.33 -7.46
CA VAL A 59 3.74 11.39 -6.74
C VAL A 59 3.09 12.76 -6.91
N GLN A 60 1.76 12.79 -6.84
CA GLN A 60 1.01 14.02 -6.98
C GLN A 60 0.26 14.37 -5.69
N CYS A 61 0.22 15.65 -5.36
CA CYS A 61 -0.47 16.10 -4.15
C CYS A 61 -1.97 16.18 -4.38
N ILE A 62 -2.74 15.99 -3.31
CA ILE A 62 -4.20 16.04 -3.39
C ILE A 62 -4.73 17.35 -2.83
N ASN A 63 -3.85 18.14 -2.23
CA ASN A 63 -4.24 19.42 -1.65
C ASN A 63 -4.02 20.55 -2.65
N CYS A 64 -2.83 20.60 -3.24
CA CYS A 64 -2.50 21.63 -4.21
C CYS A 64 -2.21 21.02 -5.59
N GLU A 65 -2.71 19.81 -5.80
CA GLU A 65 -2.50 19.12 -7.07
C GLU A 65 -1.20 19.55 -7.71
N LYS A 66 -0.12 19.53 -6.94
CA LYS A 66 1.20 19.92 -7.45
C LYS A 66 2.07 18.70 -7.70
N LEU A 67 2.90 18.76 -8.74
CA LEU A 67 3.78 17.67 -9.08
C LEU A 67 5.01 17.65 -8.18
N GLN A 68 5.57 16.46 -7.98
CA GLN A 68 6.75 16.31 -7.14
C GLN A 68 7.29 14.89 -7.21
N HIS A 69 8.38 14.64 -6.48
CA HIS A 69 9.00 13.31 -6.46
C HIS A 69 8.79 12.63 -5.11
N ALA A 70 9.09 11.33 -5.05
CA ALA A 70 8.93 10.57 -3.82
C ALA A 70 9.43 11.37 -2.62
N GLN A 71 8.51 11.65 -1.69
CA GLN A 71 8.86 12.41 -0.50
C GLN A 71 7.84 12.18 0.60
N GLN A 72 8.02 12.86 1.73
CA GLN A 72 7.11 12.74 2.87
C GLN A 72 6.20 13.95 2.98
N THR A 73 6.70 15.11 2.53
CA THR A 73 5.94 16.34 2.58
C THR A 73 5.93 17.04 1.22
N CYS A 74 4.84 17.75 0.93
CA CYS A 74 4.71 18.46 -0.34
C CYS A 74 5.75 19.58 -0.44
N GLU A 75 6.16 19.89 -1.67
CA GLU A 75 7.15 20.93 -1.90
C GLU A 75 6.48 22.22 -2.39
N ASP A 76 5.17 22.32 -2.14
CA ASP A 76 4.42 23.50 -2.54
C ASP A 76 3.53 23.99 -1.40
N CYS A 77 2.93 23.05 -0.67
CA CYS A 77 2.05 23.38 0.43
C CYS A 77 2.61 22.84 1.75
N SER A 78 3.55 21.91 1.65
CA SER A 78 4.17 21.31 2.82
C SER A 78 3.14 20.50 3.62
N THR A 79 2.36 19.71 2.91
CA THR A 79 1.33 18.88 3.55
C THR A 79 1.85 17.48 3.82
N LEU A 80 1.94 17.12 5.09
CA LEU A 80 2.41 15.80 5.49
C LEU A 80 1.64 14.71 4.78
N PHE A 81 2.30 14.03 3.83
CA PHE A 81 1.66 12.96 3.08
C PHE A 81 1.56 11.69 3.92
N GLY A 82 1.91 11.80 5.20
CA GLY A 82 1.84 10.66 6.09
C GLY A 82 3.00 10.63 7.07
N GLU A 83 2.67 10.51 8.36
CA GLU A 83 3.70 10.47 9.40
C GLU A 83 4.85 9.56 9.00
N TYR A 84 4.51 8.40 8.45
CA TYR A 84 5.52 7.44 8.02
C TYR A 84 5.64 7.41 6.51
N TYR A 85 6.87 7.35 6.01
CA TYR A 85 7.12 7.31 4.57
C TYR A 85 8.22 6.31 4.24
N CYS A 86 7.90 5.34 3.39
CA CYS A 86 8.85 4.32 2.98
C CYS A 86 9.55 4.72 1.69
N SER A 87 10.85 4.43 1.60
CA SER A 87 11.63 4.76 0.42
C SER A 87 11.69 3.56 -0.54
N ILE A 88 11.61 2.36 0.01
CA ILE A 88 11.65 1.15 -0.80
C ILE A 88 10.32 0.92 -1.50
N CYS A 89 9.24 0.86 -0.73
CA CYS A 89 7.91 0.65 -1.28
C CYS A 89 7.31 1.96 -1.78
N HIS A 90 7.84 3.07 -1.29
CA HIS A 90 7.36 4.39 -1.68
C HIS A 90 5.90 4.58 -1.26
N LEU A 91 5.58 4.15 -0.05
CA LEU A 91 4.23 4.26 0.47
C LEU A 91 4.17 5.27 1.62
N PHE A 92 2.99 5.86 1.83
CA PHE A 92 2.82 6.83 2.90
C PHE A 92 1.55 6.54 3.69
N ASP A 93 1.72 6.17 4.95
CA ASP A 93 0.58 5.86 5.81
C ASP A 93 0.71 6.58 7.16
N LYS A 94 -0.43 7.01 7.70
CA LYS A 94 -0.45 7.71 8.98
C LYS A 94 -0.01 6.78 10.11
N ASP A 95 0.04 7.32 11.33
CA ASP A 95 0.43 6.54 12.50
C ASP A 95 -0.57 5.43 12.77
N LYS A 96 -0.30 4.24 12.23
CA LYS A 96 -1.18 3.10 12.42
C LYS A 96 -0.38 1.84 12.76
N ARG A 97 0.67 2.02 13.58
CA ARG A 97 1.51 0.90 13.98
C ARG A 97 1.91 0.05 12.78
N GLN A 98 2.36 0.72 11.71
CA GLN A 98 2.77 0.03 10.49
C GLN A 98 4.28 0.10 10.31
N TYR A 99 4.91 -1.06 10.23
CA TYR A 99 6.36 -1.13 10.05
C TYR A 99 6.72 -1.67 8.67
N HIS A 100 8.01 -1.81 8.41
CA HIS A 100 8.50 -2.31 7.13
C HIS A 100 9.51 -3.43 7.34
N CYS A 101 9.47 -4.43 6.47
CA CYS A 101 10.40 -5.56 6.56
C CYS A 101 11.34 -5.59 5.36
N GLU A 102 12.64 -5.58 5.63
CA GLU A 102 13.63 -5.61 4.57
C GLU A 102 13.66 -6.97 3.87
N SER A 103 13.64 -8.04 4.67
CA SER A 103 13.66 -9.39 4.13
C SER A 103 12.56 -9.58 3.09
N CYS A 104 11.44 -8.91 3.29
CA CYS A 104 10.32 -8.99 2.38
C CYS A 104 10.23 -7.75 1.50
N GLY A 105 11.18 -6.83 1.68
CA GLY A 105 11.20 -5.62 0.89
C GLY A 105 9.81 -5.00 0.76
N ILE A 106 8.94 -5.28 1.72
CA ILE A 106 7.58 -4.74 1.70
C ILE A 106 7.19 -4.20 3.07
N CYS A 107 6.04 -3.54 3.13
CA CYS A 107 5.56 -2.97 4.38
C CYS A 107 4.46 -3.84 4.98
N ARG A 108 4.37 -3.86 6.30
CA ARG A 108 3.38 -4.64 7.00
C ARG A 108 2.92 -3.95 8.29
N ILE A 109 1.85 -4.44 8.87
CA ILE A 109 1.31 -3.87 10.11
C ILE A 109 1.85 -4.60 11.34
N GLY A 110 2.23 -3.83 12.35
CA GLY A 110 2.76 -4.42 13.57
C GLY A 110 1.66 -4.75 14.57
N PRO A 111 1.93 -4.49 15.86
CA PRO A 111 3.20 -3.90 16.29
C PRO A 111 4.37 -4.88 16.15
N LYS A 112 5.37 -4.49 15.36
CA LYS A 112 6.54 -5.33 15.14
C LYS A 112 6.92 -6.08 16.41
N GLU A 113 6.74 -5.43 17.56
CA GLU A 113 7.07 -6.04 18.84
C GLU A 113 6.46 -7.44 18.95
N ASP A 114 5.15 -7.52 18.75
CA ASP A 114 4.45 -8.80 18.82
C ASP A 114 4.50 -9.53 17.48
N PHE A 115 5.64 -9.41 16.80
CA PHE A 115 5.82 -10.07 15.51
C PHE A 115 7.30 -10.27 15.20
N PHE A 116 7.59 -11.08 14.19
CA PHE A 116 8.97 -11.37 13.81
C PHE A 116 9.03 -11.86 12.36
N HIS A 117 10.24 -12.10 11.87
CA HIS A 117 10.45 -12.58 10.51
C HIS A 117 11.36 -13.80 10.49
N CYS A 118 10.85 -14.90 9.95
CA CYS A 118 11.63 -16.14 9.86
C CYS A 118 12.41 -16.20 8.55
N LEU A 119 13.62 -16.73 8.62
CA LEU A 119 14.47 -16.85 7.45
C LEU A 119 14.03 -18.03 6.59
N LYS A 120 14.25 -19.24 7.09
CA LYS A 120 13.88 -20.45 6.36
C LYS A 120 12.55 -20.25 5.62
N CYS A 121 11.56 -19.73 6.32
CA CYS A 121 10.25 -19.48 5.74
C CYS A 121 10.30 -18.34 4.73
N ASN A 122 11.07 -17.31 5.07
CA ASN A 122 11.22 -16.15 4.20
C ASN A 122 9.93 -15.32 4.18
N LEU A 123 9.36 -15.08 5.36
CA LEU A 123 8.13 -14.31 5.48
C LEU A 123 7.95 -13.80 6.90
N CYS A 124 7.01 -12.87 7.07
CA CYS A 124 6.74 -12.29 8.38
C CYS A 124 5.67 -13.11 9.12
N LEU A 125 5.96 -13.43 10.38
CA LEU A 125 5.02 -14.20 11.19
C LEU A 125 4.83 -13.56 12.56
N THR A 126 3.74 -13.92 13.24
CA THR A 126 3.44 -13.38 14.56
C THR A 126 4.19 -14.15 15.64
N THR A 127 4.67 -13.43 16.65
CA THR A 127 5.39 -14.05 17.76
C THR A 127 4.71 -15.32 18.21
N ASN A 128 3.38 -15.32 18.20
CA ASN A 128 2.59 -16.46 18.62
C ASN A 128 3.08 -17.73 17.93
N LEU A 129 3.40 -17.63 16.64
CA LEU A 129 3.87 -18.76 15.87
C LEU A 129 5.40 -18.83 15.90
N ARG A 130 6.00 -18.30 16.96
CA ARG A 130 7.44 -18.31 17.11
C ARG A 130 7.98 -19.73 17.13
N GLY A 131 8.27 -20.26 15.95
CA GLY A 131 8.78 -21.62 15.84
C GLY A 131 7.71 -22.62 15.50
N LYS A 132 6.62 -22.60 16.25
CA LYS A 132 5.50 -23.51 16.02
C LYS A 132 5.29 -23.76 14.53
N HIS A 133 5.35 -22.69 13.75
CA HIS A 133 5.17 -22.78 12.30
C HIS A 133 6.23 -23.66 11.68
N LYS A 134 5.93 -24.21 10.51
CA LYS A 134 6.87 -25.07 9.80
C LYS A 134 7.65 -24.29 8.74
N CYS A 135 8.96 -24.52 8.68
CA CYS A 135 9.81 -23.84 7.72
C CYS A 135 10.25 -24.80 6.61
N ILE A 136 10.81 -25.94 7.01
CA ILE A 136 11.26 -26.93 6.04
C ILE A 136 10.11 -27.81 5.56
N GLU A 137 10.13 -28.16 4.28
CA GLU A 137 9.09 -29.00 3.70
C GLU A 137 9.64 -29.83 2.55
N SER A 138 9.53 -31.15 2.69
CA SER A 138 10.03 -32.07 1.66
C SER A 138 8.87 -32.85 1.03
N GLY A 139 8.86 -32.90 -0.30
CA GLY A 139 7.81 -33.63 -0.99
C GLY A 139 8.35 -34.45 -2.16
N PRO A 140 7.48 -35.30 -2.73
CA PRO A 140 7.85 -36.16 -3.85
C PRO A 140 8.08 -35.37 -5.14
N SER A 141 8.23 -36.09 -6.25
CA SER A 141 8.45 -35.46 -7.54
C SER A 141 7.24 -35.63 -8.46
N SER A 142 6.87 -34.55 -9.15
CA SER A 142 5.72 -34.59 -10.05
C SER A 142 5.85 -33.52 -11.12
N GLY A 143 5.19 -33.74 -12.26
CA GLY A 143 5.24 -32.79 -13.34
C GLY A 143 4.24 -33.11 -14.44
N GLY A 1 -36.31 -15.18 -21.25
CA GLY A 1 -36.67 -13.78 -21.06
C GLY A 1 -35.49 -12.84 -21.23
N SER A 2 -35.37 -11.89 -20.31
CA SER A 2 -34.28 -10.92 -20.36
C SER A 2 -33.63 -10.75 -18.99
N SER A 3 -32.52 -10.03 -18.94
CA SER A 3 -31.81 -9.79 -17.70
C SER A 3 -31.24 -8.39 -17.65
N GLY A 4 -31.78 -7.57 -16.74
CA GLY A 4 -31.31 -6.20 -16.62
C GLY A 4 -30.96 -5.84 -15.18
N SER A 5 -29.69 -5.54 -14.95
CA SER A 5 -29.22 -5.18 -13.60
C SER A 5 -29.17 -3.67 -13.44
N SER A 6 -30.31 -3.07 -13.12
CA SER A 6 -30.40 -1.63 -12.93
C SER A 6 -30.41 -1.28 -11.45
N GLY A 7 -29.70 -0.21 -11.10
CA GLY A 7 -29.63 0.23 -9.71
C GLY A 7 -28.33 0.92 -9.39
N GLY A 8 -28.03 1.99 -10.11
CA GLY A 8 -26.80 2.73 -9.88
C GLY A 8 -27.06 4.20 -9.58
N VAL A 9 -27.21 4.53 -8.30
CA VAL A 9 -27.45 5.91 -7.89
C VAL A 9 -26.15 6.64 -7.62
N ARG A 10 -26.08 7.90 -8.04
CA ARG A 10 -24.90 8.71 -7.85
C ARG A 10 -25.13 9.77 -6.78
N ASN A 11 -24.05 10.18 -6.12
CA ASN A 11 -24.15 11.19 -5.06
C ASN A 11 -22.76 11.63 -4.60
N LEU A 12 -22.71 12.69 -3.82
CA LEU A 12 -21.45 13.21 -3.31
C LEU A 12 -20.66 12.12 -2.57
N ALA A 13 -19.42 12.43 -2.22
CA ALA A 13 -18.58 11.48 -1.51
C ALA A 13 -17.28 12.14 -1.04
N GLN A 14 -16.44 11.36 -0.37
CA GLN A 14 -15.17 11.88 0.13
C GLN A 14 -14.03 11.52 -0.83
N GLY A 15 -13.02 12.38 -0.87
CA GLY A 15 -11.88 12.14 -1.75
C GLY A 15 -10.96 11.06 -1.21
N PRO A 16 -9.71 11.05 -1.69
CA PRO A 16 -8.70 10.07 -1.28
C PRO A 16 -8.26 10.27 0.17
N ARG A 17 -7.69 11.44 0.45
CA ARG A 17 -7.22 11.74 1.79
C ARG A 17 -6.86 10.47 2.56
N GLY A 18 -6.17 9.55 1.88
CA GLY A 18 -5.79 8.30 2.50
C GLY A 18 -6.95 7.33 2.62
N CYS A 19 -6.75 6.12 2.11
CA CYS A 19 -7.78 5.10 2.16
C CYS A 19 -7.55 4.15 3.33
N GLU A 20 -8.52 3.26 3.58
CA GLU A 20 -8.42 2.30 4.67
C GLU A 20 -7.08 1.58 4.63
N HIS A 21 -6.51 1.44 3.44
CA HIS A 21 -5.23 0.77 3.26
C HIS A 21 -4.11 1.56 3.92
N TYR A 22 -3.83 2.75 3.39
CA TYR A 22 -2.78 3.60 3.93
C TYR A 22 -3.26 5.05 4.05
N ASP A 23 -2.74 5.75 5.04
CA ASP A 23 -3.12 7.14 5.27
C ASP A 23 -2.14 8.09 4.57
N ARG A 24 -2.46 8.46 3.33
CA ARG A 24 -1.61 9.35 2.55
C ARG A 24 -2.44 10.43 1.87
N ALA A 25 -1.84 11.60 1.69
CA ALA A 25 -2.52 12.71 1.05
C ALA A 25 -1.95 12.99 -0.35
N CYS A 26 -1.65 11.92 -1.07
CA CYS A 26 -1.10 12.03 -2.41
C CYS A 26 -1.25 10.71 -3.18
N LEU A 27 -1.82 10.80 -4.37
CA LEU A 27 -2.02 9.63 -5.21
C LEU A 27 -0.74 9.23 -5.94
N LEU A 28 -0.48 7.94 -6.03
CA LEU A 28 0.71 7.44 -6.70
C LEU A 28 0.42 7.16 -8.18
N LYS A 29 1.23 7.75 -9.05
CA LYS A 29 1.07 7.57 -10.49
C LYS A 29 1.20 6.09 -10.87
N ALA A 30 0.48 5.69 -11.91
CA ALA A 30 0.52 4.31 -12.38
C ALA A 30 1.23 4.20 -13.71
N PRO A 31 2.49 3.74 -13.69
CA PRO A 31 3.30 3.59 -14.90
C PRO A 31 2.80 2.45 -15.79
N CYS A 32 1.69 1.84 -15.39
CA CYS A 32 1.11 0.74 -16.15
C CYS A 32 0.00 1.23 -17.06
N CYS A 33 -0.88 2.06 -16.51
CA CYS A 33 -2.00 2.61 -17.28
C CYS A 33 -2.00 4.13 -17.22
N ASP A 34 -0.90 4.71 -16.76
CA ASP A 34 -0.78 6.16 -16.65
C ASP A 34 -1.94 6.74 -15.87
N LYS A 35 -2.43 5.99 -14.89
CA LYS A 35 -3.56 6.43 -14.07
C LYS A 35 -3.09 6.77 -12.66
N LEU A 36 -4.00 7.35 -11.87
CA LEU A 36 -3.68 7.73 -10.50
C LEU A 36 -4.72 7.18 -9.53
N TYR A 37 -4.26 6.47 -8.51
CA TYR A 37 -5.15 5.89 -7.51
C TYR A 37 -4.59 6.08 -6.11
N THR A 38 -5.49 6.29 -5.14
CA THR A 38 -5.08 6.48 -3.76
C THR A 38 -3.86 5.65 -3.42
N CYS A 39 -4.01 4.33 -3.52
CA CYS A 39 -2.91 3.41 -3.23
C CYS A 39 -2.79 2.35 -4.31
N ARG A 40 -1.82 1.44 -4.13
CA ARG A 40 -1.60 0.37 -5.09
C ARG A 40 -2.69 -0.70 -4.99
N LEU A 41 -3.23 -0.86 -3.79
CA LEU A 41 -4.27 -1.84 -3.55
C LEU A 41 -5.60 -1.41 -4.19
N CYS A 42 -5.73 -0.10 -4.38
CA CYS A 42 -6.95 0.46 -4.97
C CYS A 42 -6.93 0.32 -6.49
N HIS A 43 -5.73 0.43 -7.07
CA HIS A 43 -5.56 0.33 -8.51
C HIS A 43 -6.13 -1.00 -9.03
N ASP A 44 -5.56 -2.10 -8.54
CA ASP A 44 -6.00 -3.43 -8.95
C ASP A 44 -7.51 -3.57 -8.77
N THR A 45 -8.02 -3.05 -7.65
CA THR A 45 -9.44 -3.13 -7.35
C THR A 45 -10.28 -2.50 -8.46
N ASN A 46 -9.78 -1.41 -9.02
CA ASN A 46 -10.47 -0.70 -10.10
C ASN A 46 -9.81 -0.98 -11.44
N GLU A 47 -9.07 -2.08 -11.52
CA GLU A 47 -8.39 -2.46 -12.75
C GLU A 47 -8.31 -3.98 -12.88
N ASP A 48 -7.74 -4.45 -13.99
CA ASP A 48 -7.60 -5.87 -14.25
C ASP A 48 -6.16 -6.32 -14.05
N HIS A 49 -5.23 -5.37 -14.18
CA HIS A 49 -3.81 -5.67 -14.02
C HIS A 49 -3.30 -5.18 -12.68
N GLN A 50 -2.17 -5.72 -12.24
CA GLN A 50 -1.57 -5.33 -10.97
C GLN A 50 -0.53 -4.23 -11.16
N LEU A 51 -0.47 -3.31 -10.21
CA LEU A 51 0.48 -2.20 -10.28
C LEU A 51 1.62 -2.40 -9.29
N ASP A 52 2.79 -1.90 -9.64
CA ASP A 52 3.97 -2.02 -8.78
C ASP A 52 4.03 -0.86 -7.80
N ARG A 53 4.90 -0.99 -6.79
CA ARG A 53 5.06 0.06 -5.78
C ARG A 53 6.46 0.65 -5.83
N PHE A 54 7.33 0.04 -6.64
CA PHE A 54 8.70 0.51 -6.78
C PHE A 54 8.87 1.33 -8.06
N LYS A 55 8.31 0.82 -9.15
CA LYS A 55 8.40 1.50 -10.44
C LYS A 55 8.06 2.98 -10.30
N VAL A 56 6.82 3.26 -9.91
CA VAL A 56 6.37 4.64 -9.74
C VAL A 56 7.28 5.39 -8.78
N LYS A 57 7.67 6.61 -9.18
CA LYS A 57 8.53 7.44 -8.37
C LYS A 57 7.87 8.78 -8.05
N GLU A 58 7.11 9.30 -9.00
CA GLU A 58 6.42 10.57 -8.83
C GLU A 58 5.12 10.37 -8.04
N VAL A 59 4.56 11.48 -7.56
CA VAL A 59 3.32 11.43 -6.79
C VAL A 59 2.53 12.73 -6.95
N GLN A 60 1.21 12.63 -6.86
CA GLN A 60 0.35 13.79 -6.98
C GLN A 60 -0.34 14.11 -5.66
N CYS A 61 -0.44 15.40 -5.34
CA CYS A 61 -1.07 15.82 -4.10
C CYS A 61 -2.59 15.77 -4.22
N ILE A 62 -3.26 15.55 -3.10
CA ILE A 62 -4.72 15.47 -3.08
C ILE A 62 -5.32 16.74 -2.46
N ASN A 63 -4.47 17.55 -1.85
CA ASN A 63 -4.92 18.79 -1.22
C ASN A 63 -4.98 19.93 -2.24
N CYS A 64 -3.87 20.14 -2.93
CA CYS A 64 -3.80 21.20 -3.93
C CYS A 64 -3.59 20.62 -5.33
N GLU A 65 -3.89 19.32 -5.47
CA GLU A 65 -3.74 18.65 -6.75
C GLU A 65 -2.54 19.20 -7.52
N LYS A 66 -1.41 19.34 -6.82
CA LYS A 66 -0.20 19.85 -7.44
C LYS A 66 0.78 18.72 -7.75
N LEU A 67 1.52 18.87 -8.84
CA LEU A 67 2.48 17.85 -9.25
C LEU A 67 3.76 17.94 -8.42
N GLN A 68 4.47 16.82 -8.32
CA GLN A 68 5.71 16.78 -7.55
C GLN A 68 6.39 15.43 -7.68
N HIS A 69 7.48 15.24 -6.95
CA HIS A 69 8.23 13.98 -6.99
C HIS A 69 8.24 13.32 -5.62
N ALA A 70 8.63 12.05 -5.59
CA ALA A 70 8.70 11.30 -4.34
C ALA A 70 9.19 12.19 -3.19
N GLN A 71 8.33 12.36 -2.19
CA GLN A 71 8.67 13.18 -1.03
C GLN A 71 7.75 12.88 0.15
N GLN A 72 7.91 13.63 1.23
CA GLN A 72 7.09 13.43 2.43
C GLN A 72 6.07 14.56 2.58
N THR A 73 6.41 15.74 2.04
CA THR A 73 5.54 16.89 2.13
C THR A 73 5.39 17.56 0.76
N CYS A 74 4.25 18.22 0.56
CA CYS A 74 3.98 18.90 -0.70
C CYS A 74 4.92 20.09 -0.88
N GLU A 75 5.02 20.58 -2.12
CA GLU A 75 5.88 21.72 -2.42
C GLU A 75 5.05 22.97 -2.71
N ASP A 76 3.74 22.85 -2.56
CA ASP A 76 2.84 23.97 -2.81
C ASP A 76 2.01 24.28 -1.57
N CYS A 77 1.60 23.23 -0.86
CA CYS A 77 0.79 23.39 0.34
C CYS A 77 1.53 22.84 1.57
N SER A 78 2.63 22.14 1.32
CA SER A 78 3.42 21.56 2.40
C SER A 78 2.55 20.69 3.30
N THR A 79 1.75 19.82 2.68
CA THR A 79 0.86 18.94 3.43
C THR A 79 1.52 17.58 3.67
N LEU A 80 1.79 17.27 4.93
CA LEU A 80 2.42 16.01 5.29
C LEU A 80 1.68 14.83 4.66
N PHE A 81 2.32 14.20 3.68
CA PHE A 81 1.72 13.07 2.99
C PHE A 81 1.82 11.81 3.84
N GLY A 82 2.27 11.97 5.08
CA GLY A 82 2.39 10.83 5.98
C GLY A 82 3.62 10.93 6.86
N GLU A 83 3.42 10.85 8.17
CA GLU A 83 4.52 10.93 9.12
C GLU A 83 5.70 10.06 8.67
N TYR A 84 5.39 8.84 8.24
CA TYR A 84 6.41 7.92 7.79
C TYR A 84 6.50 7.90 6.26
N TYR A 85 7.72 7.91 5.74
CA TYR A 85 7.94 7.90 4.30
C TYR A 85 9.06 6.94 3.92
N CYS A 86 8.72 5.93 3.13
CA CYS A 86 9.70 4.94 2.70
C CYS A 86 10.30 5.32 1.35
N SER A 87 11.63 5.22 1.25
CA SER A 87 12.33 5.55 0.01
C SER A 87 12.46 4.33 -0.88
N ILE A 88 12.55 3.16 -0.26
CA ILE A 88 12.69 1.90 -1.01
C ILE A 88 11.37 1.52 -1.68
N CYS A 89 10.30 1.48 -0.90
CA CYS A 89 8.99 1.13 -1.41
C CYS A 89 8.28 2.35 -1.98
N HIS A 90 8.71 3.53 -1.55
CA HIS A 90 8.12 4.78 -2.01
C HIS A 90 6.68 4.91 -1.55
N LEU A 91 6.42 4.51 -0.30
CA LEU A 91 5.08 4.57 0.27
C LEU A 91 5.05 5.51 1.47
N PHE A 92 3.86 6.03 1.77
CA PHE A 92 3.69 6.94 2.88
C PHE A 92 2.58 6.46 3.82
N ASP A 93 2.95 6.16 5.06
CA ASP A 93 1.99 5.68 6.05
C ASP A 93 2.04 6.53 7.32
N LYS A 94 0.88 7.00 7.76
CA LYS A 94 0.80 7.83 8.96
C LYS A 94 1.45 7.13 10.15
N ASP A 95 1.38 7.77 11.31
CA ASP A 95 1.97 7.21 12.52
C ASP A 95 1.18 5.99 13.00
N LYS A 96 1.52 4.83 12.46
CA LYS A 96 0.85 3.59 12.84
C LYS A 96 1.85 2.52 13.24
N ARG A 97 2.91 2.94 13.94
CA ARG A 97 3.94 2.02 14.39
C ARG A 97 4.25 0.98 13.32
N GLN A 98 4.53 1.45 12.11
CA GLN A 98 4.84 0.57 11.00
C GLN A 98 6.35 0.38 10.85
N TYR A 99 6.78 -0.87 10.77
CA TYR A 99 8.20 -1.18 10.63
C TYR A 99 8.49 -1.78 9.26
N HIS A 100 9.55 -1.29 8.63
CA HIS A 100 9.94 -1.79 7.31
C HIS A 100 10.89 -2.97 7.44
N CYS A 101 10.40 -4.15 7.05
CA CYS A 101 11.21 -5.37 7.12
C CYS A 101 12.34 -5.33 6.10
N GLU A 102 13.55 -5.60 6.57
CA GLU A 102 14.72 -5.61 5.71
C GLU A 102 14.79 -6.89 4.89
N SER A 103 14.57 -8.03 5.54
CA SER A 103 14.61 -9.31 4.87
C SER A 103 13.67 -9.34 3.67
N CYS A 104 12.52 -8.70 3.82
CA CYS A 104 11.53 -8.65 2.75
C CYS A 104 11.68 -7.37 1.93
N GLY A 105 12.24 -6.34 2.56
CA GLY A 105 12.44 -5.07 1.87
C GLY A 105 11.14 -4.34 1.62
N ILE A 106 10.11 -4.65 2.41
CA ILE A 106 8.81 -4.03 2.26
C ILE A 106 8.28 -3.54 3.62
N CYS A 107 7.39 -2.54 3.56
CA CYS A 107 6.80 -1.99 4.78
C CYS A 107 5.77 -2.95 5.37
N ARG A 108 5.78 -3.05 6.70
CA ARG A 108 4.84 -3.94 7.39
C ARG A 108 4.29 -3.26 8.65
N ILE A 109 2.99 -3.42 8.88
CA ILE A 109 2.35 -2.84 10.05
C ILE A 109 2.57 -3.69 11.29
N GLY A 110 3.16 -3.10 12.32
CA GLY A 110 3.40 -3.83 13.55
C GLY A 110 2.16 -3.99 14.40
N PRO A 111 2.31 -3.83 15.71
CA PRO A 111 3.59 -3.49 16.33
C PRO A 111 4.59 -4.65 16.28
N LYS A 112 5.75 -4.41 15.71
CA LYS A 112 6.78 -5.43 15.59
C LYS A 112 6.76 -6.36 16.79
N GLU A 113 6.54 -5.78 17.98
CA GLU A 113 6.50 -6.56 19.21
C GLU A 113 5.63 -7.80 19.04
N ASP A 114 4.38 -7.59 18.62
CA ASP A 114 3.45 -8.69 18.42
C ASP A 114 3.60 -9.29 17.02
N PHE A 115 4.83 -9.31 16.52
CA PHE A 115 5.11 -9.85 15.21
C PHE A 115 6.57 -10.27 15.09
N PHE A 116 6.89 -10.99 14.02
CA PHE A 116 8.25 -11.47 13.80
C PHE A 116 8.46 -11.84 12.33
N HIS A 117 9.67 -12.29 12.01
CA HIS A 117 10.01 -12.67 10.64
C HIS A 117 10.75 -14.00 10.61
N CYS A 118 10.23 -14.95 9.84
CA CYS A 118 10.84 -16.27 9.75
C CYS A 118 11.77 -16.34 8.53
N LEU A 119 12.88 -17.06 8.68
CA LEU A 119 13.85 -17.22 7.61
C LEU A 119 13.39 -18.27 6.61
N LYS A 120 13.34 -19.52 7.05
CA LYS A 120 12.93 -20.62 6.20
C LYS A 120 11.76 -20.20 5.29
N CYS A 121 10.78 -19.53 5.89
CA CYS A 121 9.61 -19.06 5.14
C CYS A 121 9.98 -17.90 4.23
N ASN A 122 10.88 -17.04 4.70
CA ASN A 122 11.31 -15.88 3.93
C ASN A 122 10.22 -14.82 3.87
N LEU A 123 9.52 -14.65 4.98
CA LEU A 123 8.44 -13.67 5.07
C LEU A 123 8.15 -13.31 6.51
N CYS A 124 7.29 -12.30 6.70
CA CYS A 124 6.92 -11.86 8.04
C CYS A 124 5.73 -12.65 8.57
N LEU A 125 5.76 -12.97 9.86
CA LEU A 125 4.68 -13.72 10.49
C LEU A 125 4.38 -13.18 11.89
N THR A 126 3.11 -13.26 12.27
CA THR A 126 2.69 -12.78 13.58
C THR A 126 3.05 -13.77 14.68
N THR A 127 3.42 -13.24 15.85
CA THR A 127 3.78 -14.07 16.98
C THR A 127 2.78 -15.19 17.20
N ASN A 128 1.50 -14.87 17.04
CA ASN A 128 0.43 -15.85 17.22
C ASN A 128 0.76 -17.14 16.48
N LEU A 129 1.47 -17.02 15.36
CA LEU A 129 1.84 -18.17 14.55
C LEU A 129 3.28 -18.57 14.81
N ARG A 130 3.68 -18.54 16.08
CA ARG A 130 5.05 -18.90 16.46
C ARG A 130 5.23 -20.41 16.45
N GLY A 131 5.60 -20.95 15.29
CA GLY A 131 5.81 -22.38 15.17
C GLY A 131 4.70 -23.05 14.38
N LYS A 132 3.46 -22.82 14.79
CA LYS A 132 2.31 -23.42 14.12
C LYS A 132 2.51 -23.44 12.61
N HIS A 133 2.92 -22.29 12.06
CA HIS A 133 3.16 -22.19 10.61
C HIS A 133 4.23 -23.17 10.17
N LYS A 134 4.01 -23.79 9.02
CA LYS A 134 4.95 -24.76 8.46
C LYS A 134 5.72 -24.17 7.30
N CYS A 135 7.04 -24.13 7.42
CA CYS A 135 7.90 -23.58 6.37
C CYS A 135 7.92 -24.51 5.16
N ILE A 136 8.37 -25.74 5.36
CA ILE A 136 8.45 -26.72 4.28
C ILE A 136 7.07 -27.04 3.74
N GLU A 137 7.00 -27.30 2.44
CA GLU A 137 5.73 -27.61 1.79
C GLU A 137 5.78 -29.01 1.15
N SER A 138 5.27 -30.00 1.88
CA SER A 138 5.26 -31.37 1.39
C SER A 138 4.11 -31.60 0.42
N GLY A 139 3.95 -30.68 -0.54
CA GLY A 139 2.88 -30.80 -1.51
C GLY A 139 2.20 -29.47 -1.78
N PRO A 140 0.98 -29.53 -2.32
CA PRO A 140 0.20 -28.33 -2.64
C PRO A 140 -0.28 -27.60 -1.39
N SER A 141 -1.23 -26.68 -1.58
CA SER A 141 -1.77 -25.91 -0.46
C SER A 141 -3.06 -26.54 0.06
N SER A 142 -4.03 -26.71 -0.83
CA SER A 142 -5.32 -27.29 -0.47
C SER A 142 -5.53 -28.63 -1.17
N GLY A 143 -4.51 -29.48 -1.12
CA GLY A 143 -4.60 -30.78 -1.77
C GLY A 143 -5.19 -30.70 -3.16
N GLY A 1 -48.25 -8.07 -0.71
CA GLY A 1 -47.89 -7.91 -2.09
C GLY A 1 -46.62 -8.67 -2.45
N SER A 2 -46.71 -9.51 -3.48
CA SER A 2 -45.56 -10.30 -3.92
C SER A 2 -44.30 -9.45 -3.93
N SER A 3 -44.42 -8.23 -4.44
CA SER A 3 -43.27 -7.32 -4.51
C SER A 3 -43.43 -6.18 -3.50
N GLY A 4 -42.37 -5.38 -3.36
CA GLY A 4 -42.40 -4.28 -2.43
C GLY A 4 -41.76 -3.02 -3.00
N SER A 5 -40.75 -2.50 -2.30
CA SER A 5 -40.06 -1.31 -2.74
C SER A 5 -39.02 -1.63 -3.80
N SER A 6 -38.47 -0.59 -4.42
CA SER A 6 -37.46 -0.78 -5.46
C SER A 6 -36.08 -0.34 -4.97
N GLY A 7 -35.98 0.92 -4.56
CA GLY A 7 -34.72 1.43 -4.07
C GLY A 7 -34.43 1.03 -2.63
N GLY A 8 -33.22 1.32 -2.16
CA GLY A 8 -32.86 0.97 -0.80
C GLY A 8 -32.21 2.12 -0.07
N VAL A 9 -30.90 2.04 0.11
CA VAL A 9 -30.16 3.10 0.81
C VAL A 9 -28.70 3.14 0.36
N ARG A 10 -28.36 4.13 -0.45
CA ARG A 10 -26.99 4.27 -0.95
C ARG A 10 -26.03 4.57 0.20
N ASN A 11 -24.74 4.46 -0.09
CA ASN A 11 -23.70 4.72 0.90
C ASN A 11 -22.74 5.79 0.43
N LEU A 12 -22.08 6.45 1.37
CA LEU A 12 -21.13 7.51 1.05
C LEU A 12 -19.91 6.93 0.32
N ALA A 13 -19.21 7.78 -0.41
CA ALA A 13 -18.01 7.37 -1.14
C ALA A 13 -16.77 8.05 -0.61
N GLN A 14 -15.66 7.31 -0.57
CA GLN A 14 -14.40 7.84 -0.08
C GLN A 14 -13.22 7.13 -0.72
N GLY A 15 -12.48 7.86 -1.56
CA GLY A 15 -11.33 7.28 -2.23
C GLY A 15 -10.02 7.84 -1.72
N PRO A 16 -9.69 9.07 -2.15
CA PRO A 16 -8.45 9.74 -1.74
C PRO A 16 -8.46 10.16 -0.28
N ARG A 17 -7.49 10.97 0.12
CA ARG A 17 -7.40 11.44 1.49
C ARG A 17 -7.23 10.26 2.46
N GLY A 18 -6.61 9.19 1.97
CA GLY A 18 -6.40 8.02 2.81
C GLY A 18 -7.51 7.00 2.67
N CYS A 19 -7.21 5.89 2.00
CA CYS A 19 -8.19 4.83 1.79
C CYS A 19 -8.06 3.74 2.86
N GLU A 20 -9.03 2.84 2.91
CA GLU A 20 -9.02 1.75 3.87
C GLU A 20 -7.66 1.05 3.88
N HIS A 21 -6.89 1.23 2.81
CA HIS A 21 -5.58 0.62 2.69
C HIS A 21 -4.55 1.38 3.53
N TYR A 22 -4.32 2.64 3.18
CA TYR A 22 -3.37 3.47 3.90
C TYR A 22 -3.86 4.91 4.00
N ASP A 23 -3.22 5.69 4.86
CA ASP A 23 -3.58 7.09 5.05
C ASP A 23 -2.55 8.02 4.45
N ARG A 24 -2.76 8.42 3.19
CA ARG A 24 -1.83 9.30 2.50
C ARG A 24 -2.58 10.46 1.85
N ALA A 25 -1.87 11.56 1.62
CA ALA A 25 -2.46 12.74 1.00
C ALA A 25 -1.83 13.01 -0.36
N CYS A 26 -1.49 11.95 -1.08
CA CYS A 26 -0.89 12.08 -2.40
C CYS A 26 -1.10 10.81 -3.23
N LEU A 27 -1.64 10.98 -4.43
CA LEU A 27 -1.90 9.85 -5.31
C LEU A 27 -0.63 9.47 -6.09
N LEU A 28 -0.41 8.17 -6.23
CA LEU A 28 0.75 7.67 -6.95
C LEU A 28 0.44 7.49 -8.43
N LYS A 29 1.21 8.17 -9.28
CA LYS A 29 1.01 8.07 -10.73
C LYS A 29 1.13 6.63 -11.20
N ALA A 30 0.40 6.30 -12.26
CA ALA A 30 0.43 4.94 -12.81
C ALA A 30 1.14 4.92 -14.16
N PRO A 31 2.39 4.41 -14.17
CA PRO A 31 3.19 4.33 -15.39
C PRO A 31 2.66 3.28 -16.37
N CYS A 32 1.51 2.69 -16.03
CA CYS A 32 0.90 1.69 -16.87
C CYS A 32 -0.21 2.30 -17.74
N CYS A 33 -1.07 3.09 -17.11
CA CYS A 33 -2.17 3.74 -17.81
C CYS A 33 -2.11 5.25 -17.65
N ASP A 34 -1.01 5.73 -17.07
CA ASP A 34 -0.82 7.16 -16.85
C ASP A 34 -1.96 7.75 -16.02
N LYS A 35 -2.53 6.91 -15.15
CA LYS A 35 -3.62 7.34 -14.30
C LYS A 35 -3.14 7.56 -12.86
N LEU A 36 -4.05 7.99 -12.00
CA LEU A 36 -3.72 8.25 -10.60
C LEU A 36 -4.77 7.64 -9.67
N TYR A 37 -4.31 6.94 -8.64
CA TYR A 37 -5.20 6.30 -7.68
C TYR A 37 -4.64 6.40 -6.26
N THR A 38 -5.53 6.52 -5.29
CA THR A 38 -5.12 6.62 -3.89
C THR A 38 -3.84 5.84 -3.63
N CYS A 39 -3.92 4.52 -3.73
CA CYS A 39 -2.76 3.67 -3.50
C CYS A 39 -2.61 2.66 -4.65
N ARG A 40 -1.48 1.95 -4.64
CA ARG A 40 -1.21 0.96 -5.67
C ARG A 40 -2.32 -0.09 -5.74
N LEU A 41 -2.84 -0.45 -4.57
CA LEU A 41 -3.91 -1.45 -4.49
C LEU A 41 -5.19 -0.92 -5.11
N CYS A 42 -5.44 0.37 -4.93
CA CYS A 42 -6.64 0.99 -5.48
C CYS A 42 -6.68 0.86 -7.00
N HIS A 43 -5.56 1.13 -7.65
CA HIS A 43 -5.46 1.03 -9.10
C HIS A 43 -6.05 -0.28 -9.59
N ASP A 44 -5.47 -1.40 -9.16
CA ASP A 44 -5.94 -2.72 -9.56
C ASP A 44 -7.43 -2.87 -9.26
N THR A 45 -7.87 -2.29 -8.15
CA THR A 45 -9.27 -2.37 -7.74
C THR A 45 -10.17 -1.70 -8.77
N ASN A 46 -9.72 -0.57 -9.31
CA ASN A 46 -10.50 0.15 -10.31
C ASN A 46 -9.90 -0.03 -11.70
N GLU A 47 -9.20 -1.15 -11.89
CA GLU A 47 -8.57 -1.45 -13.18
C GLU A 47 -8.57 -2.95 -13.44
N ASP A 48 -8.24 -3.32 -14.67
CA ASP A 48 -8.20 -4.73 -15.04
C ASP A 48 -6.77 -5.27 -14.99
N HIS A 49 -5.80 -4.36 -15.10
CA HIS A 49 -4.39 -4.74 -15.07
C HIS A 49 -3.76 -4.37 -13.72
N GLN A 50 -2.67 -5.04 -13.38
CA GLN A 50 -1.98 -4.79 -12.13
C GLN A 50 -0.94 -3.68 -12.29
N LEU A 51 -0.92 -2.76 -11.33
CA LEU A 51 0.01 -1.64 -11.37
C LEU A 51 1.23 -1.91 -10.48
N ASP A 52 2.36 -1.35 -10.84
CA ASP A 52 3.59 -1.53 -10.08
C ASP A 52 3.58 -0.66 -8.83
N ARG A 53 4.30 -1.10 -7.80
CA ARG A 53 4.38 -0.38 -6.54
C ARG A 53 5.81 0.06 -6.24
N PHE A 54 6.76 -0.53 -6.96
CA PHE A 54 8.17 -0.19 -6.78
C PHE A 54 8.67 0.69 -7.90
N LYS A 55 8.20 0.42 -9.12
CA LYS A 55 8.60 1.19 -10.29
C LYS A 55 8.23 2.66 -10.13
N VAL A 56 6.92 2.93 -10.10
CA VAL A 56 6.42 4.29 -9.95
C VAL A 56 7.10 5.00 -8.79
N LYS A 57 7.60 6.20 -9.05
CA LYS A 57 8.28 6.99 -8.02
C LYS A 57 7.60 8.34 -7.83
N GLU A 58 7.13 8.92 -8.93
CA GLU A 58 6.46 10.21 -8.89
C GLU A 58 5.17 10.13 -8.07
N VAL A 59 4.69 11.29 -7.62
CA VAL A 59 3.46 11.34 -6.82
C VAL A 59 2.80 12.71 -6.94
N GLN A 60 1.49 12.73 -6.76
CA GLN A 60 0.72 13.98 -6.84
C GLN A 60 0.03 14.28 -5.53
N CYS A 61 -0.06 15.57 -5.20
CA CYS A 61 -0.69 16.01 -3.96
C CYS A 61 -2.21 16.08 -4.12
N ILE A 62 -2.93 15.85 -3.03
CA ILE A 62 -4.39 15.89 -3.06
C ILE A 62 -4.91 17.15 -2.38
N ASN A 63 -4.02 17.86 -1.69
CA ASN A 63 -4.40 19.08 -0.99
C ASN A 63 -4.35 20.28 -1.93
N CYS A 64 -3.28 20.37 -2.71
CA CYS A 64 -3.11 21.48 -3.66
C CYS A 64 -2.84 20.94 -5.06
N GLU A 65 -3.27 19.71 -5.32
CA GLU A 65 -3.07 19.08 -6.62
C GLU A 65 -1.75 19.53 -7.24
N LYS A 66 -0.72 19.67 -6.41
CA LYS A 66 0.59 20.09 -6.86
C LYS A 66 1.42 18.89 -7.31
N LEU A 67 2.32 19.12 -8.26
CA LEU A 67 3.18 18.05 -8.78
C LEU A 67 4.47 17.97 -7.98
N GLN A 68 4.97 16.75 -7.79
CA GLN A 68 6.21 16.54 -7.05
C GLN A 68 6.69 15.10 -7.18
N HIS A 69 7.86 14.81 -6.63
CA HIS A 69 8.43 13.47 -6.69
C HIS A 69 8.31 12.77 -5.34
N ALA A 70 8.73 11.51 -5.29
CA ALA A 70 8.67 10.73 -4.06
C ALA A 70 9.17 11.55 -2.88
N GLN A 71 8.29 11.78 -1.91
CA GLN A 71 8.63 12.54 -0.72
C GLN A 71 7.67 12.26 0.41
N GLN A 72 7.88 12.92 1.56
CA GLN A 72 7.01 12.74 2.72
C GLN A 72 6.07 13.92 2.89
N THR A 73 6.49 15.09 2.42
CA THR A 73 5.69 16.29 2.51
C THR A 73 5.62 17.03 1.18
N CYS A 74 4.55 17.78 0.98
CA CYS A 74 4.37 18.54 -0.26
C CYS A 74 5.38 19.68 -0.34
N GLU A 75 5.60 20.18 -1.56
CA GLU A 75 6.54 21.27 -1.78
C GLU A 75 5.80 22.57 -2.07
N ASP A 76 4.48 22.56 -1.87
CA ASP A 76 3.65 23.73 -2.12
C ASP A 76 2.77 24.03 -0.92
N CYS A 77 2.27 22.97 -0.28
CA CYS A 77 1.40 23.12 0.88
C CYS A 77 2.05 22.50 2.12
N SER A 78 3.14 21.78 1.92
CA SER A 78 3.84 21.13 3.01
C SER A 78 2.90 20.24 3.82
N THR A 79 2.07 19.48 3.12
CA THR A 79 1.13 18.58 3.76
C THR A 79 1.72 17.18 3.94
N LEU A 80 1.83 16.75 5.19
CA LEU A 80 2.37 15.43 5.49
C LEU A 80 1.62 14.34 4.75
N PHE A 81 2.28 13.73 3.78
CA PHE A 81 1.67 12.67 2.98
C PHE A 81 1.63 11.36 3.76
N GLY A 82 2.09 11.40 5.01
CA GLY A 82 2.11 10.22 5.84
C GLY A 82 3.29 10.18 6.78
N GLU A 83 3.01 10.19 8.09
CA GLU A 83 4.08 10.17 9.09
C GLU A 83 5.25 9.32 8.62
N TYR A 84 4.94 8.11 8.17
CA TYR A 84 5.97 7.18 7.70
C TYR A 84 6.01 7.14 6.17
N TYR A 85 7.18 7.41 5.60
CA TYR A 85 7.35 7.40 4.16
C TYR A 85 8.44 6.42 3.74
N CYS A 86 8.06 5.43 2.95
CA CYS A 86 9.01 4.42 2.48
C CYS A 86 9.58 4.81 1.13
N SER A 87 10.85 4.50 0.92
CA SER A 87 11.53 4.82 -0.34
C SER A 87 11.54 3.61 -1.27
N ILE A 88 11.64 2.42 -0.68
CA ILE A 88 11.66 1.20 -1.46
C ILE A 88 10.29 0.90 -2.05
N CYS A 89 9.28 0.84 -1.20
CA CYS A 89 7.92 0.56 -1.64
C CYS A 89 7.22 1.84 -2.07
N HIS A 90 7.81 2.98 -1.71
CA HIS A 90 7.23 4.28 -2.07
C HIS A 90 5.80 4.40 -1.54
N LEU A 91 5.60 3.96 -0.31
CA LEU A 91 4.28 4.02 0.32
C LEU A 91 4.27 4.97 1.50
N PHE A 92 3.10 5.51 1.82
CA PHE A 92 2.96 6.43 2.94
C PHE A 92 1.74 6.09 3.79
N ASP A 93 1.96 5.93 5.08
CA ASP A 93 0.87 5.60 6.01
C ASP A 93 0.94 6.48 7.25
N LYS A 94 -0.23 6.86 7.76
CA LYS A 94 -0.32 7.71 8.94
C LYS A 94 0.40 7.06 10.12
N ASP A 95 0.38 7.74 11.27
CA ASP A 95 1.04 7.23 12.47
C ASP A 95 0.36 5.95 12.95
N LYS A 96 0.67 4.84 12.29
CA LYS A 96 0.09 3.55 12.64
C LYS A 96 1.18 2.56 13.04
N ARG A 97 2.26 3.08 13.63
CA ARG A 97 3.37 2.23 14.05
C ARG A 97 3.68 1.17 13.01
N GLN A 98 3.87 1.61 11.76
CA GLN A 98 4.17 0.70 10.67
C GLN A 98 5.68 0.47 10.55
N TYR A 99 6.07 -0.78 10.37
CA TYR A 99 7.47 -1.14 10.25
C TYR A 99 7.75 -1.85 8.93
N HIS A 100 8.83 -1.45 8.27
CA HIS A 100 9.20 -2.05 6.99
C HIS A 100 10.22 -3.16 7.19
N CYS A 101 9.96 -4.31 6.59
CA CYS A 101 10.85 -5.46 6.70
C CYS A 101 11.92 -5.43 5.60
N GLU A 102 13.16 -5.75 5.98
CA GLU A 102 14.26 -5.75 5.03
C GLU A 102 14.37 -7.10 4.32
N SER A 103 14.17 -8.18 5.09
CA SER A 103 14.25 -9.53 4.53
C SER A 103 13.24 -9.70 3.40
N CYS A 104 12.10 -9.04 3.52
CA CYS A 104 11.05 -9.13 2.51
C CYS A 104 11.08 -7.90 1.59
N GLY A 105 11.55 -6.79 2.13
CA GLY A 105 11.61 -5.56 1.36
C GLY A 105 10.25 -4.92 1.17
N ILE A 106 9.32 -5.23 2.06
CA ILE A 106 7.97 -4.68 2.00
C ILE A 106 7.53 -4.13 3.35
N CYS A 107 6.57 -3.21 3.31
CA CYS A 107 6.05 -2.60 4.54
C CYS A 107 4.98 -3.49 5.16
N ARG A 108 4.93 -3.49 6.49
CA ARG A 108 3.95 -4.29 7.22
C ARG A 108 3.59 -3.64 8.55
N ILE A 109 2.33 -3.77 8.94
CA ILE A 109 1.86 -3.19 10.20
C ILE A 109 2.20 -4.09 11.38
N GLY A 110 3.02 -3.58 12.30
CA GLY A 110 3.40 -4.36 13.47
C GLY A 110 2.33 -4.36 14.54
N PRO A 111 2.68 -3.87 15.73
CA PRO A 111 4.01 -3.33 16.01
C PRO A 111 5.08 -4.43 16.05
N LYS A 112 6.17 -4.21 15.34
CA LYS A 112 7.26 -5.17 15.28
C LYS A 112 7.41 -5.89 16.63
N GLU A 113 7.31 -5.13 17.72
CA GLU A 113 7.43 -5.71 19.05
C GLU A 113 6.67 -7.02 19.16
N ASP A 114 5.37 -6.97 18.84
CA ASP A 114 4.53 -8.16 18.90
C ASP A 114 4.56 -8.91 17.57
N PHE A 115 5.71 -8.90 16.92
CA PHE A 115 5.87 -9.59 15.64
C PHE A 115 7.33 -9.97 15.41
N PHE A 116 7.56 -10.79 14.38
CA PHE A 116 8.91 -11.24 14.06
C PHE A 116 9.00 -11.68 12.60
N HIS A 117 10.21 -12.03 12.17
CA HIS A 117 10.42 -12.48 10.78
C HIS A 117 11.25 -13.76 10.75
N CYS A 118 10.69 -14.81 10.18
CA CYS A 118 11.38 -16.09 10.08
C CYS A 118 12.24 -16.15 8.83
N LEU A 119 13.43 -16.75 8.96
CA LEU A 119 14.35 -16.87 7.84
C LEU A 119 13.92 -17.99 6.90
N LYS A 120 13.87 -19.20 7.42
CA LYS A 120 13.46 -20.36 6.62
C LYS A 120 12.25 -20.03 5.76
N CYS A 121 11.17 -19.59 6.42
CA CYS A 121 9.94 -19.24 5.70
C CYS A 121 10.18 -18.07 4.75
N ASN A 122 11.18 -17.25 5.05
CA ASN A 122 11.51 -16.10 4.22
C ASN A 122 10.35 -15.11 4.18
N LEU A 123 9.71 -14.91 5.33
CA LEU A 123 8.58 -13.99 5.43
C LEU A 123 8.38 -13.52 6.86
N CYS A 124 7.43 -12.61 7.06
CA CYS A 124 7.14 -12.08 8.38
C CYS A 124 6.01 -12.88 9.05
N LEU A 125 6.07 -12.99 10.36
CA LEU A 125 5.05 -13.72 11.11
C LEU A 125 4.88 -13.12 12.51
N THR A 126 3.64 -13.17 13.01
CA THR A 126 3.34 -12.64 14.34
C THR A 126 3.87 -13.55 15.43
N THR A 127 4.23 -12.97 16.56
CA THR A 127 4.76 -13.72 17.69
C THR A 127 3.85 -14.91 18.02
N ASN A 128 2.57 -14.78 17.69
CA ASN A 128 1.61 -15.84 17.95
C ASN A 128 2.02 -17.14 17.27
N LEU A 129 2.57 -17.02 16.06
CA LEU A 129 3.01 -18.18 15.30
C LEU A 129 4.50 -18.43 15.51
N ARG A 130 4.98 -18.14 16.71
CA ARG A 130 6.39 -18.34 17.05
C ARG A 130 6.69 -19.82 17.28
N GLY A 131 6.23 -20.67 16.37
CA GLY A 131 6.47 -22.10 16.49
C GLY A 131 5.39 -22.92 15.80
N LYS A 132 4.13 -22.54 16.00
CA LYS A 132 3.02 -23.26 15.40
C LYS A 132 3.19 -23.36 13.88
N HIS A 133 3.76 -22.31 13.28
CA HIS A 133 3.99 -22.29 11.84
C HIS A 133 5.03 -23.33 11.44
N LYS A 134 4.93 -23.82 10.21
CA LYS A 134 5.86 -24.82 9.71
C LYS A 134 6.63 -24.28 8.50
N CYS A 135 7.95 -24.20 8.63
CA CYS A 135 8.80 -23.71 7.56
C CYS A 135 8.79 -24.67 6.38
N ILE A 136 8.96 -25.96 6.66
CA ILE A 136 8.97 -26.98 5.62
C ILE A 136 7.55 -27.39 5.24
N GLU A 137 7.35 -27.67 3.96
CA GLU A 137 6.03 -28.07 3.47
C GLU A 137 6.02 -29.55 3.11
N SER A 138 4.83 -30.13 3.03
CA SER A 138 4.67 -31.55 2.71
C SER A 138 4.04 -31.72 1.34
N GLY A 139 4.11 -32.94 0.81
CA GLY A 139 3.54 -33.22 -0.50
C GLY A 139 2.10 -33.71 -0.42
N PRO A 140 1.16 -32.85 -0.82
CA PRO A 140 -0.27 -33.19 -0.80
C PRO A 140 -0.64 -34.24 -1.84
N SER A 141 -1.93 -34.48 -2.01
CA SER A 141 -2.41 -35.46 -2.97
C SER A 141 -3.12 -34.78 -4.14
N SER A 142 -3.53 -35.58 -5.12
CA SER A 142 -4.22 -35.06 -6.29
C SER A 142 -5.69 -34.79 -5.98
N GLY A 143 -6.11 -33.54 -6.17
CA GLY A 143 -7.49 -33.17 -5.90
C GLY A 143 -7.85 -31.82 -6.51
#